data_6JR7
#
_entry.id   6JR7
#
_cell.length_a   116.591
_cell.length_b   102.602
_cell.length_c   114.130
_cell.angle_alpha   87.05
_cell.angle_beta   113.07
_cell.angle_gamma   118.53
#
_symmetry.space_group_name_H-M   'P 1'
#
loop_
_entity.id
_entity.type
_entity.pdbx_description
1 polymer 'Candidate alpha-glycosidase Glycoside hydrolase family 31'
2 branched alpha-D-glucopyranose-(1-6)-alpha-D-glucopyranose
3 non-polymer 'ACETATE ION'
4 non-polymer (4S)-2-METHYL-2,4-PENTANEDIOL
5 water water
#
_entity_poly.entity_id   1
_entity_poly.type   'polypeptide(L)'
_entity_poly.pdbx_seq_one_letter_code
;MGSSHHHHHHSSGLVPRGSHMASQKKEQYLGNCTAYSVKGNKVVFSCANNSKIMLQLCSGEVVKIWASADGNFVRNNESF
AVIEEDLGWKGNVTVKEEPSTYEIFTEQLRIRVNKAPFQLQIFDKYQKLLFSDYAEKGFVNDNGKIRTNKVLRNDEQFFG
LGEKSGNLNRRGSAYKMWNSDQPCYGVNEDPLYKSIPFFMSSYRYGIFFDNTYKTEFKFGSESNDYYSFEAPAGQMVYYF
MFGNDYKEIIQNYIALTGKPIMPPKWALGFSQCRGDYTREDQAREIAAEFRKRKIPCDIIYQDIGWTEGLQDFDWRKNNY
NNPKGMVKDLSDMGFKMIVSQDPVISQANQQQWKEADALGHLVKDVRTGKSYDMPWPWGGNCGVVDFTKPEVADWWGSYQ
QKPLNDGVRGFWTDMGEPAWSNEDAVDRLNMKHHLGMHNEIHNVYGFTWDKVVTEQFYKHNPNKRIFQMTRAAYAGLQRY
TFGWSGDSGNGSNVLDGWKQMANQIPVGLSAGMGLIPFWTCDISGYCGDIKDYDAMAELYVRWLQFGVFTPLSRAHHEGG
NAVEPWKFGTEAENISRKSIELKYKLFPYLYTYAREAHDTGLPIMRALLLEYPNDKETFKLNGQFLVGKELLVAPVVEQG
AVTKDVYLPEGEWIDFNNCKTKYKGEQWITVDAPLNTIPVFVKKGSIIPQMPVMQYIDEKKVYPVTFDIFPGNLNKETSF
TFYEDDGESRDYERDVFCKTKITSKASNEEIKITVGEREYKGYSPAGPRNFILKIHASNKPKDVFAGGEKLKNVKPHVLE
KNIEADFTKINWSWNEAENVISVRIPDSGKNAVITIKN
;
_entity_poly.pdbx_strand_id   A,B,C,D
#
# COMPACT_ATOMS: atom_id res chain seq x y z
N GLU A 27 -33.09 22.74 28.95
CA GLU A 27 -32.84 21.30 29.27
C GLU A 27 -32.16 21.10 30.62
N GLN A 28 -32.46 19.96 31.24
CA GLN A 28 -32.06 19.64 32.61
C GLN A 28 -30.93 18.61 32.61
N TYR A 29 -29.85 18.92 33.35
CA TYR A 29 -28.76 17.98 33.62
C TYR A 29 -28.85 17.53 35.07
N LEU A 30 -28.07 16.50 35.41
CA LEU A 30 -28.00 16.04 36.79
C LEU A 30 -27.35 17.09 37.70
N GLY A 31 -26.31 17.77 37.23
CA GLY A 31 -25.60 18.73 38.07
C GLY A 31 -24.88 18.06 39.22
N ASN A 32 -24.66 18.78 40.31
CA ASN A 32 -23.80 18.28 41.39
C ASN A 32 -24.46 17.22 42.24
N CYS A 33 -23.71 16.15 42.51
CA CYS A 33 -24.16 15.07 43.37
C CYS A 33 -23.81 15.45 44.81
N THR A 34 -24.83 15.46 45.67
CA THR A 34 -24.67 15.86 47.08
C THR A 34 -24.69 14.70 48.07
N ALA A 35 -25.09 13.52 47.64
CA ALA A 35 -25.24 12.39 48.55
C ALA A 35 -25.41 11.11 47.76
N TYR A 36 -25.15 9.99 48.44
CA TYR A 36 -25.47 8.67 47.92
C TYR A 36 -26.11 7.83 49.02
N SER A 37 -26.86 6.83 48.60
CA SER A 37 -27.45 5.83 49.48
C SER A 37 -27.24 4.45 48.89
N VAL A 38 -26.87 3.46 49.71
CA VAL A 38 -26.73 2.07 49.27
C VAL A 38 -27.89 1.21 49.81
N LYS A 39 -28.44 0.34 48.96
CA LYS A 39 -29.43 -0.65 49.36
C LYS A 39 -29.16 -1.93 48.59
N GLY A 40 -28.51 -2.90 49.23
CA GLY A 40 -28.10 -4.13 48.58
C GLY A 40 -27.11 -3.85 47.47
N ASN A 41 -27.41 -4.33 46.26
CA ASN A 41 -26.53 -4.10 45.11
C ASN A 41 -26.82 -2.79 44.34
N LYS A 42 -27.62 -1.89 44.92
CA LYS A 42 -27.99 -0.65 44.28
C LYS A 42 -27.40 0.53 45.03
N VAL A 43 -26.83 1.49 44.30
CA VAL A 43 -26.44 2.79 44.86
C VAL A 43 -27.20 3.89 44.13
N VAL A 44 -27.81 4.79 44.89
CA VAL A 44 -28.53 5.92 44.32
C VAL A 44 -27.78 7.20 44.65
N PHE A 45 -27.44 7.97 43.62
CA PHE A 45 -26.76 9.25 43.76
C PHE A 45 -27.77 10.37 43.61
N SER A 46 -27.91 11.21 44.64
CA SER A 46 -28.80 12.37 44.59
C SER A 46 -28.08 13.57 44.01
N CYS A 47 -28.70 14.18 43.00
CA CYS A 47 -28.10 15.26 42.23
C CYS A 47 -29.01 16.50 42.31
N ALA A 48 -28.97 17.40 41.34
CA ALA A 48 -29.68 18.68 41.47
C ALA A 48 -31.19 18.52 41.26
N ASN A 49 -31.97 19.34 41.97
CA ASN A 49 -33.43 19.49 41.73
C ASN A 49 -34.21 18.17 41.64
N ASN A 50 -34.10 17.36 42.71
CA ASN A 50 -34.77 16.06 42.84
C ASN A 50 -34.28 14.95 41.89
N SER A 51 -33.34 15.27 40.99
CA SER A 51 -32.83 14.28 40.03
C SER A 51 -31.93 13.29 40.75
N LYS A 52 -31.95 12.04 40.29
CA LYS A 52 -31.16 10.98 40.89
C LYS A 52 -30.71 10.02 39.80
N ILE A 53 -29.63 9.28 40.09
CA ILE A 53 -29.17 8.22 39.20
C ILE A 53 -28.77 7.02 40.04
N MET A 54 -29.28 5.84 39.63
CA MET A 54 -28.98 4.58 40.29
C MET A 54 -27.99 3.78 39.46
N LEU A 55 -27.00 3.20 40.13
CA LEU A 55 -26.17 2.14 39.57
C LEU A 55 -26.47 0.87 40.35
N GLN A 56 -26.74 -0.21 39.62
CA GLN A 56 -27.06 -1.49 40.22
C GLN A 56 -26.11 -2.53 39.66
N LEU A 57 -25.36 -3.19 40.54
CA LEU A 57 -24.39 -4.19 40.14
C LEU A 57 -25.08 -5.53 40.03
N CYS A 58 -25.49 -5.85 38.80
CA CYS A 58 -26.06 -7.16 38.48
C CYS A 58 -24.98 -8.24 38.60
N SER A 59 -23.76 -7.88 38.23
CA SER A 59 -22.58 -8.71 38.45
C SER A 59 -21.38 -7.76 38.47
N GLY A 60 -20.18 -8.32 38.58
CA GLY A 60 -18.96 -7.54 38.41
C GLY A 60 -18.76 -6.93 37.04
N GLU A 61 -19.44 -7.48 36.02
CA GLU A 61 -19.36 -7.02 34.64
C GLU A 61 -20.58 -6.26 34.12
N VAL A 62 -21.72 -6.39 34.79
CA VAL A 62 -22.98 -5.84 34.25
C VAL A 62 -23.58 -4.87 35.25
N VAL A 63 -23.75 -3.63 34.79
CA VAL A 63 -24.23 -2.52 35.60
C VAL A 63 -25.51 -1.98 34.98
N LYS A 64 -26.60 -2.02 35.74
CA LYS A 64 -27.85 -1.40 35.32
C LYS A 64 -27.78 0.05 35.78
N ILE A 65 -28.06 0.95 34.85
CA ILE A 65 -28.00 2.39 35.12
C ILE A 65 -29.37 2.97 34.85
N TRP A 66 -29.88 3.72 35.83
CA TRP A 66 -31.18 4.36 35.70
C TRP A 66 -31.03 5.82 36.09
N ALA A 67 -31.05 6.70 35.10
CA ALA A 67 -31.07 8.15 35.34
C ALA A 67 -32.52 8.63 35.38
N SER A 68 -32.84 9.49 36.35
CA SER A 68 -34.21 9.94 36.61
C SER A 68 -34.24 11.46 36.84
N ALA A 69 -35.00 12.16 36.02
CA ALA A 69 -35.15 13.61 36.14
C ALA A 69 -35.87 14.04 37.43
N ASP A 70 -36.78 13.20 37.93
CA ASP A 70 -37.61 13.53 39.11
C ASP A 70 -37.31 12.72 40.38
N GLY A 71 -36.43 11.72 40.28
CA GLY A 71 -36.05 10.87 41.41
C GLY A 71 -36.96 9.70 41.75
N ASN A 72 -37.99 9.43 40.95
CA ASN A 72 -39.02 8.43 41.34
C ASN A 72 -38.73 6.94 41.05
N PHE A 73 -37.99 6.66 40.00
CA PHE A 73 -37.67 5.27 39.57
C PHE A 73 -38.90 4.37 39.36
N VAL A 74 -39.86 4.90 38.61
CA VAL A 74 -41.01 4.12 38.16
C VAL A 74 -41.12 4.17 36.63
N ARG A 75 -41.65 3.09 36.07
CA ARG A 75 -41.89 2.99 34.63
C ARG A 75 -43.26 2.41 34.40
N ASN A 76 -43.91 2.83 33.31
CA ASN A 76 -45.27 2.38 33.00
C ASN A 76 -45.34 0.86 32.88
N ASN A 77 -44.35 0.29 32.21
CA ASN A 77 -44.24 -1.16 32.08
C ASN A 77 -42.85 -1.57 32.50
N GLU A 78 -42.76 -2.67 33.25
CA GLU A 78 -41.46 -3.28 33.53
C GLU A 78 -40.92 -3.82 32.21
N SER A 79 -39.64 -4.17 32.20
CA SER A 79 -39.00 -4.57 30.96
C SER A 79 -39.67 -5.79 30.31
N PHE A 80 -39.92 -5.69 29.01
CA PHE A 80 -40.38 -6.83 28.21
C PHE A 80 -39.22 -7.76 27.84
N ALA A 81 -38.00 -7.22 27.85
CA ALA A 81 -36.81 -7.95 27.38
C ALA A 81 -36.01 -8.65 28.48
N VAL A 82 -35.84 -7.98 29.61
CA VAL A 82 -34.99 -8.49 30.69
C VAL A 82 -35.76 -9.50 31.50
N ILE A 83 -35.21 -10.70 31.64
CA ILE A 83 -35.85 -11.74 32.45
C ILE A 83 -35.06 -12.10 33.71
N GLU A 84 -33.87 -11.53 33.88
CA GLU A 84 -33.05 -11.78 35.05
C GLU A 84 -32.12 -10.60 35.29
N GLU A 85 -32.23 -9.98 36.47
CA GLU A 85 -31.28 -8.93 36.88
C GLU A 85 -30.19 -9.43 37.82
N ASP A 86 -30.37 -10.62 38.40
CA ASP A 86 -29.36 -11.23 39.29
C ASP A 86 -28.39 -12.06 38.47
N LEU A 87 -27.23 -11.46 38.15
CA LEU A 87 -26.17 -12.15 37.41
C LEU A 87 -25.01 -12.57 38.32
N GLY A 88 -25.29 -12.68 39.63
CA GLY A 88 -24.34 -13.32 40.56
C GLY A 88 -23.57 -12.39 41.46
N TRP A 89 -23.88 -11.09 41.46
CA TRP A 89 -23.23 -10.19 42.40
C TRP A 89 -23.55 -10.60 43.83
N LYS A 90 -22.52 -10.69 44.69
CA LYS A 90 -22.69 -11.03 46.10
C LYS A 90 -22.47 -9.82 47.01
N GLY A 91 -23.41 -9.61 47.93
CA GLY A 91 -23.28 -8.60 48.99
C GLY A 91 -23.75 -7.23 48.56
N ASN A 92 -23.44 -6.23 49.38
CA ASN A 92 -23.75 -4.85 49.03
C ASN A 92 -22.76 -4.31 48.00
N VAL A 93 -23.15 -3.23 47.35
CA VAL A 93 -22.19 -2.39 46.62
C VAL A 93 -21.39 -1.63 47.68
N THR A 94 -20.08 -1.60 47.51
CA THR A 94 -19.18 -0.85 48.38
C THR A 94 -18.83 0.44 47.67
N VAL A 95 -19.09 1.57 48.33
CA VAL A 95 -18.80 2.88 47.76
C VAL A 95 -17.74 3.53 48.63
N LYS A 96 -16.65 3.93 48.00
CA LYS A 96 -15.56 4.63 48.68
C LYS A 96 -15.72 6.09 48.33
N GLU A 97 -15.98 6.93 49.32
CA GLU A 97 -16.06 8.36 49.08
C GLU A 97 -14.67 8.96 49.18
N GLU A 98 -14.35 9.80 48.20
CA GLU A 98 -13.12 10.58 48.14
C GLU A 98 -13.51 12.06 48.14
N PRO A 99 -12.54 12.98 48.28
CA PRO A 99 -12.93 14.40 48.38
C PRO A 99 -13.74 14.96 47.21
N SER A 100 -13.43 14.54 45.98
CA SER A 100 -14.15 15.03 44.80
C SER A 100 -14.84 13.94 43.97
N THR A 101 -14.71 12.68 44.40
CA THR A 101 -15.22 11.53 43.67
C THR A 101 -15.77 10.47 44.61
N TYR A 102 -16.56 9.56 44.03
CA TYR A 102 -16.85 8.26 44.63
C TYR A 102 -16.24 7.19 43.74
N GLU A 103 -15.84 6.08 44.35
CA GLU A 103 -15.28 4.94 43.64
C GLU A 103 -16.06 3.67 43.95
N ILE A 104 -16.28 2.86 42.92
CA ILE A 104 -16.85 1.53 43.09
C ILE A 104 -15.97 0.57 42.31
N PHE A 105 -15.52 -0.50 42.96
CA PHE A 105 -14.64 -1.49 42.34
C PHE A 105 -15.38 -2.81 42.16
N THR A 106 -15.11 -3.47 41.04
CA THR A 106 -15.44 -4.88 40.89
C THR A 106 -14.17 -5.60 40.42
N GLU A 107 -14.27 -6.90 40.27
CA GLU A 107 -13.19 -7.71 39.72
C GLU A 107 -12.68 -7.16 38.37
N GLN A 108 -13.61 -6.71 37.52
CA GLN A 108 -13.28 -6.27 36.16
C GLN A 108 -13.38 -4.76 35.93
N LEU A 109 -14.07 -4.03 36.79
CA LEU A 109 -14.36 -2.61 36.58
C LEU A 109 -13.86 -1.71 37.69
N ARG A 110 -13.46 -0.50 37.30
CA ARG A 110 -13.14 0.57 38.24
C ARG A 110 -14.04 1.72 37.85
N ILE A 111 -15.01 2.02 38.71
CA ILE A 111 -16.02 3.04 38.41
C ILE A 111 -15.63 4.27 39.20
N ARG A 112 -15.52 5.38 38.48
CA ARG A 112 -15.23 6.68 39.06
C ARG A 112 -16.43 7.57 38.85
N VAL A 113 -16.98 8.10 39.94
CA VAL A 113 -18.08 9.03 39.87
C VAL A 113 -17.58 10.40 40.30
N ASN A 114 -17.58 11.37 39.40
CA ASN A 114 -17.30 12.77 39.76
C ASN A 114 -18.49 13.33 40.55
N LYS A 115 -18.20 14.10 41.59
CA LYS A 115 -19.26 14.69 42.41
C LYS A 115 -19.85 15.93 41.78
N ALA A 116 -18.98 16.84 41.33
CA ALA A 116 -19.40 18.18 40.91
C ALA A 116 -18.83 18.57 39.55
N PRO A 117 -19.60 18.47 38.46
CA PRO A 117 -20.94 17.86 38.39
C PRO A 117 -20.87 16.34 38.32
N PHE A 118 -22.02 15.68 38.42
CA PHE A 118 -22.07 14.22 38.31
C PHE A 118 -21.53 13.79 36.96
N GLN A 119 -20.59 12.84 36.97
CA GLN A 119 -20.09 12.18 35.77
C GLN A 119 -19.76 10.73 36.09
N LEU A 120 -20.37 9.80 35.34
CA LEU A 120 -20.06 8.40 35.44
C LEU A 120 -18.92 8.07 34.49
N GLN A 121 -17.85 7.48 35.03
CA GLN A 121 -16.71 7.02 34.25
C GLN A 121 -16.39 5.57 34.63
N ILE A 122 -16.38 4.68 33.64
CA ILE A 122 -16.06 3.28 33.87
C ILE A 122 -14.73 2.93 33.18
N PHE A 123 -13.78 2.46 33.98
CA PHE A 123 -12.47 2.01 33.51
C PHE A 123 -12.39 0.49 33.65
N ASP A 124 -11.49 -0.12 32.90
CA ASP A 124 -11.12 -1.53 33.18
C ASP A 124 -10.08 -1.53 34.32
N LYS A 125 -9.66 -2.73 34.71
CA LYS A 125 -8.72 -2.89 35.82
C LYS A 125 -7.29 -2.40 35.53
N TYR A 126 -6.98 -2.12 34.28
CA TYR A 126 -5.71 -1.49 33.89
C TYR A 126 -5.80 0.04 33.83
N GLN A 127 -6.92 0.60 34.31
CA GLN A 127 -7.16 2.03 34.35
C GLN A 127 -7.27 2.72 32.98
N LYS A 128 -7.72 1.96 31.99
CA LYS A 128 -8.04 2.46 30.66
C LYS A 128 -9.53 2.83 30.70
N LEU A 129 -9.86 4.03 30.23
CA LEU A 129 -11.25 4.50 30.21
C LEU A 129 -12.07 3.81 29.12
N LEU A 130 -13.16 3.16 29.52
CA LEU A 130 -14.04 2.46 28.58
C LEU A 130 -15.23 3.30 28.16
N PHE A 131 -15.81 4.06 29.09
CA PHE A 131 -17.18 4.54 28.94
C PHE A 131 -17.35 5.71 29.90
N SER A 132 -17.62 6.91 29.36
CA SER A 132 -17.60 8.13 30.17
C SER A 132 -18.70 9.08 29.75
N ASP A 133 -19.39 9.68 30.72
CA ASP A 133 -20.31 10.79 30.42
C ASP A 133 -19.56 11.93 29.75
N TYR A 134 -20.23 12.58 28.80
CA TYR A 134 -19.65 13.73 28.12
C TYR A 134 -19.93 14.99 28.92
N ALA A 135 -18.85 15.61 29.41
CA ALA A 135 -18.93 16.86 30.14
C ALA A 135 -19.98 16.74 31.28
N GLU A 136 -20.89 17.71 31.39
CA GLU A 136 -21.94 17.68 32.42
C GLU A 136 -23.25 17.12 31.87
N LYS A 137 -23.24 16.64 30.61
CA LYS A 137 -24.45 16.26 29.89
C LYS A 137 -24.60 14.76 29.72
N GLY A 138 -24.10 13.98 30.69
CA GLY A 138 -24.29 12.53 30.69
C GLY A 138 -25.75 12.12 30.60
N PHE A 139 -26.62 12.83 31.33
CA PHE A 139 -28.06 12.66 31.23
C PHE A 139 -28.71 14.03 30.99
N VAL A 140 -29.58 14.09 29.99
CA VAL A 140 -30.31 15.30 29.64
C VAL A 140 -31.79 14.96 29.58
N ASN A 141 -32.59 15.72 30.33
CA ASN A 141 -34.04 15.67 30.25
C ASN A 141 -34.54 16.99 29.67
N ASP A 142 -35.42 16.89 28.70
CA ASP A 142 -36.05 18.05 28.06
C ASP A 142 -37.53 17.76 27.94
N ASN A 143 -38.26 17.99 29.04
CA ASN A 143 -39.72 17.84 29.08
C ASN A 143 -40.16 16.41 28.71
N GLY A 144 -39.48 15.41 29.26
CA GLY A 144 -39.80 14.00 28.99
C GLY A 144 -38.89 13.34 27.95
N LYS A 145 -38.34 14.13 27.04
CA LYS A 145 -37.32 13.64 26.10
C LYS A 145 -36.06 13.38 26.89
N ILE A 146 -35.51 12.18 26.77
CA ILE A 146 -34.38 11.74 27.59
C ILE A 146 -33.23 11.30 26.71
N ARG A 147 -32.03 11.74 27.06
CA ARG A 147 -30.85 11.52 26.25
C ARG A 147 -29.64 11.29 27.12
N THR A 148 -28.79 10.39 26.65
CA THR A 148 -27.54 10.04 27.28
C THR A 148 -26.42 10.40 26.29
N ASN A 149 -25.45 11.19 26.74
CA ASN A 149 -24.28 11.59 25.92
C ASN A 149 -23.00 11.05 26.53
N LYS A 150 -22.21 10.38 25.70
CA LYS A 150 -20.97 9.74 26.14
C LYS A 150 -19.82 10.25 25.30
N VAL A 151 -18.65 10.32 25.90
CA VAL A 151 -17.43 10.67 25.18
C VAL A 151 -17.21 9.65 24.06
N LEU A 152 -16.75 10.14 22.91
CA LEU A 152 -16.48 9.30 21.75
C LEU A 152 -15.02 9.49 21.40
N ARG A 153 -14.27 8.39 21.36
CA ARG A 153 -12.84 8.41 21.01
C ARG A 153 -12.70 8.14 19.52
N ASN A 154 -11.61 8.64 18.92
CA ASN A 154 -11.41 8.57 17.47
C ASN A 154 -11.35 7.16 16.91
N ASP A 155 -10.87 6.22 17.73
CA ASP A 155 -10.75 4.82 17.31
C ASP A 155 -11.94 3.92 17.74
N GLU A 156 -12.98 4.49 18.32
CA GLU A 156 -14.14 3.71 18.80
C GLU A 156 -15.11 3.37 17.66
N GLN A 157 -15.33 2.08 17.43
CA GLN A 157 -16.24 1.56 16.41
C GLN A 157 -17.43 0.92 17.11
N PHE A 158 -18.51 0.73 16.35
CA PHE A 158 -19.77 0.22 16.91
C PHE A 158 -20.42 -0.81 15.99
N PHE A 159 -21.01 -1.83 16.62
CA PHE A 159 -21.72 -2.88 15.90
C PHE A 159 -23.06 -3.17 16.56
N GLY A 160 -23.98 -3.67 15.76
CA GLY A 160 -25.23 -4.21 16.27
C GLY A 160 -26.43 -3.37 15.99
N LEU A 161 -27.28 -3.18 17.01
CA LEU A 161 -28.64 -2.65 16.89
C LEU A 161 -29.55 -3.55 16.04
N GLY A 162 -29.22 -4.84 16.00
CA GLY A 162 -30.10 -5.86 15.44
C GLY A 162 -30.18 -5.87 13.94
N GLU A 163 -31.39 -6.11 13.44
CA GLU A 163 -31.61 -6.35 12.03
C GLU A 163 -31.74 -5.01 11.32
N LYS A 164 -30.57 -4.47 10.93
CA LYS A 164 -30.49 -3.17 10.29
C LYS A 164 -29.54 -3.22 9.10
N SER A 165 -29.77 -2.31 8.15
CA SER A 165 -29.05 -2.27 6.88
C SER A 165 -27.74 -1.48 6.98
N GLY A 166 -27.07 -1.35 5.83
CA GLY A 166 -25.81 -0.64 5.72
C GLY A 166 -24.64 -1.50 6.13
N ASN A 167 -23.52 -0.85 6.34
CA ASN A 167 -22.29 -1.55 6.73
C ASN A 167 -22.38 -2.01 8.16
N LEU A 168 -21.73 -3.13 8.45
CA LEU A 168 -21.62 -3.68 9.82
C LEU A 168 -21.25 -2.64 10.86
N ASN A 169 -20.21 -1.85 10.55
CA ASN A 169 -19.73 -0.83 11.44
C ASN A 169 -20.65 0.39 11.41
N ARG A 170 -21.25 0.67 12.56
CA ARG A 170 -22.26 1.71 12.71
C ARG A 170 -21.67 3.08 12.97
N ARG A 171 -20.34 3.15 13.18
CA ARG A 171 -19.67 4.41 13.50
C ARG A 171 -19.94 5.44 12.39
N GLY A 172 -20.32 6.65 12.80
CA GLY A 172 -20.59 7.75 11.88
C GLY A 172 -22.04 7.94 11.48
N SER A 173 -22.91 6.99 11.84
CA SER A 173 -24.29 6.97 11.37
C SER A 173 -25.27 7.03 12.54
N ALA A 174 -26.51 7.31 12.19
CA ALA A 174 -27.62 7.36 13.13
C ALA A 174 -28.67 6.34 12.75
N TYR A 175 -29.34 5.81 13.78
CA TYR A 175 -30.27 4.72 13.61
C TYR A 175 -31.43 4.97 14.55
N LYS A 176 -32.61 4.54 14.09
CA LYS A 176 -33.84 4.74 14.78
C LYS A 176 -34.54 3.42 15.03
N MET A 177 -35.23 3.32 16.17
CA MET A 177 -36.07 2.16 16.51
C MET A 177 -37.55 2.52 16.35
N TRP A 178 -38.11 2.15 15.23
CA TRP A 178 -39.54 2.21 15.00
C TRP A 178 -39.88 1.12 14.02
N ASN A 179 -40.49 0.05 14.49
CA ASN A 179 -40.74 -1.10 13.63
C ASN A 179 -41.54 -0.65 12.39
N SER A 180 -40.95 -0.84 11.21
CA SER A 180 -41.42 -0.24 9.98
C SER A 180 -41.55 -1.27 8.88
N ASP A 181 -42.41 -0.95 7.92
CA ASP A 181 -42.81 -1.81 6.84
C ASP A 181 -42.43 -1.04 5.57
N GLN A 182 -41.26 -1.38 5.03
CA GLN A 182 -40.66 -0.67 3.89
C GLN A 182 -40.31 -1.72 2.82
N PRO A 183 -41.31 -2.13 2.02
CA PRO A 183 -41.05 -3.18 1.03
C PRO A 183 -39.95 -2.78 0.05
N CYS A 184 -39.20 -3.78 -0.39
CA CYS A 184 -38.15 -3.60 -1.41
C CYS A 184 -37.11 -2.59 -0.97
N TYR A 185 -36.73 -2.70 0.31
CA TYR A 185 -35.94 -1.68 0.98
C TYR A 185 -34.50 -1.60 0.45
N GLY A 186 -33.97 -0.39 0.48
CA GLY A 186 -32.63 -0.14 -0.04
C GLY A 186 -31.51 -0.57 0.89
N VAL A 187 -30.29 -0.38 0.40
CA VAL A 187 -29.06 -0.77 1.12
C VAL A 187 -28.82 -0.03 2.43
N ASN A 188 -29.42 1.14 2.59
CA ASN A 188 -29.24 1.94 3.80
C ASN A 188 -30.55 2.29 4.52
N GLU A 189 -31.68 1.69 4.11
CA GLU A 189 -32.99 2.02 4.65
C GLU A 189 -33.05 1.71 6.15
N ASP A 190 -33.46 2.70 6.93
CA ASP A 190 -33.65 2.58 8.36
C ASP A 190 -34.74 3.54 8.80
N PRO A 191 -35.67 3.15 9.70
CA PRO A 191 -35.73 1.84 10.38
C PRO A 191 -36.31 0.75 9.53
N LEU A 192 -36.06 -0.51 9.92
CA LEU A 192 -36.67 -1.65 9.29
C LEU A 192 -37.62 -2.31 10.30
N TYR A 193 -37.76 -3.63 10.24
CA TYR A 193 -38.89 -4.31 10.87
C TYR A 193 -38.73 -4.58 12.36
N LYS A 194 -37.49 -4.69 12.82
CA LYS A 194 -37.21 -5.15 14.18
C LYS A 194 -36.43 -4.10 14.94
N SER A 195 -36.74 -3.96 16.24
CA SER A 195 -36.05 -3.02 17.12
C SER A 195 -35.33 -3.72 18.29
N ILE A 196 -34.01 -3.90 18.16
CA ILE A 196 -33.21 -4.56 19.18
C ILE A 196 -32.13 -3.58 19.63
N PRO A 197 -32.41 -2.79 20.69
CA PRO A 197 -31.48 -1.71 21.05
C PRO A 197 -30.30 -2.18 21.93
N PHE A 198 -29.52 -3.07 21.34
CA PHE A 198 -28.32 -3.65 21.92
C PHE A 198 -27.21 -3.39 20.90
N PHE A 199 -26.19 -2.64 21.31
CA PHE A 199 -24.99 -2.42 20.49
C PHE A 199 -23.73 -2.75 21.27
N MET A 200 -22.65 -2.93 20.54
CA MET A 200 -21.35 -3.20 21.14
C MET A 200 -20.35 -2.20 20.58
N SER A 201 -19.49 -1.73 21.46
CA SER A 201 -18.35 -0.86 21.13
C SER A 201 -17.07 -1.68 21.01
N SER A 202 -16.16 -1.23 20.14
CA SER A 202 -14.82 -1.84 20.07
C SER A 202 -13.93 -1.55 21.28
N TYR A 203 -14.41 -0.71 22.22
CA TYR A 203 -13.82 -0.63 23.55
C TYR A 203 -14.23 -1.80 24.45
N ARG A 204 -14.99 -2.74 23.90
CA ARG A 204 -15.33 -4.03 24.51
C ARG A 204 -16.30 -3.88 25.69
N TYR A 205 -17.39 -3.16 25.40
CA TYR A 205 -18.57 -3.18 26.23
C TYR A 205 -19.80 -3.18 25.34
N GLY A 206 -20.89 -3.74 25.85
CA GLY A 206 -22.19 -3.61 25.22
C GLY A 206 -23.09 -2.67 26.00
N ILE A 207 -24.05 -2.08 25.28
CA ILE A 207 -25.11 -1.32 25.89
C ILE A 207 -26.45 -1.90 25.42
N PHE A 208 -27.32 -2.21 26.37
CA PHE A 208 -28.71 -2.48 26.05
C PHE A 208 -29.56 -1.34 26.61
N PHE A 209 -30.28 -0.63 25.74
CA PHE A 209 -31.11 0.51 26.13
C PHE A 209 -32.52 -0.03 26.31
N ASP A 210 -32.91 -0.20 27.57
CA ASP A 210 -34.14 -0.93 27.99
C ASP A 210 -35.36 0.00 27.94
N ASN A 211 -35.65 0.50 26.74
CA ASN A 211 -36.71 1.48 26.48
C ASN A 211 -37.36 1.11 25.14
N THR A 212 -38.69 1.14 25.08
CA THR A 212 -39.45 0.64 23.93
C THR A 212 -40.00 1.72 23.02
N TYR A 213 -39.76 2.97 23.37
CA TYR A 213 -40.22 4.09 22.56
C TYR A 213 -39.34 4.19 21.29
N LYS A 214 -39.54 5.26 20.53
CA LYS A 214 -38.81 5.50 19.29
C LYS A 214 -37.42 6.01 19.62
N THR A 215 -36.53 5.06 19.97
CA THR A 215 -35.19 5.40 20.39
C THR A 215 -34.30 5.74 19.19
N GLU A 216 -33.30 6.59 19.44
CA GLU A 216 -32.35 6.98 18.41
C GLU A 216 -30.95 6.88 18.95
N PHE A 217 -30.07 6.34 18.11
CA PHE A 217 -28.67 6.11 18.41
C PHE A 217 -27.84 6.88 17.38
N LYS A 218 -26.93 7.71 17.85
CA LYS A 218 -26.15 8.59 17.00
C LYS A 218 -24.68 8.38 17.32
N PHE A 219 -24.00 7.57 16.50
CA PHE A 219 -22.66 7.10 16.81
C PHE A 219 -21.60 8.03 16.21
N GLY A 220 -21.54 9.25 16.70
CA GLY A 220 -20.65 10.25 16.13
C GLY A 220 -21.16 10.86 14.84
N SER A 221 -22.48 10.77 14.62
CA SER A 221 -23.13 11.39 13.46
C SER A 221 -23.37 12.89 13.65
N GLU A 222 -23.39 13.36 14.88
CA GLU A 222 -23.54 14.81 15.18
C GLU A 222 -22.19 15.45 15.48
N SER A 223 -21.30 14.72 16.13
CA SER A 223 -19.97 15.22 16.49
C SER A 223 -18.96 14.08 16.66
N ASN A 224 -17.68 14.37 16.44
CA ASN A 224 -16.60 13.47 16.80
C ASN A 224 -16.34 13.39 18.32
N ASP A 225 -16.89 14.31 19.10
CA ASP A 225 -16.56 14.40 20.51
C ASP A 225 -17.46 13.56 21.42
N TYR A 226 -18.65 13.21 20.92
CA TYR A 226 -19.59 12.41 21.72
C TYR A 226 -20.49 11.56 20.84
N TYR A 227 -21.08 10.54 21.46
CA TYR A 227 -22.15 9.79 20.85
C TYR A 227 -23.31 9.79 21.82
N SER A 228 -24.49 9.46 21.30
CA SER A 228 -25.68 9.50 22.12
C SER A 228 -26.68 8.41 21.81
N PHE A 229 -27.47 8.09 22.84
CA PHE A 229 -28.72 7.38 22.65
C PHE A 229 -29.82 8.09 23.44
N GLU A 230 -31.03 8.09 22.87
CA GLU A 230 -32.12 8.90 23.39
C GLU A 230 -33.48 8.28 23.11
N ALA A 231 -34.48 8.77 23.85
CA ALA A 231 -35.89 8.40 23.67
C ALA A 231 -36.77 9.62 23.84
N PRO A 232 -37.95 9.63 23.17
CA PRO A 232 -38.85 10.77 23.29
C PRO A 232 -39.65 10.80 24.60
N ALA A 233 -39.67 9.68 25.31
CA ALA A 233 -40.48 9.51 26.53
C ALA A 233 -39.98 8.26 27.25
N GLY A 234 -40.60 7.90 28.37
CA GLY A 234 -40.18 6.75 29.15
C GLY A 234 -38.92 7.02 29.96
N GLN A 235 -38.29 5.95 30.42
CA GLN A 235 -37.22 6.03 31.40
C GLN A 235 -35.85 5.70 30.81
N MET A 236 -34.83 6.39 31.31
CA MET A 236 -33.47 6.22 30.86
C MET A 236 -32.86 5.08 31.68
N VAL A 237 -33.16 3.87 31.25
CA VAL A 237 -32.64 2.65 31.83
C VAL A 237 -31.79 1.96 30.77
N TYR A 238 -30.54 1.67 31.10
CA TYR A 238 -29.68 0.93 30.20
C TYR A 238 -28.71 0.06 30.97
N TYR A 239 -28.27 -1.01 30.33
CA TYR A 239 -27.34 -1.92 30.92
C TYR A 239 -25.98 -1.78 30.24
N PHE A 240 -24.94 -1.54 31.06
CA PHE A 240 -23.54 -1.56 30.60
C PHE A 240 -23.04 -2.99 30.81
N MET A 241 -22.57 -3.63 29.74
CA MET A 241 -22.15 -5.02 29.78
C MET A 241 -20.69 -5.10 29.36
N PHE A 242 -19.82 -5.24 30.34
CA PHE A 242 -18.39 -5.43 30.07
C PHE A 242 -18.09 -6.80 29.46
N GLY A 243 -17.09 -6.84 28.59
CA GLY A 243 -16.48 -8.09 28.21
C GLY A 243 -15.00 -7.89 27.90
N ASN A 244 -14.21 -8.93 28.09
CA ASN A 244 -12.85 -8.93 27.53
C ASN A 244 -12.83 -9.20 26.02
N ASP A 245 -13.95 -9.67 25.47
CA ASP A 245 -14.16 -9.78 24.03
C ASP A 245 -15.67 -9.69 23.74
N TYR A 246 -16.07 -9.83 22.48
CA TYR A 246 -17.48 -9.70 22.13
C TYR A 246 -18.27 -10.91 22.62
N LYS A 247 -17.62 -12.08 22.64
CA LYS A 247 -18.28 -13.30 23.14
C LYS A 247 -18.79 -13.07 24.57
N GLU A 248 -17.93 -12.51 25.43
CA GLU A 248 -18.29 -12.25 26.82
C GLU A 248 -19.44 -11.25 26.96
N ILE A 249 -19.46 -10.24 26.10
CA ILE A 249 -20.55 -9.25 26.10
C ILE A 249 -21.87 -9.95 25.76
N ILE A 250 -21.86 -10.76 24.70
CA ILE A 250 -23.06 -11.51 24.26
C ILE A 250 -23.55 -12.50 25.32
N GLN A 251 -22.61 -13.17 25.98
CA GLN A 251 -22.96 -14.08 27.08
C GLN A 251 -23.66 -13.29 28.19
N ASN A 252 -23.17 -12.08 28.50
CA ASN A 252 -23.84 -11.24 29.50
C ASN A 252 -25.26 -10.81 29.02
N TYR A 253 -25.40 -10.52 27.73
CA TYR A 253 -26.69 -10.06 27.22
C TYR A 253 -27.75 -11.15 27.31
N ILE A 254 -27.37 -12.40 27.03
CA ILE A 254 -28.34 -13.51 27.19
C ILE A 254 -28.60 -13.90 28.65
N ALA A 255 -27.67 -13.60 29.57
CA ALA A 255 -27.97 -13.70 31.00
C ALA A 255 -29.14 -12.80 31.37
N LEU A 256 -29.15 -11.60 30.81
CA LEU A 256 -30.20 -10.61 31.05
C LEU A 256 -31.49 -10.93 30.30
N THR A 257 -31.39 -11.27 29.01
CA THR A 257 -32.56 -11.36 28.09
C THR A 257 -32.97 -12.76 27.61
N GLY A 258 -32.25 -13.80 28.03
CA GLY A 258 -32.63 -15.19 27.83
C GLY A 258 -31.85 -15.93 26.77
N LYS A 259 -31.70 -17.23 26.98
CA LYS A 259 -31.07 -18.10 26.00
C LYS A 259 -31.96 -18.25 24.78
N PRO A 260 -31.37 -18.23 23.58
CA PRO A 260 -32.20 -18.55 22.41
C PRO A 260 -32.74 -19.98 22.44
N ILE A 261 -34.04 -20.12 22.18
CA ILE A 261 -34.60 -21.45 21.90
C ILE A 261 -34.04 -21.99 20.59
N MET A 262 -33.80 -23.31 20.54
CA MET A 262 -33.41 -23.98 19.31
C MET A 262 -34.64 -24.38 18.50
N PRO A 263 -34.54 -24.33 17.16
CA PRO A 263 -35.62 -24.86 16.36
C PRO A 263 -35.63 -26.39 16.37
N PRO A 264 -36.74 -27.00 15.94
CA PRO A 264 -36.68 -28.41 15.60
C PRO A 264 -35.54 -28.64 14.60
N LYS A 265 -34.84 -29.75 14.75
CA LYS A 265 -33.64 -30.01 13.93
C LYS A 265 -33.87 -29.86 12.42
N TRP A 266 -35.04 -30.29 11.96
CA TRP A 266 -35.39 -30.24 10.53
C TRP A 266 -35.47 -28.81 9.95
N ALA A 267 -35.57 -27.80 10.82
CA ALA A 267 -35.51 -26.39 10.39
C ALA A 267 -34.21 -25.99 9.70
N LEU A 268 -33.12 -26.72 9.95
CA LEU A 268 -31.82 -26.41 9.35
C LEU A 268 -31.63 -26.98 7.94
N GLY A 269 -32.65 -27.62 7.40
CA GLY A 269 -32.68 -27.98 5.99
C GLY A 269 -33.07 -26.80 5.12
N PHE A 270 -33.63 -27.09 3.95
CA PHE A 270 -34.05 -26.07 2.99
C PHE A 270 -35.56 -25.91 3.06
N SER A 271 -36.02 -24.66 2.90
CA SER A 271 -37.40 -24.29 3.01
C SER A 271 -37.84 -23.59 1.71
N GLN A 272 -39.12 -23.75 1.37
CA GLN A 272 -39.66 -23.20 0.14
C GLN A 272 -41.01 -22.55 0.39
N CYS A 273 -41.19 -21.40 -0.24
CA CYS A 273 -42.41 -20.63 -0.12
C CYS A 273 -42.69 -19.90 -1.43
N ARG A 274 -43.87 -19.28 -1.47
CA ARG A 274 -44.23 -18.30 -2.50
C ARG A 274 -45.44 -17.53 -1.99
N GLY A 275 -45.62 -16.32 -2.47
CA GLY A 275 -46.78 -15.53 -2.10
C GLY A 275 -48.10 -16.27 -2.29
N ASP A 276 -48.16 -17.09 -3.34
CA ASP A 276 -49.40 -17.82 -3.65
C ASP A 276 -49.43 -19.28 -3.15
N TYR A 277 -48.51 -19.67 -2.25
CA TYR A 277 -48.53 -21.02 -1.65
C TYR A 277 -49.70 -21.08 -0.66
N THR A 278 -50.89 -21.31 -1.21
CA THR A 278 -52.13 -21.20 -0.47
C THR A 278 -53.15 -22.27 -0.85
N ARG A 279 -52.72 -23.40 -1.39
CA ARG A 279 -53.65 -24.45 -1.76
C ARG A 279 -53.04 -25.83 -1.81
N GLU A 280 -53.90 -26.82 -1.60
CA GLU A 280 -53.53 -28.21 -1.46
C GLU A 280 -52.90 -28.85 -2.69
N ASP A 281 -53.54 -28.70 -3.84
CA ASP A 281 -53.03 -29.35 -5.05
C ASP A 281 -51.60 -28.87 -5.40
N GLN A 282 -51.33 -27.58 -5.20
CA GLN A 282 -50.00 -27.01 -5.45
C GLN A 282 -48.97 -27.56 -4.46
N ALA A 283 -49.32 -27.59 -3.19
CA ALA A 283 -48.43 -28.10 -2.15
C ALA A 283 -48.03 -29.56 -2.43
N ARG A 284 -49.01 -30.37 -2.82
CA ARG A 284 -48.73 -31.76 -3.17
C ARG A 284 -47.82 -31.86 -4.39
N GLU A 285 -48.07 -31.01 -5.38
CA GLU A 285 -47.28 -31.02 -6.62
C GLU A 285 -45.85 -30.55 -6.37
N ILE A 286 -45.69 -29.51 -5.56
CA ILE A 286 -44.36 -28.99 -5.23
C ILE A 286 -43.54 -30.03 -4.43
N ALA A 287 -44.18 -30.65 -3.45
CA ALA A 287 -43.58 -31.70 -2.64
C ALA A 287 -43.04 -32.83 -3.54
N ALA A 288 -43.88 -33.27 -4.48
CA ALA A 288 -43.49 -34.32 -5.42
C ALA A 288 -42.35 -33.92 -6.33
N GLU A 289 -42.34 -32.66 -6.78
CA GLU A 289 -41.27 -32.14 -7.65
C GLU A 289 -39.93 -32.12 -6.96
N PHE A 290 -39.86 -31.65 -5.71
CA PHE A 290 -38.58 -31.66 -4.98
C PHE A 290 -37.98 -33.07 -4.94
N ARG A 291 -38.80 -34.05 -4.55
CA ARG A 291 -38.35 -35.42 -4.39
C ARG A 291 -37.96 -36.07 -5.71
N LYS A 292 -38.79 -35.85 -6.74
CA LYS A 292 -38.49 -36.33 -8.10
C LYS A 292 -37.15 -35.79 -8.64
N ARG A 293 -36.86 -34.52 -8.33
CA ARG A 293 -35.63 -33.86 -8.78
C ARG A 293 -34.46 -34.04 -7.83
N LYS A 294 -34.68 -34.72 -6.71
CA LYS A 294 -33.64 -34.98 -5.71
C LYS A 294 -32.97 -33.67 -5.30
N ILE A 295 -33.80 -32.67 -5.04
CA ILE A 295 -33.36 -31.40 -4.48
C ILE A 295 -33.83 -31.47 -3.04
N PRO A 296 -32.90 -31.61 -2.07
CA PRO A 296 -33.35 -31.77 -0.69
C PRO A 296 -34.21 -30.59 -0.19
N CYS A 297 -35.23 -30.90 0.61
CA CYS A 297 -36.13 -29.88 1.12
C CYS A 297 -36.91 -30.45 2.31
N ASP A 298 -36.96 -29.69 3.40
CA ASP A 298 -37.71 -30.08 4.59
C ASP A 298 -39.04 -29.40 4.80
N ILE A 299 -39.13 -28.11 4.44
CA ILE A 299 -40.31 -27.30 4.82
C ILE A 299 -41.00 -26.70 3.61
N ILE A 300 -42.31 -26.88 3.55
CA ILE A 300 -43.17 -26.15 2.64
C ILE A 300 -43.97 -25.19 3.49
N TYR A 301 -43.75 -23.90 3.25
CA TYR A 301 -44.52 -22.83 3.88
C TYR A 301 -45.87 -22.67 3.16
N GLN A 302 -46.85 -22.11 3.87
CA GLN A 302 -48.07 -21.59 3.23
C GLN A 302 -48.23 -20.14 3.64
N ASP A 303 -48.54 -19.29 2.66
CA ASP A 303 -48.69 -17.86 2.88
C ASP A 303 -50.12 -17.55 3.31
N ILE A 304 -50.39 -16.27 3.55
CA ILE A 304 -51.54 -15.83 4.33
C ILE A 304 -52.89 -16.16 3.68
N GLY A 305 -52.91 -16.32 2.36
CA GLY A 305 -54.13 -16.79 1.68
C GLY A 305 -54.62 -18.18 2.08
N TRP A 306 -53.83 -18.94 2.84
CA TRP A 306 -54.24 -20.25 3.33
C TRP A 306 -55.47 -20.20 4.21
N THR A 307 -55.61 -19.11 4.99
CA THR A 307 -56.70 -19.02 5.95
C THR A 307 -57.94 -18.42 5.27
N GLU A 308 -59.12 -18.92 5.67
CA GLU A 308 -60.40 -18.43 5.11
C GLU A 308 -60.57 -16.92 5.25
N GLY A 309 -60.28 -16.41 6.44
CA GLY A 309 -60.25 -14.97 6.70
C GLY A 309 -59.17 -14.65 7.73
N LEU A 310 -58.74 -13.39 7.77
CA LEU A 310 -57.89 -12.91 8.85
C LEU A 310 -58.77 -12.81 10.10
N GLN A 311 -58.48 -13.55 11.17
CA GLN A 311 -57.41 -14.56 11.27
C GLN A 311 -58.04 -15.72 12.02
N ASP A 312 -58.84 -16.48 11.28
CA ASP A 312 -59.63 -17.57 11.86
C ASP A 312 -58.94 -18.91 11.87
N PHE A 313 -57.82 -19.04 11.15
CA PHE A 313 -57.04 -20.28 11.07
C PHE A 313 -57.84 -21.48 10.54
N ASP A 314 -58.85 -21.19 9.71
CA ASP A 314 -59.59 -22.22 9.00
C ASP A 314 -59.01 -22.35 7.61
N TRP A 315 -58.77 -23.57 7.17
CA TRP A 315 -58.24 -23.81 5.83
C TRP A 315 -59.25 -23.31 4.79
N ARG A 316 -58.78 -22.47 3.87
CA ARG A 316 -59.65 -21.86 2.86
C ARG A 316 -60.39 -22.93 2.05
N LYS A 317 -61.72 -22.88 2.05
CA LYS A 317 -62.53 -23.92 1.41
C LYS A 317 -62.23 -24.14 -0.08
N ASN A 318 -62.01 -23.06 -0.82
CA ASN A 318 -61.82 -23.21 -2.28
C ASN A 318 -60.42 -23.75 -2.64
N ASN A 319 -59.54 -23.83 -1.65
CA ASN A 319 -58.12 -24.17 -1.84
C ASN A 319 -57.64 -25.47 -1.18
N TYR A 320 -58.34 -25.96 -0.16
CA TYR A 320 -58.01 -27.22 0.50
C TYR A 320 -59.26 -28.09 0.58
N ASN A 321 -59.14 -29.31 0.08
CA ASN A 321 -60.20 -30.30 0.12
C ASN A 321 -60.03 -31.22 1.33
N ASN A 322 -58.80 -31.65 1.57
CA ASN A 322 -58.51 -32.58 2.66
C ASN A 322 -57.23 -32.13 3.37
N PRO A 323 -57.32 -31.08 4.20
CA PRO A 323 -56.10 -30.54 4.85
C PRO A 323 -55.36 -31.55 5.71
N LYS A 324 -56.07 -32.35 6.50
CA LYS A 324 -55.41 -33.40 7.30
C LYS A 324 -54.63 -34.40 6.46
N GLY A 325 -55.26 -34.87 5.38
CA GLY A 325 -54.62 -35.78 4.44
C GLY A 325 -53.42 -35.17 3.76
N MET A 326 -53.54 -33.90 3.33
CA MET A 326 -52.42 -33.18 2.75
C MET A 326 -51.22 -33.14 3.71
N VAL A 327 -51.47 -32.72 4.94
CA VAL A 327 -50.39 -32.58 5.92
C VAL A 327 -49.74 -33.94 6.21
N LYS A 328 -50.57 -34.96 6.44
CA LYS A 328 -50.09 -36.33 6.62
C LYS A 328 -49.31 -36.86 5.42
N ASP A 329 -49.81 -36.65 4.20
CA ASP A 329 -49.11 -37.14 3.00
C ASP A 329 -47.74 -36.45 2.77
N LEU A 330 -47.68 -35.14 3.01
CA LEU A 330 -46.42 -34.40 2.95
C LEU A 330 -45.45 -34.90 4.05
N SER A 331 -45.99 -35.13 5.25
CA SER A 331 -45.20 -35.69 6.36
C SER A 331 -44.58 -37.05 6.01
N ASP A 332 -45.37 -37.95 5.39
CA ASP A 332 -44.84 -39.24 4.93
C ASP A 332 -43.73 -39.06 3.90
N MET A 333 -43.75 -37.95 3.16
CA MET A 333 -42.67 -37.59 2.23
C MET A 333 -41.54 -36.77 2.87
N GLY A 334 -41.58 -36.59 4.20
CA GLY A 334 -40.52 -35.85 4.92
C GLY A 334 -40.67 -34.34 4.95
N PHE A 335 -41.81 -33.82 4.51
CA PHE A 335 -42.07 -32.39 4.55
C PHE A 335 -42.84 -32.00 5.79
N LYS A 336 -42.43 -30.87 6.38
CA LYS A 336 -43.16 -30.23 7.46
C LYS A 336 -43.78 -28.96 6.90
N MET A 337 -44.96 -28.59 7.40
CA MET A 337 -45.67 -27.40 6.95
C MET A 337 -45.69 -26.33 8.04
N ILE A 338 -45.48 -25.09 7.60
CA ILE A 338 -45.47 -23.88 8.44
C ILE A 338 -46.44 -22.89 7.80
N VAL A 339 -47.39 -22.40 8.57
CA VAL A 339 -48.42 -21.51 8.01
C VAL A 339 -48.29 -20.10 8.57
N SER A 340 -48.70 -19.13 7.77
CA SER A 340 -48.68 -17.74 8.15
C SER A 340 -49.83 -17.37 9.12
N GLN A 341 -49.56 -16.36 9.94
CA GLN A 341 -50.61 -15.63 10.62
C GLN A 341 -50.28 -14.14 10.66
N ASP A 342 -51.34 -13.34 10.52
CA ASP A 342 -51.33 -11.91 10.74
C ASP A 342 -51.96 -11.62 12.09
N PRO A 343 -51.70 -10.43 12.64
CA PRO A 343 -52.19 -10.13 13.97
C PRO A 343 -53.50 -9.37 14.00
N VAL A 344 -54.29 -9.48 12.94
CA VAL A 344 -55.50 -8.66 12.80
C VAL A 344 -56.70 -9.52 12.42
N ILE A 345 -57.88 -8.98 12.68
CA ILE A 345 -59.15 -9.61 12.28
C ILE A 345 -59.84 -8.68 11.28
N SER A 346 -60.07 -9.15 10.07
CA SER A 346 -60.74 -8.32 9.07
C SER A 346 -62.17 -8.03 9.50
N GLN A 347 -62.59 -6.79 9.33
CA GLN A 347 -64.01 -6.43 9.52
C GLN A 347 -64.96 -7.29 8.66
N ALA A 348 -64.52 -7.62 7.45
CA ALA A 348 -65.28 -8.53 6.55
C ALA A 348 -65.46 -9.95 7.11
N ASN A 349 -64.53 -10.40 7.97
CA ASN A 349 -64.65 -11.64 8.73
C ASN A 349 -65.57 -11.31 9.92
N GLN A 350 -66.86 -11.16 9.64
CA GLN A 350 -67.81 -10.55 10.57
C GLN A 350 -67.95 -11.30 11.88
N GLN A 351 -67.98 -12.63 11.80
CA GLN A 351 -68.13 -13.49 12.97
C GLN A 351 -66.98 -13.25 13.97
N GLN A 352 -65.75 -13.36 13.48
CA GLN A 352 -64.59 -13.22 14.36
C GLN A 352 -64.36 -11.78 14.79
N TRP A 353 -64.62 -10.82 13.90
CA TRP A 353 -64.49 -9.42 14.27
C TRP A 353 -65.47 -9.03 15.36
N LYS A 354 -66.74 -9.39 15.17
CA LYS A 354 -67.76 -9.08 16.20
C LYS A 354 -67.41 -9.70 17.55
N GLU A 355 -66.93 -10.93 17.52
CA GLU A 355 -66.50 -11.66 18.72
C GLU A 355 -65.37 -10.95 19.45
N ALA A 356 -64.30 -10.62 18.71
CA ALA A 356 -63.14 -9.93 19.30
C ALA A 356 -63.51 -8.55 19.83
N ASP A 357 -64.30 -7.82 19.06
CA ASP A 357 -64.74 -6.48 19.47
C ASP A 357 -65.61 -6.53 20.74
N ALA A 358 -66.55 -7.48 20.80
CA ALA A 358 -67.45 -7.63 21.97
C ALA A 358 -66.66 -7.98 23.24
N LEU A 359 -65.64 -8.81 23.08
CA LEU A 359 -64.77 -9.22 24.21
C LEU A 359 -63.79 -8.14 24.69
N GLY A 360 -63.65 -7.05 23.93
CA GLY A 360 -62.66 -6.02 24.21
C GLY A 360 -61.25 -6.44 23.84
N HIS A 361 -61.13 -7.34 22.86
CA HIS A 361 -59.85 -7.99 22.52
C HIS A 361 -59.06 -7.21 21.46
N LEU A 362 -59.61 -6.14 20.94
CA LEU A 362 -58.96 -5.36 19.89
C LEU A 362 -58.39 -4.09 20.48
N VAL A 363 -57.30 -3.63 19.86
CA VAL A 363 -56.68 -2.39 20.30
C VAL A 363 -57.68 -1.28 20.08
N LYS A 364 -57.79 -0.39 21.05
CA LYS A 364 -58.77 0.69 21.00
C LYS A 364 -58.19 1.95 20.38
N ASP A 365 -59.08 2.89 20.07
CA ASP A 365 -58.74 4.24 19.64
C ASP A 365 -59.02 5.14 20.84
N VAL A 366 -58.01 5.88 21.29
CA VAL A 366 -58.16 6.79 22.43
C VAL A 366 -59.20 7.90 22.20
N ARG A 367 -59.45 8.26 20.94
CA ARG A 367 -60.41 9.31 20.59
C ARG A 367 -61.88 8.89 20.77
N THR A 368 -62.17 7.60 20.59
CA THR A 368 -63.53 7.06 20.68
C THR A 368 -63.80 6.11 21.85
N GLY A 369 -62.77 5.45 22.38
CA GLY A 369 -62.93 4.36 23.34
C GLY A 369 -63.39 3.06 22.71
N LYS A 370 -63.42 3.00 21.38
CA LYS A 370 -63.87 1.84 20.63
C LYS A 370 -62.68 1.23 19.91
N SER A 371 -62.87 0.05 19.32
CA SER A 371 -61.82 -0.64 18.58
C SER A 371 -61.27 0.25 17.48
N TYR A 372 -59.94 0.34 17.40
CA TYR A 372 -59.28 1.14 16.37
C TYR A 372 -59.58 0.57 14.98
N ASP A 373 -59.88 1.46 14.05
CA ASP A 373 -60.26 1.09 12.67
C ASP A 373 -59.00 1.19 11.80
N MET A 374 -58.41 0.03 11.52
CA MET A 374 -57.07 -0.06 10.94
C MET A 374 -57.17 -0.47 9.47
N PRO A 375 -56.61 0.34 8.55
CA PRO A 375 -56.55 -0.16 7.16
C PRO A 375 -55.56 -1.32 7.03
N TRP A 376 -55.77 -2.19 6.05
CA TRP A 376 -54.89 -3.35 5.82
C TRP A 376 -54.79 -3.64 4.31
N PRO A 377 -53.67 -4.21 3.85
CA PRO A 377 -53.54 -4.44 2.39
C PRO A 377 -54.39 -5.56 1.76
N TRP A 378 -54.90 -6.49 2.56
CA TRP A 378 -55.83 -7.52 2.08
C TRP A 378 -56.92 -7.77 3.11
N GLY A 379 -58.12 -8.08 2.63
CA GLY A 379 -59.26 -8.38 3.51
C GLY A 379 -60.05 -7.18 4.02
N GLY A 380 -59.61 -5.97 3.66
CA GLY A 380 -60.29 -4.74 4.08
C GLY A 380 -59.83 -4.21 5.42
N ASN A 381 -60.51 -3.17 5.93
CA ASN A 381 -60.18 -2.61 7.25
C ASN A 381 -60.33 -3.71 8.30
N CYS A 382 -59.54 -3.58 9.36
CA CYS A 382 -59.42 -4.65 10.36
C CYS A 382 -59.37 -4.09 11.77
N GLY A 383 -59.48 -5.02 12.71
CA GLY A 383 -59.21 -4.76 14.12
C GLY A 383 -57.84 -5.34 14.41
N VAL A 384 -57.03 -4.58 15.11
CA VAL A 384 -55.68 -5.01 15.55
C VAL A 384 -55.84 -5.74 16.87
N VAL A 385 -55.40 -7.00 16.92
CA VAL A 385 -55.62 -7.80 18.12
C VAL A 385 -54.66 -7.33 19.24
N ASP A 386 -55.20 -7.17 20.45
CA ASP A 386 -54.42 -6.62 21.53
C ASP A 386 -53.73 -7.73 22.31
N PHE A 387 -52.54 -8.12 21.86
CA PHE A 387 -51.79 -9.18 22.55
C PHE A 387 -51.16 -8.77 23.88
N THR A 388 -51.30 -7.50 24.28
CA THR A 388 -50.92 -7.06 25.62
C THR A 388 -52.04 -7.25 26.66
N LYS A 389 -53.24 -7.59 26.20
CA LYS A 389 -54.37 -7.88 27.12
C LYS A 389 -54.29 -9.35 27.53
N PRO A 390 -54.20 -9.65 28.85
CA PRO A 390 -53.95 -11.05 29.24
C PRO A 390 -54.95 -12.08 28.69
N GLU A 391 -56.24 -11.74 28.64
CA GLU A 391 -57.27 -12.69 28.24
C GLU A 391 -57.18 -13.07 26.75
N VAL A 392 -56.55 -12.20 25.96
CA VAL A 392 -56.36 -12.47 24.53
C VAL A 392 -55.52 -13.72 24.31
N ALA A 393 -54.55 -14.00 25.19
CA ALA A 393 -53.62 -15.11 24.98
C ALA A 393 -54.32 -16.46 24.79
N ASP A 394 -55.14 -16.88 25.76
CA ASP A 394 -55.89 -18.14 25.61
C ASP A 394 -56.85 -18.15 24.42
N TRP A 395 -57.47 -17.00 24.14
CA TRP A 395 -58.40 -16.84 23.01
C TRP A 395 -57.69 -17.10 21.68
N TRP A 396 -56.55 -16.44 21.50
CA TRP A 396 -55.73 -16.65 20.31
C TRP A 396 -55.18 -18.07 20.22
N GLY A 397 -54.74 -18.59 21.36
CA GLY A 397 -54.19 -19.93 21.43
C GLY A 397 -55.12 -21.00 20.90
N SER A 398 -56.39 -20.90 21.27
CA SER A 398 -57.41 -21.84 20.80
C SER A 398 -57.63 -21.74 19.30
N TYR A 399 -57.63 -20.52 18.78
CA TYR A 399 -57.72 -20.29 17.34
C TYR A 399 -56.53 -20.87 16.58
N GLN A 400 -55.32 -20.49 16.99
CA GLN A 400 -54.11 -20.93 16.27
C GLN A 400 -53.87 -22.44 16.36
N GLN A 401 -54.41 -23.09 17.39
CA GLN A 401 -54.22 -24.53 17.55
C GLN A 401 -54.84 -25.37 16.41
N LYS A 402 -55.85 -24.83 15.72
CA LYS A 402 -56.55 -25.59 14.66
C LYS A 402 -55.64 -26.25 13.62
N PRO A 403 -54.79 -25.47 12.90
CA PRO A 403 -53.87 -26.13 11.96
C PRO A 403 -52.87 -27.07 12.62
N LEU A 404 -52.46 -26.76 13.85
CA LEU A 404 -51.55 -27.62 14.59
C LEU A 404 -52.18 -28.98 14.90
N ASN A 405 -53.49 -28.99 15.17
CA ASN A 405 -54.22 -30.24 15.34
C ASN A 405 -54.26 -31.07 14.08
N ASP A 406 -54.10 -30.42 12.91
CA ASP A 406 -53.97 -31.13 11.64
C ASP A 406 -52.55 -31.56 11.27
N GLY A 407 -51.55 -31.25 12.11
CA GLY A 407 -50.16 -31.69 11.90
C GLY A 407 -49.19 -30.63 11.40
N VAL A 408 -49.67 -29.40 11.23
CA VAL A 408 -48.81 -28.23 10.95
C VAL A 408 -47.84 -28.06 12.14
N ARG A 409 -46.61 -27.68 11.85
CA ARG A 409 -45.54 -27.71 12.86
C ARG A 409 -45.17 -26.33 13.39
N GLY A 410 -45.80 -25.28 12.89
CA GLY A 410 -45.56 -23.94 13.41
C GLY A 410 -45.99 -22.84 12.46
N PHE A 411 -45.44 -21.65 12.69
CA PHE A 411 -45.94 -20.44 12.09
C PHE A 411 -44.86 -19.50 11.60
N TRP A 412 -45.26 -18.64 10.67
CA TRP A 412 -44.56 -17.39 10.46
C TRP A 412 -45.51 -16.25 10.77
N THR A 413 -45.10 -15.42 11.72
CA THR A 413 -45.86 -14.32 12.25
C THR A 413 -45.44 -13.10 11.43
N ASP A 414 -46.34 -12.66 10.57
CA ASP A 414 -46.07 -11.62 9.60
C ASP A 414 -46.80 -10.34 9.97
N MET A 415 -46.28 -9.20 9.52
CA MET A 415 -47.00 -7.92 9.57
C MET A 415 -47.18 -7.37 10.97
N GLY A 416 -46.34 -7.83 11.92
CA GLY A 416 -46.46 -7.42 13.32
C GLY A 416 -45.87 -6.09 13.73
N GLU A 417 -45.59 -5.18 12.80
CA GLU A 417 -44.91 -3.93 13.14
C GLU A 417 -45.73 -2.94 14.02
N PRO A 418 -47.06 -2.89 13.95
CA PRO A 418 -47.93 -3.46 12.91
C PRO A 418 -47.59 -2.91 11.54
N ALA A 419 -47.88 -3.68 10.48
CA ALA A 419 -47.72 -3.23 9.10
C ALA A 419 -48.49 -1.93 8.87
N TRP A 420 -48.09 -1.16 7.85
CA TRP A 420 -48.78 0.07 7.47
C TRP A 420 -48.84 1.06 8.63
N SER A 421 -47.78 1.07 9.44
CA SER A 421 -47.71 1.94 10.61
C SER A 421 -46.32 2.55 10.78
N ASN A 422 -45.78 3.05 9.68
CA ASN A 422 -44.49 3.74 9.70
C ASN A 422 -44.61 5.07 10.43
N GLU A 423 -43.46 5.68 10.70
CA GLU A 423 -43.38 6.96 11.43
C GLU A 423 -44.39 8.01 10.96
N ASP A 424 -44.50 8.16 9.64
CA ASP A 424 -45.40 9.17 9.05
C ASP A 424 -46.90 8.87 9.15
N ALA A 425 -47.27 7.63 9.47
CA ALA A 425 -48.68 7.25 9.70
C ALA A 425 -49.08 7.61 11.14
N VAL A 426 -49.19 8.91 11.37
CA VAL A 426 -49.37 9.44 12.72
C VAL A 426 -50.72 9.11 13.35
N ASP A 427 -51.72 8.77 12.53
CA ASP A 427 -53.02 8.31 13.07
C ASP A 427 -52.87 7.13 14.03
N ARG A 428 -51.89 6.27 13.77
CA ARG A 428 -51.63 5.08 14.59
C ARG A 428 -51.31 5.42 16.04
N LEU A 429 -50.84 6.63 16.31
CA LEU A 429 -50.49 7.07 17.68
C LEU A 429 -51.71 7.15 18.60
N ASN A 430 -52.90 7.18 18.01
CA ASN A 430 -54.15 7.08 18.74
C ASN A 430 -54.48 5.67 19.25
N MET A 431 -53.73 4.66 18.84
CA MET A 431 -53.95 3.30 19.36
C MET A 431 -53.61 3.22 20.85
N LYS A 432 -54.59 2.73 21.60
CA LYS A 432 -54.49 2.54 23.03
C LYS A 432 -54.60 1.04 23.29
N HIS A 433 -53.49 0.46 23.75
CA HIS A 433 -53.38 -0.97 24.03
C HIS A 433 -53.57 -1.16 25.52
N HIS A 434 -53.86 -2.39 25.95
CA HIS A 434 -54.06 -2.66 27.36
C HIS A 434 -52.89 -2.14 28.20
N LEU A 435 -51.66 -2.39 27.75
CA LEU A 435 -50.47 -1.99 28.52
C LEU A 435 -49.92 -0.57 28.23
N GLY A 436 -50.51 0.15 27.27
CA GLY A 436 -50.09 1.53 26.99
C GLY A 436 -50.50 2.11 25.65
N MET A 437 -50.10 3.34 25.41
CA MET A 437 -50.35 4.00 24.16
C MET A 437 -49.37 3.51 23.09
N HIS A 438 -49.74 3.72 21.84
CA HIS A 438 -48.99 3.21 20.71
C HIS A 438 -47.54 3.70 20.69
N ASN A 439 -47.28 4.92 21.14
CA ASN A 439 -45.89 5.43 21.10
C ASN A 439 -44.93 4.58 21.95
N GLU A 440 -45.44 4.01 23.06
CA GLU A 440 -44.69 3.07 23.90
C GLU A 440 -44.72 1.62 23.37
N ILE A 441 -45.89 1.21 22.90
CA ILE A 441 -46.16 -0.21 22.65
C ILE A 441 -45.85 -0.65 21.22
N HIS A 442 -45.84 0.27 20.27
CA HIS A 442 -45.55 -0.09 18.86
C HIS A 442 -44.38 -1.07 18.73
N ASN A 443 -43.25 -0.72 19.33
CA ASN A 443 -42.03 -1.53 19.17
C ASN A 443 -42.08 -2.89 19.88
N VAL A 444 -43.04 -3.09 20.79
CA VAL A 444 -43.28 -4.38 21.40
C VAL A 444 -44.63 -5.00 21.01
N TYR A 445 -45.30 -4.43 20.02
CA TYR A 445 -46.55 -4.99 19.54
C TYR A 445 -46.35 -6.42 19.01
N GLY A 446 -45.46 -6.55 18.02
CA GLY A 446 -45.07 -7.85 17.46
C GLY A 446 -44.40 -8.76 18.48
N PHE A 447 -43.58 -8.18 19.33
CA PHE A 447 -42.92 -8.94 20.40
C PHE A 447 -43.95 -9.67 21.28
N THR A 448 -44.90 -8.91 21.81
CA THR A 448 -45.92 -9.47 22.72
C THR A 448 -46.85 -10.44 21.99
N TRP A 449 -47.11 -10.19 20.71
CA TRP A 449 -47.83 -11.15 19.89
C TRP A 449 -47.07 -12.47 19.79
N ASP A 450 -45.79 -12.37 19.43
CA ASP A 450 -44.96 -13.55 19.21
C ASP A 450 -44.81 -14.36 20.50
N LYS A 451 -44.79 -13.65 21.63
CA LYS A 451 -44.72 -14.26 22.95
C LYS A 451 -45.98 -15.08 23.23
N VAL A 452 -47.14 -14.49 22.97
CA VAL A 452 -48.41 -15.24 23.06
C VAL A 452 -48.41 -16.48 22.17
N VAL A 453 -47.95 -16.33 20.93
CA VAL A 453 -47.95 -17.44 19.99
C VAL A 453 -47.15 -18.62 20.55
N THR A 454 -45.95 -18.34 21.06
CA THR A 454 -45.09 -19.37 21.63
C THR A 454 -45.63 -19.93 22.96
N GLU A 455 -46.02 -19.05 23.88
CA GLU A 455 -46.66 -19.47 25.15
C GLU A 455 -47.83 -20.42 24.94
N GLN A 456 -48.70 -20.05 24.00
CA GLN A 456 -49.90 -20.83 23.73
C GLN A 456 -49.56 -22.13 23.03
N PHE A 457 -48.56 -22.13 22.16
CA PHE A 457 -48.04 -23.36 21.57
C PHE A 457 -47.57 -24.33 22.65
N TYR A 458 -46.79 -23.81 23.60
CA TYR A 458 -46.31 -24.62 24.73
C TYR A 458 -47.46 -25.24 25.55
N LYS A 459 -48.44 -24.41 25.86
CA LYS A 459 -49.60 -24.84 26.65
C LYS A 459 -50.38 -25.94 25.93
N HIS A 460 -50.58 -25.79 24.62
CA HIS A 460 -51.37 -26.76 23.84
C HIS A 460 -50.61 -27.95 23.28
N ASN A 461 -49.28 -27.89 23.25
CA ASN A 461 -48.47 -28.93 22.64
C ASN A 461 -47.25 -29.17 23.52
N PRO A 462 -47.46 -29.77 24.71
CA PRO A 462 -46.36 -29.80 25.71
C PRO A 462 -45.07 -30.52 25.32
N ASN A 463 -43.96 -29.97 25.81
CA ASN A 463 -42.61 -30.48 25.61
C ASN A 463 -42.24 -30.64 24.13
N LYS A 464 -42.69 -29.68 23.32
CA LYS A 464 -42.31 -29.64 21.90
C LYS A 464 -41.72 -28.27 21.59
N ARG A 465 -40.66 -28.27 20.80
CA ARG A 465 -40.08 -27.03 20.26
C ARG A 465 -41.05 -26.41 19.28
N ILE A 466 -41.30 -25.11 19.44
CA ILE A 466 -42.05 -24.38 18.40
C ILE A 466 -41.14 -24.10 17.19
N PHE A 467 -41.72 -24.01 15.99
CA PHE A 467 -41.11 -23.27 14.89
C PHE A 467 -41.93 -21.98 14.72
N GLN A 468 -41.34 -20.82 15.02
CA GLN A 468 -41.94 -19.52 14.74
C GLN A 468 -40.84 -18.69 14.10
N MET A 469 -41.13 -18.10 12.94
CA MET A 469 -40.22 -17.18 12.27
C MET A 469 -40.98 -15.87 12.07
N THR A 470 -40.43 -14.75 12.55
CA THR A 470 -41.19 -13.51 12.67
C THR A 470 -40.57 -12.36 11.86
N ARG A 471 -41.40 -11.39 11.49
CA ARG A 471 -40.95 -10.18 10.81
C ARG A 471 -40.67 -9.05 11.78
N ALA A 472 -41.61 -8.77 12.66
CA ALA A 472 -41.50 -7.68 13.62
C ALA A 472 -41.14 -8.21 14.99
N ALA A 473 -40.21 -7.53 15.66
CA ALA A 473 -39.76 -7.97 16.97
C ALA A 473 -39.10 -6.87 17.80
N TYR A 474 -38.80 -7.22 19.05
CA TYR A 474 -38.05 -6.40 19.99
C TYR A 474 -36.96 -7.27 20.64
N ALA A 475 -35.99 -6.62 21.27
CA ALA A 475 -34.98 -7.28 22.12
C ALA A 475 -35.62 -8.33 23.04
N GLY A 476 -34.98 -9.50 23.16
CA GLY A 476 -35.56 -10.61 23.90
C GLY A 476 -36.31 -11.63 23.07
N LEU A 477 -36.49 -11.33 21.77
CA LEU A 477 -37.25 -12.21 20.86
C LEU A 477 -36.72 -13.65 20.81
N GLN A 478 -35.43 -13.85 21.08
CA GLN A 478 -34.81 -15.15 21.00
C GLN A 478 -35.46 -16.19 21.90
N ARG A 479 -36.17 -15.74 22.93
CA ARG A 479 -36.87 -16.66 23.81
C ARG A 479 -38.09 -17.31 23.14
N TYR A 480 -38.63 -16.66 22.11
CA TYR A 480 -39.93 -17.04 21.53
C TYR A 480 -39.91 -17.33 20.03
N THR A 481 -38.95 -16.79 19.30
CA THR A 481 -39.08 -16.77 17.84
C THR A 481 -37.74 -16.56 17.12
N PHE A 482 -37.72 -17.08 15.90
CA PHE A 482 -36.64 -16.90 14.93
C PHE A 482 -37.06 -15.72 14.03
N GLY A 483 -36.24 -15.39 13.03
CA GLY A 483 -36.49 -14.18 12.23
C GLY A 483 -36.17 -14.33 10.75
N TRP A 484 -36.93 -13.62 9.91
CA TRP A 484 -36.47 -13.35 8.54
C TRP A 484 -36.52 -11.86 8.25
N SER A 485 -35.70 -11.42 7.30
CA SER A 485 -35.51 -10.00 7.04
C SER A 485 -36.58 -9.33 6.13
N GLY A 486 -37.76 -9.93 6.01
CA GLY A 486 -38.88 -9.29 5.30
C GLY A 486 -38.73 -9.14 3.79
N ASP A 487 -39.30 -8.04 3.27
CA ASP A 487 -39.48 -7.87 1.82
C ASP A 487 -38.29 -7.19 1.15
N SER A 488 -37.24 -7.98 0.91
CA SER A 488 -35.99 -7.52 0.32
C SER A 488 -36.06 -7.61 -1.20
N GLY A 489 -35.07 -6.97 -1.84
CA GLY A 489 -34.90 -7.02 -3.28
C GLY A 489 -35.50 -5.82 -3.98
N ASN A 490 -35.33 -5.79 -5.31
CA ASN A 490 -35.69 -4.64 -6.14
C ASN A 490 -37.08 -4.82 -6.76
N GLY A 491 -38.02 -3.97 -6.33
CA GLY A 491 -39.38 -4.01 -6.87
C GLY A 491 -39.54 -3.43 -8.26
N SER A 492 -38.67 -2.50 -8.65
CA SER A 492 -38.74 -1.89 -9.98
C SER A 492 -38.22 -2.80 -11.07
N ASN A 493 -37.12 -3.50 -10.79
CA ASN A 493 -36.50 -4.44 -11.73
C ASN A 493 -35.77 -5.50 -10.91
N VAL A 494 -36.35 -6.70 -10.84
CA VAL A 494 -35.77 -7.81 -10.04
C VAL A 494 -34.30 -8.05 -10.36
N LEU A 495 -33.95 -7.88 -11.63
CA LEU A 495 -32.57 -8.11 -12.10
C LEU A 495 -31.57 -7.14 -11.53
N ASP A 496 -32.02 -5.99 -11.03
CA ASP A 496 -31.14 -4.98 -10.48
C ASP A 496 -31.02 -5.06 -8.95
N GLY A 497 -31.15 -6.27 -8.40
CA GLY A 497 -31.14 -6.47 -6.95
C GLY A 497 -29.81 -6.85 -6.35
N TRP A 498 -28.72 -6.77 -7.12
CA TRP A 498 -27.42 -7.25 -6.66
C TRP A 498 -26.94 -6.59 -5.37
N LYS A 499 -26.98 -5.26 -5.27
CA LYS A 499 -26.51 -4.58 -4.07
C LYS A 499 -27.40 -4.86 -2.84
N GLN A 500 -28.69 -4.97 -3.08
CA GLN A 500 -29.65 -5.30 -2.03
C GLN A 500 -29.43 -6.73 -1.50
N MET A 501 -29.20 -7.68 -2.40
CA MET A 501 -28.82 -9.04 -2.01
C MET A 501 -27.53 -8.98 -1.19
N ALA A 502 -26.54 -8.23 -1.68
CA ALA A 502 -25.24 -8.17 -1.01
C ALA A 502 -25.39 -7.66 0.42
N ASN A 503 -26.26 -6.68 0.61
CA ASN A 503 -26.45 -6.14 1.94
C ASN A 503 -27.19 -7.09 2.93
N GLN A 504 -27.83 -8.13 2.44
CA GLN A 504 -28.37 -9.17 3.34
C GLN A 504 -27.27 -9.87 4.18
N ILE A 505 -26.01 -9.80 3.74
CA ILE A 505 -24.89 -10.36 4.53
C ILE A 505 -24.77 -9.59 5.85
N PRO A 506 -24.43 -8.27 5.82
CA PRO A 506 -24.39 -7.57 7.12
C PRO A 506 -25.73 -7.46 7.85
N VAL A 507 -26.86 -7.45 7.14
CA VAL A 507 -28.18 -7.50 7.80
C VAL A 507 -28.27 -8.77 8.67
N GLY A 508 -27.97 -9.91 8.07
CA GLY A 508 -27.99 -11.19 8.78
C GLY A 508 -26.99 -11.28 9.91
N LEU A 509 -25.77 -10.80 9.66
CA LEU A 509 -24.73 -10.84 10.68
C LEU A 509 -25.11 -9.95 11.85
N SER A 510 -25.75 -8.82 11.56
CA SER A 510 -26.16 -7.88 12.61
C SER A 510 -27.37 -8.45 13.38
N ALA A 511 -28.28 -9.07 12.65
CA ALA A 511 -29.39 -9.84 13.25
C ALA A 511 -28.83 -10.85 14.25
N GLY A 512 -27.83 -11.60 13.83
CA GLY A 512 -27.13 -12.54 14.71
C GLY A 512 -26.59 -11.91 15.96
N MET A 513 -25.90 -10.77 15.82
CA MET A 513 -25.39 -10.03 16.98
C MET A 513 -26.48 -9.44 17.88
N GLY A 514 -27.71 -9.29 17.34
CA GLY A 514 -28.88 -8.90 18.11
C GLY A 514 -29.73 -10.07 18.63
N LEU A 515 -29.15 -11.27 18.64
CA LEU A 515 -29.79 -12.49 19.13
C LEU A 515 -30.95 -12.99 18.26
N ILE A 516 -30.70 -12.97 16.95
CA ILE A 516 -31.44 -13.76 15.98
C ILE A 516 -30.46 -14.77 15.36
N PRO A 517 -30.06 -15.80 16.13
CA PRO A 517 -29.20 -16.85 15.55
C PRO A 517 -29.86 -17.69 14.45
N PHE A 518 -31.17 -17.89 14.54
CA PHE A 518 -31.90 -18.65 13.56
C PHE A 518 -32.59 -17.65 12.66
N TRP A 519 -31.91 -17.38 11.55
CA TRP A 519 -32.24 -16.28 10.65
C TRP A 519 -32.21 -16.75 9.21
N THR A 520 -33.02 -16.10 8.38
CA THR A 520 -32.84 -16.17 6.94
C THR A 520 -33.37 -14.90 6.25
N CYS A 521 -33.18 -14.85 4.93
CA CYS A 521 -33.73 -13.79 4.10
C CYS A 521 -34.47 -14.51 2.99
N ASP A 522 -35.30 -13.79 2.25
CA ASP A 522 -35.98 -14.39 1.10
C ASP A 522 -34.94 -14.66 0.02
N ILE A 523 -34.63 -15.92 -0.22
CA ILE A 523 -33.73 -16.27 -1.32
C ILE A 523 -34.45 -15.96 -2.64
N SER A 524 -33.78 -15.19 -3.49
CA SER A 524 -34.33 -14.51 -4.70
C SER A 524 -34.89 -13.11 -4.41
N GLY A 525 -34.90 -12.72 -3.13
CA GLY A 525 -35.62 -11.55 -2.65
C GLY A 525 -37.12 -11.73 -2.71
N TYR A 526 -37.84 -10.82 -2.08
CA TYR A 526 -39.29 -10.84 -2.14
C TYR A 526 -39.77 -10.13 -3.41
N CYS A 527 -39.13 -9.01 -3.72
CA CYS A 527 -39.66 -8.06 -4.66
C CYS A 527 -39.22 -8.33 -6.10
N GLY A 528 -40.02 -7.81 -7.04
CA GLY A 528 -39.67 -7.82 -8.44
C GLY A 528 -40.26 -8.94 -9.25
N ASP A 529 -41.07 -8.60 -10.25
CA ASP A 529 -41.59 -9.63 -11.15
C ASP A 529 -40.47 -10.26 -11.96
N ILE A 530 -40.48 -11.60 -12.02
CA ILE A 530 -39.52 -12.34 -12.78
C ILE A 530 -40.12 -12.55 -14.18
N LYS A 531 -39.82 -11.61 -15.06
CA LYS A 531 -40.33 -11.64 -16.45
C LYS A 531 -39.48 -12.50 -17.36
N ASP A 532 -38.25 -12.78 -16.93
CA ASP A 532 -37.27 -13.51 -17.73
C ASP A 532 -36.42 -14.41 -16.81
N TYR A 533 -36.77 -15.69 -16.77
CA TYR A 533 -36.09 -16.65 -15.89
C TYR A 533 -34.63 -16.88 -16.29
N ASP A 534 -34.32 -16.89 -17.59
CA ASP A 534 -32.93 -16.97 -18.03
C ASP A 534 -32.09 -15.81 -17.51
N ALA A 535 -32.65 -14.60 -17.57
CA ALA A 535 -31.92 -13.40 -17.15
C ALA A 535 -31.72 -13.35 -15.62
N MET A 536 -32.66 -13.93 -14.88
CA MET A 536 -32.64 -13.94 -13.41
C MET A 536 -31.78 -15.09 -12.85
N ALA A 537 -31.43 -16.07 -13.67
CA ALA A 537 -30.72 -17.27 -13.22
C ALA A 537 -29.46 -16.96 -12.39
N GLU A 538 -28.61 -16.07 -12.89
CA GLU A 538 -27.35 -15.78 -12.21
C GLU A 538 -27.59 -15.21 -10.81
N LEU A 539 -28.46 -14.21 -10.72
CA LEU A 539 -28.77 -13.58 -9.43
C LEU A 539 -29.45 -14.58 -8.47
N TYR A 540 -30.33 -15.43 -8.99
CA TYR A 540 -30.93 -16.50 -8.18
C TYR A 540 -29.88 -17.45 -7.62
N VAL A 541 -29.00 -17.93 -8.48
CA VAL A 541 -27.94 -18.85 -8.05
C VAL A 541 -27.08 -18.24 -6.94
N ARG A 542 -26.62 -17.00 -7.14
CA ARG A 542 -25.77 -16.36 -6.14
C ARG A 542 -26.54 -16.14 -4.83
N TRP A 543 -27.83 -15.80 -4.94
CA TRP A 543 -28.67 -15.58 -3.75
C TRP A 543 -28.83 -16.87 -2.95
N LEU A 544 -29.00 -17.98 -3.65
CA LEU A 544 -29.17 -19.28 -3.02
C LEU A 544 -27.83 -19.79 -2.46
N GLN A 545 -26.73 -19.51 -3.15
CA GLN A 545 -25.40 -19.86 -2.64
C GLN A 545 -25.10 -19.23 -1.27
N PHE A 546 -25.45 -17.95 -1.15
CA PHE A 546 -25.43 -17.26 0.13
C PHE A 546 -26.48 -17.83 1.10
N GLY A 547 -27.70 -17.95 0.61
CA GLY A 547 -28.84 -18.38 1.41
C GLY A 547 -28.72 -19.73 2.08
N VAL A 548 -28.07 -20.70 1.45
CA VAL A 548 -27.87 -22.01 2.10
C VAL A 548 -26.90 -21.97 3.30
N PHE A 549 -26.20 -20.85 3.50
CA PHE A 549 -25.42 -20.64 4.71
C PHE A 549 -26.14 -19.77 5.75
N THR A 550 -27.44 -19.53 5.53
CA THR A 550 -28.29 -18.96 6.57
C THR A 550 -29.01 -20.15 7.26
N PRO A 551 -29.15 -20.10 8.60
CA PRO A 551 -29.72 -21.28 9.25
C PRO A 551 -31.10 -21.71 8.78
N LEU A 552 -31.97 -20.75 8.46
CA LEU A 552 -33.35 -21.07 8.05
C LEU A 552 -33.63 -20.91 6.55
N SER A 553 -32.56 -20.99 5.75
CA SER A 553 -32.60 -20.89 4.28
CA SER A 553 -32.60 -20.93 4.27
C SER A 553 -33.99 -21.13 3.65
N ARG A 554 -34.62 -20.03 3.20
CA ARG A 554 -35.93 -20.12 2.60
C ARG A 554 -35.99 -19.32 1.31
N ALA A 555 -36.31 -20.00 0.21
CA ALA A 555 -36.68 -19.33 -1.05
C ALA A 555 -38.14 -18.89 -0.99
N HIS A 556 -38.37 -17.68 -1.48
CA HIS A 556 -39.66 -17.01 -1.40
C HIS A 556 -39.67 -15.88 -2.41
N HIS A 557 -40.86 -15.50 -2.89
CA HIS A 557 -41.00 -14.32 -3.74
C HIS A 557 -42.46 -13.89 -3.75
N GLU A 558 -42.69 -12.63 -4.09
CA GLU A 558 -44.04 -12.10 -4.19
C GLU A 558 -44.94 -12.86 -5.16
N GLY A 559 -46.20 -13.01 -4.76
CA GLY A 559 -47.28 -13.49 -5.63
C GLY A 559 -47.03 -14.82 -6.31
N GLY A 560 -47.26 -14.85 -7.62
CA GLY A 560 -47.04 -16.04 -8.43
C GLY A 560 -45.68 -16.13 -9.08
N ASN A 561 -44.71 -15.35 -8.60
CA ASN A 561 -43.34 -15.44 -9.09
C ASN A 561 -42.66 -16.67 -8.52
N ALA A 562 -42.81 -17.80 -9.22
CA ALA A 562 -42.23 -19.08 -8.79
C ALA A 562 -40.71 -19.00 -8.70
N VAL A 563 -40.14 -19.47 -7.59
CA VAL A 563 -38.70 -19.41 -7.35
C VAL A 563 -38.15 -20.71 -6.74
N GLU A 564 -38.76 -21.84 -7.12
CA GLU A 564 -38.19 -23.14 -6.76
C GLU A 564 -36.86 -23.31 -7.51
N PRO A 565 -35.94 -24.15 -6.99
CA PRO A 565 -34.59 -24.14 -7.55
C PRO A 565 -34.44 -24.74 -8.96
N TRP A 566 -35.53 -25.29 -9.51
CA TRP A 566 -35.57 -25.80 -10.90
C TRP A 566 -36.17 -24.82 -11.93
N LYS A 567 -36.60 -23.64 -11.49
CA LYS A 567 -37.29 -22.68 -12.38
C LYS A 567 -36.38 -21.88 -13.32
N PHE A 568 -35.06 -21.99 -13.17
CA PHE A 568 -34.09 -21.12 -13.86
C PHE A 568 -33.19 -21.85 -14.85
N GLY A 569 -33.57 -23.07 -15.21
CA GLY A 569 -32.85 -23.89 -16.17
C GLY A 569 -31.98 -24.92 -15.48
N THR A 570 -31.51 -25.87 -16.28
CA THR A 570 -30.80 -27.04 -15.80
C THR A 570 -29.47 -26.71 -15.10
N GLU A 571 -28.68 -25.79 -15.66
CA GLU A 571 -27.40 -25.40 -15.05
C GLU A 571 -27.62 -24.85 -13.63
N ALA A 572 -28.53 -23.89 -13.50
CA ALA A 572 -28.87 -23.31 -12.20
C ALA A 572 -29.46 -24.32 -11.24
N GLU A 573 -30.26 -25.25 -11.77
CA GLU A 573 -30.82 -26.33 -10.96
C GLU A 573 -29.71 -27.23 -10.39
N ASN A 574 -28.76 -27.60 -11.24
CA ASN A 574 -27.65 -28.46 -10.81
C ASN A 574 -26.75 -27.78 -9.78
N ILE A 575 -26.46 -26.50 -9.98
CA ILE A 575 -25.67 -25.72 -9.02
C ILE A 575 -26.44 -25.59 -7.69
N SER A 576 -27.73 -25.29 -7.79
CA SER A 576 -28.57 -25.10 -6.62
C SER A 576 -28.73 -26.39 -5.83
N ARG A 577 -28.91 -27.53 -6.50
CA ARG A 577 -28.91 -28.82 -5.81
C ARG A 577 -27.61 -29.06 -5.04
N LYS A 578 -26.47 -28.75 -5.66
CA LYS A 578 -25.18 -28.89 -4.98
C LYS A 578 -25.05 -27.95 -3.77
N SER A 579 -25.56 -26.74 -3.89
CA SER A 579 -25.53 -25.78 -2.77
C SER A 579 -26.33 -26.28 -1.57
N ILE A 580 -27.54 -26.75 -1.86
CA ILE A 580 -28.44 -27.32 -0.84
C ILE A 580 -27.82 -28.59 -0.25
N GLU A 581 -27.33 -29.47 -1.12
CA GLU A 581 -26.67 -30.70 -0.66
C GLU A 581 -25.51 -30.44 0.35
N LEU A 582 -24.73 -29.39 0.11
CA LEU A 582 -23.64 -29.03 1.01
C LEU A 582 -24.18 -28.68 2.40
N LYS A 583 -25.25 -27.88 2.45
CA LYS A 583 -25.90 -27.55 3.73
C LYS A 583 -26.38 -28.79 4.48
N TYR A 584 -27.02 -29.71 3.75
CA TYR A 584 -27.48 -30.96 4.37
C TYR A 584 -26.30 -31.81 4.88
N LYS A 585 -25.24 -31.90 4.09
CA LYS A 585 -24.05 -32.65 4.52
C LYS A 585 -23.48 -32.05 5.81
N LEU A 586 -23.53 -30.72 5.91
CA LEU A 586 -23.05 -30.01 7.09
C LEU A 586 -23.99 -30.01 8.29
N PHE A 587 -25.15 -30.66 8.20
CA PHE A 587 -26.12 -30.62 9.29
C PHE A 587 -25.53 -30.88 10.69
N PRO A 588 -24.75 -31.95 10.87
CA PRO A 588 -24.24 -32.18 12.24
C PRO A 588 -23.33 -31.06 12.77
N TYR A 589 -22.59 -30.44 11.87
CA TYR A 589 -21.78 -29.25 12.19
C TYR A 589 -22.66 -28.07 12.55
N LEU A 590 -23.63 -27.75 11.67
CA LEU A 590 -24.53 -26.63 11.91
C LEU A 590 -25.38 -26.83 13.15
N TYR A 591 -25.86 -28.06 13.37
CA TYR A 591 -26.65 -28.34 14.56
C TYR A 591 -25.85 -28.18 15.86
N THR A 592 -24.57 -28.52 15.81
CA THR A 592 -23.70 -28.28 16.98
C THR A 592 -23.63 -26.78 17.25
N TYR A 593 -23.50 -25.98 16.21
CA TYR A 593 -23.52 -24.50 16.40
C TYR A 593 -24.90 -23.94 16.76
N ALA A 594 -25.97 -24.61 16.35
CA ALA A 594 -27.32 -24.26 16.83
C ALA A 594 -27.40 -24.37 18.37
N ARG A 595 -26.83 -25.44 18.89
CA ARG A 595 -26.76 -25.61 20.34
C ARG A 595 -25.86 -24.56 21.01
N GLU A 596 -24.72 -24.26 20.38
CA GLU A 596 -23.84 -23.20 20.90
C GLU A 596 -24.59 -21.86 20.96
N ALA A 597 -25.50 -21.60 20.02
CA ALA A 597 -26.29 -20.37 20.09
C ALA A 597 -27.14 -20.35 21.37
N HIS A 598 -27.79 -21.47 21.69
CA HIS A 598 -28.56 -21.60 22.92
C HIS A 598 -27.72 -21.35 24.17
N ASP A 599 -26.52 -21.94 24.21
CA ASP A 599 -25.64 -21.88 25.38
C ASP A 599 -24.90 -20.55 25.58
N THR A 600 -24.48 -19.93 24.48
CA THR A 600 -23.62 -18.75 24.51
C THR A 600 -24.22 -17.48 23.95
N GLY A 601 -25.30 -17.61 23.17
CA GLY A 601 -25.87 -16.48 22.44
C GLY A 601 -25.21 -16.17 21.12
N LEU A 602 -24.12 -16.85 20.78
CA LEU A 602 -23.37 -16.57 19.53
C LEU A 602 -24.18 -17.04 18.33
N PRO A 603 -24.31 -16.18 17.30
CA PRO A 603 -25.03 -16.65 16.11
C PRO A 603 -24.24 -17.71 15.35
N ILE A 604 -24.93 -18.47 14.50
CA ILE A 604 -24.26 -19.42 13.62
C ILE A 604 -23.47 -18.65 12.57
N MET A 605 -24.11 -17.64 11.98
CA MET A 605 -23.46 -16.72 11.03
C MET A 605 -22.75 -15.67 11.84
N ARG A 606 -21.41 -15.71 11.83
CA ARG A 606 -20.59 -14.82 12.66
C ARG A 606 -19.75 -13.84 11.84
N ALA A 607 -19.97 -12.55 12.08
CA ALA A 607 -19.05 -11.53 11.62
C ALA A 607 -17.64 -11.94 12.11
N LEU A 608 -16.63 -11.81 11.25
CA LEU A 608 -15.27 -12.18 11.66
C LEU A 608 -14.81 -11.49 12.93
N LEU A 609 -15.27 -10.27 13.17
CA LEU A 609 -14.92 -9.53 14.39
C LEU A 609 -15.22 -10.30 15.70
N LEU A 610 -16.28 -11.12 15.68
CA LEU A 610 -16.64 -11.91 16.86
C LEU A 610 -15.57 -12.95 17.25
N GLU A 611 -14.87 -13.51 16.25
CA GLU A 611 -13.82 -14.50 16.48
C GLU A 611 -12.42 -13.92 16.46
N TYR A 612 -12.24 -12.77 15.80
CA TYR A 612 -10.92 -12.15 15.63
C TYR A 612 -10.99 -10.68 16.03
N PRO A 613 -11.36 -10.42 17.32
CA PRO A 613 -11.59 -9.04 17.75
C PRO A 613 -10.35 -8.15 17.72
N ASN A 614 -9.16 -8.74 17.76
CA ASN A 614 -7.91 -7.99 17.71
C ASN A 614 -7.55 -7.54 16.29
N ASP A 615 -8.24 -8.06 15.28
CA ASP A 615 -7.95 -7.75 13.89
C ASP A 615 -8.94 -6.70 13.35
N LYS A 616 -8.48 -5.44 13.30
CA LYS A 616 -9.34 -4.32 12.92
C LYS A 616 -9.81 -4.38 11.46
N GLU A 617 -9.11 -5.14 10.63
CA GLU A 617 -9.57 -5.34 9.26
C GLU A 617 -10.96 -5.98 9.21
N THR A 618 -11.28 -6.80 10.21
CA THR A 618 -12.59 -7.46 10.27
C THR A 618 -13.76 -6.49 10.36
N PHE A 619 -13.53 -5.29 10.90
CA PHE A 619 -14.59 -4.29 11.04
C PHE A 619 -15.20 -3.86 9.69
N LYS A 620 -14.43 -3.98 8.62
CA LYS A 620 -14.83 -3.60 7.28
C LYS A 620 -15.46 -4.72 6.43
N LEU A 621 -15.56 -5.94 6.95
CA LEU A 621 -15.90 -7.09 6.12
C LEU A 621 -17.41 -7.30 6.05
N ASN A 622 -18.00 -6.82 4.96
CA ASN A 622 -19.43 -6.95 4.71
C ASN A 622 -19.77 -7.98 3.63
N GLY A 623 -18.75 -8.63 3.07
CA GLY A 623 -18.91 -9.56 1.95
C GLY A 623 -18.54 -11.01 2.30
N GLN A 624 -18.34 -11.31 3.58
CA GLN A 624 -17.95 -12.66 4.02
C GLN A 624 -18.26 -12.84 5.51
N PHE A 625 -18.29 -14.09 5.94
CA PHE A 625 -18.57 -14.39 7.34
C PHE A 625 -18.10 -15.78 7.69
N LEU A 626 -18.03 -16.02 8.99
CA LEU A 626 -17.80 -17.38 9.47
C LEU A 626 -19.13 -18.08 9.70
N VAL A 627 -19.13 -19.40 9.53
CA VAL A 627 -20.23 -20.26 9.91
C VAL A 627 -19.67 -21.17 10.98
N GLY A 628 -20.10 -20.94 12.22
CA GLY A 628 -19.36 -21.41 13.38
C GLY A 628 -17.96 -20.81 13.36
N LYS A 629 -16.97 -21.54 13.87
CA LYS A 629 -15.58 -21.09 13.91
C LYS A 629 -14.73 -21.64 12.77
N GLU A 630 -15.05 -22.85 12.29
CA GLU A 630 -14.18 -23.58 11.39
C GLU A 630 -14.30 -23.19 9.92
N LEU A 631 -15.45 -22.64 9.51
CA LEU A 631 -15.71 -22.37 8.10
C LEU A 631 -15.86 -20.87 7.82
N LEU A 632 -15.14 -20.40 6.79
CA LEU A 632 -15.22 -19.04 6.32
C LEU A 632 -15.92 -19.11 4.96
N VAL A 633 -17.03 -18.38 4.84
CA VAL A 633 -17.86 -18.36 3.64
C VAL A 633 -17.79 -16.96 3.06
N ALA A 634 -17.49 -16.88 1.76
CA ALA A 634 -17.31 -15.62 1.06
C ALA A 634 -18.11 -15.64 -0.25
N PRO A 635 -19.44 -15.45 -0.16
CA PRO A 635 -20.28 -15.58 -1.35
C PRO A 635 -20.04 -14.49 -2.37
N VAL A 636 -20.06 -14.86 -3.66
CA VAL A 636 -19.99 -13.88 -4.73
C VAL A 636 -21.33 -13.14 -4.78
N VAL A 637 -21.26 -11.81 -4.66
CA VAL A 637 -22.47 -10.97 -4.65
C VAL A 637 -22.39 -9.79 -5.62
N GLU A 638 -21.61 -9.96 -6.69
CA GLU A 638 -21.51 -8.96 -7.75
C GLU A 638 -21.83 -9.63 -9.09
N GLN A 639 -22.63 -8.95 -9.89
CA GLN A 639 -23.07 -9.45 -11.18
C GLN A 639 -21.89 -9.65 -12.14
N GLY A 640 -21.89 -10.78 -12.82
CA GLY A 640 -20.85 -11.14 -13.78
C GLY A 640 -19.53 -11.59 -13.18
N ALA A 641 -19.40 -11.56 -11.85
CA ALA A 641 -18.12 -11.84 -11.21
C ALA A 641 -17.83 -13.34 -11.26
N VAL A 642 -16.58 -13.66 -11.59
CA VAL A 642 -16.08 -15.04 -11.62
C VAL A 642 -14.88 -15.21 -10.71
N THR A 643 -14.64 -14.22 -9.84
CA THR A 643 -13.62 -14.26 -8.81
C THR A 643 -14.21 -13.61 -7.56
N LYS A 644 -13.50 -13.78 -6.45
CA LYS A 644 -13.91 -13.20 -5.17
C LYS A 644 -12.69 -12.82 -4.36
N ASP A 645 -12.73 -11.61 -3.81
CA ASP A 645 -11.70 -11.14 -2.90
C ASP A 645 -12.11 -11.57 -1.49
N VAL A 646 -11.19 -12.25 -0.80
CA VAL A 646 -11.46 -12.84 0.50
C VAL A 646 -10.39 -12.37 1.46
N TYR A 647 -10.78 -11.90 2.62
CA TYR A 647 -9.81 -11.64 3.69
C TYR A 647 -9.71 -12.87 4.60
N LEU A 648 -8.48 -13.36 4.76
CA LEU A 648 -8.22 -14.48 5.66
C LEU A 648 -7.64 -13.90 6.92
N PRO A 649 -8.25 -14.21 8.07
CA PRO A 649 -7.70 -13.76 9.34
C PRO A 649 -6.57 -14.71 9.79
N GLU A 650 -6.13 -14.56 11.04
CA GLU A 650 -5.11 -15.44 11.65
C GLU A 650 -5.35 -16.92 11.37
N GLY A 651 -4.25 -17.64 11.14
CA GLY A 651 -4.26 -19.08 10.91
C GLY A 651 -3.87 -19.39 9.48
N GLU A 652 -4.00 -20.66 9.12
CA GLU A 652 -3.89 -21.10 7.74
C GLU A 652 -5.25 -21.61 7.32
N TRP A 653 -5.55 -21.44 6.05
CA TRP A 653 -6.91 -21.61 5.53
C TRP A 653 -6.87 -22.45 4.26
N ILE A 654 -7.73 -23.46 4.23
CA ILE A 654 -7.75 -24.45 3.18
C ILE A 654 -9.05 -24.31 2.40
N ASP A 655 -8.94 -24.36 1.08
CA ASP A 655 -10.12 -24.39 0.21
C ASP A 655 -10.97 -25.62 0.53
N PHE A 656 -12.17 -25.40 1.05
CA PHE A 656 -13.06 -26.49 1.46
C PHE A 656 -13.67 -27.23 0.25
N ASN A 657 -13.68 -26.61 -0.93
CA ASN A 657 -14.23 -27.23 -2.14
C ASN A 657 -13.30 -28.33 -2.68
N ASN A 658 -11.98 -28.07 -2.70
CA ASN A 658 -11.00 -29.09 -3.14
C ASN A 658 -10.12 -29.73 -2.04
N CYS A 659 -10.02 -29.06 -0.88
CA CYS A 659 -9.23 -29.50 0.30
C CYS A 659 -7.73 -29.65 0.08
N LYS A 660 -7.20 -29.08 -0.99
CA LYS A 660 -5.78 -29.17 -1.30
C LYS A 660 -5.10 -27.81 -1.18
N THR A 661 -5.71 -26.77 -1.77
CA THR A 661 -5.09 -25.45 -1.79
C THR A 661 -5.12 -24.82 -0.39
N LYS A 662 -3.94 -24.43 0.10
CA LYS A 662 -3.75 -23.86 1.44
C LYS A 662 -3.25 -22.43 1.30
N TYR A 663 -3.76 -21.53 2.14
CA TYR A 663 -3.32 -20.13 2.17
C TYR A 663 -2.89 -19.75 3.57
N LYS A 664 -1.91 -18.85 3.65
CA LYS A 664 -1.51 -18.23 4.89
C LYS A 664 -2.54 -17.19 5.28
N GLY A 665 -2.65 -16.94 6.58
CA GLY A 665 -3.61 -15.99 7.11
C GLY A 665 -3.12 -14.56 7.13
N GLU A 666 -4.03 -13.69 7.57
CA GLU A 666 -3.83 -12.25 7.67
C GLU A 666 -3.42 -11.64 6.33
N GLN A 667 -4.24 -11.88 5.31
CA GLN A 667 -4.01 -11.32 3.99
C GLN A 667 -5.28 -11.33 3.18
N TRP A 668 -5.38 -10.40 2.24
CA TRP A 668 -6.39 -10.44 1.21
C TRP A 668 -5.91 -11.35 0.08
N ILE A 669 -6.79 -12.24 -0.38
CA ILE A 669 -6.54 -13.04 -1.58
C ILE A 669 -7.66 -12.85 -2.58
N THR A 670 -7.40 -13.23 -3.82
CA THR A 670 -8.43 -13.33 -4.84
C THR A 670 -8.45 -14.77 -5.31
N VAL A 671 -9.64 -15.37 -5.31
CA VAL A 671 -9.80 -16.77 -5.72
C VAL A 671 -10.76 -16.85 -6.90
N ASP A 672 -10.64 -17.91 -7.69
CA ASP A 672 -11.58 -18.19 -8.75
C ASP A 672 -12.90 -18.60 -8.13
N ALA A 673 -13.98 -18.08 -8.71
CA ALA A 673 -15.31 -18.26 -8.16
C ALA A 673 -16.33 -18.12 -9.28
N PRO A 674 -16.33 -19.06 -10.23
CA PRO A 674 -17.35 -19.03 -11.30
C PRO A 674 -18.73 -19.35 -10.74
N LEU A 675 -19.76 -19.31 -11.59
CA LEU A 675 -21.16 -19.38 -11.11
C LEU A 675 -21.46 -20.64 -10.31
N ASN A 676 -20.80 -21.75 -10.66
CA ASN A 676 -21.01 -23.01 -9.95
C ASN A 676 -20.24 -23.13 -8.63
N THR A 677 -19.59 -22.06 -8.17
CA THR A 677 -18.71 -22.13 -7.01
C THR A 677 -19.10 -21.14 -5.92
N ILE A 678 -19.10 -21.61 -4.67
CA ILE A 678 -19.17 -20.73 -3.49
C ILE A 678 -17.82 -20.81 -2.80
N PRO A 679 -17.09 -19.69 -2.67
CA PRO A 679 -15.83 -19.73 -1.92
C PRO A 679 -16.06 -20.08 -0.45
N VAL A 680 -15.56 -21.23 -0.02
CA VAL A 680 -15.66 -21.69 1.36
C VAL A 680 -14.26 -22.16 1.78
N PHE A 681 -13.84 -21.77 2.97
CA PHE A 681 -12.53 -22.13 3.49
C PHE A 681 -12.70 -22.76 4.85
N VAL A 682 -11.83 -23.73 5.15
CA VAL A 682 -11.78 -24.39 6.44
C VAL A 682 -10.45 -24.03 7.09
N LYS A 683 -10.50 -23.71 8.38
CA LYS A 683 -9.28 -23.33 9.09
C LYS A 683 -8.48 -24.59 9.38
N LYS A 684 -7.16 -24.52 9.14
CA LYS A 684 -6.25 -25.61 9.52
C LYS A 684 -6.38 -25.88 11.02
N GLY A 685 -6.51 -27.16 11.35
CA GLY A 685 -6.81 -27.61 12.69
C GLY A 685 -8.24 -28.10 12.86
N SER A 686 -9.13 -27.72 11.94
CA SER A 686 -10.55 -28.00 12.11
C SER A 686 -10.91 -29.47 12.02
N ILE A 687 -11.98 -29.83 12.73
CA ILE A 687 -12.64 -31.11 12.59
C ILE A 687 -14.09 -30.83 12.27
N ILE A 688 -14.58 -31.34 11.14
CA ILE A 688 -15.92 -31.04 10.63
C ILE A 688 -16.77 -32.30 10.54
N PRO A 689 -17.80 -32.43 11.42
CA PRO A 689 -18.72 -33.56 11.28
C PRO A 689 -19.66 -33.37 10.09
N GLN A 690 -19.86 -34.43 9.31
CA GLN A 690 -20.79 -34.40 8.19
C GLN A 690 -21.63 -35.67 8.12
N MET A 691 -22.80 -35.55 7.52
CA MET A 691 -23.68 -36.69 7.29
C MET A 691 -23.80 -36.91 5.78
N PRO A 692 -24.34 -38.09 5.36
CA PRO A 692 -24.56 -38.30 3.93
C PRO A 692 -25.65 -37.40 3.39
N VAL A 693 -25.63 -37.13 2.09
CA VAL A 693 -26.75 -36.42 1.46
C VAL A 693 -28.04 -37.19 1.73
N MET A 694 -29.07 -36.46 2.15
CA MET A 694 -30.44 -36.96 2.28
C MET A 694 -31.38 -35.92 1.70
N GLN A 695 -32.61 -36.33 1.43
CA GLN A 695 -33.64 -35.41 0.92
C GLN A 695 -34.33 -34.59 1.99
N TYR A 696 -34.27 -35.06 3.23
CA TYR A 696 -34.75 -34.31 4.36
C TYR A 696 -34.01 -34.76 5.61
N ILE A 697 -34.05 -33.94 6.65
CA ILE A 697 -33.36 -34.24 7.91
C ILE A 697 -34.07 -35.47 8.49
N ASP A 698 -33.30 -36.49 8.83
CA ASP A 698 -33.80 -37.79 9.30
C ASP A 698 -34.56 -38.64 8.26
N GLU A 699 -34.29 -38.46 6.98
CA GLU A 699 -34.70 -39.44 5.96
C GLU A 699 -34.12 -40.80 6.31
N LYS A 700 -32.81 -40.83 6.60
CA LYS A 700 -32.20 -41.96 7.31
C LYS A 700 -32.16 -41.56 8.78
N LYS A 701 -32.87 -42.31 9.64
CA LYS A 701 -32.90 -42.02 11.08
C LYS A 701 -31.57 -42.35 11.78
N VAL A 702 -30.80 -43.25 11.16
CA VAL A 702 -29.45 -43.57 11.62
C VAL A 702 -28.53 -43.46 10.41
N TYR A 703 -27.34 -42.91 10.61
CA TYR A 703 -26.41 -42.76 9.50
C TYR A 703 -24.97 -42.67 9.96
N PRO A 704 -24.02 -43.07 9.10
CA PRO A 704 -22.63 -42.94 9.45
C PRO A 704 -22.24 -41.46 9.50
N VAL A 705 -21.38 -41.11 10.45
CA VAL A 705 -20.90 -39.73 10.58
C VAL A 705 -19.44 -39.69 10.15
N THR A 706 -19.14 -38.77 9.25
CA THR A 706 -17.78 -38.55 8.77
C THR A 706 -17.23 -37.33 9.50
N PHE A 707 -15.95 -37.40 9.89
CA PHE A 707 -15.26 -36.27 10.50
C PHE A 707 -14.08 -35.90 9.63
N ASP A 708 -14.19 -34.79 8.89
CA ASP A 708 -13.08 -34.30 8.08
C ASP A 708 -12.10 -33.55 8.97
N ILE A 709 -10.89 -34.10 9.07
CA ILE A 709 -9.85 -33.62 9.97
C ILE A 709 -8.72 -33.01 9.15
N PHE A 710 -8.42 -31.76 9.44
CA PHE A 710 -7.34 -31.02 8.83
C PHE A 710 -6.34 -30.73 9.94
N PRO A 711 -5.32 -31.59 10.10
CA PRO A 711 -4.46 -31.45 11.29
C PRO A 711 -3.78 -30.08 11.47
N GLY A 712 -3.76 -29.59 12.70
CA GLY A 712 -3.09 -28.34 13.04
C GLY A 712 -1.58 -28.47 13.00
N ASN A 713 -0.90 -27.37 13.32
CA ASN A 713 0.56 -27.36 13.38
C ASN A 713 1.09 -28.37 14.40
N LEU A 714 2.37 -28.71 14.25
CA LEU A 714 3.07 -29.64 15.13
C LEU A 714 2.78 -29.36 16.61
N ASN A 715 2.31 -30.38 17.34
CA ASN A 715 2.01 -30.33 18.78
C ASN A 715 0.79 -29.51 19.20
N LYS A 716 0.00 -28.99 18.26
CA LYS A 716 -1.20 -28.22 18.61
C LYS A 716 -2.41 -29.15 18.66
N GLU A 717 -3.05 -29.21 19.83
CA GLU A 717 -4.24 -30.01 20.01
C GLU A 717 -5.44 -29.20 19.52
N THR A 718 -6.24 -29.77 18.63
CA THR A 718 -7.51 -29.16 18.20
C THR A 718 -8.61 -30.17 18.39
N SER A 719 -9.86 -29.72 18.37
CA SER A 719 -10.99 -30.61 18.62
C SER A 719 -12.30 -30.08 18.07
N PHE A 720 -13.29 -30.96 18.04
CA PHE A 720 -14.68 -30.57 17.80
C PHE A 720 -15.56 -31.43 18.70
N THR A 721 -16.51 -30.79 19.37
CA THR A 721 -17.43 -31.52 20.24
C THR A 721 -18.79 -31.66 19.55
N PHE A 722 -19.02 -32.85 19.00
CA PHE A 722 -20.23 -33.21 18.24
C PHE A 722 -21.43 -33.38 19.20
N TYR A 723 -22.39 -32.45 19.09
CA TYR A 723 -23.58 -32.40 19.93
C TYR A 723 -24.75 -33.10 19.27
N GLU A 724 -25.46 -33.92 20.05
CA GLU A 724 -26.69 -34.55 19.60
C GLU A 724 -27.77 -34.52 20.65
N ASP A 725 -29.02 -34.46 20.20
CA ASP A 725 -30.18 -34.53 21.09
C ASP A 725 -31.39 -34.98 20.25
N ASP A 726 -32.56 -35.01 20.86
CA ASP A 726 -33.71 -35.63 20.18
C ASP A 726 -34.29 -34.77 19.06
N GLY A 727 -33.89 -33.50 19.03
CA GLY A 727 -34.19 -32.63 17.90
C GLY A 727 -35.60 -32.09 17.83
N GLU A 728 -36.46 -32.49 18.76
CA GLU A 728 -37.91 -32.18 18.70
C GLU A 728 -38.50 -31.64 20.00
N SER A 729 -38.03 -32.16 21.15
CA SER A 729 -38.61 -31.82 22.45
C SER A 729 -37.91 -30.61 23.09
N ARG A 730 -38.45 -30.15 24.21
CA ARG A 730 -37.77 -29.14 25.02
C ARG A 730 -36.77 -29.71 26.03
N ASP A 731 -36.49 -31.01 25.97
CA ASP A 731 -35.52 -31.64 26.89
C ASP A 731 -34.14 -30.99 26.86
N TYR A 732 -33.70 -30.54 25.68
CA TYR A 732 -32.41 -29.83 25.55
C TYR A 732 -32.31 -28.59 26.45
N GLU A 733 -33.43 -27.93 26.75
CA GLU A 733 -33.43 -26.78 27.67
C GLU A 733 -33.03 -27.15 29.11
N ARG A 734 -33.28 -28.40 29.48
CA ARG A 734 -32.87 -28.99 30.76
C ARG A 734 -31.55 -29.79 30.63
N ASP A 735 -30.79 -29.52 29.56
CA ASP A 735 -29.48 -30.12 29.29
C ASP A 735 -29.51 -31.64 29.19
N VAL A 736 -30.51 -32.13 28.44
CA VAL A 736 -30.62 -33.54 28.07
C VAL A 736 -30.10 -33.67 26.65
N PHE A 737 -28.98 -34.36 26.50
CA PHE A 737 -28.25 -34.46 25.24
C PHE A 737 -27.13 -35.49 25.35
N CYS A 738 -26.40 -35.69 24.26
CA CYS A 738 -25.07 -36.31 24.37
C CYS A 738 -24.06 -35.52 23.58
N LYS A 739 -22.78 -35.74 23.91
CA LYS A 739 -21.68 -35.11 23.20
C LYS A 739 -20.56 -36.10 22.96
N THR A 740 -19.95 -36.02 21.78
CA THR A 740 -18.77 -36.80 21.47
C THR A 740 -17.68 -35.86 21.01
N LYS A 741 -16.58 -35.79 21.77
CA LYS A 741 -15.45 -34.92 21.46
C LYS A 741 -14.44 -35.67 20.62
N ILE A 742 -14.12 -35.14 19.44
CA ILE A 742 -13.05 -35.66 18.59
C ILE A 742 -11.85 -34.72 18.72
N THR A 743 -10.66 -35.27 18.97
CA THR A 743 -9.46 -34.46 19.14
C THR A 743 -8.39 -34.88 18.14
N SER A 744 -7.59 -33.92 17.70
CA SER A 744 -6.48 -34.13 16.77
C SER A 744 -5.20 -33.44 17.27
N LYS A 745 -4.09 -34.19 17.30
CA LYS A 745 -2.79 -33.63 17.68
C LYS A 745 -1.74 -34.29 16.81
N ALA A 746 -1.05 -33.47 16.01
CA ALA A 746 0.03 -33.93 15.14
C ALA A 746 1.35 -33.81 15.89
N SER A 747 2.21 -34.82 15.73
CA SER A 747 3.59 -34.83 16.22
C SER A 747 4.52 -35.03 15.02
N ASN A 748 5.82 -35.13 15.28
CA ASN A 748 6.80 -35.46 14.24
C ASN A 748 6.47 -36.83 13.66
N GLU A 749 6.11 -36.85 12.37
CA GLU A 749 5.65 -38.04 11.63
C GLU A 749 4.69 -38.97 12.41
N GLU A 750 3.71 -38.36 13.07
CA GLU A 750 2.64 -39.09 13.77
C GLU A 750 1.42 -38.19 14.00
N ILE A 751 0.22 -38.71 13.74
CA ILE A 751 -1.03 -37.97 14.03
C ILE A 751 -1.87 -38.81 15.00
N LYS A 752 -2.24 -38.22 16.13
CA LYS A 752 -3.13 -38.88 17.09
C LYS A 752 -4.54 -38.29 17.02
N ILE A 753 -5.51 -39.13 16.64
CA ILE A 753 -6.94 -38.77 16.67
C ILE A 753 -7.62 -39.51 17.79
N THR A 754 -8.25 -38.76 18.70
CA THR A 754 -8.98 -39.33 19.82
C THR A 754 -10.47 -39.16 19.64
N VAL A 755 -11.19 -40.28 19.63
CA VAL A 755 -12.63 -40.29 19.73
C VAL A 755 -12.93 -40.41 21.21
N GLY A 756 -13.39 -39.30 21.80
CA GLY A 756 -13.67 -39.23 23.23
C GLY A 756 -14.82 -40.11 23.63
N GLU A 757 -14.76 -40.65 24.85
CA GLU A 757 -15.87 -41.38 25.43
C GLU A 757 -17.11 -40.51 25.35
N ARG A 758 -18.22 -41.07 24.89
CA ARG A 758 -19.46 -40.30 24.76
C ARG A 758 -19.88 -39.75 26.11
N GLU A 759 -20.14 -38.45 26.14
CA GLU A 759 -20.75 -37.80 27.29
C GLU A 759 -22.28 -37.99 27.24
N TYR A 760 -22.80 -38.86 28.12
CA TYR A 760 -24.23 -39.12 28.22
C TYR A 760 -24.87 -38.19 29.25
N LYS A 761 -25.78 -37.34 28.80
CA LYS A 761 -26.60 -36.53 29.69
C LYS A 761 -28.07 -36.77 29.43
N GLY A 762 -28.48 -38.04 29.38
CA GLY A 762 -29.90 -38.40 29.35
C GLY A 762 -30.43 -38.67 27.95
N TYR A 763 -29.58 -38.59 26.94
CA TYR A 763 -29.96 -38.89 25.55
C TYR A 763 -28.87 -39.72 24.92
N SER A 764 -29.26 -40.79 24.21
CA SER A 764 -28.30 -41.52 23.42
C SER A 764 -28.63 -41.43 21.94
N PRO A 765 -27.57 -41.41 21.12
CA PRO A 765 -27.75 -41.12 19.73
C PRO A 765 -28.35 -42.27 18.97
N ALA A 766 -28.72 -41.97 17.73
CA ALA A 766 -29.14 -42.99 16.77
C ALA A 766 -28.01 -43.99 16.62
N GLY A 767 -28.36 -45.27 16.64
CA GLY A 767 -27.37 -46.32 16.44
C GLY A 767 -28.06 -47.65 16.18
N PRO A 768 -27.31 -48.70 15.88
CA PRO A 768 -25.85 -48.64 15.75
C PRO A 768 -25.39 -47.92 14.48
N ARG A 769 -24.19 -47.36 14.52
CA ARG A 769 -23.60 -46.66 13.37
C ARG A 769 -22.09 -46.68 13.40
N ASN A 770 -21.49 -46.39 12.25
CA ASN A 770 -20.05 -46.23 12.12
C ASN A 770 -19.64 -44.75 12.02
N PHE A 771 -18.41 -44.47 12.45
CA PHE A 771 -17.73 -43.22 12.21
C PHE A 771 -16.67 -43.46 11.15
N ILE A 772 -16.44 -42.45 10.32
CA ILE A 772 -15.33 -42.45 9.40
C ILE A 772 -14.51 -41.21 9.66
N LEU A 773 -13.31 -41.40 10.19
CA LEU A 773 -12.37 -40.32 10.41
C LEU A 773 -11.66 -40.12 9.07
N LYS A 774 -11.78 -38.91 8.50
CA LYS A 774 -11.15 -38.59 7.23
C LYS A 774 -10.07 -37.56 7.46
N ILE A 775 -8.81 -38.04 7.54
CA ILE A 775 -7.66 -37.20 7.85
C ILE A 775 -7.01 -36.76 6.56
N HIS A 776 -6.95 -35.44 6.36
CA HIS A 776 -6.33 -34.87 5.18
C HIS A 776 -4.83 -34.82 5.40
N ALA A 777 -4.09 -35.45 4.48
CA ALA A 777 -2.64 -35.58 4.60
C ALA A 777 -2.03 -35.78 3.22
N SER A 778 -0.79 -35.36 3.05
CA SER A 778 -0.14 -35.34 1.74
C SER A 778 0.33 -36.72 1.24
N ASN A 779 0.72 -37.60 2.16
CA ASN A 779 1.22 -38.94 1.81
C ASN A 779 0.48 -40.04 2.54
N LYS A 780 0.38 -41.21 1.89
CA LYS A 780 -0.12 -42.41 2.56
C LYS A 780 0.78 -42.73 3.76
N PRO A 781 0.18 -42.99 4.93
CA PRO A 781 1.00 -43.33 6.10
C PRO A 781 1.51 -44.76 6.03
N LYS A 782 2.50 -45.09 6.86
CA LYS A 782 3.03 -46.45 6.92
C LYS A 782 2.04 -47.41 7.60
N ASP A 783 1.49 -46.99 8.74
CA ASP A 783 0.51 -47.78 9.48
C ASP A 783 -0.51 -46.90 10.20
N VAL A 784 -1.62 -47.52 10.59
CA VAL A 784 -2.59 -46.91 11.48
C VAL A 784 -2.89 -47.91 12.59
N PHE A 785 -2.95 -47.40 13.82
CA PHE A 785 -3.22 -48.19 15.01
C PHE A 785 -4.49 -47.68 15.70
N ALA A 786 -5.24 -48.60 16.29
CA ALA A 786 -6.34 -48.29 17.19
C ALA A 786 -5.94 -48.88 18.52
N GLY A 787 -5.61 -48.00 19.48
CA GLY A 787 -4.95 -48.43 20.71
C GLY A 787 -3.61 -49.01 20.35
N GLY A 788 -3.31 -50.19 20.89
CA GLY A 788 -2.07 -50.91 20.59
C GLY A 788 -2.11 -51.78 19.33
N GLU A 789 -3.31 -52.09 18.85
CA GLU A 789 -3.49 -53.01 17.73
C GLU A 789 -3.30 -52.32 16.40
N LYS A 790 -2.48 -52.90 15.53
CA LYS A 790 -2.33 -52.41 14.16
C LYS A 790 -3.58 -52.73 13.36
N LEU A 791 -3.98 -51.79 12.50
CA LEU A 791 -5.19 -51.93 11.68
C LEU A 791 -4.85 -52.39 10.27
N LYS A 792 -5.77 -53.13 9.67
CA LYS A 792 -5.61 -53.61 8.30
C LYS A 792 -5.89 -52.46 7.32
N ASN A 793 -4.93 -52.23 6.42
CA ASN A 793 -5.13 -51.33 5.29
C ASN A 793 -6.01 -52.06 4.26
N VAL A 794 -7.06 -51.39 3.79
CA VAL A 794 -7.98 -51.95 2.81
C VAL A 794 -8.24 -50.94 1.70
N LYS A 795 -8.83 -51.42 0.61
CA LYS A 795 -9.22 -50.54 -0.49
C LYS A 795 -10.46 -49.72 -0.08
N PRO A 796 -10.58 -48.47 -0.56
CA PRO A 796 -11.76 -47.63 -0.36
C PRO A 796 -13.12 -48.34 -0.47
N HIS A 797 -13.29 -49.17 -1.50
CA HIS A 797 -14.53 -49.94 -1.67
C HIS A 797 -14.82 -50.89 -0.50
N VAL A 798 -13.78 -51.51 0.08
CA VAL A 798 -13.95 -52.43 1.21
C VAL A 798 -14.34 -51.65 2.46
N LEU A 799 -13.60 -50.58 2.77
CA LEU A 799 -13.92 -49.70 3.90
C LEU A 799 -15.36 -49.17 3.84
N GLU A 800 -15.83 -48.88 2.62
CA GLU A 800 -17.19 -48.38 2.40
C GLU A 800 -18.30 -49.44 2.41
N LYS A 801 -17.96 -50.71 2.20
CA LYS A 801 -18.97 -51.77 2.07
C LYS A 801 -19.72 -52.00 3.38
N ASN A 802 -21.05 -52.07 3.30
CA ASN A 802 -21.91 -52.28 4.46
C ASN A 802 -21.62 -51.29 5.61
N ILE A 803 -21.36 -50.04 5.25
CA ILE A 803 -21.14 -48.98 6.25
C ILE A 803 -22.38 -48.76 7.15
N GLU A 804 -23.56 -49.08 6.63
CA GLU A 804 -24.83 -48.98 7.38
C GLU A 804 -25.40 -50.32 7.86
N ALA A 805 -24.66 -51.41 7.68
CA ALA A 805 -25.11 -52.75 8.06
C ALA A 805 -24.15 -53.51 9.00
N ASP A 806 -22.84 -53.29 8.86
CA ASP A 806 -21.81 -53.99 9.63
C ASP A 806 -21.06 -52.99 10.53
N PHE A 807 -21.15 -53.23 11.85
CA PHE A 807 -20.53 -52.38 12.86
C PHE A 807 -19.50 -53.12 13.70
N THR A 808 -18.85 -54.11 13.08
CA THR A 808 -17.75 -54.85 13.72
C THR A 808 -16.40 -54.63 13.03
N LYS A 809 -16.37 -53.81 11.97
CA LYS A 809 -15.15 -53.59 11.19
C LYS A 809 -14.39 -52.35 11.67
N ILE A 810 -13.08 -52.51 11.92
CA ILE A 810 -12.17 -51.39 12.12
C ILE A 810 -11.03 -51.54 11.12
N ASN A 811 -10.88 -50.57 10.22
CA ASN A 811 -9.87 -50.63 9.16
C ASN A 811 -9.60 -49.24 8.58
N TRP A 812 -8.66 -49.13 7.65
CA TRP A 812 -8.35 -47.85 7.02
C TRP A 812 -8.02 -47.96 5.55
N SER A 813 -8.26 -46.87 4.84
CA SER A 813 -7.96 -46.77 3.42
C SER A 813 -7.29 -45.45 3.10
N TRP A 814 -6.71 -45.40 1.90
CA TRP A 814 -6.01 -44.23 1.40
C TRP A 814 -6.58 -43.87 0.02
N ASN A 815 -6.86 -42.58 -0.16
CA ASN A 815 -7.31 -42.04 -1.44
C ASN A 815 -6.21 -41.07 -1.89
N GLU A 816 -5.43 -41.49 -2.89
CA GLU A 816 -4.31 -40.70 -3.41
C GLU A 816 -4.80 -39.42 -4.08
N ALA A 817 -5.90 -39.49 -4.82
CA ALA A 817 -6.46 -38.34 -5.54
C ALA A 817 -6.92 -37.23 -4.58
N GLU A 818 -7.67 -37.61 -3.56
CA GLU A 818 -8.20 -36.65 -2.57
C GLU A 818 -7.25 -36.36 -1.41
N ASN A 819 -6.14 -37.11 -1.29
CA ASN A 819 -5.19 -36.96 -0.18
C ASN A 819 -5.90 -37.13 1.18
N VAL A 820 -6.66 -38.22 1.30
CA VAL A 820 -7.42 -38.53 2.51
C VAL A 820 -7.15 -39.94 3.04
N ILE A 821 -6.78 -40.02 4.31
CA ILE A 821 -6.74 -41.26 5.08
C ILE A 821 -8.13 -41.43 5.72
N SER A 822 -8.83 -42.52 5.39
CA SER A 822 -10.12 -42.83 6.00
C SER A 822 -9.95 -43.97 7.00
N VAL A 823 -10.37 -43.75 8.25
CA VAL A 823 -10.36 -44.77 9.29
C VAL A 823 -11.80 -45.04 9.70
N ARG A 824 -12.29 -46.24 9.43
CA ARG A 824 -13.64 -46.68 9.81
C ARG A 824 -13.59 -47.23 11.23
N ILE A 825 -14.51 -46.78 12.09
CA ILE A 825 -14.58 -47.24 13.48
C ILE A 825 -16.03 -47.22 13.99
N PRO A 826 -16.51 -48.33 14.56
CA PRO A 826 -17.87 -48.32 15.12
C PRO A 826 -18.03 -47.26 16.19
N ASP A 827 -19.18 -46.59 16.21
CA ASP A 827 -19.49 -45.60 17.24
C ASP A 827 -19.95 -46.37 18.48
N SER A 828 -18.96 -46.89 19.21
CA SER A 828 -19.23 -47.67 20.42
C SER A 828 -19.62 -46.80 21.62
N GLY A 829 -19.23 -45.53 21.58
CA GLY A 829 -19.36 -44.64 22.73
C GLY A 829 -18.19 -44.70 23.71
N LYS A 830 -17.17 -45.49 23.39
CA LYS A 830 -15.98 -45.68 24.23
C LYS A 830 -14.86 -44.84 23.68
N ASN A 831 -13.92 -44.47 24.55
CA ASN A 831 -12.72 -43.75 24.16
C ASN A 831 -11.91 -44.62 23.21
N ALA A 832 -11.36 -44.00 22.16
CA ALA A 832 -10.42 -44.69 21.29
C ALA A 832 -9.36 -43.71 20.82
N VAL A 833 -8.11 -44.17 20.80
CA VAL A 833 -6.99 -43.38 20.30
C VAL A 833 -6.50 -44.01 19.00
N ILE A 834 -6.59 -43.25 17.91
CA ILE A 834 -6.12 -43.67 16.59
C ILE A 834 -4.79 -42.99 16.36
N THR A 835 -3.75 -43.79 16.13
CA THR A 835 -2.40 -43.28 15.90
C THR A 835 -2.01 -43.57 14.44
N ILE A 836 -1.81 -42.51 13.67
CA ILE A 836 -1.36 -42.62 12.29
C ILE A 836 0.15 -42.42 12.30
N LYS A 837 0.89 -43.38 11.73
CA LYS A 837 2.36 -43.32 11.65
C LYS A 837 2.76 -42.93 10.23
N ASN A 838 3.30 -41.73 10.08
CA ASN A 838 3.56 -41.16 8.74
C ASN A 838 4.76 -41.81 8.05
N GLU B 27 -68.33 25.17 -1.26
CA GLU B 27 -67.74 24.22 -2.25
C GLU B 27 -68.19 22.77 -1.98
N GLN B 28 -68.23 21.99 -3.06
CA GLN B 28 -68.85 20.68 -3.07
C GLN B 28 -67.75 19.61 -3.13
N TYR B 29 -67.82 18.62 -2.24
CA TYR B 29 -66.93 17.45 -2.28
C TYR B 29 -67.72 16.24 -2.70
N LEU B 30 -67.04 15.15 -3.06
CA LEU B 30 -67.75 13.92 -3.43
C LEU B 30 -68.59 13.38 -2.26
N GLY B 31 -68.02 13.40 -1.07
CA GLY B 31 -68.69 12.84 0.11
C GLY B 31 -68.77 11.34 0.04
N ASN B 32 -69.79 10.76 0.68
CA ASN B 32 -69.84 9.31 0.83
C ASN B 32 -70.24 8.60 -0.44
N CYS B 33 -69.59 7.47 -0.70
CA CYS B 33 -69.90 6.64 -1.84
C CYS B 33 -70.90 5.55 -1.44
N THR B 34 -72.04 5.52 -2.13
CA THR B 34 -73.17 4.65 -1.79
C THR B 34 -73.31 3.43 -2.67
N ALA B 35 -72.64 3.40 -3.82
CA ALA B 35 -72.80 2.32 -4.78
C ALA B 35 -71.75 2.42 -5.87
N TYR B 36 -71.57 1.32 -6.61
CA TYR B 36 -70.76 1.32 -7.81
C TYR B 36 -71.44 0.51 -8.91
N SER B 37 -71.02 0.77 -10.14
CA SER B 37 -71.47 0.04 -11.30
C SER B 37 -70.29 -0.15 -12.23
N VAL B 38 -70.18 -1.35 -12.79
CA VAL B 38 -69.12 -1.69 -13.74
C VAL B 38 -69.68 -1.77 -15.14
N LYS B 39 -68.98 -1.14 -16.08
CA LYS B 39 -69.29 -1.23 -17.51
C LYS B 39 -67.98 -1.55 -18.27
N GLY B 40 -67.73 -2.84 -18.44
CA GLY B 40 -66.50 -3.29 -19.07
C GLY B 40 -65.28 -2.88 -18.24
N ASN B 41 -64.39 -2.10 -18.85
CA ASN B 41 -63.19 -1.61 -18.15
C ASN B 41 -63.42 -0.33 -17.32
N LYS B 42 -64.67 0.10 -17.17
CA LYS B 42 -65.03 1.32 -16.46
C LYS B 42 -65.82 0.98 -15.21
N VAL B 43 -65.50 1.66 -14.12
CA VAL B 43 -66.29 1.56 -12.89
C VAL B 43 -66.67 2.96 -12.43
N VAL B 44 -67.97 3.14 -12.16
CA VAL B 44 -68.51 4.42 -11.74
C VAL B 44 -68.97 4.30 -10.29
N PHE B 45 -68.46 5.20 -9.45
CA PHE B 45 -68.80 5.29 -8.04
C PHE B 45 -69.77 6.44 -7.86
N SER B 46 -70.95 6.15 -7.31
CA SER B 46 -71.93 7.17 -7.04
C SER B 46 -71.71 7.73 -5.64
N CYS B 47 -71.59 9.05 -5.55
CA CYS B 47 -71.30 9.73 -4.28
C CYS B 47 -72.44 10.70 -3.95
N ALA B 48 -72.17 11.78 -3.22
CA ALA B 48 -73.25 12.63 -2.70
C ALA B 48 -73.84 13.54 -3.77
N ASN B 49 -75.14 13.79 -3.68
CA ASN B 49 -75.83 14.83 -4.48
C ASN B 49 -75.55 14.72 -5.98
N ASN B 50 -75.82 13.54 -6.53
CA ASN B 50 -75.63 13.24 -7.96
C ASN B 50 -74.18 13.20 -8.49
N SER B 51 -73.19 13.49 -7.64
CA SER B 51 -71.79 13.44 -8.06
C SER B 51 -71.34 12.00 -8.25
N LYS B 52 -70.39 11.79 -9.17
CA LYS B 52 -69.88 10.47 -9.52
C LYS B 52 -68.42 10.58 -9.89
N ILE B 53 -67.71 9.46 -9.77
CA ILE B 53 -66.32 9.39 -10.22
C ILE B 53 -66.11 8.07 -10.91
N MET B 54 -65.48 8.14 -12.08
CA MET B 54 -65.22 6.97 -12.91
C MET B 54 -63.73 6.64 -12.85
N LEU B 55 -63.42 5.36 -12.67
CA LEU B 55 -62.09 4.81 -12.93
C LEU B 55 -62.17 3.90 -14.14
N GLN B 56 -61.29 4.14 -15.11
CA GLN B 56 -61.24 3.33 -16.31
C GLN B 56 -59.84 2.76 -16.44
N LEU B 57 -59.76 1.44 -16.49
CA LEU B 57 -58.48 0.77 -16.68
C LEU B 57 -58.12 0.70 -18.14
N CYS B 58 -57.18 1.53 -18.56
CA CYS B 58 -56.66 1.49 -19.91
C CYS B 58 -55.66 0.35 -20.09
N SER B 59 -54.91 0.10 -19.04
CA SER B 59 -54.00 -1.03 -18.91
C SER B 59 -53.83 -1.30 -17.42
N GLY B 60 -52.99 -2.27 -17.09
CA GLY B 60 -52.61 -2.49 -15.70
C GLY B 60 -51.86 -1.34 -15.03
N GLU B 61 -51.25 -0.47 -15.84
CA GLU B 61 -50.47 0.66 -15.33
C GLU B 61 -51.15 2.02 -15.48
N VAL B 62 -52.16 2.12 -16.32
CA VAL B 62 -52.75 3.40 -16.71
C VAL B 62 -54.23 3.47 -16.38
N VAL B 63 -54.60 4.41 -15.52
CA VAL B 63 -55.98 4.60 -15.09
C VAL B 63 -56.48 5.98 -15.51
N LYS B 64 -57.56 6.01 -16.28
CA LYS B 64 -58.26 7.26 -16.57
C LYS B 64 -59.25 7.53 -15.45
N ILE B 65 -59.17 8.73 -14.90
CA ILE B 65 -60.00 9.13 -13.76
C ILE B 65 -60.82 10.35 -14.19
N TRP B 66 -62.14 10.29 -13.98
CA TRP B 66 -63.05 11.36 -14.34
C TRP B 66 -63.99 11.61 -13.17
N ALA B 67 -63.78 12.73 -12.49
CA ALA B 67 -64.62 13.13 -11.37
C ALA B 67 -65.65 14.11 -11.90
N SER B 68 -66.92 13.89 -11.55
CA SER B 68 -68.03 14.66 -12.10
C SER B 68 -68.93 15.17 -10.98
N ALA B 69 -69.08 16.49 -10.92
CA ALA B 69 -69.96 17.14 -9.93
C ALA B 69 -71.43 16.77 -10.13
N ASP B 70 -71.87 16.58 -11.38
CA ASP B 70 -73.28 16.33 -11.70
C ASP B 70 -73.60 14.91 -12.17
N GLY B 71 -72.58 14.06 -12.29
CA GLY B 71 -72.75 12.68 -12.72
C GLY B 71 -72.96 12.45 -14.20
N ASN B 72 -72.81 13.48 -15.04
CA ASN B 72 -73.17 13.40 -16.48
C ASN B 72 -72.11 12.89 -17.46
N PHE B 73 -70.84 13.09 -17.13
CA PHE B 73 -69.71 12.61 -17.95
C PHE B 73 -69.76 13.02 -19.43
N VAL B 74 -70.02 14.30 -19.66
CA VAL B 74 -69.88 14.90 -20.99
C VAL B 74 -68.91 16.06 -20.95
N ARG B 75 -68.24 16.25 -22.07
CA ARG B 75 -67.30 17.33 -22.24
C ARG B 75 -67.60 18.02 -23.57
N ASN B 76 -67.37 19.32 -23.63
CA ASN B 76 -67.67 20.11 -24.84
C ASN B 76 -66.85 19.61 -26.02
N ASN B 77 -65.60 19.24 -25.77
CA ASN B 77 -64.75 18.67 -26.80
C ASN B 77 -64.08 17.44 -26.24
N GLU B 78 -64.00 16.41 -27.08
CA GLU B 78 -63.22 15.23 -26.74
C GLU B 78 -61.77 15.67 -26.74
N SER B 79 -60.92 14.83 -26.17
CA SER B 79 -59.51 15.19 -26.01
C SER B 79 -58.85 15.52 -27.35
N PHE B 80 -58.14 16.65 -27.39
CA PHE B 80 -57.27 16.98 -28.53
C PHE B 80 -55.93 16.22 -28.47
N ALA B 81 -55.55 15.76 -27.29
CA ALA B 81 -54.24 15.13 -27.04
C ALA B 81 -54.24 13.61 -27.12
N VAL B 82 -55.26 12.98 -26.54
CA VAL B 82 -55.30 11.54 -26.43
C VAL B 82 -55.81 10.97 -27.74
N ILE B 83 -55.04 10.05 -28.30
CA ILE B 83 -55.42 9.37 -29.56
C ILE B 83 -55.73 7.89 -29.36
N GLU B 84 -55.44 7.35 -28.17
CA GLU B 84 -55.67 5.94 -27.87
C GLU B 84 -55.89 5.79 -26.37
N GLU B 85 -57.01 5.19 -25.97
CA GLU B 85 -57.27 4.84 -24.56
C GLU B 85 -57.10 3.36 -24.24
N ASP B 86 -57.05 2.51 -25.27
CA ASP B 86 -56.91 1.09 -25.09
C ASP B 86 -55.43 0.75 -25.09
N LEU B 87 -54.87 0.63 -23.89
CA LEU B 87 -53.47 0.30 -23.70
C LEU B 87 -53.26 -1.17 -23.33
N GLY B 88 -54.27 -2.00 -23.62
CA GLY B 88 -54.13 -3.45 -23.53
C GLY B 88 -54.90 -4.12 -22.40
N TRP B 89 -55.63 -3.35 -21.60
CA TRP B 89 -56.50 -3.94 -20.56
C TRP B 89 -57.50 -4.95 -21.16
N LYS B 90 -57.51 -6.17 -20.62
CA LYS B 90 -58.42 -7.24 -21.04
C LYS B 90 -59.46 -7.53 -19.97
N GLY B 91 -60.72 -7.66 -20.40
CA GLY B 91 -61.81 -8.08 -19.52
C GLY B 91 -62.44 -6.93 -18.75
N ASN B 92 -63.30 -7.30 -17.81
CA ASN B 92 -64.00 -6.33 -16.96
C ASN B 92 -63.11 -5.91 -15.81
N VAL B 93 -63.41 -4.76 -15.22
CA VAL B 93 -62.81 -4.40 -13.93
C VAL B 93 -63.55 -5.22 -12.90
N THR B 94 -62.78 -5.91 -12.07
CA THR B 94 -63.29 -6.62 -10.92
C THR B 94 -63.19 -5.72 -9.70
N VAL B 95 -64.32 -5.52 -9.01
CA VAL B 95 -64.38 -4.70 -7.79
C VAL B 95 -64.69 -5.62 -6.61
N LYS B 96 -63.81 -5.62 -5.60
CA LYS B 96 -64.04 -6.36 -4.37
C LYS B 96 -64.55 -5.38 -3.34
N GLU B 97 -65.70 -5.69 -2.74
CA GLU B 97 -66.31 -4.83 -1.75
C GLU B 97 -66.00 -5.35 -0.35
N GLU B 98 -65.58 -4.44 0.50
CA GLU B 98 -65.31 -4.70 1.92
C GLU B 98 -66.27 -3.82 2.68
N PRO B 99 -66.31 -3.93 4.02
CA PRO B 99 -67.24 -3.08 4.77
C PRO B 99 -67.04 -1.57 4.62
N SER B 100 -65.79 -1.12 4.60
CA SER B 100 -65.51 0.31 4.56
C SER B 100 -64.77 0.77 3.31
N THR B 101 -64.47 -0.16 2.40
CA THR B 101 -63.71 0.15 1.19
C THR B 101 -64.11 -0.73 0.00
N TYR B 102 -63.73 -0.28 -1.19
CA TYR B 102 -63.69 -1.14 -2.36
C TYR B 102 -62.23 -1.34 -2.76
N GLU B 103 -61.93 -2.47 -3.39
CA GLU B 103 -60.58 -2.77 -3.88
C GLU B 103 -60.59 -3.20 -5.35
N ILE B 104 -59.59 -2.75 -6.11
CA ILE B 104 -59.40 -3.14 -7.52
C ILE B 104 -57.92 -3.46 -7.66
N PHE B 105 -57.61 -4.60 -8.27
CA PHE B 105 -56.24 -5.09 -8.43
C PHE B 105 -55.92 -5.10 -9.92
N THR B 106 -54.71 -4.67 -10.29
CA THR B 106 -54.12 -5.03 -11.57
C THR B 106 -52.79 -5.72 -11.31
N GLU B 107 -52.14 -6.15 -12.38
CA GLU B 107 -50.80 -6.73 -12.28
C GLU B 107 -49.81 -5.79 -11.57
N GLN B 108 -49.93 -4.48 -11.77
CA GLN B 108 -48.99 -3.51 -11.21
C GLN B 108 -49.50 -2.65 -10.07
N LEU B 109 -50.82 -2.61 -9.86
CA LEU B 109 -51.41 -1.65 -8.95
C LEU B 109 -52.39 -2.30 -7.98
N ARG B 110 -52.57 -1.66 -6.82
CA ARG B 110 -53.60 -2.03 -5.86
C ARG B 110 -54.32 -0.75 -5.57
N ILE B 111 -55.62 -0.72 -5.88
CA ILE B 111 -56.43 0.47 -5.71
C ILE B 111 -57.34 0.24 -4.50
N ARG B 112 -57.30 1.18 -3.56
CA ARG B 112 -58.18 1.21 -2.39
C ARG B 112 -59.07 2.43 -2.52
N VAL B 113 -60.39 2.20 -2.48
CA VAL B 113 -61.35 3.29 -2.49
C VAL B 113 -62.02 3.28 -1.13
N ASN B 114 -61.82 4.35 -0.36
CA ASN B 114 -62.55 4.53 0.88
C ASN B 114 -64.00 4.87 0.56
N LYS B 115 -64.95 4.26 1.28
CA LYS B 115 -66.36 4.53 1.04
C LYS B 115 -66.81 5.87 1.60
N ALA B 116 -66.49 6.11 2.87
CA ALA B 116 -67.05 7.24 3.62
C ALA B 116 -65.97 8.06 4.32
N PRO B 117 -65.57 9.22 3.79
CA PRO B 117 -65.96 9.73 2.47
C PRO B 117 -65.14 9.09 1.35
N PHE B 118 -65.57 9.30 0.11
CA PHE B 118 -64.82 8.81 -1.03
C PHE B 118 -63.37 9.29 -0.99
N GLN B 119 -62.45 8.33 -1.07
CA GLN B 119 -61.02 8.60 -1.24
C GLN B 119 -60.41 7.56 -2.14
N LEU B 120 -59.69 8.01 -3.16
CA LEU B 120 -58.98 7.13 -4.07
C LEU B 120 -57.53 7.04 -3.61
N GLN B 121 -57.06 5.80 -3.44
CA GLN B 121 -55.66 5.53 -3.12
C GLN B 121 -55.09 4.49 -4.06
N ILE B 122 -53.94 4.80 -4.66
CA ILE B 122 -53.28 3.84 -5.54
C ILE B 122 -51.94 3.46 -4.93
N PHE B 123 -51.73 2.15 -4.80
CA PHE B 123 -50.51 1.56 -4.26
C PHE B 123 -49.85 0.75 -5.38
N ASP B 124 -48.55 0.49 -5.24
CA ASP B 124 -47.91 -0.49 -6.12
C ASP B 124 -48.25 -1.89 -5.61
N LYS B 125 -47.77 -2.92 -6.29
CA LYS B 125 -48.11 -4.29 -5.89
C LYS B 125 -47.46 -4.74 -4.56
N TYR B 126 -46.50 -3.97 -4.03
CA TYR B 126 -45.86 -4.23 -2.73
C TYR B 126 -46.55 -3.47 -1.59
N GLN B 127 -47.71 -2.87 -1.90
CA GLN B 127 -48.53 -2.16 -0.95
C GLN B 127 -47.89 -0.86 -0.45
N LYS B 128 -47.04 -0.25 -1.27
CA LYS B 128 -46.51 1.08 -1.01
C LYS B 128 -47.43 2.11 -1.67
N LEU B 129 -47.83 3.11 -0.90
CA LEU B 129 -48.73 4.15 -1.38
C LEU B 129 -48.06 5.05 -2.39
N LEU B 130 -48.66 5.19 -3.57
CA LEU B 130 -48.14 6.06 -4.63
C LEU B 130 -48.83 7.42 -4.67
N PHE B 131 -50.14 7.43 -4.47
CA PHE B 131 -51.00 8.50 -4.96
C PHE B 131 -52.32 8.39 -4.18
N SER B 132 -52.62 9.41 -3.37
CA SER B 132 -53.82 9.41 -2.52
C SER B 132 -54.55 10.76 -2.54
N ASP B 133 -55.88 10.72 -2.59
CA ASP B 133 -56.68 11.91 -2.34
C ASP B 133 -56.40 12.43 -0.94
N TYR B 134 -56.39 13.75 -0.79
CA TYR B 134 -56.15 14.41 0.48
C TYR B 134 -57.48 14.52 1.26
N ALA B 135 -57.55 13.81 2.39
CA ALA B 135 -58.73 13.87 3.28
C ALA B 135 -60.03 13.62 2.51
N GLU B 136 -61.04 14.48 2.66
CA GLU B 136 -62.30 14.36 1.93
C GLU B 136 -62.33 15.27 0.69
N LYS B 137 -61.19 15.89 0.37
CA LYS B 137 -61.12 16.93 -0.65
C LYS B 137 -60.41 16.44 -1.92
N GLY B 138 -60.49 15.15 -2.20
CA GLY B 138 -59.93 14.59 -3.42
C GLY B 138 -60.47 15.27 -4.67
N PHE B 139 -61.76 15.55 -4.71
CA PHE B 139 -62.35 16.35 -5.77
C PHE B 139 -63.18 17.48 -5.16
N VAL B 140 -62.95 18.70 -5.62
CA VAL B 140 -63.70 19.88 -5.16
C VAL B 140 -64.31 20.59 -6.36
N ASN B 141 -65.62 20.81 -6.33
CA ASN B 141 -66.28 21.64 -7.34
C ASN B 141 -66.85 22.89 -6.66
N ASP B 142 -66.63 24.03 -7.32
CA ASP B 142 -67.13 25.33 -6.85
C ASP B 142 -67.64 26.11 -8.05
N ASN B 143 -68.92 25.89 -8.37
CA ASN B 143 -69.60 26.58 -9.46
C ASN B 143 -68.87 26.46 -10.80
N GLY B 144 -68.39 25.26 -11.11
CA GLY B 144 -67.65 25.01 -12.34
C GLY B 144 -66.13 24.98 -12.20
N LYS B 145 -65.59 25.66 -11.19
CA LYS B 145 -64.16 25.56 -10.86
C LYS B 145 -63.93 24.19 -10.27
N ILE B 146 -62.97 23.45 -10.82
CA ILE B 146 -62.73 22.05 -10.46
C ILE B 146 -61.29 21.89 -9.95
N ARG B 147 -61.12 21.10 -8.91
CA ARG B 147 -59.80 20.93 -8.28
C ARG B 147 -59.66 19.53 -7.69
N THR B 148 -58.43 19.01 -7.77
CA THR B 148 -58.09 17.75 -7.17
C THR B 148 -56.98 18.01 -6.18
N ASN B 149 -57.13 17.50 -4.95
CA ASN B 149 -56.11 17.63 -3.89
C ASN B 149 -55.56 16.25 -3.55
N LYS B 150 -54.24 16.14 -3.56
CA LYS B 150 -53.56 14.88 -3.30
C LYS B 150 -52.62 15.01 -2.11
N VAL B 151 -52.47 13.93 -1.37
CA VAL B 151 -51.48 13.88 -0.29
C VAL B 151 -50.12 14.16 -0.90
N LEU B 152 -49.33 14.99 -0.21
CA LEU B 152 -47.95 15.28 -0.61
C LEU B 152 -47.02 14.68 0.45
N ARG B 153 -46.13 13.79 0.01
CA ARG B 153 -45.14 13.16 0.89
CA ARG B 153 -45.13 13.18 0.90
C ARG B 153 -43.93 14.11 1.02
N ASN B 154 -43.27 14.12 2.18
CA ASN B 154 -42.13 15.02 2.45
C ASN B 154 -40.98 14.89 1.44
N ASP B 155 -40.77 13.69 0.91
CA ASP B 155 -39.70 13.44 -0.06
C ASP B 155 -40.17 13.39 -1.53
N GLU B 156 -41.41 13.77 -1.81
CA GLU B 156 -41.96 13.69 -3.17
C GLU B 156 -41.51 14.90 -3.99
N GLN B 157 -40.85 14.60 -5.11
CA GLN B 157 -40.40 15.62 -6.06
C GLN B 157 -41.21 15.47 -7.36
N PHE B 158 -41.21 16.55 -8.15
CA PHE B 158 -41.98 16.63 -9.39
C PHE B 158 -41.19 17.22 -10.54
N PHE B 159 -41.44 16.70 -11.74
CA PHE B 159 -40.77 17.15 -12.96
C PHE B 159 -41.78 17.33 -14.07
N GLY B 160 -41.45 18.20 -15.01
CA GLY B 160 -42.20 18.32 -16.24
C GLY B 160 -43.08 19.56 -16.34
N LEU B 161 -44.32 19.36 -16.80
CA LEU B 161 -45.21 20.42 -17.24
C LEU B 161 -44.66 21.15 -18.49
N GLY B 162 -43.85 20.44 -19.28
CA GLY B 162 -43.42 20.91 -20.56
C GLY B 162 -42.42 22.05 -20.50
N GLU B 163 -42.57 22.96 -21.45
CA GLU B 163 -41.58 24.01 -21.71
C GLU B 163 -41.83 25.14 -20.74
N LYS B 164 -41.21 25.01 -19.59
CA LYS B 164 -41.37 25.98 -18.50
C LYS B 164 -40.04 26.27 -17.85
N SER B 165 -39.97 27.43 -17.22
CA SER B 165 -38.74 27.98 -16.69
C SER B 165 -38.48 27.57 -15.23
N GLY B 166 -37.42 28.14 -14.66
CA GLY B 166 -36.97 27.82 -13.31
C GLY B 166 -36.23 26.51 -13.21
N ASN B 167 -36.12 26.00 -11.98
CA ASN B 167 -35.42 24.74 -11.75
C ASN B 167 -36.21 23.53 -12.25
N LEU B 168 -35.47 22.51 -12.67
CA LEU B 168 -36.03 21.23 -13.13
C LEU B 168 -37.07 20.67 -12.17
N ASN B 169 -36.70 20.63 -10.89
CA ASN B 169 -37.59 20.16 -9.85
C ASN B 169 -38.68 21.21 -9.55
N ARG B 170 -39.94 20.83 -9.75
CA ARG B 170 -41.09 21.71 -9.59
C ARG B 170 -41.61 21.76 -8.15
N ARG B 171 -41.12 20.88 -7.28
CA ARG B 171 -41.55 20.80 -5.89
C ARG B 171 -41.41 22.15 -5.23
N GLY B 172 -42.50 22.62 -4.61
CA GLY B 172 -42.54 23.91 -3.91
C GLY B 172 -43.08 25.09 -4.69
N SER B 173 -43.31 24.91 -5.99
CA SER B 173 -43.74 25.99 -6.88
C SER B 173 -45.10 25.72 -7.51
N ALA B 174 -45.69 26.80 -8.02
CA ALA B 174 -46.96 26.76 -8.72
C ALA B 174 -46.75 27.18 -10.16
N TYR B 175 -47.54 26.61 -11.06
CA TYR B 175 -47.41 26.80 -12.50
C TYR B 175 -48.79 26.87 -13.11
N LYS B 176 -48.90 27.61 -14.20
CA LYS B 176 -50.17 27.85 -14.87
C LYS B 176 -50.06 27.54 -16.35
N MET B 177 -51.16 27.06 -16.94
CA MET B 177 -51.27 26.80 -18.38
C MET B 177 -52.12 27.86 -19.05
N TRP B 178 -51.43 28.83 -19.63
CA TRP B 178 -52.07 29.83 -20.48
C TRP B 178 -51.03 30.28 -21.49
N ASN B 179 -51.13 29.80 -22.72
CA ASN B 179 -50.08 30.08 -23.69
C ASN B 179 -49.90 31.58 -23.79
N SER B 180 -48.68 32.03 -23.50
CA SER B 180 -48.40 33.44 -23.32
C SER B 180 -47.21 33.87 -24.17
N ASP B 181 -47.16 35.17 -24.42
CA ASP B 181 -46.21 35.82 -25.27
C ASP B 181 -45.49 36.83 -24.35
N GLN B 182 -44.34 36.40 -23.81
CA GLN B 182 -43.57 37.13 -22.83
C GLN B 182 -42.15 37.30 -23.38
N PRO B 183 -41.92 38.32 -24.23
CA PRO B 183 -40.60 38.49 -24.84
C PRO B 183 -39.51 38.74 -23.81
N CYS B 184 -38.31 38.23 -24.10
CA CYS B 184 -37.15 38.41 -23.24
C CYS B 184 -37.44 37.93 -21.81
N TYR B 185 -38.03 36.74 -21.74
CA TYR B 185 -38.57 36.26 -20.47
C TYR B 185 -37.48 35.89 -19.46
N GLY B 186 -37.81 36.09 -18.19
CA GLY B 186 -36.89 35.87 -17.10
C GLY B 186 -36.71 34.43 -16.75
N VAL B 187 -35.79 34.21 -15.82
CA VAL B 187 -35.40 32.87 -15.37
C VAL B 187 -36.55 32.08 -14.71
N ASN B 188 -37.57 32.76 -14.20
CA ASN B 188 -38.71 32.11 -13.52
C ASN B 188 -40.07 32.48 -14.13
N GLU B 189 -40.08 33.12 -15.30
CA GLU B 189 -41.32 33.58 -15.91
C GLU B 189 -42.24 32.42 -16.24
N ASP B 190 -43.51 32.55 -15.88
CA ASP B 190 -44.53 31.53 -16.14
C ASP B 190 -45.88 32.24 -16.11
N PRO B 191 -46.83 31.89 -16.99
CA PRO B 191 -46.71 30.87 -18.05
C PRO B 191 -45.89 31.37 -19.24
N LEU B 192 -45.42 30.42 -20.03
CA LEU B 192 -44.75 30.73 -21.30
C LEU B 192 -45.63 30.24 -22.45
N TYR B 193 -45.03 29.87 -23.58
CA TYR B 193 -45.70 29.72 -24.87
C TYR B 193 -46.49 28.42 -25.04
N LYS B 194 -46.08 27.36 -24.34
CA LYS B 194 -46.68 26.02 -24.50
C LYS B 194 -47.30 25.49 -23.22
N SER B 195 -48.37 24.71 -23.37
CA SER B 195 -49.10 24.16 -22.24
C SER B 195 -49.21 22.66 -22.38
N ILE B 196 -48.32 21.93 -21.70
CA ILE B 196 -48.29 20.47 -21.78
C ILE B 196 -48.52 19.96 -20.35
N PRO B 197 -49.79 19.71 -19.97
CA PRO B 197 -50.09 19.37 -18.55
C PRO B 197 -49.81 17.91 -18.15
N PHE B 198 -48.54 17.51 -18.32
CA PHE B 198 -48.05 16.18 -18.01
C PHE B 198 -46.89 16.39 -17.08
N PHE B 199 -47.02 15.94 -15.83
CA PHE B 199 -45.91 15.92 -14.88
C PHE B 199 -45.63 14.50 -14.38
N MET B 200 -44.41 14.33 -13.85
CA MET B 200 -44.02 13.07 -13.22
C MET B 200 -43.61 13.32 -11.77
N SER B 201 -43.89 12.34 -10.92
CA SER B 201 -43.55 12.37 -9.50
C SER B 201 -42.39 11.42 -9.29
N SER B 202 -41.55 11.73 -8.30
CA SER B 202 -40.48 10.81 -7.88
C SER B 202 -41.02 9.53 -7.21
N TYR B 203 -42.31 9.50 -6.90
CA TYR B 203 -42.99 8.26 -6.53
C TYR B 203 -43.30 7.36 -7.75
N ARG B 204 -42.76 7.71 -8.91
CA ARG B 204 -42.84 6.91 -10.15
C ARG B 204 -44.27 6.71 -10.68
N TYR B 205 -44.99 7.82 -10.74
CA TYR B 205 -46.18 7.91 -11.60
C TYR B 205 -46.15 9.23 -12.32
N GLY B 206 -46.85 9.27 -13.46
CA GLY B 206 -47.13 10.50 -14.14
C GLY B 206 -48.61 10.82 -14.12
N ILE B 207 -48.92 12.09 -14.33
CA ILE B 207 -50.27 12.58 -14.41
C ILE B 207 -50.38 13.41 -15.68
N PHE B 208 -51.38 13.11 -16.49
CA PHE B 208 -51.73 13.98 -17.59
C PHE B 208 -53.13 14.49 -17.31
N PHE B 209 -53.24 15.80 -17.07
CA PHE B 209 -54.50 16.44 -16.77
C PHE B 209 -55.09 16.89 -18.12
N ASP B 210 -56.10 16.15 -18.58
CA ASP B 210 -56.64 16.19 -19.95
C ASP B 210 -57.69 17.30 -20.03
N ASN B 211 -57.27 18.53 -19.73
CA ASN B 211 -58.15 19.73 -19.69
C ASN B 211 -57.37 20.88 -20.34
N THR B 212 -58.04 21.63 -21.22
CA THR B 212 -57.43 22.68 -22.04
C THR B 212 -57.63 24.08 -21.51
N TYR B 213 -58.34 24.24 -20.39
CA TYR B 213 -58.57 25.56 -19.81
C TYR B 213 -57.30 26.06 -19.09
N LYS B 214 -57.40 27.20 -18.40
CA LYS B 214 -56.27 27.76 -17.65
C LYS B 214 -55.99 26.97 -16.39
N THR B 215 -55.34 25.82 -16.57
CA THR B 215 -55.09 24.92 -15.45
C THR B 215 -53.96 25.44 -14.58
N GLU B 216 -54.00 25.08 -13.30
CA GLU B 216 -52.95 25.46 -12.37
C GLU B 216 -52.52 24.27 -11.55
N PHE B 217 -51.21 24.16 -11.36
CA PHE B 217 -50.57 23.06 -10.65
C PHE B 217 -49.78 23.67 -9.48
N LYS B 218 -50.04 23.18 -8.28
CA LYS B 218 -49.46 23.73 -7.05
C LYS B 218 -48.81 22.59 -6.29
N PHE B 219 -47.50 22.46 -6.45
CA PHE B 219 -46.75 21.31 -5.95
C PHE B 219 -46.22 21.55 -4.54
N GLY B 220 -47.14 21.65 -3.58
CA GLY B 220 -46.79 21.99 -2.23
C GLY B 220 -46.45 23.46 -2.04
N SER B 221 -46.92 24.31 -2.95
CA SER B 221 -46.71 25.75 -2.85
C SER B 221 -47.69 26.39 -1.86
N GLU B 222 -48.80 25.72 -1.54
CA GLU B 222 -49.81 26.23 -0.61
C GLU B 222 -49.65 25.62 0.77
N SER B 223 -49.28 24.35 0.80
CA SER B 223 -49.14 23.58 2.03
C SER B 223 -48.18 22.43 1.77
N ASN B 224 -47.47 22.02 2.82
CA ASN B 224 -46.69 20.78 2.78
C ASN B 224 -47.49 19.48 2.85
N ASP B 225 -48.78 19.57 3.16
CA ASP B 225 -49.63 18.40 3.37
C ASP B 225 -50.26 17.90 2.07
N TYR B 226 -50.40 18.77 1.07
CA TYR B 226 -51.10 18.39 -0.16
C TYR B 226 -50.57 19.14 -1.36
N TYR B 227 -50.76 18.54 -2.54
CA TYR B 227 -50.56 19.24 -3.80
C TYR B 227 -51.87 19.20 -4.56
N SER B 228 -51.99 20.10 -5.53
CA SER B 228 -53.21 20.18 -6.30
C SER B 228 -53.02 20.47 -7.78
N PHE B 229 -54.01 20.08 -8.55
CA PHE B 229 -54.18 20.61 -9.91
C PHE B 229 -55.65 20.93 -10.13
N GLU B 230 -55.90 22.00 -10.86
CA GLU B 230 -57.25 22.58 -10.96
C GLU B 230 -57.48 23.27 -12.28
N ALA B 231 -58.76 23.48 -12.61
CA ALA B 231 -59.16 24.26 -13.78
C ALA B 231 -60.35 25.17 -13.43
N PRO B 232 -60.49 26.30 -14.16
CA PRO B 232 -61.63 27.21 -13.92
C PRO B 232 -62.96 26.71 -14.50
N ALA B 233 -62.90 25.71 -15.38
CA ALA B 233 -64.10 25.16 -16.02
C ALA B 233 -63.71 23.83 -16.67
N GLY B 234 -64.66 23.22 -17.39
CA GLY B 234 -64.42 21.94 -18.04
C GLY B 234 -64.49 20.77 -17.08
N GLN B 235 -63.95 19.64 -17.51
CA GLN B 235 -64.09 18.38 -16.79
C GLN B 235 -62.78 17.95 -16.13
N MET B 236 -62.90 17.38 -14.94
CA MET B 236 -61.76 16.84 -14.19
C MET B 236 -61.49 15.44 -14.72
N VAL B 237 -60.71 15.39 -15.79
CA VAL B 237 -60.31 14.15 -16.44
C VAL B 237 -58.79 14.13 -16.41
N TYR B 238 -58.22 13.10 -15.83
CA TYR B 238 -56.78 12.96 -15.78
C TYR B 238 -56.38 11.50 -15.86
N TYR B 239 -55.16 11.27 -16.34
CA TYR B 239 -54.63 9.92 -16.48
C TYR B 239 -53.53 9.72 -15.49
N PHE B 240 -53.65 8.68 -14.68
CA PHE B 240 -52.61 8.22 -13.79
C PHE B 240 -51.80 7.19 -14.56
N MET B 241 -50.49 7.42 -14.69
CA MET B 241 -49.62 6.52 -15.42
C MET B 241 -48.50 6.02 -14.51
N PHE B 242 -48.64 4.78 -14.04
CA PHE B 242 -47.58 4.14 -13.26
C PHE B 242 -46.40 3.78 -14.15
N GLY B 243 -45.20 3.83 -13.57
CA GLY B 243 -44.05 3.19 -14.20
C GLY B 243 -43.10 2.65 -13.14
N ASN B 244 -42.40 1.57 -13.47
CA ASN B 244 -41.27 1.11 -12.64
C ASN B 244 -40.06 2.04 -12.72
N ASP B 245 -40.02 2.85 -13.77
CA ASP B 245 -39.08 3.96 -13.86
C ASP B 245 -39.71 5.11 -14.68
N TYR B 246 -38.97 6.18 -14.94
CA TYR B 246 -39.50 7.32 -15.71
C TYR B 246 -39.71 6.95 -17.17
N LYS B 247 -38.86 6.07 -17.68
CA LYS B 247 -38.98 5.58 -19.07
C LYS B 247 -40.32 4.91 -19.31
N GLU B 248 -40.77 4.09 -18.36
CA GLU B 248 -42.06 3.44 -18.51
C GLU B 248 -43.21 4.44 -18.48
N ILE B 249 -43.11 5.50 -17.67
CA ILE B 249 -44.16 6.51 -17.60
C ILE B 249 -44.28 7.21 -18.96
N ILE B 250 -43.14 7.61 -19.52
CA ILE B 250 -43.08 8.24 -20.84
C ILE B 250 -43.59 7.33 -21.95
N GLN B 251 -43.24 6.04 -21.90
CA GLN B 251 -43.78 5.06 -22.86
C GLN B 251 -45.31 4.99 -22.77
N ASN B 252 -45.85 4.99 -21.55
CA ASN B 252 -47.30 5.03 -21.36
C ASN B 252 -47.93 6.34 -21.91
N TYR B 253 -47.26 7.46 -21.69
CA TYR B 253 -47.73 8.76 -22.16
C TYR B 253 -47.83 8.83 -23.70
N ILE B 254 -46.83 8.30 -24.41
CA ILE B 254 -46.91 8.26 -25.86
C ILE B 254 -47.85 7.17 -26.40
N ALA B 255 -48.15 6.14 -25.61
CA ALA B 255 -49.25 5.24 -26.00
C ALA B 255 -50.58 6.00 -26.04
N LEU B 256 -50.79 6.89 -25.07
CA LEU B 256 -51.97 7.75 -25.00
C LEU B 256 -51.97 8.87 -26.04
N THR B 257 -50.85 9.56 -26.23
CA THR B 257 -50.81 10.81 -26.98
C THR B 257 -50.00 10.79 -28.28
N GLY B 258 -49.39 9.65 -28.59
CA GLY B 258 -48.77 9.44 -29.89
C GLY B 258 -47.25 9.47 -29.91
N LYS B 259 -46.68 8.69 -30.82
CA LYS B 259 -45.24 8.64 -31.06
C LYS B 259 -44.79 9.97 -31.68
N PRO B 260 -43.64 10.52 -31.24
CA PRO B 260 -43.12 11.68 -31.96
C PRO B 260 -42.74 11.34 -33.40
N ILE B 261 -43.16 12.18 -34.33
CA ILE B 261 -42.62 12.16 -35.70
C ILE B 261 -41.16 12.58 -35.67
N MET B 262 -40.37 11.96 -36.56
CA MET B 262 -38.95 12.30 -36.72
C MET B 262 -38.82 13.41 -37.75
N PRO B 263 -37.84 14.31 -37.54
CA PRO B 263 -37.57 15.27 -38.59
C PRO B 263 -36.86 14.63 -39.78
N PRO B 264 -36.82 15.33 -40.92
CA PRO B 264 -35.86 14.93 -41.94
C PRO B 264 -34.45 14.94 -41.35
N LYS B 265 -33.62 14.00 -41.77
CA LYS B 265 -32.28 13.83 -41.17
C LYS B 265 -31.42 15.10 -41.10
N TRP B 266 -31.57 15.93 -42.13
CA TRP B 266 -30.81 17.18 -42.25
C TRP B 266 -31.19 18.23 -41.21
N ALA B 267 -32.32 18.03 -40.52
CA ALA B 267 -32.69 18.90 -39.39
C ALA B 267 -31.75 18.83 -38.19
N LEU B 268 -30.97 17.74 -38.09
CA LEU B 268 -30.02 17.57 -36.99
C LEU B 268 -28.66 18.26 -37.24
N GLY B 269 -28.51 18.96 -38.35
CA GLY B 269 -27.38 19.83 -38.58
C GLY B 269 -27.53 21.17 -37.87
N PHE B 270 -26.84 22.19 -38.41
CA PHE B 270 -26.89 23.53 -37.86
C PHE B 270 -27.81 24.39 -38.73
N SER B 271 -28.57 25.27 -38.08
CA SER B 271 -29.55 26.15 -38.72
C SER B 271 -29.27 27.59 -38.37
N GLN B 272 -29.61 28.48 -39.30
CA GLN B 272 -29.34 29.91 -39.16
C GLN B 272 -30.57 30.74 -39.52
N CYS B 273 -30.82 31.75 -38.70
CA CYS B 273 -31.94 32.65 -38.91
C CYS B 273 -31.54 34.07 -38.48
N ARG B 274 -32.44 35.00 -38.78
CA ARG B 274 -32.42 36.35 -38.21
C ARG B 274 -33.80 36.95 -38.46
N GLY B 275 -34.16 37.95 -37.65
CA GLY B 275 -35.40 38.70 -37.89
C GLY B 275 -35.56 39.22 -39.30
N ASP B 276 -34.45 39.62 -39.92
CA ASP B 276 -34.49 40.21 -41.26
C ASP B 276 -34.15 39.24 -42.38
N TYR B 277 -34.14 37.94 -42.09
CA TYR B 277 -33.90 36.91 -43.11
C TYR B 277 -35.17 36.81 -43.96
N THR B 278 -35.30 37.76 -44.88
CA THR B 278 -36.55 37.98 -45.63
C THR B 278 -36.25 38.37 -47.09
N ARG B 279 -35.05 38.06 -47.57
CA ARG B 279 -34.61 38.53 -48.89
C ARG B 279 -33.75 37.49 -49.59
N GLU B 280 -33.95 37.40 -50.91
CA GLU B 280 -33.13 36.56 -51.75
C GLU B 280 -31.66 36.95 -51.74
N ASP B 281 -31.38 38.25 -51.88
CA ASP B 281 -29.99 38.69 -51.98
C ASP B 281 -29.18 38.30 -50.74
N GLN B 282 -29.75 38.58 -49.57
CA GLN B 282 -29.14 38.21 -48.30
C GLN B 282 -29.00 36.69 -48.14
N ALA B 283 -30.02 35.93 -48.53
CA ALA B 283 -29.94 34.45 -48.49
C ALA B 283 -28.77 33.94 -49.31
N ARG B 284 -28.63 34.46 -50.53
CA ARG B 284 -27.50 34.10 -51.41
C ARG B 284 -26.15 34.49 -50.79
N GLU B 285 -26.06 35.71 -50.23
CA GLU B 285 -24.85 36.17 -49.54
C GLU B 285 -24.44 35.26 -48.38
N ILE B 286 -25.42 34.94 -47.52
CA ILE B 286 -25.17 34.16 -46.32
C ILE B 286 -24.82 32.71 -46.67
N ALA B 287 -25.55 32.13 -47.61
CA ALA B 287 -25.26 30.76 -48.06
C ALA B 287 -23.81 30.62 -48.53
N ALA B 288 -23.37 31.56 -49.38
CA ALA B 288 -21.99 31.56 -49.88
C ALA B 288 -20.96 31.70 -48.75
N GLU B 289 -21.26 32.57 -47.79
CA GLU B 289 -20.35 32.82 -46.66
C GLU B 289 -20.11 31.58 -45.80
N PHE B 290 -21.19 30.88 -45.45
CA PHE B 290 -21.06 29.64 -44.68
C PHE B 290 -20.11 28.67 -45.36
N ARG B 291 -20.32 28.45 -46.64
CA ARG B 291 -19.56 27.46 -47.37
C ARG B 291 -18.11 27.91 -47.57
N LYS B 292 -17.90 29.20 -47.81
CA LYS B 292 -16.54 29.77 -47.94
C LYS B 292 -15.73 29.57 -46.66
N ARG B 293 -16.37 29.83 -45.53
CA ARG B 293 -15.75 29.72 -44.21
C ARG B 293 -15.71 28.29 -43.65
N LYS B 294 -16.28 27.34 -44.38
CA LYS B 294 -16.34 25.94 -43.96
C LYS B 294 -16.91 25.80 -42.55
N ILE B 295 -18.04 26.45 -42.34
CA ILE B 295 -18.85 26.37 -41.12
C ILE B 295 -20.07 25.56 -41.54
N PRO B 296 -20.17 24.29 -41.10
CA PRO B 296 -21.32 23.49 -41.55
C PRO B 296 -22.67 24.11 -41.22
N CYS B 297 -23.61 23.94 -42.14
CA CYS B 297 -24.95 24.49 -41.98
C CYS B 297 -25.89 23.83 -42.99
N ASP B 298 -27.05 23.37 -42.50
CA ASP B 298 -28.05 22.71 -43.35
C ASP B 298 -29.26 23.57 -43.69
N ILE B 299 -29.68 24.45 -42.77
CA ILE B 299 -30.95 25.17 -42.92
C ILE B 299 -30.76 26.67 -42.84
N ILE B 300 -31.26 27.37 -43.87
CA ILE B 300 -31.47 28.81 -43.82
C ILE B 300 -32.96 29.03 -43.67
N TYR B 301 -33.34 29.60 -42.53
CA TYR B 301 -34.73 30.01 -42.28
C TYR B 301 -35.02 31.33 -42.95
N GLN B 302 -36.29 31.60 -43.22
CA GLN B 302 -36.79 32.94 -43.54
C GLN B 302 -37.85 33.34 -42.52
N ASP B 303 -37.72 34.57 -42.00
CA ASP B 303 -38.68 35.12 -41.04
C ASP B 303 -39.89 35.71 -41.75
N ILE B 304 -40.84 36.18 -40.96
CA ILE B 304 -42.21 36.47 -41.41
C ILE B 304 -42.29 37.55 -42.49
N GLY B 305 -41.28 38.42 -42.59
CA GLY B 305 -41.21 39.38 -43.69
C GLY B 305 -41.10 38.78 -45.09
N TRP B 306 -40.84 37.48 -45.20
CA TRP B 306 -40.75 36.85 -46.51
C TRP B 306 -42.05 36.93 -47.31
N THR B 307 -43.19 36.95 -46.63
CA THR B 307 -44.48 36.87 -47.28
C THR B 307 -45.03 38.26 -47.58
N GLU B 308 -45.67 38.39 -48.75
CA GLU B 308 -46.18 39.70 -49.19
C GLU B 308 -47.08 40.33 -48.13
N GLY B 309 -47.93 39.51 -47.53
CA GLY B 309 -48.74 39.94 -46.41
C GLY B 309 -49.15 38.76 -45.57
N LEU B 310 -49.56 39.03 -44.35
CA LEU B 310 -50.11 38.00 -43.48
C LEU B 310 -51.49 37.61 -44.04
N GLN B 311 -51.70 36.37 -44.45
CA GLN B 311 -50.72 35.29 -44.52
C GLN B 311 -51.02 34.58 -45.83
N ASP B 312 -50.52 35.21 -46.89
CA ASP B 312 -50.84 34.79 -48.26
C ASP B 312 -49.82 33.85 -48.87
N PHE B 313 -48.68 33.64 -48.19
CA PHE B 313 -47.62 32.75 -48.65
C PHE B 313 -47.10 33.08 -50.06
N ASP B 314 -47.14 34.36 -50.42
CA ASP B 314 -46.55 34.83 -51.67
C ASP B 314 -45.21 35.46 -51.38
N TRP B 315 -44.18 35.07 -52.12
CA TRP B 315 -42.85 35.67 -51.92
C TRP B 315 -42.92 37.17 -52.17
N ARG B 316 -42.54 37.96 -51.17
CA ARG B 316 -42.65 39.42 -51.24
C ARG B 316 -41.90 39.92 -52.49
N LYS B 317 -42.61 40.59 -53.40
CA LYS B 317 -42.06 40.89 -54.73
C LYS B 317 -40.78 41.73 -54.72
N ASN B 318 -40.70 42.73 -53.84
CA ASN B 318 -39.50 43.57 -53.72
C ASN B 318 -38.29 42.81 -53.14
N ASN B 319 -38.54 41.72 -52.43
CA ASN B 319 -37.51 41.02 -51.68
C ASN B 319 -36.95 39.79 -52.38
N TYR B 320 -37.67 39.24 -53.37
CA TYR B 320 -37.23 38.04 -54.11
C TYR B 320 -37.45 38.20 -55.60
N ASN B 321 -36.36 38.30 -56.35
CA ASN B 321 -36.41 38.34 -57.82
C ASN B 321 -36.83 36.99 -58.42
N ASN B 322 -36.23 35.93 -57.91
CA ASN B 322 -36.36 34.58 -58.49
C ASN B 322 -36.41 33.54 -57.37
N PRO B 323 -37.55 33.49 -56.67
CA PRO B 323 -37.63 32.58 -55.50
C PRO B 323 -37.37 31.10 -55.83
N LYS B 324 -37.93 30.60 -56.94
CA LYS B 324 -37.65 29.21 -57.36
C LYS B 324 -36.16 28.96 -57.57
N GLY B 325 -35.51 29.92 -58.23
CA GLY B 325 -34.08 29.86 -58.48
C GLY B 325 -33.24 29.89 -57.23
N MET B 326 -33.65 30.74 -56.29
CA MET B 326 -32.98 30.87 -55.00
C MET B 326 -33.02 29.53 -54.27
N VAL B 327 -34.21 28.95 -54.18
CA VAL B 327 -34.37 27.70 -53.42
C VAL B 327 -33.53 26.59 -54.05
N LYS B 328 -33.60 26.48 -55.38
CA LYS B 328 -32.81 25.51 -56.11
C LYS B 328 -31.30 25.73 -55.98
N ASP B 329 -30.86 26.99 -56.10
CA ASP B 329 -29.42 27.30 -55.98
C ASP B 329 -28.93 26.95 -54.59
N LEU B 330 -29.69 27.34 -53.56
CA LEU B 330 -29.35 26.96 -52.18
C LEU B 330 -29.36 25.46 -51.99
N SER B 331 -30.33 24.77 -52.58
CA SER B 331 -30.40 23.31 -52.53
C SER B 331 -29.16 22.64 -53.13
N ASP B 332 -28.71 23.14 -54.27
CA ASP B 332 -27.49 22.64 -54.89
C ASP B 332 -26.26 22.85 -54.03
N MET B 333 -26.28 23.85 -53.13
CA MET B 333 -25.22 24.04 -52.13
C MET B 333 -25.46 23.31 -50.79
N GLY B 334 -26.47 22.44 -50.75
CA GLY B 334 -26.81 21.70 -49.54
C GLY B 334 -27.67 22.39 -48.51
N PHE B 335 -28.20 23.59 -48.81
CA PHE B 335 -29.09 24.28 -47.88
C PHE B 335 -30.54 23.94 -48.16
N LYS B 336 -31.30 23.67 -47.10
CA LYS B 336 -32.76 23.56 -47.16
C LYS B 336 -33.34 24.86 -46.58
N MET B 337 -34.50 25.29 -47.07
CA MET B 337 -35.14 26.52 -46.55
C MET B 337 -36.44 26.21 -45.81
N ILE B 338 -36.66 26.93 -44.71
CA ILE B 338 -37.84 26.77 -43.86
C ILE B 338 -38.38 28.19 -43.66
N VAL B 339 -39.68 28.38 -43.89
CA VAL B 339 -40.28 29.72 -43.88
C VAL B 339 -41.30 29.88 -42.77
N SER B 340 -41.42 31.11 -42.27
CA SER B 340 -42.38 31.43 -41.20
C SER B 340 -43.83 31.47 -41.70
N GLN B 341 -44.75 31.14 -40.81
CA GLN B 341 -46.14 31.55 -40.99
C GLN B 341 -46.71 31.98 -39.65
N ASP B 342 -47.59 32.99 -39.72
CA ASP B 342 -48.46 33.42 -38.62
C ASP B 342 -49.85 32.91 -38.87
N PRO B 343 -50.71 32.88 -37.83
CA PRO B 343 -52.05 32.31 -37.97
C PRO B 343 -53.15 33.36 -38.24
N VAL B 344 -52.76 34.54 -38.72
CA VAL B 344 -53.67 35.67 -38.84
C VAL B 344 -53.61 36.23 -40.25
N ILE B 345 -54.66 36.94 -40.64
CA ILE B 345 -54.74 37.63 -41.91
C ILE B 345 -54.90 39.13 -41.59
N SER B 346 -53.94 39.93 -42.01
CA SER B 346 -54.01 41.37 -41.78
C SER B 346 -55.24 41.92 -42.48
N GLN B 347 -55.98 42.81 -41.82
CA GLN B 347 -57.10 43.51 -42.47
C GLN B 347 -56.65 44.33 -43.69
N ALA B 348 -55.44 44.87 -43.64
CA ALA B 348 -54.82 45.59 -44.77
C ALA B 348 -54.54 44.71 -45.98
N ASN B 349 -54.44 43.39 -45.77
CA ASN B 349 -54.36 42.42 -46.84
C ASN B 349 -55.79 42.15 -47.27
N GLN B 350 -56.35 43.11 -48.01
CA GLN B 350 -57.80 43.18 -48.20
C GLN B 350 -58.37 41.98 -48.94
N GLN B 351 -57.66 41.50 -49.96
CA GLN B 351 -58.12 40.40 -50.78
C GLN B 351 -58.31 39.12 -49.93
N GLN B 352 -57.30 38.78 -49.14
CA GLN B 352 -57.34 37.57 -48.31
C GLN B 352 -58.23 37.71 -47.09
N TRP B 353 -58.26 38.88 -46.47
CA TRP B 353 -59.12 39.10 -45.31
C TRP B 353 -60.59 39.01 -45.71
N LYS B 354 -60.97 39.70 -46.79
CA LYS B 354 -62.36 39.65 -47.27
C LYS B 354 -62.77 38.23 -47.61
N GLU B 355 -61.86 37.53 -48.29
CA GLU B 355 -62.04 36.11 -48.64
C GLU B 355 -62.34 35.25 -47.39
N ALA B 356 -61.43 35.31 -46.41
CA ALA B 356 -61.61 34.57 -45.17
C ALA B 356 -62.86 34.97 -44.38
N ASP B 357 -63.09 36.28 -44.24
CA ASP B 357 -64.27 36.79 -43.53
C ASP B 357 -65.56 36.30 -44.19
N ALA B 358 -65.62 36.34 -45.52
CA ALA B 358 -66.83 35.94 -46.26
C ALA B 358 -67.15 34.44 -46.13
N LEU B 359 -66.10 33.63 -46.10
CA LEU B 359 -66.22 32.17 -45.91
C LEU B 359 -66.54 31.76 -44.46
N GLY B 360 -66.43 32.69 -43.51
CA GLY B 360 -66.66 32.40 -42.11
C GLY B 360 -65.46 31.69 -41.53
N HIS B 361 -64.29 31.95 -42.09
CA HIS B 361 -63.05 31.24 -41.69
C HIS B 361 -62.29 31.91 -40.55
N LEU B 362 -62.75 33.09 -40.12
CA LEU B 362 -62.10 33.80 -39.04
C LEU B 362 -62.79 33.55 -37.72
N VAL B 363 -62.01 33.59 -36.64
CA VAL B 363 -62.57 33.47 -35.30
C VAL B 363 -63.52 34.65 -35.05
N LYS B 364 -64.65 34.38 -34.42
CA LYS B 364 -65.73 35.37 -34.27
C LYS B 364 -65.62 36.05 -32.91
N ASP B 365 -66.32 37.17 -32.78
CA ASP B 365 -66.50 37.84 -31.50
C ASP B 365 -67.92 37.52 -31.03
N VAL B 366 -68.04 36.94 -29.84
CA VAL B 366 -69.36 36.56 -29.28
C VAL B 366 -70.30 37.75 -29.12
N ARG B 367 -69.74 38.94 -28.88
CA ARG B 367 -70.52 40.17 -28.70
C ARG B 367 -71.17 40.67 -29.98
N THR B 368 -70.59 40.34 -31.13
CA THR B 368 -71.10 40.84 -32.42
C THR B 368 -71.55 39.76 -33.40
N GLY B 369 -71.08 38.53 -33.24
CA GLY B 369 -71.24 37.51 -34.26
C GLY B 369 -70.41 37.72 -35.51
N LYS B 370 -69.56 38.74 -35.53
CA LYS B 370 -68.73 39.06 -36.70
C LYS B 370 -67.29 38.62 -36.38
N SER B 371 -66.41 38.69 -37.37
CA SER B 371 -65.01 38.33 -37.17
C SER B 371 -64.39 39.16 -36.04
N TYR B 372 -63.63 38.48 -35.17
CA TYR B 372 -62.96 39.17 -34.06
C TYR B 372 -61.86 40.10 -34.57
N ASP B 373 -61.82 41.29 -33.98
CA ASP B 373 -60.94 42.37 -34.40
C ASP B 373 -59.70 42.36 -33.50
N MET B 374 -58.65 41.74 -34.01
CA MET B 374 -57.45 41.39 -33.21
C MET B 374 -56.31 42.36 -33.52
N PRO B 375 -55.75 43.05 -32.51
CA PRO B 375 -54.54 43.83 -32.76
C PRO B 375 -53.34 42.92 -32.99
N TRP B 376 -52.32 43.41 -33.69
CA TRP B 376 -51.15 42.60 -34.01
C TRP B 376 -49.92 43.50 -34.14
N PRO B 377 -48.71 42.97 -33.82
CA PRO B 377 -47.54 43.86 -33.86
C PRO B 377 -47.08 44.40 -35.22
N TRP B 378 -47.37 43.67 -36.30
CA TRP B 378 -47.04 44.13 -37.67
C TRP B 378 -48.24 43.89 -38.61
N GLY B 379 -48.44 44.83 -39.54
CA GLY B 379 -49.46 44.71 -40.59
C GLY B 379 -50.84 45.25 -40.27
N GLY B 380 -51.01 45.80 -39.06
CA GLY B 380 -52.29 46.35 -38.57
C GLY B 380 -53.17 45.31 -37.89
N ASN B 381 -54.41 45.70 -37.56
CA ASN B 381 -55.35 44.74 -36.94
C ASN B 381 -55.64 43.61 -37.94
N CYS B 382 -56.04 42.46 -37.40
CA CYS B 382 -56.10 41.23 -38.18
C CYS B 382 -57.29 40.39 -37.79
N GLY B 383 -57.56 39.41 -38.65
CA GLY B 383 -58.46 38.31 -38.39
C GLY B 383 -57.65 37.10 -37.95
N VAL B 384 -58.15 36.43 -36.92
CA VAL B 384 -57.50 35.21 -36.41
C VAL B 384 -58.14 34.05 -37.14
N VAL B 385 -57.34 33.26 -37.83
CA VAL B 385 -57.86 32.17 -38.65
C VAL B 385 -58.35 31.03 -37.75
N ASP B 386 -59.55 30.55 -38.01
CA ASP B 386 -60.14 29.53 -37.13
C ASP B 386 -59.77 28.12 -37.58
N PHE B 387 -58.63 27.64 -37.08
CA PHE B 387 -58.18 26.28 -37.43
C PHE B 387 -58.99 25.16 -36.79
N THR B 388 -59.91 25.49 -35.87
CA THR B 388 -60.87 24.49 -35.37
C THR B 388 -62.08 24.28 -36.31
N LYS B 389 -62.26 25.15 -37.30
CA LYS B 389 -63.33 24.99 -38.30
C LYS B 389 -62.88 24.00 -39.39
N PRO B 390 -63.60 22.88 -39.60
CA PRO B 390 -63.08 21.85 -40.53
C PRO B 390 -62.69 22.34 -41.94
N GLU B 391 -63.50 23.23 -42.53
CA GLU B 391 -63.29 23.71 -43.91
C GLU B 391 -62.05 24.58 -44.06
N VAL B 392 -61.58 25.16 -42.95
CA VAL B 392 -60.36 25.98 -42.96
C VAL B 392 -59.11 25.17 -43.34
N ALA B 393 -59.09 23.88 -42.99
CA ALA B 393 -57.90 23.06 -43.24
C ALA B 393 -57.47 23.04 -44.72
N ASP B 394 -58.37 22.64 -45.61
CA ASP B 394 -58.04 22.58 -47.06
C ASP B 394 -57.73 23.97 -47.65
N TRP B 395 -58.42 24.98 -47.14
CA TRP B 395 -58.22 26.36 -47.55
C TRP B 395 -56.80 26.82 -47.23
N TRP B 396 -56.41 26.62 -45.97
CA TRP B 396 -55.04 26.96 -45.53
C TRP B 396 -54.02 26.11 -46.27
N GLY B 397 -54.34 24.84 -46.45
CA GLY B 397 -53.44 23.89 -47.10
C GLY B 397 -53.06 24.38 -48.48
N SER B 398 -54.03 24.88 -49.21
CA SER B 398 -53.78 25.41 -50.57
C SER B 398 -52.91 26.67 -50.57
N TYR B 399 -53.12 27.54 -49.59
CA TYR B 399 -52.28 28.72 -49.42
C TYR B 399 -50.84 28.35 -49.09
N GLN B 400 -50.66 27.55 -48.04
CA GLN B 400 -49.31 27.23 -47.53
C GLN B 400 -48.48 26.37 -48.50
N GLN B 401 -49.17 25.68 -49.44
CA GLN B 401 -48.48 24.84 -50.39
C GLN B 401 -47.59 25.64 -51.37
N LYS B 402 -47.90 26.92 -51.60
CA LYS B 402 -47.19 27.71 -52.59
C LYS B 402 -45.65 27.71 -52.44
N PRO B 403 -45.13 28.05 -51.24
CA PRO B 403 -43.65 28.00 -51.10
C PRO B 403 -43.12 26.57 -51.19
N LEU B 404 -43.92 25.60 -50.76
CA LEU B 404 -43.51 24.20 -50.83
C LEU B 404 -43.35 23.73 -52.29
N ASN B 405 -44.20 24.24 -53.17
CA ASN B 405 -44.09 23.97 -54.61
C ASN B 405 -42.79 24.54 -55.21
N ASP B 406 -42.22 25.57 -54.59
CA ASP B 406 -40.90 26.09 -54.98
C ASP B 406 -39.70 25.41 -54.33
N GLY B 407 -39.92 24.37 -53.51
CA GLY B 407 -38.84 23.61 -52.92
C GLY B 407 -38.54 23.85 -51.45
N VAL B 408 -39.26 24.78 -50.82
CA VAL B 408 -39.20 25.00 -49.36
C VAL B 408 -39.63 23.70 -48.66
N ARG B 409 -38.93 23.34 -47.57
CA ARG B 409 -39.09 22.02 -46.94
C ARG B 409 -39.98 22.00 -45.69
N GLY B 410 -40.49 23.16 -45.31
CA GLY B 410 -41.37 23.24 -44.16
C GLY B 410 -41.46 24.63 -43.57
N PHE B 411 -41.92 24.68 -42.33
CA PHE B 411 -42.34 25.92 -41.69
C PHE B 411 -41.87 26.06 -40.26
N TRP B 412 -41.84 27.30 -39.80
CA TRP B 412 -41.93 27.58 -38.40
C TRP B 412 -43.21 28.31 -38.16
N THR B 413 -44.02 27.72 -37.29
CA THR B 413 -45.32 28.26 -36.97
C THR B 413 -45.21 29.13 -35.73
N ASP B 414 -45.29 30.42 -35.96
CA ASP B 414 -45.01 31.43 -34.95
C ASP B 414 -46.28 32.11 -34.47
N MET B 415 -46.24 32.63 -33.24
CA MET B 415 -47.28 33.54 -32.72
C MET B 415 -48.65 32.85 -32.49
N GLY B 416 -48.64 31.53 -32.31
CA GLY B 416 -49.86 30.77 -32.13
C GLY B 416 -50.50 30.71 -30.76
N GLU B 417 -50.14 31.63 -29.86
CA GLU B 417 -50.62 31.55 -28.49
C GLU B 417 -52.14 31.77 -28.34
N PRO B 418 -52.82 32.57 -29.18
CA PRO B 418 -52.27 33.55 -30.12
C PRO B 418 -51.41 34.60 -29.42
N ALA B 419 -50.47 35.21 -30.16
CA ALA B 419 -49.65 36.28 -29.60
C ALA B 419 -50.52 37.43 -29.08
N TRP B 420 -49.94 38.27 -28.23
CA TRP B 420 -50.63 39.43 -27.66
C TRP B 420 -51.96 39.03 -27.02
N SER B 421 -51.97 37.87 -26.37
CA SER B 421 -53.20 37.34 -25.75
C SER B 421 -52.92 36.75 -24.36
N ASN B 422 -52.08 37.46 -23.60
CA ASN B 422 -51.79 37.06 -22.22
C ASN B 422 -53.03 37.15 -21.32
N GLU B 423 -52.89 36.61 -20.11
CA GLU B 423 -54.00 36.56 -19.12
C GLU B 423 -54.71 37.89 -18.95
N ASP B 424 -53.93 38.96 -18.87
CA ASP B 424 -54.48 40.30 -18.66
C ASP B 424 -55.22 40.88 -19.87
N ALA B 425 -55.03 40.31 -21.06
CA ALA B 425 -55.77 40.74 -22.27
C ALA B 425 -57.15 40.09 -22.31
N VAL B 426 -58.02 40.53 -21.40
CA VAL B 426 -59.32 39.88 -21.21
C VAL B 426 -60.29 40.05 -22.37
N ASP B 427 -60.06 41.02 -23.25
CA ASP B 427 -60.92 41.16 -24.44
C ASP B 427 -60.89 39.89 -25.31
N ARG B 428 -59.78 39.17 -25.27
CA ARG B 428 -59.61 37.94 -26.07
C ARG B 428 -60.62 36.85 -25.67
N LEU B 429 -61.13 36.88 -24.44
CA LEU B 429 -62.09 35.87 -23.98
C LEU B 429 -63.44 35.92 -24.77
N ASN B 430 -63.67 37.03 -25.48
CA ASN B 430 -64.83 37.15 -26.38
C ASN B 430 -64.69 36.38 -27.68
N MET B 431 -63.48 35.85 -27.98
CA MET B 431 -63.30 35.03 -29.18
C MET B 431 -64.10 33.75 -29.09
N LYS B 432 -64.83 33.48 -30.16
CA LYS B 432 -65.69 32.33 -30.26
C LYS B 432 -65.23 31.55 -31.48
N HIS B 433 -64.66 30.39 -31.21
CA HIS B 433 -64.10 29.52 -32.23
C HIS B 433 -65.18 28.49 -32.55
N HIS B 434 -65.04 27.86 -33.70
CA HIS B 434 -65.95 26.79 -34.12
C HIS B 434 -66.18 25.76 -33.02
N LEU B 435 -65.11 25.33 -32.35
CA LEU B 435 -65.20 24.28 -31.32
C LEU B 435 -65.39 24.80 -29.89
N GLY B 436 -65.39 26.10 -29.68
CA GLY B 436 -65.69 26.66 -28.36
C GLY B 436 -65.20 28.06 -28.11
N MET B 437 -65.43 28.53 -26.89
CA MET B 437 -65.01 29.85 -26.46
C MET B 437 -63.51 29.90 -26.16
N HIS B 438 -62.95 31.10 -26.24
CA HIS B 438 -61.51 31.28 -26.09
C HIS B 438 -60.97 30.73 -24.77
N ASN B 439 -61.74 30.85 -23.68
CA ASN B 439 -61.25 30.31 -22.41
C ASN B 439 -60.92 28.82 -22.49
N GLU B 440 -61.66 28.08 -23.32
CA GLU B 440 -61.39 26.66 -23.58
C GLU B 440 -60.34 26.41 -24.68
N ILE B 441 -60.41 27.18 -25.76
CA ILE B 441 -59.68 26.92 -26.99
C ILE B 441 -58.31 27.58 -27.05
N HIS B 442 -58.10 28.64 -26.27
CA HIS B 442 -56.81 29.35 -26.28
C HIS B 442 -55.59 28.39 -26.24
N ASN B 443 -55.58 27.48 -25.29
CA ASN B 443 -54.43 26.61 -25.11
C ASN B 443 -54.28 25.55 -26.22
N VAL B 444 -55.30 25.37 -27.06
CA VAL B 444 -55.22 24.48 -28.23
C VAL B 444 -55.35 25.23 -29.54
N TYR B 445 -55.28 26.56 -29.50
CA TYR B 445 -55.40 27.37 -30.72
C TYR B 445 -54.22 27.04 -31.65
N GLY B 446 -53.01 27.14 -31.11
CA GLY B 446 -51.79 26.85 -31.85
C GLY B 446 -51.67 25.36 -32.14
N PHE B 447 -52.12 24.53 -31.20
CA PHE B 447 -52.13 23.07 -31.41
C PHE B 447 -52.93 22.68 -32.65
N THR B 448 -54.15 23.21 -32.76
CA THR B 448 -55.06 22.84 -33.86
C THR B 448 -54.59 23.44 -35.19
N TRP B 449 -53.99 24.63 -35.11
CA TRP B 449 -53.28 25.20 -36.26
C TRP B 449 -52.17 24.29 -36.76
N ASP B 450 -51.28 23.89 -35.84
CA ASP B 450 -50.13 23.09 -36.19
C ASP B 450 -50.55 21.73 -36.80
N LYS B 451 -51.63 21.16 -36.24
CA LYS B 451 -52.22 19.92 -36.75
CA LYS B 451 -52.22 19.92 -36.75
C LYS B 451 -52.65 20.09 -38.21
N VAL B 452 -53.34 21.19 -38.51
CA VAL B 452 -53.75 21.53 -39.89
C VAL B 452 -52.53 21.66 -40.80
N VAL B 453 -51.51 22.38 -40.33
CA VAL B 453 -50.28 22.58 -41.12
C VAL B 453 -49.70 21.22 -41.54
N THR B 454 -49.62 20.29 -40.60
CA THR B 454 -49.00 18.99 -40.86
C THR B 454 -49.91 18.08 -41.69
N GLU B 455 -51.20 18.04 -41.36
CA GLU B 455 -52.15 17.25 -42.14
C GLU B 455 -52.18 17.67 -43.60
N GLN B 456 -52.19 18.99 -43.83
CA GLN B 456 -52.19 19.52 -45.18
C GLN B 456 -50.89 19.27 -45.92
N PHE B 457 -49.78 19.42 -45.21
CA PHE B 457 -48.49 19.04 -45.76
C PHE B 457 -48.54 17.60 -46.26
N TYR B 458 -49.07 16.70 -45.43
CA TYR B 458 -49.13 15.28 -45.82
C TYR B 458 -50.03 15.09 -47.06
N LYS B 459 -51.14 15.81 -47.09
CA LYS B 459 -52.09 15.70 -48.20
C LYS B 459 -51.47 16.12 -49.55
N HIS B 460 -50.64 17.15 -49.53
CA HIS B 460 -50.10 17.75 -50.74
C HIS B 460 -48.66 17.34 -51.07
N ASN B 461 -47.97 16.64 -50.17
CA ASN B 461 -46.56 16.30 -50.36
C ASN B 461 -46.35 14.83 -50.00
N PRO B 462 -46.67 13.92 -50.95
CA PRO B 462 -46.81 12.51 -50.59
C PRO B 462 -45.55 11.86 -50.03
N ASN B 463 -45.74 11.10 -48.95
CA ASN B 463 -44.69 10.32 -48.29
C ASN B 463 -43.41 11.11 -47.97
N LYS B 464 -43.59 12.31 -47.43
CA LYS B 464 -42.49 13.14 -46.98
C LYS B 464 -42.70 13.54 -45.52
N ARG B 465 -41.62 13.51 -44.76
CA ARG B 465 -41.60 14.05 -43.41
C ARG B 465 -41.75 15.56 -43.49
N ILE B 466 -42.61 16.12 -42.64
CA ILE B 466 -42.66 17.58 -42.51
C ILE B 466 -41.47 18.06 -41.69
N PHE B 467 -41.06 19.30 -41.94
CA PHE B 467 -40.33 20.05 -40.94
C PHE B 467 -41.30 21.11 -40.44
N GLN B 468 -41.69 21.03 -39.18
CA GLN B 468 -42.46 22.10 -38.54
C GLN B 468 -41.85 22.32 -37.17
N MET B 469 -41.59 23.57 -36.82
CA MET B 469 -41.07 23.93 -35.51
C MET B 469 -41.92 25.08 -35.00
N THR B 470 -42.49 24.91 -33.80
CA THR B 470 -43.57 25.78 -33.34
C THR B 470 -43.24 26.50 -32.04
N ARG B 471 -43.93 27.59 -31.83
CA ARG B 471 -43.82 28.37 -30.61
C ARG B 471 -44.92 27.99 -29.64
N ALA B 472 -46.18 28.05 -30.07
CA ALA B 472 -47.34 27.70 -29.21
C ALA B 472 -47.84 26.30 -29.42
N ALA B 473 -48.20 25.61 -28.35
CA ALA B 473 -48.64 24.22 -28.45
C ALA B 473 -49.37 23.76 -27.22
N TYR B 474 -49.95 22.57 -27.34
CA TYR B 474 -50.56 21.80 -26.26
C TYR B 474 -49.98 20.37 -26.29
N ALA B 475 -50.23 19.62 -25.22
CA ALA B 475 -49.95 18.17 -25.14
C ALA B 475 -50.42 17.42 -26.40
N GLY B 476 -49.60 16.49 -26.87
CA GLY B 476 -49.86 15.78 -28.11
C GLY B 476 -49.17 16.37 -29.32
N LEU B 477 -48.54 17.52 -29.15
CA LEU B 477 -47.87 18.23 -30.27
C LEU B 477 -46.85 17.41 -31.04
N GLN B 478 -46.19 16.45 -30.37
CA GLN B 478 -45.19 15.58 -30.98
C GLN B 478 -45.66 14.83 -32.23
N ARG B 479 -46.97 14.66 -32.40
CA ARG B 479 -47.51 14.05 -33.63
C ARG B 479 -47.39 14.95 -34.86
N TYR B 480 -47.29 16.26 -34.63
CA TYR B 480 -47.35 17.23 -35.74
C TYR B 480 -46.15 18.14 -35.87
N THR B 481 -45.40 18.38 -34.77
CA THR B 481 -44.48 19.52 -34.75
C THR B 481 -43.37 19.37 -33.71
N PHE B 482 -42.27 20.05 -34.00
CA PHE B 482 -41.12 20.18 -33.13
C PHE B 482 -41.31 21.55 -32.46
N GLY B 483 -40.37 21.96 -31.62
CA GLY B 483 -40.51 23.18 -30.85
C GLY B 483 -39.24 23.99 -30.66
N TRP B 484 -39.40 25.30 -30.53
CA TRP B 484 -38.35 26.14 -30.00
C TRP B 484 -38.92 27.04 -28.92
N SER B 485 -38.03 27.53 -28.06
CA SER B 485 -38.42 28.21 -26.82
C SER B 485 -38.69 29.73 -26.91
N GLY B 486 -38.94 30.23 -28.12
CA GLY B 486 -39.37 31.61 -28.31
C GLY B 486 -38.32 32.66 -28.02
N ASP B 487 -38.79 33.81 -27.53
CA ASP B 487 -37.95 35.01 -27.50
C ASP B 487 -37.23 35.11 -26.17
N SER B 488 -36.15 34.35 -26.07
CA SER B 488 -35.33 34.31 -24.86
C SER B 488 -34.24 35.39 -24.88
N GLY B 489 -33.56 35.58 -23.75
CA GLY B 489 -32.45 36.53 -23.65
C GLY B 489 -32.86 37.89 -23.12
N ASN B 490 -31.89 38.78 -22.95
CA ASN B 490 -32.12 40.07 -22.28
C ASN B 490 -32.24 41.19 -23.30
N GLY B 491 -33.38 41.86 -23.31
CA GLY B 491 -33.65 42.95 -24.24
C GLY B 491 -33.03 44.29 -23.86
N SER B 492 -32.87 44.54 -22.56
CA SER B 492 -32.26 45.80 -22.12
C SER B 492 -30.75 45.82 -22.39
N ASN B 493 -30.09 44.70 -22.17
CA ASN B 493 -28.66 44.59 -22.45
C ASN B 493 -28.37 43.14 -22.77
N VAL B 494 -28.11 42.87 -24.05
CA VAL B 494 -27.85 41.49 -24.52
C VAL B 494 -26.75 40.82 -23.69
N LEU B 495 -25.76 41.61 -23.28
CA LEU B 495 -24.63 41.08 -22.50
C LEU B 495 -25.01 40.55 -21.11
N ASP B 496 -26.18 40.94 -20.60
CA ASP B 496 -26.69 40.48 -19.31
C ASP B 496 -27.56 39.21 -19.37
N GLY B 497 -27.50 38.45 -20.47
CA GLY B 497 -28.36 37.28 -20.63
C GLY B 497 -27.83 35.94 -20.13
N TRP B 498 -26.71 35.95 -19.38
CA TRP B 498 -26.08 34.70 -18.93
C TRP B 498 -27.01 33.77 -18.15
N LYS B 499 -27.68 34.29 -17.13
CA LYS B 499 -28.61 33.46 -16.34
C LYS B 499 -29.83 33.00 -17.14
N GLN B 500 -30.31 33.87 -18.02
CA GLN B 500 -31.35 33.47 -18.96
C GLN B 500 -30.90 32.35 -19.92
N MET B 501 -29.72 32.48 -20.51
CA MET B 501 -29.14 31.37 -21.30
C MET B 501 -29.05 30.08 -20.48
N ALA B 502 -28.53 30.18 -19.26
CA ALA B 502 -28.37 29.02 -18.37
C ALA B 502 -29.70 28.31 -18.12
N ASN B 503 -30.78 29.09 -17.95
CA ASN B 503 -32.11 28.48 -17.71
C ASN B 503 -32.66 27.73 -18.93
N GLN B 504 -32.12 27.98 -20.12
CA GLN B 504 -32.50 27.19 -21.29
C GLN B 504 -32.16 25.70 -21.17
N ILE B 505 -31.21 25.34 -20.31
CA ILE B 505 -30.93 23.92 -20.05
C ILE B 505 -32.16 23.21 -19.46
N PRO B 506 -32.65 23.63 -18.27
CA PRO B 506 -33.85 22.94 -17.76
C PRO B 506 -35.14 23.20 -18.56
N VAL B 507 -35.24 24.35 -19.22
CA VAL B 507 -36.35 24.60 -20.16
C VAL B 507 -36.34 23.48 -21.24
N GLY B 508 -35.18 23.25 -21.86
CA GLY B 508 -35.05 22.22 -22.92
C GLY B 508 -35.26 20.81 -22.41
N LEU B 509 -34.75 20.53 -21.23
CA LEU B 509 -34.92 19.20 -20.63
C LEU B 509 -36.36 18.95 -20.23
N SER B 510 -37.03 20.00 -19.74
CA SER B 510 -38.42 19.90 -19.34
C SER B 510 -39.30 19.72 -20.60
N ALA B 511 -39.00 20.51 -21.64
CA ALA B 511 -39.63 20.34 -22.93
C ALA B 511 -39.49 18.91 -23.43
N GLY B 512 -38.28 18.34 -23.30
CA GLY B 512 -38.06 16.95 -23.70
C GLY B 512 -38.97 15.99 -22.92
N MET B 513 -39.12 16.22 -21.62
CA MET B 513 -39.99 15.38 -20.78
C MET B 513 -41.50 15.60 -21.06
N GLY B 514 -41.82 16.71 -21.74
CA GLY B 514 -43.16 16.98 -22.25
C GLY B 514 -43.38 16.59 -23.70
N LEU B 515 -42.48 15.76 -24.23
CA LEU B 515 -42.56 15.22 -25.57
C LEU B 515 -42.32 16.28 -26.64
N ILE B 516 -41.29 17.09 -26.40
CA ILE B 516 -40.65 17.88 -27.44
C ILE B 516 -39.21 17.37 -27.57
N PRO B 517 -39.03 16.16 -28.17
CA PRO B 517 -37.67 15.64 -28.35
C PRO B 517 -36.85 16.47 -29.35
N PHE B 518 -37.54 17.06 -30.34
CA PHE B 518 -36.86 17.84 -31.35
C PHE B 518 -37.09 19.29 -30.97
N TRP B 519 -36.08 19.83 -30.30
CA TRP B 519 -36.16 21.13 -29.62
C TRP B 519 -34.89 21.93 -29.88
N THR B 520 -35.03 23.25 -29.81
CA THR B 520 -33.89 24.14 -29.71
C THR B 520 -34.32 25.44 -29.06
N CYS B 521 -33.34 26.29 -28.80
CA CYS B 521 -33.56 27.64 -28.35
C CYS B 521 -32.89 28.56 -29.35
N ASP B 522 -33.18 29.85 -29.28
CA ASP B 522 -32.45 30.83 -30.09
C ASP B 522 -31.02 30.95 -29.58
N ILE B 523 -30.07 30.42 -30.34
CA ILE B 523 -28.65 30.56 -29.99
C ILE B 523 -28.27 32.03 -30.17
N SER B 524 -27.74 32.61 -29.10
CA SER B 524 -27.50 34.07 -28.89
C SER B 524 -28.68 34.77 -28.19
N GLY B 525 -29.78 34.03 -27.99
CA GLY B 525 -31.06 34.59 -27.61
C GLY B 525 -31.73 35.37 -28.72
N TYR B 526 -33.02 35.66 -28.54
CA TYR B 526 -33.72 36.55 -29.45
C TYR B 526 -33.39 38.02 -29.14
N CYS B 527 -33.41 38.36 -27.85
CA CYS B 527 -33.46 39.75 -27.42
C CYS B 527 -32.09 40.43 -27.32
N GLY B 528 -32.12 41.77 -27.44
CA GLY B 528 -31.00 42.62 -27.14
C GLY B 528 -30.18 43.01 -28.34
N ASP B 529 -30.06 44.31 -28.59
CA ASP B 529 -29.20 44.75 -29.68
C ASP B 529 -27.74 44.42 -29.40
N ILE B 530 -27.03 43.95 -30.42
CA ILE B 530 -25.62 43.65 -30.30
C ILE B 530 -24.84 44.87 -30.78
N LYS B 531 -24.59 45.77 -29.82
CA LYS B 531 -23.87 47.02 -30.06
C LYS B 531 -22.34 46.83 -30.05
N ASP B 532 -21.88 45.72 -29.50
CA ASP B 532 -20.44 45.44 -29.36
C ASP B 532 -20.20 43.94 -29.52
N TYR B 533 -19.82 43.53 -30.72
CA TYR B 533 -19.59 42.12 -31.04
C TYR B 533 -18.43 41.50 -30.25
N ASP B 534 -17.38 42.28 -30.00
CA ASP B 534 -16.28 41.79 -29.17
C ASP B 534 -16.75 41.43 -27.76
N ALA B 535 -17.56 42.31 -27.17
CA ALA B 535 -18.08 42.09 -25.82
C ALA B 535 -19.05 40.90 -25.74
N MET B 536 -19.81 40.69 -26.82
CA MET B 536 -20.78 39.59 -26.92
C MET B 536 -20.13 38.23 -27.24
N ALA B 537 -18.90 38.21 -27.74
CA ALA B 537 -18.29 36.98 -28.22
C ALA B 537 -18.34 35.80 -27.22
N GLU B 538 -18.03 36.08 -25.95
CA GLU B 538 -17.99 35.03 -24.94
C GLU B 538 -19.35 34.38 -24.76
N LEU B 539 -20.36 35.22 -24.54
CA LEU B 539 -21.75 34.75 -24.34
C LEU B 539 -22.22 33.99 -25.60
N TYR B 540 -21.89 34.51 -26.77
CA TYR B 540 -22.27 33.84 -28.02
C TYR B 540 -21.66 32.44 -28.09
N VAL B 541 -20.36 32.34 -27.83
CA VAL B 541 -19.66 31.06 -27.89
C VAL B 541 -20.28 30.03 -26.92
N ARG B 542 -20.51 30.44 -25.69
CA ARG B 542 -21.11 29.54 -24.70
C ARG B 542 -22.53 29.14 -25.11
N TRP B 543 -23.31 30.07 -25.63
CA TRP B 543 -24.68 29.78 -26.07
C TRP B 543 -24.67 28.74 -27.21
N LEU B 544 -23.72 28.89 -28.14
CA LEU B 544 -23.57 27.94 -29.25
C LEU B 544 -23.06 26.59 -28.79
N GLN B 545 -22.13 26.58 -27.83
CA GLN B 545 -21.62 25.35 -27.27
C GLN B 545 -22.73 24.49 -26.62
N PHE B 546 -23.61 25.15 -25.88
CA PHE B 546 -24.84 24.52 -25.40
C PHE B 546 -25.72 24.14 -26.59
N GLY B 547 -25.95 25.12 -27.46
CA GLY B 547 -26.90 25.02 -28.55
C GLY B 547 -26.64 23.91 -29.54
N VAL B 548 -25.38 23.55 -29.78
CA VAL B 548 -25.08 22.43 -30.70
C VAL B 548 -25.43 21.05 -30.15
N PHE B 549 -25.73 20.98 -28.85
CA PHE B 549 -26.28 19.78 -28.24
C PHE B 549 -27.80 19.82 -28.08
N THR B 550 -28.46 20.77 -28.74
CA THR B 550 -29.92 20.76 -28.87
C THR B 550 -30.18 20.15 -30.26
N PRO B 551 -31.21 19.31 -30.38
CA PRO B 551 -31.39 18.66 -31.68
C PRO B 551 -31.57 19.59 -32.89
N LEU B 552 -32.28 20.72 -32.72
CA LEU B 552 -32.56 21.62 -33.83
C LEU B 552 -31.74 22.91 -33.83
N SER B 553 -30.56 22.87 -33.19
CA SER B 553 -29.61 23.98 -33.10
CA SER B 553 -29.64 24.00 -33.07
C SER B 553 -29.86 25.12 -34.10
N ARG B 554 -30.39 26.26 -33.63
CA ARG B 554 -30.65 27.36 -34.50
C ARG B 554 -30.20 28.67 -33.87
N ALA B 555 -29.26 29.33 -34.54
CA ALA B 555 -28.92 30.70 -34.21
C ALA B 555 -29.95 31.65 -34.81
N HIS B 556 -30.35 32.65 -34.03
CA HIS B 556 -31.38 33.59 -34.43
C HIS B 556 -31.21 34.80 -33.52
N HIS B 557 -31.71 35.95 -33.96
CA HIS B 557 -31.76 37.15 -33.14
C HIS B 557 -32.74 38.13 -33.75
N GLU B 558 -33.21 39.07 -32.92
CA GLU B 558 -34.13 40.12 -33.35
C GLU B 558 -33.55 40.96 -34.46
N GLY B 559 -34.43 41.28 -35.42
CA GLY B 559 -34.17 42.31 -36.43
C GLY B 559 -32.92 42.12 -37.25
N GLY B 560 -32.11 43.19 -37.29
CA GLY B 560 -30.86 43.17 -38.04
C GLY B 560 -29.61 42.78 -37.26
N ASN B 561 -29.79 42.19 -36.09
CA ASN B 561 -28.67 41.77 -35.25
C ASN B 561 -28.11 40.47 -35.77
N ALA B 562 -27.09 40.58 -36.62
CA ALA B 562 -26.48 39.42 -37.28
C ALA B 562 -25.81 38.55 -36.25
N VAL B 563 -26.09 37.25 -36.29
CA VAL B 563 -25.53 36.30 -35.33
C VAL B 563 -25.04 35.02 -35.98
N GLU B 564 -24.49 35.15 -37.19
CA GLU B 564 -23.83 34.01 -37.83
C GLU B 564 -22.50 33.74 -37.12
N PRO B 565 -21.99 32.49 -37.18
CA PRO B 565 -20.87 32.19 -36.27
C PRO B 565 -19.53 32.90 -36.54
N TRP B 566 -19.42 33.66 -37.61
CA TRP B 566 -18.19 34.43 -37.91
C TRP B 566 -18.24 35.89 -37.47
N LYS B 567 -19.36 36.31 -36.90
CA LYS B 567 -19.59 37.74 -36.58
C LYS B 567 -18.88 38.25 -35.32
N PHE B 568 -18.25 37.36 -34.57
CA PHE B 568 -17.71 37.70 -33.23
C PHE B 568 -16.20 37.60 -33.18
N GLY B 569 -15.57 37.61 -34.35
CA GLY B 569 -14.12 37.59 -34.47
C GLY B 569 -13.61 36.19 -34.66
N THR B 570 -12.33 36.11 -35.01
CA THR B 570 -11.69 34.87 -35.45
C THR B 570 -11.66 33.80 -34.37
N GLU B 571 -11.33 34.18 -33.14
CA GLU B 571 -11.28 33.21 -32.03
C GLU B 571 -12.64 32.51 -31.90
N ALA B 572 -13.70 33.32 -31.78
CA ALA B 572 -15.06 32.79 -31.62
C ALA B 572 -15.52 31.98 -32.84
N GLU B 573 -15.09 32.40 -34.03
CA GLU B 573 -15.41 31.69 -35.26
C GLU B 573 -14.80 30.29 -35.26
N ASN B 574 -13.53 30.20 -34.87
CA ASN B 574 -12.84 28.91 -34.84
C ASN B 574 -13.42 27.96 -33.80
N ILE B 575 -13.76 28.49 -32.62
CA ILE B 575 -14.39 27.71 -31.58
C ILE B 575 -15.79 27.25 -32.04
N SER B 576 -16.54 28.16 -32.67
CA SER B 576 -17.91 27.84 -33.12
C SER B 576 -17.90 26.82 -34.25
N ARG B 577 -16.95 26.92 -35.18
CA ARG B 577 -16.80 25.89 -36.21
C ARG B 577 -16.55 24.53 -35.57
N LYS B 578 -15.69 24.45 -34.55
CA LYS B 578 -15.41 23.17 -33.90
C LYS B 578 -16.64 22.60 -33.19
N SER B 579 -17.37 23.46 -32.49
CA SER B 579 -18.63 23.08 -31.80
C SER B 579 -19.63 22.47 -32.80
N ILE B 580 -19.87 23.18 -33.89
CA ILE B 580 -20.75 22.70 -34.97
C ILE B 580 -20.21 21.41 -35.59
N GLU B 581 -18.93 21.38 -35.93
CA GLU B 581 -18.30 20.16 -36.44
C GLU B 581 -18.49 18.93 -35.54
N LEU B 582 -18.46 19.13 -34.22
CA LEU B 582 -18.66 18.02 -33.28
C LEU B 582 -20.06 17.44 -33.42
N LYS B 583 -21.06 18.31 -33.53
CA LYS B 583 -22.45 17.85 -33.71
C LYS B 583 -22.59 17.04 -35.01
N TYR B 584 -21.99 17.55 -36.08
CA TYR B 584 -22.02 16.85 -37.37
C TYR B 584 -21.31 15.51 -37.33
N LYS B 585 -20.14 15.43 -36.68
CA LYS B 585 -19.49 14.13 -36.51
C LYS B 585 -20.39 13.13 -35.77
N LEU B 586 -21.14 13.64 -34.79
CA LEU B 586 -22.04 12.81 -33.99
C LEU B 586 -23.40 12.50 -34.65
N PHE B 587 -23.61 12.91 -35.89
CA PHE B 587 -24.88 12.66 -36.56
C PHE B 587 -25.39 11.21 -36.43
N PRO B 588 -24.54 10.21 -36.74
CA PRO B 588 -25.10 8.85 -36.68
C PRO B 588 -25.56 8.45 -35.27
N TYR B 589 -24.85 8.94 -34.25
CA TYR B 589 -25.24 8.79 -32.87
C TYR B 589 -26.56 9.52 -32.56
N LEU B 590 -26.62 10.81 -32.91
CA LEU B 590 -27.81 11.62 -32.63
C LEU B 590 -29.04 11.10 -33.37
N TYR B 591 -28.86 10.70 -34.62
CA TYR B 591 -29.97 10.20 -35.40
C TYR B 591 -30.53 8.90 -34.84
N THR B 592 -29.66 8.06 -34.28
CA THR B 592 -30.12 6.84 -33.61
C THR B 592 -31.02 7.18 -32.44
N TYR B 593 -30.65 8.19 -31.66
CA TYR B 593 -31.50 8.67 -30.58
C TYR B 593 -32.74 9.44 -31.06
N ALA B 594 -32.69 10.07 -32.23
CA ALA B 594 -33.90 10.61 -32.86
C ALA B 594 -34.93 9.49 -33.08
N ARG B 595 -34.46 8.36 -33.59
CA ARG B 595 -35.33 7.20 -33.76
C ARG B 595 -35.85 6.71 -32.41
N GLU B 596 -34.97 6.62 -31.42
CA GLU B 596 -35.43 6.20 -30.10
C GLU B 596 -36.53 7.10 -29.54
N ALA B 597 -36.46 8.40 -29.81
CA ALA B 597 -37.54 9.31 -29.40
C ALA B 597 -38.85 8.89 -30.04
N HIS B 598 -38.83 8.56 -31.32
CA HIS B 598 -40.02 8.05 -32.01
C HIS B 598 -40.57 6.77 -31.36
N ASP B 599 -39.68 5.83 -31.02
CA ASP B 599 -40.11 4.53 -30.49
C ASP B 599 -40.52 4.52 -29.02
N THR B 600 -39.85 5.34 -28.20
CA THR B 600 -40.02 5.33 -26.74
C THR B 600 -40.56 6.62 -26.14
N GLY B 601 -40.49 7.72 -26.89
CA GLY B 601 -40.83 9.04 -26.36
C GLY B 601 -39.71 9.74 -25.62
N LEU B 602 -38.58 9.06 -25.37
CA LEU B 602 -37.50 9.68 -24.62
C LEU B 602 -36.83 10.77 -25.46
N PRO B 603 -36.63 11.94 -24.87
CA PRO B 603 -35.95 13.01 -25.58
C PRO B 603 -34.48 12.70 -25.84
N ILE B 604 -33.87 13.38 -26.79
CA ILE B 604 -32.43 13.25 -27.01
C ILE B 604 -31.68 13.90 -25.84
N MET B 605 -32.13 15.09 -25.46
CA MET B 605 -31.61 15.80 -24.29
C MET B 605 -32.30 15.22 -23.06
N ARG B 606 -31.54 14.52 -22.23
CA ARG B 606 -32.11 13.79 -21.10
C ARG B 606 -31.62 14.35 -19.78
N ALA B 607 -32.54 14.83 -18.97
CA ALA B 607 -32.23 15.03 -17.54
C ALA B 607 -31.65 13.72 -17.01
N LEU B 608 -30.58 13.82 -16.20
CA LEU B 608 -29.93 12.61 -15.68
C LEU B 608 -30.89 11.72 -14.90
N LEU B 609 -31.89 12.33 -14.25
CA LEU B 609 -32.92 11.56 -13.54
C LEU B 609 -33.62 10.48 -14.41
N LEU B 610 -33.72 10.72 -15.72
CA LEU B 610 -34.36 9.76 -16.61
C LEU B 610 -33.56 8.47 -16.73
N GLU B 611 -32.23 8.58 -16.63
CA GLU B 611 -31.35 7.42 -16.70
C GLU B 611 -30.88 6.89 -15.35
N TYR B 612 -30.90 7.73 -14.32
CA TYR B 612 -30.42 7.38 -12.97
C TYR B 612 -31.51 7.74 -11.97
N PRO B 613 -32.69 7.07 -12.07
CA PRO B 613 -33.83 7.44 -11.23
C PRO B 613 -33.62 7.23 -9.72
N ASN B 614 -32.74 6.31 -9.36
CA ASN B 614 -32.43 6.03 -7.95
C ASN B 614 -31.50 7.07 -7.31
N ASP B 615 -30.88 7.94 -8.12
CA ASP B 615 -29.88 8.91 -7.65
C ASP B 615 -30.53 10.27 -7.44
N LYS B 616 -30.84 10.59 -6.18
CA LYS B 616 -31.56 11.81 -5.83
C LYS B 616 -30.79 13.09 -6.12
N GLU B 617 -29.47 12.99 -6.24
CA GLU B 617 -28.66 14.13 -6.58
C GLU B 617 -29.02 14.66 -7.98
N THR B 618 -29.50 13.77 -8.87
CA THR B 618 -29.89 14.19 -10.23
C THR B 618 -31.07 15.15 -10.27
N PHE B 619 -31.88 15.17 -9.21
CA PHE B 619 -33.03 16.07 -9.13
C PHE B 619 -32.61 17.54 -9.14
N LYS B 620 -31.38 17.80 -8.69
CA LYS B 620 -30.84 19.14 -8.54
C LYS B 620 -30.12 19.70 -9.77
N LEU B 621 -29.93 18.89 -10.80
CA LEU B 621 -28.95 19.21 -11.84
C LEU B 621 -29.58 20.02 -12.96
N ASN B 622 -29.36 21.33 -12.93
CA ASN B 622 -29.83 22.25 -13.97
C ASN B 622 -28.71 22.73 -14.90
N GLY B 623 -27.48 22.25 -14.71
CA GLY B 623 -26.33 22.73 -15.48
C GLY B 623 -25.70 21.71 -16.40
N GLN B 624 -26.36 20.57 -16.55
CA GLN B 624 -25.83 19.47 -17.32
C GLN B 624 -26.94 18.52 -17.71
N PHE B 625 -26.68 17.72 -18.73
CA PHE B 625 -27.63 16.75 -19.22
C PHE B 625 -26.94 15.65 -19.99
N LEU B 626 -27.63 14.53 -20.14
CA LEU B 626 -27.17 13.49 -21.06
C LEU B 626 -27.68 13.78 -22.47
N VAL B 627 -26.95 13.34 -23.47
CA VAL B 627 -27.38 13.37 -24.86
C VAL B 627 -27.38 11.91 -25.25
N GLY B 628 -28.57 11.33 -25.38
CA GLY B 628 -28.73 9.87 -25.34
C GLY B 628 -28.25 9.33 -23.99
N LYS B 629 -27.71 8.11 -23.98
CA LYS B 629 -27.25 7.47 -22.76
C LYS B 629 -25.74 7.57 -22.58
N GLU B 630 -24.99 7.68 -23.67
CA GLU B 630 -23.53 7.50 -23.63
C GLU B 630 -22.78 8.79 -23.33
N LEU B 631 -23.38 9.96 -23.63
CA LEU B 631 -22.69 11.23 -23.49
C LEU B 631 -23.32 12.10 -22.42
N LEU B 632 -22.48 12.63 -21.54
CA LEU B 632 -22.87 13.63 -20.54
C LEU B 632 -22.25 14.97 -20.95
N VAL B 633 -23.10 15.97 -21.13
CA VAL B 633 -22.69 17.29 -21.58
C VAL B 633 -22.96 18.26 -20.44
N ALA B 634 -21.97 19.10 -20.15
CA ALA B 634 -22.02 19.98 -18.99
C ALA B 634 -21.49 21.33 -19.48
N PRO B 635 -22.35 22.08 -20.18
CA PRO B 635 -21.89 23.33 -20.79
C PRO B 635 -21.58 24.40 -19.77
N VAL B 636 -20.55 25.20 -20.04
CA VAL B 636 -20.25 26.35 -19.18
C VAL B 636 -21.26 27.44 -19.52
N VAL B 637 -21.99 27.89 -18.50
CA VAL B 637 -23.05 28.88 -18.69
C VAL B 637 -22.94 30.02 -17.66
N GLU B 638 -21.73 30.22 -17.12
CA GLU B 638 -21.44 31.31 -16.19
C GLU B 638 -20.39 32.23 -16.79
N GLN B 639 -20.64 33.55 -16.69
CA GLN B 639 -19.75 34.54 -17.29
C GLN B 639 -18.36 34.54 -16.66
N GLY B 640 -17.34 34.46 -17.50
CA GLY B 640 -15.93 34.47 -17.07
C GLY B 640 -15.42 33.14 -16.58
N ALA B 641 -16.27 32.12 -16.54
CA ALA B 641 -15.89 30.83 -15.99
C ALA B 641 -14.96 30.13 -16.95
N VAL B 642 -13.90 29.56 -16.39
CA VAL B 642 -12.96 28.73 -17.13
C VAL B 642 -12.86 27.35 -16.49
N THR B 643 -13.84 27.03 -15.64
CA THR B 643 -13.97 25.69 -15.07
C THR B 643 -15.45 25.34 -15.03
N LYS B 644 -15.73 24.06 -14.77
CA LYS B 644 -17.12 23.60 -14.66
C LYS B 644 -17.20 22.54 -13.57
N ASP B 645 -18.19 22.68 -12.70
CA ASP B 645 -18.57 21.64 -11.74
C ASP B 645 -19.52 20.64 -12.41
N VAL B 646 -19.16 19.37 -12.33
CA VAL B 646 -19.89 18.30 -13.00
C VAL B 646 -20.23 17.23 -11.99
N TYR B 647 -21.48 16.79 -11.98
CA TYR B 647 -21.87 15.60 -11.25
C TYR B 647 -21.82 14.38 -12.16
N LEU B 648 -21.00 13.39 -11.78
CA LEU B 648 -20.93 12.13 -12.50
C LEU B 648 -21.79 11.09 -11.78
N PRO B 649 -22.78 10.50 -12.46
CA PRO B 649 -23.63 9.45 -11.86
C PRO B 649 -22.89 8.11 -11.87
N GLU B 650 -23.58 7.03 -11.51
CA GLU B 650 -23.03 5.66 -11.52
C GLU B 650 -22.25 5.34 -12.79
N GLY B 651 -21.15 4.59 -12.61
CA GLY B 651 -20.31 4.13 -13.72
C GLY B 651 -18.97 4.83 -13.67
N GLU B 652 -18.18 4.67 -14.72
CA GLU B 652 -16.94 5.42 -14.88
C GLU B 652 -17.06 6.27 -16.13
N TRP B 653 -16.38 7.40 -16.14
CA TRP B 653 -16.61 8.46 -17.13
C TRP B 653 -15.29 9.00 -17.66
N ILE B 654 -15.23 9.11 -18.98
CA ILE B 654 -14.02 9.47 -19.68
C ILE B 654 -14.24 10.83 -20.35
N ASP B 655 -13.22 11.70 -20.27
CA ASP B 655 -13.22 12.97 -20.99
C ASP B 655 -13.29 12.69 -22.50
N PHE B 656 -14.41 13.04 -23.13
CA PHE B 656 -14.60 12.77 -24.55
C PHE B 656 -13.74 13.67 -25.46
N ASN B 657 -13.24 14.79 -24.93
CA ASN B 657 -12.40 15.69 -25.76
C ASN B 657 -11.05 15.05 -26.01
N ASN B 658 -10.41 14.54 -24.94
CA ASN B 658 -9.10 13.87 -25.03
C ASN B 658 -9.14 12.32 -25.07
N CYS B 659 -10.23 11.72 -24.55
CA CYS B 659 -10.45 10.25 -24.51
C CYS B 659 -9.46 9.47 -23.63
N LYS B 660 -8.90 10.15 -22.63
CA LYS B 660 -7.84 9.57 -21.80
C LYS B 660 -8.09 9.75 -20.30
N THR B 661 -8.40 10.97 -19.86
CA THR B 661 -8.73 11.24 -18.45
C THR B 661 -10.00 10.49 -18.04
N LYS B 662 -9.91 9.66 -17.00
CA LYS B 662 -11.02 8.83 -16.55
C LYS B 662 -11.40 9.20 -15.11
N TYR B 663 -12.69 9.15 -14.80
CA TYR B 663 -13.19 9.49 -13.47
C TYR B 663 -14.13 8.42 -12.95
N LYS B 664 -14.08 8.18 -11.65
CA LYS B 664 -15.05 7.34 -10.97
C LYS B 664 -16.39 8.06 -10.86
N GLY B 665 -17.47 7.29 -10.85
CA GLY B 665 -18.82 7.82 -10.76
C GLY B 665 -19.27 8.15 -9.36
N GLU B 666 -20.47 8.72 -9.29
CA GLU B 666 -21.13 9.14 -8.06
C GLU B 666 -20.31 10.15 -7.27
N GLN B 667 -19.86 11.20 -7.96
CA GLN B 667 -19.13 12.28 -7.33
C GLN B 667 -19.22 13.57 -8.12
N TRP B 668 -19.08 14.68 -7.41
CA TRP B 668 -18.88 15.97 -8.03
C TRP B 668 -17.40 16.15 -8.33
N ILE B 669 -17.11 16.61 -9.54
CA ILE B 669 -15.75 17.00 -9.94
C ILE B 669 -15.77 18.43 -10.45
N THR B 670 -14.59 19.02 -10.53
CA THR B 670 -14.37 20.32 -11.17
C THR B 670 -13.34 20.11 -12.26
N VAL B 671 -13.69 20.47 -13.49
CA VAL B 671 -12.81 20.31 -14.65
C VAL B 671 -12.45 21.67 -15.25
N ASP B 672 -11.30 21.71 -15.94
CA ASP B 672 -10.92 22.91 -16.69
C ASP B 672 -11.85 22.98 -17.92
N ALA B 673 -12.29 24.19 -18.20
CA ALA B 673 -13.26 24.42 -19.28
C ALA B 673 -13.06 25.84 -19.76
N PRO B 674 -11.91 26.09 -20.44
CA PRO B 674 -11.69 27.41 -21.03
C PRO B 674 -12.68 27.67 -22.16
N LEU B 675 -12.65 28.90 -22.69
CA LEU B 675 -13.64 29.31 -23.70
C LEU B 675 -13.75 28.36 -24.88
N ASN B 676 -12.63 27.75 -25.30
CA ASN B 676 -12.61 26.83 -26.43
C ASN B 676 -13.10 25.40 -26.14
N THR B 677 -13.67 25.16 -24.95
CA THR B 677 -13.97 23.81 -24.50
C THR B 677 -15.40 23.66 -24.02
N ILE B 678 -16.02 22.57 -24.45
CA ILE B 678 -17.29 22.09 -23.91
C ILE B 678 -16.99 20.82 -23.10
N PRO B 679 -17.28 20.84 -21.78
CA PRO B 679 -17.12 19.59 -21.02
C PRO B 679 -18.11 18.51 -21.49
N VAL B 680 -17.56 17.46 -22.09
CA VAL B 680 -18.32 16.32 -22.56
C VAL B 680 -17.62 15.06 -22.05
N PHE B 681 -18.41 14.12 -21.54
CA PHE B 681 -17.90 12.88 -21.00
C PHE B 681 -18.60 11.72 -21.65
N VAL B 682 -17.87 10.63 -21.83
CA VAL B 682 -18.38 9.40 -22.39
C VAL B 682 -18.36 8.32 -21.31
N LYS B 683 -19.47 7.60 -21.18
CA LYS B 683 -19.56 6.56 -20.20
C LYS B 683 -18.68 5.37 -20.59
N LYS B 684 -17.94 4.86 -19.62
CA LYS B 684 -17.11 3.67 -19.87
C LYS B 684 -18.02 2.51 -20.27
N GLY B 685 -17.67 1.88 -21.38
CA GLY B 685 -18.52 0.84 -21.99
C GLY B 685 -19.15 1.29 -23.29
N SER B 686 -19.17 2.61 -23.54
CA SER B 686 -19.90 3.16 -24.67
C SER B 686 -19.27 2.84 -26.02
N ILE B 687 -20.16 2.77 -27.02
CA ILE B 687 -19.81 2.65 -28.43
CA ILE B 687 -19.80 2.66 -28.43
C ILE B 687 -20.49 3.82 -29.13
N ILE B 688 -19.72 4.71 -29.75
CA ILE B 688 -20.23 5.93 -30.37
C ILE B 688 -19.98 5.91 -31.88
N PRO B 689 -21.03 5.79 -32.71
CA PRO B 689 -20.79 5.90 -34.14
C PRO B 689 -20.58 7.37 -34.53
N GLN B 690 -19.67 7.61 -35.48
CA GLN B 690 -19.42 8.95 -35.98
C GLN B 690 -19.20 8.93 -37.48
N MET B 691 -19.48 10.07 -38.09
CA MET B 691 -19.22 10.28 -39.52
C MET B 691 -18.15 11.35 -39.69
N PRO B 692 -17.56 11.44 -40.89
CA PRO B 692 -16.58 12.51 -41.10
C PRO B 692 -17.26 13.89 -41.11
N VAL B 693 -16.46 14.92 -40.86
CA VAL B 693 -16.91 16.31 -41.02
C VAL B 693 -17.44 16.50 -42.45
N MET B 694 -18.61 17.14 -42.56
CA MET B 694 -19.23 17.54 -43.83
C MET B 694 -19.83 18.91 -43.60
N GLN B 695 -20.10 19.62 -44.69
CA GLN B 695 -20.69 20.96 -44.62
C GLN B 695 -22.21 20.94 -44.48
N TYR B 696 -22.82 19.83 -44.87
CA TYR B 696 -24.24 19.59 -44.64
C TYR B 696 -24.48 18.09 -44.62
N ILE B 697 -25.58 17.69 -43.97
CA ILE B 697 -25.93 16.28 -43.88
C ILE B 697 -26.12 15.71 -45.27
N ASP B 698 -25.47 14.58 -45.54
CA ASP B 698 -25.51 13.96 -46.87
C ASP B 698 -24.74 14.68 -47.98
N GLU B 699 -23.81 15.58 -47.62
CA GLU B 699 -22.87 16.13 -48.61
C GLU B 699 -22.13 14.98 -49.29
N LYS B 700 -21.72 14.01 -48.47
CA LYS B 700 -21.33 12.68 -48.92
C LYS B 700 -22.51 11.74 -48.70
N LYS B 701 -23.04 11.18 -49.79
CA LYS B 701 -24.19 10.27 -49.70
C LYS B 701 -23.80 8.93 -49.08
N VAL B 702 -22.52 8.58 -49.20
CA VAL B 702 -21.94 7.36 -48.65
C VAL B 702 -20.71 7.79 -47.88
N TYR B 703 -20.46 7.22 -46.70
CA TYR B 703 -19.26 7.57 -45.94
C TYR B 703 -18.84 6.46 -44.99
N PRO B 704 -17.54 6.39 -44.68
CA PRO B 704 -17.09 5.43 -43.67
C PRO B 704 -17.62 5.80 -42.30
N VAL B 705 -18.07 4.80 -41.56
CA VAL B 705 -18.58 5.02 -40.23
C VAL B 705 -17.53 4.53 -39.24
N THR B 706 -17.18 5.40 -38.31
CA THR B 706 -16.22 5.10 -37.26
C THR B 706 -17.03 4.74 -36.00
N PHE B 707 -16.55 3.75 -35.24
CA PHE B 707 -17.15 3.40 -33.96
C PHE B 707 -16.11 3.57 -32.85
N ASP B 708 -16.24 4.61 -32.05
CA ASP B 708 -15.34 4.80 -30.92
C ASP B 708 -15.81 3.96 -29.75
N ILE B 709 -15.01 2.94 -29.43
CA ILE B 709 -15.34 1.93 -28.45
C ILE B 709 -14.49 2.16 -27.20
N PHE B 710 -15.17 2.30 -26.06
CA PHE B 710 -14.55 2.49 -24.76
C PHE B 710 -14.89 1.27 -23.91
N PRO B 711 -14.06 0.20 -23.98
CA PRO B 711 -14.48 -1.07 -23.36
C PRO B 711 -14.88 -0.96 -21.89
N GLY B 712 -15.95 -1.64 -21.53
CA GLY B 712 -16.41 -1.66 -20.15
C GLY B 712 -15.55 -2.57 -19.29
N ASN B 713 -15.95 -2.72 -18.03
CA ASN B 713 -15.21 -3.53 -17.07
C ASN B 713 -15.19 -5.00 -17.49
N LEU B 714 -14.26 -5.75 -16.90
CA LEU B 714 -14.11 -7.18 -17.15
C LEU B 714 -15.47 -7.91 -17.12
N ASN B 715 -15.72 -8.68 -18.18
CA ASN B 715 -16.94 -9.50 -18.35
C ASN B 715 -18.29 -8.73 -18.33
N LYS B 716 -18.26 -7.45 -18.72
CA LYS B 716 -19.50 -6.65 -18.84
C LYS B 716 -19.71 -6.36 -20.32
N GLU B 717 -20.79 -6.91 -20.88
CA GLU B 717 -21.12 -6.71 -22.29
C GLU B 717 -21.84 -5.37 -22.47
N THR B 718 -21.38 -4.58 -23.44
CA THR B 718 -22.04 -3.33 -23.80
C THR B 718 -22.26 -3.34 -25.30
N SER B 719 -23.13 -2.45 -25.78
CA SER B 719 -23.42 -2.37 -27.20
C SER B 719 -23.99 -1.03 -27.63
N PHE B 720 -24.07 -0.85 -28.94
CA PHE B 720 -24.81 0.25 -29.56
C PHE B 720 -25.45 -0.24 -30.85
N THR B 721 -26.72 0.09 -31.05
CA THR B 721 -27.45 -0.32 -32.23
C THR B 721 -27.61 0.89 -33.15
N PHE B 722 -26.76 0.92 -34.19
CA PHE B 722 -26.68 1.99 -35.17
C PHE B 722 -27.86 1.87 -36.11
N TYR B 723 -28.76 2.86 -36.02
CA TYR B 723 -30.00 2.91 -36.82
C TYR B 723 -29.81 3.76 -38.07
N GLU B 724 -30.32 3.27 -39.20
CA GLU B 724 -30.32 4.02 -40.46
C GLU B 724 -31.65 3.88 -41.17
N ASP B 725 -32.04 4.95 -41.85
CA ASP B 725 -33.19 4.93 -42.74
C ASP B 725 -33.01 5.99 -43.85
N ASP B 726 -34.03 6.23 -44.65
CA ASP B 726 -33.85 7.08 -45.82
C ASP B 726 -33.84 8.58 -45.47
N GLY B 727 -34.25 8.91 -44.24
CA GLY B 727 -34.08 10.26 -43.71
C GLY B 727 -35.05 11.31 -44.23
N GLU B 728 -35.91 10.94 -45.17
CA GLU B 728 -36.79 11.90 -45.88
C GLU B 728 -38.26 11.49 -45.93
N SER B 729 -38.55 10.18 -46.01
CA SER B 729 -39.90 9.69 -46.21
C SER B 729 -40.54 9.30 -44.90
N ARG B 730 -41.82 8.96 -44.97
CA ARG B 730 -42.56 8.43 -43.82
C ARG B 730 -42.46 6.90 -43.72
N ASP B 731 -41.63 6.26 -44.56
CA ASP B 731 -41.43 4.80 -44.51
C ASP B 731 -41.01 4.35 -43.11
N TYR B 732 -40.22 5.16 -42.39
CA TYR B 732 -39.78 4.82 -41.03
C TYR B 732 -40.96 4.56 -40.07
N GLU B 733 -42.11 5.21 -40.31
CA GLU B 733 -43.30 5.01 -39.47
C GLU B 733 -43.89 3.62 -39.62
N ARG B 734 -43.62 2.98 -40.75
CA ARG B 734 -43.96 1.57 -40.98
C ARG B 734 -42.77 0.63 -40.75
N ASP B 735 -41.79 1.08 -39.96
CA ASP B 735 -40.60 0.31 -39.58
C ASP B 735 -39.76 -0.18 -40.76
N VAL B 736 -39.53 0.75 -41.69
CA VAL B 736 -38.65 0.53 -42.82
C VAL B 736 -37.33 1.22 -42.50
N PHE B 737 -36.34 0.39 -42.19
CA PHE B 737 -35.04 0.85 -41.74
C PHE B 737 -34.04 -0.29 -41.81
N CYS B 738 -32.79 -0.01 -41.42
CA CYS B 738 -31.86 -1.06 -41.01
C CYS B 738 -31.16 -0.69 -39.72
N LYS B 739 -30.60 -1.71 -39.08
CA LYS B 739 -29.86 -1.55 -37.84
C LYS B 739 -28.64 -2.47 -37.84
N THR B 740 -27.55 -1.97 -37.27
CA THR B 740 -26.31 -2.73 -37.15
C THR B 740 -25.88 -2.62 -35.69
N LYS B 741 -25.90 -3.75 -34.98
CA LYS B 741 -25.51 -3.76 -33.56
C LYS B 741 -24.02 -4.02 -33.44
N ILE B 742 -23.33 -3.15 -32.70
CA ILE B 742 -21.91 -3.35 -32.36
C ILE B 742 -21.87 -3.73 -30.90
N THR B 743 -21.20 -4.84 -30.57
CA THR B 743 -21.09 -5.31 -29.20
C THR B 743 -19.62 -5.31 -28.78
N SER B 744 -19.36 -5.05 -27.51
CA SER B 744 -18.02 -5.06 -26.92
C SER B 744 -18.07 -5.84 -25.61
N LYS B 745 -17.14 -6.75 -25.42
CA LYS B 745 -17.02 -7.50 -24.17
C LYS B 745 -15.56 -7.78 -23.88
N ALA B 746 -15.07 -7.29 -22.75
CA ALA B 746 -13.70 -7.58 -22.29
C ALA B 746 -13.71 -8.85 -21.46
N SER B 747 -12.74 -9.72 -21.71
CA SER B 747 -12.42 -10.86 -20.85
C SER B 747 -10.93 -10.75 -20.49
N ASN B 748 -10.40 -11.69 -19.73
CA ASN B 748 -8.99 -11.61 -19.29
C ASN B 748 -8.04 -11.56 -20.49
N GLU B 749 -7.17 -10.55 -20.49
CA GLU B 749 -6.24 -10.23 -21.60
C GLU B 749 -6.84 -10.32 -23.02
N GLU B 750 -8.09 -9.86 -23.17
CA GLU B 750 -8.83 -10.05 -24.41
C GLU B 750 -10.05 -9.12 -24.55
N ILE B 751 -10.27 -8.58 -25.76
CA ILE B 751 -11.48 -7.80 -26.07
C ILE B 751 -12.14 -8.33 -27.36
N LYS B 752 -13.41 -8.72 -27.24
CA LYS B 752 -14.20 -9.18 -28.37
C LYS B 752 -15.14 -8.05 -28.84
N ILE B 753 -14.98 -7.61 -30.09
CA ILE B 753 -15.91 -6.64 -30.71
C ILE B 753 -16.69 -7.36 -31.79
N THR B 754 -18.02 -7.41 -31.65
CA THR B 754 -18.87 -8.05 -32.62
C THR B 754 -19.59 -7.01 -33.46
N VAL B 755 -19.42 -7.08 -34.77
CA VAL B 755 -20.24 -6.34 -35.72
C VAL B 755 -21.40 -7.27 -36.06
N GLY B 756 -22.57 -6.99 -35.51
CA GLY B 756 -23.75 -7.83 -35.72
C GLY B 756 -24.17 -7.87 -37.16
N GLU B 757 -24.77 -8.99 -37.57
CA GLU B 757 -25.38 -9.08 -38.91
C GLU B 757 -26.38 -7.94 -39.05
N ARG B 758 -26.35 -7.23 -40.17
CA ARG B 758 -27.27 -6.12 -40.40
C ARG B 758 -28.72 -6.62 -40.34
N GLU B 759 -29.51 -5.96 -39.49
CA GLU B 759 -30.93 -6.21 -39.38
C GLU B 759 -31.56 -5.40 -40.50
N TYR B 760 -32.03 -6.08 -41.54
CA TYR B 760 -32.55 -5.43 -42.75
C TYR B 760 -34.07 -5.43 -42.71
N LYS B 761 -34.67 -4.24 -42.62
CA LYS B 761 -36.12 -4.08 -42.63
C LYS B 761 -36.59 -3.20 -43.79
N GLY B 762 -35.99 -3.41 -44.96
CA GLY B 762 -36.43 -2.77 -46.19
C GLY B 762 -35.74 -1.48 -46.57
N TYR B 763 -34.73 -1.08 -45.80
CA TYR B 763 -33.86 0.02 -46.17
C TYR B 763 -32.42 -0.49 -46.22
N SER B 764 -31.76 -0.25 -47.35
CA SER B 764 -30.35 -0.64 -47.55
C SER B 764 -29.52 0.59 -47.33
N PRO B 765 -28.47 0.48 -46.52
CA PRO B 765 -27.69 1.67 -46.23
C PRO B 765 -26.94 2.15 -47.44
N ALA B 766 -26.33 3.33 -47.28
CA ALA B 766 -25.42 3.86 -48.27
C ALA B 766 -24.25 2.89 -48.34
N GLY B 767 -23.87 2.52 -49.56
CA GLY B 767 -22.76 1.63 -49.76
C GLY B 767 -22.27 1.67 -51.19
N PRO B 768 -21.13 1.06 -51.47
CA PRO B 768 -20.32 0.36 -50.46
C PRO B 768 -19.55 1.31 -49.54
N ARG B 769 -19.20 0.82 -48.36
CA ARG B 769 -18.46 1.60 -47.39
C ARG B 769 -17.72 0.68 -46.43
N ASN B 770 -16.78 1.28 -45.69
CA ASN B 770 -16.01 0.60 -44.67
C ASN B 770 -16.42 1.08 -43.27
N PHE B 771 -16.26 0.22 -42.29
CA PHE B 771 -16.32 0.57 -40.88
C PHE B 771 -14.90 0.63 -40.36
N ILE B 772 -14.67 1.55 -39.42
CA ILE B 772 -13.43 1.60 -38.68
C ILE B 772 -13.81 1.50 -37.21
N LEU B 773 -13.46 0.38 -36.61
CA LEU B 773 -13.64 0.17 -35.18
C LEU B 773 -12.45 0.83 -34.48
N LYS B 774 -12.72 1.76 -33.57
CA LYS B 774 -11.67 2.47 -32.83
C LYS B 774 -11.75 2.14 -31.35
N ILE B 775 -10.93 1.19 -30.92
CA ILE B 775 -10.98 0.69 -29.56
C ILE B 775 -9.94 1.45 -28.75
N HIS B 776 -10.40 2.15 -27.72
CA HIS B 776 -9.55 2.94 -26.85
C HIS B 776 -8.89 2.06 -25.81
N ALA B 777 -7.55 1.98 -25.84
CA ALA B 777 -6.79 1.03 -25.02
C ALA B 777 -5.45 1.60 -24.59
N SER B 778 -4.94 1.10 -23.46
CA SER B 778 -3.69 1.59 -22.87
C SER B 778 -2.42 1.20 -23.65
N ASN B 779 -2.39 -0.01 -24.21
CA ASN B 779 -1.21 -0.55 -24.88
C ASN B 779 -1.53 -1.11 -26.25
N LYS B 780 -0.55 -1.12 -27.13
CA LYS B 780 -0.69 -1.80 -28.41
C LYS B 780 -0.91 -3.29 -28.14
N PRO B 781 -2.00 -3.87 -28.69
CA PRO B 781 -2.24 -5.29 -28.45
C PRO B 781 -1.26 -6.17 -29.24
N LYS B 782 -1.19 -7.44 -28.85
CA LYS B 782 -0.30 -8.42 -29.48
C LYS B 782 -0.75 -8.71 -30.90
N ASP B 783 -2.04 -9.05 -31.04
CA ASP B 783 -2.66 -9.36 -32.34
C ASP B 783 -4.15 -9.04 -32.37
N VAL B 784 -4.69 -8.94 -33.57
CA VAL B 784 -6.14 -8.78 -33.79
C VAL B 784 -6.59 -9.85 -34.79
N PHE B 785 -7.63 -10.59 -34.42
CA PHE B 785 -8.24 -11.61 -35.29
C PHE B 785 -9.62 -11.17 -35.78
N ALA B 786 -9.97 -11.56 -37.00
CA ALA B 786 -11.33 -11.43 -37.53
C ALA B 786 -11.89 -12.83 -37.75
N GLY B 787 -12.66 -13.31 -36.79
CA GLY B 787 -13.06 -14.71 -36.73
C GLY B 787 -11.85 -15.55 -36.34
N GLY B 788 -11.55 -16.55 -37.15
CA GLY B 788 -10.35 -17.38 -36.94
C GLY B 788 -9.05 -16.76 -37.45
N GLU B 789 -9.14 -15.89 -38.46
CA GLU B 789 -7.97 -15.43 -39.20
C GLU B 789 -7.28 -14.23 -38.55
N LYS B 790 -5.95 -14.29 -38.47
CA LYS B 790 -5.15 -13.18 -37.97
C LYS B 790 -5.10 -12.07 -39.00
N LEU B 791 -5.25 -10.82 -38.53
CA LEU B 791 -5.21 -9.64 -39.39
C LEU B 791 -3.83 -9.01 -39.41
N LYS B 792 -3.49 -8.43 -40.56
CA LYS B 792 -2.25 -7.72 -40.75
C LYS B 792 -2.27 -6.40 -39.97
N ASN B 793 -1.23 -6.19 -39.18
CA ASN B 793 -0.96 -4.90 -38.56
C ASN B 793 -0.32 -4.00 -39.63
N VAL B 794 -0.78 -2.75 -39.74
CA VAL B 794 -0.26 -1.81 -40.75
C VAL B 794 -0.06 -0.42 -40.14
N LYS B 795 0.59 0.47 -40.91
CA LYS B 795 0.71 1.87 -40.50
C LYS B 795 -0.67 2.54 -40.52
N PRO B 796 -0.92 3.50 -39.61
CA PRO B 796 -2.14 4.31 -39.69
C PRO B 796 -2.41 4.88 -41.10
N HIS B 797 -1.35 5.37 -41.76
CA HIS B 797 -1.43 5.85 -43.15
C HIS B 797 -2.00 4.81 -44.13
N VAL B 798 -1.61 3.54 -43.94
CA VAL B 798 -2.06 2.43 -44.79
C VAL B 798 -3.52 2.04 -44.51
N LEU B 799 -3.91 2.02 -43.24
CA LEU B 799 -5.31 1.73 -42.89
C LEU B 799 -6.27 2.79 -43.48
N GLU B 800 -5.84 4.05 -43.46
CA GLU B 800 -6.61 5.17 -43.97
C GLU B 800 -6.65 5.31 -45.50
N LYS B 801 -5.77 4.61 -46.20
CA LYS B 801 -5.64 4.76 -47.65
C LYS B 801 -6.82 4.13 -48.40
N ASN B 802 -7.41 4.89 -49.32
CA ASN B 802 -8.56 4.44 -50.11
C ASN B 802 -9.69 3.93 -49.23
N ILE B 803 -10.00 4.70 -48.20
CA ILE B 803 -11.08 4.35 -47.27
C ILE B 803 -12.48 4.47 -47.91
N GLU B 804 -12.62 5.34 -48.92
CA GLU B 804 -13.88 5.51 -49.67
C GLU B 804 -13.85 4.89 -51.07
N ALA B 805 -12.82 4.10 -51.39
CA ALA B 805 -12.63 3.52 -52.73
C ALA B 805 -12.37 2.01 -52.76
N ASP B 806 -11.60 1.52 -51.80
CA ASP B 806 -11.25 0.10 -51.68
C ASP B 806 -12.03 -0.51 -50.51
N PHE B 807 -12.78 -1.57 -50.79
CA PHE B 807 -13.64 -2.24 -49.80
C PHE B 807 -13.33 -3.73 -49.66
N THR B 808 -12.07 -4.10 -49.87
CA THR B 808 -11.61 -5.49 -49.77
C THR B 808 -10.55 -5.71 -48.67
N LYS B 809 -10.26 -4.67 -47.90
CA LYS B 809 -9.16 -4.69 -46.94
C LYS B 809 -9.68 -4.83 -45.52
N ILE B 810 -9.16 -5.82 -44.80
CA ILE B 810 -9.41 -5.96 -43.37
C ILE B 810 -8.04 -5.96 -42.70
N ASN B 811 -7.76 -4.89 -41.95
CA ASN B 811 -6.49 -4.75 -41.23
C ASN B 811 -6.65 -3.86 -40.01
N TRP B 812 -5.58 -3.74 -39.22
CA TRP B 812 -5.58 -2.89 -38.04
C TRP B 812 -4.29 -2.07 -37.90
N SER B 813 -4.39 -0.97 -37.16
CA SER B 813 -3.28 -0.08 -36.89
C SER B 813 -3.34 0.39 -35.44
N TRP B 814 -2.25 0.99 -34.97
CA TRP B 814 -2.14 1.49 -33.61
C TRP B 814 -1.68 2.95 -33.65
N ASN B 815 -2.27 3.76 -32.76
CA ASN B 815 -1.87 5.15 -32.58
C ASN B 815 -1.53 5.32 -31.10
N GLU B 816 -0.23 5.50 -30.82
CA GLU B 816 0.28 5.63 -29.46
C GLU B 816 -0.17 6.93 -28.80
N ALA B 817 -0.10 8.04 -29.53
CA ALA B 817 -0.49 9.35 -29.01
C ALA B 817 -1.96 9.39 -28.54
N GLU B 818 -2.84 8.75 -29.31
CA GLU B 818 -4.28 8.72 -29.03
C GLU B 818 -4.73 7.51 -28.18
N ASN B 819 -3.90 6.48 -28.06
CA ASN B 819 -4.26 5.24 -27.35
C ASN B 819 -5.46 4.55 -28.01
N VAL B 820 -5.36 4.34 -29.33
CA VAL B 820 -6.46 3.80 -30.13
C VAL B 820 -5.99 2.70 -31.09
N ILE B 821 -6.64 1.54 -30.97
CA ILE B 821 -6.57 0.46 -31.95
C ILE B 821 -7.65 0.73 -32.99
N SER B 822 -7.25 0.96 -34.24
CA SER B 822 -8.21 1.08 -35.35
C SER B 822 -8.25 -0.23 -36.12
N VAL B 823 -9.45 -0.71 -36.45
CA VAL B 823 -9.64 -1.93 -37.25
C VAL B 823 -10.55 -1.60 -38.43
N ARG B 824 -9.99 -1.60 -39.65
CA ARG B 824 -10.79 -1.43 -40.87
C ARG B 824 -11.47 -2.75 -41.23
N ILE B 825 -12.78 -2.68 -41.49
CA ILE B 825 -13.57 -3.82 -41.95
C ILE B 825 -14.65 -3.30 -42.91
N PRO B 826 -14.78 -3.93 -44.10
CA PRO B 826 -15.89 -3.51 -44.97
C PRO B 826 -17.25 -3.76 -44.33
N ASP B 827 -18.19 -2.88 -44.61
CA ASP B 827 -19.55 -3.06 -44.14
C ASP B 827 -20.27 -4.03 -45.09
N SER B 828 -20.03 -5.32 -44.86
CA SER B 828 -20.60 -6.39 -45.69
C SER B 828 -22.03 -6.73 -45.32
N GLY B 829 -22.44 -6.37 -44.10
CA GLY B 829 -23.75 -6.75 -43.58
C GLY B 829 -23.74 -8.10 -42.88
N LYS B 830 -22.58 -8.77 -42.85
CA LYS B 830 -22.42 -10.08 -42.21
C LYS B 830 -21.94 -9.91 -40.78
N ASN B 831 -22.23 -10.91 -39.96
CA ASN B 831 -21.70 -10.99 -38.61
C ASN B 831 -20.18 -11.14 -38.71
N ALA B 832 -19.47 -10.43 -37.85
CA ALA B 832 -18.02 -10.60 -37.73
C ALA B 832 -17.64 -10.41 -36.28
N VAL B 833 -16.74 -11.27 -35.78
CA VAL B 833 -16.26 -11.19 -34.40
C VAL B 833 -14.79 -10.81 -34.49
N ILE B 834 -14.44 -9.65 -33.92
CA ILE B 834 -13.08 -9.14 -33.93
C ILE B 834 -12.53 -9.40 -32.54
N THR B 835 -11.42 -10.14 -32.46
CA THR B 835 -10.80 -10.46 -31.18
C THR B 835 -9.46 -9.76 -31.06
N ILE B 836 -9.28 -9.03 -29.97
CA ILE B 836 -8.07 -8.28 -29.70
C ILE B 836 -7.32 -8.98 -28.55
N LYS B 837 -6.15 -9.53 -28.86
CA LYS B 837 -5.31 -10.23 -27.86
C LYS B 837 -4.42 -9.22 -27.17
N ASN B 838 -4.58 -9.07 -25.85
CA ASN B 838 -3.75 -8.15 -25.07
C ASN B 838 -2.42 -8.83 -24.74
N GLU C 27 5.31 30.22 6.63
CA GLU C 27 6.49 29.69 7.38
C GLU C 27 7.80 30.40 6.95
N GLN C 28 8.72 30.53 7.90
CA GLN C 28 9.97 31.28 7.76
C GLN C 28 11.16 30.33 7.61
N TYR C 29 11.98 30.53 6.56
CA TYR C 29 13.25 29.81 6.39
C TYR C 29 14.41 30.76 6.70
N LEU C 30 15.62 30.20 6.83
CA LEU C 30 16.80 31.04 7.06
C LEU C 30 17.11 31.97 5.89
N GLY C 31 16.97 31.48 4.67
CA GLY C 31 17.29 32.26 3.49
C GLY C 31 18.78 32.49 3.42
N ASN C 32 19.19 33.56 2.76
CA ASN C 32 20.61 33.78 2.46
C ASN C 32 21.41 34.23 3.67
N CYS C 33 22.61 33.66 3.81
CA CYS C 33 23.55 34.04 4.84
C CYS C 33 24.38 35.22 4.34
N THR C 34 24.40 36.31 5.11
CA THR C 34 25.10 37.54 4.73
C THR C 34 26.43 37.78 5.45
N ALA C 35 26.65 37.09 6.56
CA ALA C 35 27.82 37.34 7.40
C ALA C 35 27.98 36.22 8.40
N TYR C 36 29.17 36.13 8.96
CA TYR C 36 29.45 35.26 10.10
C TYR C 36 30.31 35.99 11.14
N SER C 37 30.26 35.49 12.35
CA SER C 37 31.05 36.00 13.47
C SER C 37 31.55 34.80 14.28
N VAL C 38 32.85 34.79 14.61
CA VAL C 38 33.43 33.74 15.44
C VAL C 38 33.68 34.27 16.85
N LYS C 39 33.33 33.47 17.85
CA LYS C 39 33.74 33.73 19.23
C LYS C 39 34.13 32.43 19.89
N GLY C 40 35.43 32.22 20.05
CA GLY C 40 35.94 31.00 20.66
C GLY C 40 35.55 29.80 19.82
N ASN C 41 34.85 28.84 20.42
CA ASN C 41 34.44 27.64 19.68
C ASN C 41 33.06 27.75 19.01
N LYS C 42 32.50 28.96 18.94
CA LYS C 42 31.20 29.21 18.34
C LYS C 42 31.31 30.10 17.12
N VAL C 43 30.55 29.76 16.08
CA VAL C 43 30.38 30.62 14.92
C VAL C 43 28.89 30.87 14.73
N VAL C 44 28.52 32.14 14.51
CA VAL C 44 27.13 32.51 14.27
C VAL C 44 27.00 33.04 12.85
N PHE C 45 26.13 32.41 12.08
CA PHE C 45 25.85 32.81 10.71
C PHE C 45 24.59 33.64 10.72
N SER C 46 24.69 34.87 10.21
CA SER C 46 23.51 35.76 10.12
C SER C 46 22.78 35.53 8.83
N CYS C 47 21.48 35.28 8.90
CA CYS C 47 20.66 35.00 7.71
C CYS C 47 19.53 36.04 7.56
N ALA C 48 18.41 35.68 6.95
CA ALA C 48 17.39 36.67 6.59
C ALA C 48 16.55 37.08 7.81
N ASN C 49 16.10 38.34 7.83
CA ASN C 49 15.12 38.82 8.83
C ASN C 49 15.45 38.51 10.28
N ASN C 50 16.68 38.86 10.67
CA ASN C 50 17.22 38.64 12.02
C ASN C 50 17.41 37.19 12.46
N SER C 51 17.13 36.23 11.59
CA SER C 51 17.39 34.82 11.90
C SER C 51 18.90 34.55 11.87
N LYS C 52 19.34 33.61 12.70
CA LYS C 52 20.76 33.24 12.82
C LYS C 52 20.86 31.78 13.16
N ILE C 53 22.01 31.20 12.87
CA ILE C 53 22.30 29.82 13.25
C ILE C 53 23.72 29.75 13.77
N MET C 54 23.87 29.09 14.93
CA MET C 54 25.15 28.92 15.59
C MET C 54 25.62 27.49 15.40
N LEU C 55 26.91 27.33 15.10
CA LEU C 55 27.60 26.04 15.17
C LEU C 55 28.66 26.18 16.25
N GLN C 56 28.64 25.27 17.21
CA GLN C 56 29.59 25.26 18.31
C GLN C 56 30.33 23.91 18.27
N LEU C 57 31.66 23.99 18.18
CA LEU C 57 32.49 22.79 18.15
C LEU C 57 32.79 22.35 19.58
N CYS C 58 32.04 21.35 20.05
CA CYS C 58 32.28 20.75 21.35
C CYS C 58 33.56 19.91 21.32
N SER C 59 33.75 19.21 20.22
CA SER C 59 35.00 18.53 19.87
C SER C 59 35.06 18.49 18.36
N GLY C 60 36.10 17.84 17.82
CA GLY C 60 36.16 17.52 16.41
C GLY C 60 35.07 16.62 15.87
N GLU C 61 34.34 15.93 16.75
CA GLU C 61 33.28 15.02 16.35
C GLU C 61 31.89 15.48 16.74
N VAL C 62 31.78 16.45 17.64
CA VAL C 62 30.50 16.82 18.20
C VAL C 62 30.23 18.30 17.99
N VAL C 63 29.17 18.58 17.25
CA VAL C 63 28.80 19.92 16.87
C VAL C 63 27.45 20.23 17.47
N LYS C 64 27.39 21.26 18.32
CA LYS C 64 26.12 21.81 18.82
C LYS C 64 25.58 22.81 17.81
N ILE C 65 24.33 22.63 17.42
CA ILE C 65 23.71 23.46 16.40
C ILE C 65 22.49 24.11 17.02
N TRP C 66 22.41 25.42 16.89
CA TRP C 66 21.30 26.22 17.41
C TRP C 66 20.77 27.14 16.31
N ALA C 67 19.62 26.79 15.76
CA ALA C 67 18.94 27.62 14.75
C ALA C 67 17.92 28.51 15.47
N SER C 68 17.93 29.80 15.16
CA SER C 68 17.11 30.79 15.86
C SER C 68 16.35 31.68 14.86
N ALA C 69 15.04 31.73 15.01
CA ALA C 69 14.17 32.52 14.13
C ALA C 69 14.38 34.01 14.33
N ASP C 70 14.68 34.41 15.58
CA ASP C 70 14.78 35.83 15.96
C ASP C 70 16.20 36.33 16.27
N GLY C 71 17.19 35.44 16.23
CA GLY C 71 18.59 35.81 16.48
C GLY C 71 18.95 35.91 17.94
N ASN C 72 18.00 35.64 18.82
CA ASN C 72 18.27 35.53 20.24
C ASN C 72 18.62 34.07 20.43
N PHE C 73 19.55 33.80 21.33
CA PHE C 73 19.93 32.45 21.67
C PHE C 73 19.69 32.31 23.15
N VAL C 74 18.41 32.31 23.51
CA VAL C 74 17.99 32.11 24.89
C VAL C 74 16.91 31.04 24.96
N ARG C 75 16.87 30.35 26.10
CA ARG C 75 15.93 29.30 26.33
C ARG C 75 15.37 29.45 27.73
N ASN C 76 14.12 29.04 27.92
CA ASN C 76 13.47 29.19 29.23
C ASN C 76 14.22 28.41 30.31
N ASN C 77 14.64 27.18 29.99
CA ASN C 77 15.47 26.37 30.87
C ASN C 77 16.65 25.88 30.08
N GLU C 78 17.81 25.88 30.74
CA GLU C 78 19.01 25.28 30.19
C GLU C 78 18.72 23.77 30.12
N SER C 79 19.54 23.04 29.38
CA SER C 79 19.34 21.59 29.22
C SER C 79 19.27 20.84 30.56
N PHE C 80 18.24 20.00 30.69
CA PHE C 80 18.15 18.99 31.75
C PHE C 80 19.05 17.77 31.52
N ALA C 81 19.38 17.52 30.25
CA ALA C 81 20.11 16.32 29.85
C ALA C 81 21.62 16.52 29.76
N VAL C 82 22.05 17.63 29.19
CA VAL C 82 23.48 17.87 28.92
C VAL C 82 24.18 18.31 30.20
N ILE C 83 25.23 17.58 30.59
CA ILE C 83 26.02 17.98 31.77
C ILE C 83 27.42 18.53 31.42
N GLU C 84 27.82 18.41 30.16
CA GLU C 84 29.11 18.92 29.73
C GLU C 84 29.09 19.20 28.25
N GLU C 85 29.39 20.44 27.87
CA GLU C 85 29.53 20.84 26.47
C GLU C 85 30.98 20.85 25.97
N ASP C 86 31.95 20.92 26.90
CA ASP C 86 33.35 20.91 26.50
C ASP C 86 33.87 19.46 26.37
N LEU C 87 33.95 19.00 25.13
CA LEU C 87 34.42 17.66 24.81
C LEU C 87 35.83 17.72 24.19
N GLY C 88 36.56 18.79 24.49
CA GLY C 88 37.99 18.87 24.20
C GLY C 88 38.39 19.59 22.93
N TRP C 89 37.47 20.28 22.27
CA TRP C 89 37.86 21.12 21.15
C TRP C 89 38.91 22.13 21.57
N LYS C 90 39.97 22.24 20.78
CA LYS C 90 41.07 23.17 21.08
C LYS C 90 41.04 24.36 20.12
N GLY C 91 41.09 25.56 20.69
CA GLY C 91 41.23 26.80 19.93
C GLY C 91 39.93 27.36 19.42
N ASN C 92 40.02 28.37 18.57
CA ASN C 92 38.85 28.95 17.94
C ASN C 92 38.34 28.05 16.80
N VAL C 93 37.08 28.25 16.43
CA VAL C 93 36.59 27.74 15.14
C VAL C 93 37.28 28.57 14.07
N THR C 94 37.78 27.89 13.05
CA THR C 94 38.41 28.54 11.91
C THR C 94 37.47 28.39 10.72
N VAL C 95 37.02 29.52 10.19
CA VAL C 95 36.07 29.59 9.09
C VAL C 95 36.80 30.08 7.86
N LYS C 96 36.81 29.28 6.79
CA LYS C 96 37.39 29.72 5.51
C LYS C 96 36.26 30.17 4.61
N GLU C 97 36.34 31.40 4.10
CA GLU C 97 35.29 31.92 3.24
C GLU C 97 35.66 31.73 1.76
N GLU C 98 34.73 31.18 1.00
CA GLU C 98 34.87 31.01 -0.44
C GLU C 98 33.79 31.89 -1.05
N PRO C 99 33.78 32.06 -2.38
CA PRO C 99 32.76 32.91 -3.00
C PRO C 99 31.32 32.52 -2.69
N SER C 100 31.01 31.22 -2.67
CA SER C 100 29.62 30.77 -2.51
C SER C 100 29.38 29.91 -1.27
N THR C 101 30.43 29.66 -0.49
CA THR C 101 30.36 28.79 0.67
C THR C 101 31.30 29.26 1.78
N TYR C 102 31.06 28.76 2.98
CA TYR C 102 32.05 28.74 4.03
C TYR C 102 32.48 27.29 4.31
N GLU C 103 33.71 27.12 4.78
CA GLU C 103 34.23 25.80 5.15
C GLU C 103 34.77 25.83 6.58
N ILE C 104 34.47 24.78 7.34
CA ILE C 104 35.06 24.55 8.65
C ILE C 104 35.52 23.10 8.68
N PHE C 105 36.77 22.87 9.11
CA PHE C 105 37.34 21.53 9.18
C PHE C 105 37.69 21.16 10.60
N THR C 106 37.50 19.88 10.90
CA THR C 106 38.04 19.27 12.09
C THR C 106 38.82 18.06 11.62
N GLU C 107 39.48 17.40 12.58
CA GLU C 107 40.19 16.14 12.32
C GLU C 107 39.30 15.07 11.62
N GLN C 108 38.01 15.00 11.98
CA GLN C 108 37.08 14.01 11.46
C GLN C 108 35.98 14.54 10.52
N LEU C 109 35.73 15.85 10.51
CA LEU C 109 34.62 16.41 9.73
C LEU C 109 35.08 17.49 8.77
N ARG C 110 34.32 17.64 7.69
CA ARG C 110 34.48 18.71 6.74
C ARG C 110 33.10 19.30 6.61
N ILE C 111 32.95 20.54 7.05
CA ILE C 111 31.66 21.21 7.09
C ILE C 111 31.65 22.23 5.95
N ARG C 112 30.62 22.12 5.11
CA ARG C 112 30.38 23.02 3.97
C ARG C 112 29.08 23.75 4.26
N VAL C 113 29.15 25.07 4.29
CA VAL C 113 28.00 25.91 4.52
C VAL C 113 27.69 26.66 3.23
N ASN C 114 26.58 26.35 2.56
CA ASN C 114 26.16 27.12 1.39
C ASN C 114 25.69 28.50 1.84
N LYS C 115 26.08 29.57 1.15
CA LYS C 115 25.69 30.92 1.55
C LYS C 115 24.23 31.24 1.18
N ALA C 116 23.87 30.92 -0.07
CA ALA C 116 22.65 31.41 -0.71
C ALA C 116 21.86 30.27 -1.37
N PRO C 117 20.86 29.69 -0.70
CA PRO C 117 20.46 29.98 0.68
C PRO C 117 21.32 29.22 1.68
N PHE C 118 21.19 29.56 2.97
CA PHE C 118 21.92 28.82 3.99
C PHE C 118 21.61 27.32 3.89
N GLN C 119 22.68 26.50 3.81
CA GLN C 119 22.58 25.05 3.96
C GLN C 119 23.80 24.55 4.70
N LEU C 120 23.57 23.80 5.77
CA LEU C 120 24.63 23.12 6.51
C LEU C 120 24.80 21.74 5.92
N GLN C 121 26.04 21.41 5.56
CA GLN C 121 26.37 20.08 5.07
C GLN C 121 27.60 19.59 5.82
N ILE C 122 27.53 18.38 6.36
CA ILE C 122 28.65 17.80 7.09
C ILE C 122 29.10 16.53 6.37
N PHE C 123 30.39 16.51 6.04
CA PHE C 123 31.03 15.40 5.36
C PHE C 123 32.03 14.75 6.30
N ASP C 124 32.38 13.51 6.02
CA ASP C 124 33.52 12.88 6.68
C ASP C 124 34.83 13.30 5.97
N LYS C 125 35.97 12.86 6.50
CA LYS C 125 37.27 13.24 5.92
C LYS C 125 37.54 12.59 4.54
N TYR C 126 36.70 11.65 4.12
CA TYR C 126 36.76 11.07 2.75
C TYR C 126 35.84 11.80 1.77
N GLN C 127 35.25 12.90 2.24
CA GLN C 127 34.37 13.76 1.48
C GLN C 127 33.06 13.09 1.11
N LYS C 128 32.64 12.13 1.96
CA LYS C 128 31.34 11.49 1.85
C LYS C 128 30.35 12.31 2.67
N LEU C 129 29.21 12.64 2.06
CA LEU C 129 28.22 13.46 2.72
C LEU C 129 27.47 12.65 3.76
N LEU C 130 27.49 13.13 5.00
CA LEU C 130 26.80 12.46 6.12
C LEU C 130 25.42 13.03 6.40
N PHE C 131 25.27 14.34 6.29
CA PHE C 131 24.20 15.06 6.98
C PHE C 131 24.04 16.44 6.32
N SER C 132 22.89 16.66 5.69
CA SER C 132 22.69 17.87 4.88
C SER C 132 21.28 18.41 5.05
N ASP C 133 21.18 19.73 5.16
CA ASP C 133 19.92 20.43 5.10
C ASP C 133 19.23 20.15 3.78
N TYR C 134 17.93 19.93 3.84
CA TYR C 134 17.12 19.72 2.64
C TYR C 134 16.77 21.07 1.98
N ALA C 135 17.25 21.25 0.75
CA ALA C 135 16.98 22.44 -0.05
C ALA C 135 17.19 23.73 0.78
N GLU C 136 16.20 24.63 0.80
CA GLU C 136 16.30 25.88 1.57
C GLU C 136 15.61 25.75 2.93
N LYS C 137 15.17 24.53 3.27
CA LYS C 137 14.29 24.31 4.41
C LYS C 137 14.97 23.60 5.56
N GLY C 138 16.28 23.82 5.74
CA GLY C 138 17.01 23.19 6.83
C GLY C 138 16.48 23.61 8.18
N PHE C 139 16.07 24.86 8.32
CA PHE C 139 15.32 25.33 9.49
C PHE C 139 14.03 26.01 9.06
N VAL C 140 12.92 25.63 9.67
CA VAL C 140 11.64 26.25 9.43
C VAL C 140 11.05 26.70 10.75
N ASN C 141 10.58 27.95 10.80
CA ASN C 141 9.84 28.44 11.96
C ASN C 141 8.45 28.86 11.48
N ASP C 142 7.43 28.43 12.21
CA ASP C 142 6.05 28.83 11.92
C ASP C 142 5.39 29.19 13.25
N ASN C 143 5.49 30.46 13.62
CA ASN C 143 4.84 31.02 14.80
C ASN C 143 5.21 30.25 16.08
N GLY C 144 6.50 29.93 16.23
CA GLY C 144 6.97 29.16 17.38
C GLY C 144 7.17 27.67 17.11
N LYS C 145 6.43 27.10 16.17
CA LYS C 145 6.67 25.71 15.73
C LYS C 145 8.01 25.69 14.98
N ILE C 146 8.90 24.77 15.37
CA ILE C 146 10.27 24.73 14.84
C ILE C 146 10.52 23.35 14.25
N ARG C 147 11.16 23.31 13.10
CA ARG C 147 11.38 22.06 12.40
C ARG C 147 12.69 22.10 11.62
N THR C 148 13.36 20.95 11.56
CA THR C 148 14.57 20.80 10.80
C THR C 148 14.33 19.73 9.76
N ASN C 149 14.60 20.05 8.48
CA ASN C 149 14.50 19.09 7.38
C ASN C 149 15.86 18.72 6.82
N LYS C 150 16.14 17.43 6.74
CA LYS C 150 17.42 16.93 6.27
C LYS C 150 17.24 16.03 5.04
N VAL C 151 18.21 16.08 4.13
CA VAL C 151 18.27 15.17 2.99
C VAL C 151 18.21 13.72 3.48
N LEU C 152 17.39 12.90 2.84
CA LEU C 152 17.28 11.48 3.14
C LEU C 152 17.69 10.68 1.90
N ARG C 153 18.63 9.77 2.07
CA ARG C 153 19.01 8.89 0.97
C ARG C 153 18.45 7.49 1.14
N ASN C 154 18.39 6.77 0.03
CA ASN C 154 17.65 5.52 -0.05
C ASN C 154 18.15 4.44 0.90
N ASP C 155 19.45 4.44 1.16
CA ASP C 155 20.09 3.44 2.02
C ASP C 155 20.26 3.86 3.50
N GLU C 156 19.74 5.03 3.87
CA GLU C 156 19.89 5.52 5.25
C GLU C 156 18.83 4.92 6.17
N GLN C 157 19.32 4.20 7.20
CA GLN C 157 18.49 3.59 8.23
C GLN C 157 18.68 4.33 9.54
N PHE C 158 17.77 4.12 10.49
CA PHE C 158 17.76 4.88 11.75
C PHE C 158 17.44 3.96 12.91
N PHE C 159 18.08 4.23 14.05
CA PHE C 159 17.86 3.46 15.27
C PHE C 159 17.73 4.38 16.46
N GLY C 160 17.01 3.89 17.46
CA GLY C 160 16.98 4.53 18.78
C GLY C 160 15.68 5.25 19.08
N LEU C 161 15.81 6.48 19.56
CA LEU C 161 14.73 7.21 20.23
C LEU C 161 14.23 6.55 21.51
N GLY C 162 15.12 5.79 22.15
CA GLY C 162 14.85 5.23 23.45
C GLY C 162 13.86 4.08 23.48
N GLU C 163 13.04 4.06 24.53
CA GLU C 163 12.17 2.95 24.83
C GLU C 163 10.89 3.13 24.03
N LYS C 164 10.94 2.62 22.80
CA LYS C 164 9.84 2.70 21.85
C LYS C 164 9.62 1.36 21.18
N SER C 165 8.38 1.16 20.75
CA SER C 165 7.92 -0.10 20.16
C SER C 165 8.21 -0.22 18.67
N GLY C 166 7.78 -1.34 18.10
CA GLY C 166 7.91 -1.60 16.68
C GLY C 166 9.26 -2.19 16.36
N ASN C 167 9.60 -2.19 15.07
CA ASN C 167 10.88 -2.74 14.64
C ASN C 167 12.04 -1.81 15.06
N LEU C 168 13.19 -2.43 15.33
CA LEU C 168 14.44 -1.72 15.64
C LEU C 168 14.73 -0.59 14.68
N ASN C 169 14.63 -0.91 13.39
CA ASN C 169 14.88 0.08 12.34
C ASN C 169 13.69 1.03 12.25
N ARG C 170 13.96 2.31 12.53
CA ARG C 170 12.95 3.36 12.55
C ARG C 170 12.63 3.96 11.18
N ARG C 171 13.44 3.62 10.17
CA ARG C 171 13.28 4.15 8.83
C ARG C 171 11.85 3.90 8.32
N GLY C 172 11.20 4.96 7.85
CA GLY C 172 9.87 4.91 7.26
C GLY C 172 8.72 5.22 8.21
N SER C 173 9.03 5.37 9.50
CA SER C 173 8.06 5.61 10.53
C SER C 173 8.27 6.98 11.19
N ALA C 174 7.23 7.39 11.91
CA ALA C 174 7.22 8.59 12.69
C ALA C 174 7.02 8.26 14.16
N TYR C 175 7.62 9.09 15.01
CA TYR C 175 7.60 8.87 16.46
C TYR C 175 7.45 10.21 17.17
N LYS C 176 6.82 10.16 18.34
CA LYS C 176 6.51 11.35 19.12
C LYS C 176 7.05 11.21 20.54
N MET C 177 7.44 12.33 21.15
CA MET C 177 7.87 12.39 22.55
C MET C 177 6.80 13.06 23.39
N TRP C 178 5.99 12.25 24.04
CA TRP C 178 5.07 12.71 25.07
C TRP C 178 4.90 11.55 26.02
N ASN C 179 5.49 11.63 27.22
CA ASN C 179 5.48 10.51 28.13
C ASN C 179 4.04 10.13 28.40
N SER C 180 3.70 8.89 28.06
CA SER C 180 2.31 8.45 28.03
C SER C 180 2.14 7.18 28.83
N ASP C 181 0.89 6.96 29.21
CA ASP C 181 0.48 5.89 30.08
C ASP C 181 -0.54 5.11 29.26
N GLN C 182 -0.07 4.03 28.63
CA GLN C 182 -0.87 3.25 27.68
C GLN C 182 -0.81 1.80 28.11
N PRO C 183 -1.67 1.42 29.04
CA PRO C 183 -1.60 0.08 29.60
C PRO C 183 -1.82 -0.98 28.54
N CYS C 184 -1.13 -2.10 28.68
CA CYS C 184 -1.32 -3.25 27.77
C CYS C 184 -1.04 -2.85 26.32
N TYR C 185 0.02 -2.08 26.14
CA TYR C 185 0.31 -1.46 24.86
C TYR C 185 0.65 -2.45 23.76
N GLY C 186 0.29 -2.07 22.54
CA GLY C 186 0.50 -2.91 21.38
C GLY C 186 1.91 -2.88 20.83
N VAL C 187 2.09 -3.68 19.80
CA VAL C 187 3.39 -3.89 19.15
C VAL C 187 3.95 -2.64 18.47
N ASN C 188 3.08 -1.69 18.14
CA ASN C 188 3.48 -0.43 17.52
C ASN C 188 3.01 0.82 18.26
N GLU C 189 2.52 0.68 19.48
CA GLU C 189 2.02 1.82 20.22
C GLU C 189 3.11 2.88 20.47
N ASP C 190 2.80 4.13 20.13
CA ASP C 190 3.70 5.26 20.37
C ASP C 190 2.83 6.49 20.58
N PRO C 191 3.15 7.39 21.51
CA PRO C 191 4.31 7.34 22.43
C PRO C 191 4.11 6.41 23.60
N LEU C 192 5.21 6.01 24.23
CA LEU C 192 5.15 5.24 25.47
C LEU C 192 5.69 6.12 26.62
N TYR C 193 6.32 5.52 27.62
CA TYR C 193 6.50 6.17 28.92
C TYR C 193 7.69 7.13 29.00
N LYS C 194 8.69 6.92 28.15
CA LYS C 194 9.96 7.62 28.23
C LYS C 194 10.24 8.36 26.93
N SER C 195 10.90 9.49 27.05
CA SER C 195 11.22 10.32 25.90
C SER C 195 12.72 10.61 25.85
N ILE C 196 13.44 9.85 25.03
CA ILE C 196 14.89 10.01 24.89
C ILE C 196 15.19 10.40 23.43
N PRO C 197 15.24 11.71 23.14
CA PRO C 197 15.35 12.11 21.71
C PRO C 197 16.79 12.03 21.14
N PHE C 198 17.33 10.81 21.17
CA PHE C 198 18.65 10.50 20.67
C PHE C 198 18.46 9.36 19.68
N PHE C 199 18.80 9.62 18.42
CA PHE C 199 18.78 8.58 17.39
C PHE C 199 20.13 8.49 16.68
N MET C 200 20.35 7.36 16.02
CA MET C 200 21.56 7.15 15.21
C MET C 200 21.16 6.76 13.80
N SER C 201 21.90 7.30 12.85
CA SER C 201 21.77 6.99 11.43
C SER C 201 22.82 5.94 11.04
N SER C 202 22.52 5.11 10.02
CA SER C 202 23.51 4.19 9.44
C SER C 202 24.60 4.91 8.63
N TYR C 203 24.46 6.23 8.45
CA TYR C 203 25.58 7.05 7.98
C TYR C 203 26.61 7.36 9.09
N ARG C 204 26.38 6.81 10.27
CA ARG C 204 27.28 6.82 11.42
C ARG C 204 27.41 8.20 12.01
N TYR C 205 26.25 8.77 12.30
CA TYR C 205 26.20 9.90 13.20
C TYR C 205 24.98 9.72 14.06
N GLY C 206 25.01 10.40 15.20
CA GLY C 206 23.87 10.50 16.06
C GLY C 206 23.40 11.93 16.17
N ILE C 207 22.13 12.05 16.53
CA ILE C 207 21.50 13.34 16.79
C ILE C 207 20.83 13.28 18.15
N PHE C 208 21.13 14.26 19.00
CA PHE C 208 20.39 14.46 20.23
C PHE C 208 19.67 15.81 20.11
N PHE C 209 18.35 15.77 20.15
CA PHE C 209 17.53 16.97 19.97
C PHE C 209 17.20 17.44 21.38
N ASP C 210 17.81 18.54 21.76
CA ASP C 210 17.91 19.02 23.14
C ASP C 210 16.73 19.94 23.45
N ASN C 211 15.54 19.35 23.33
CA ASN C 211 14.26 20.04 23.45
C ASN C 211 13.28 19.11 24.19
N THR C 212 12.57 19.65 25.18
CA THR C 212 11.73 18.84 26.07
C THR C 212 10.24 18.88 25.72
N TYR C 213 9.86 19.64 24.70
CA TYR C 213 8.46 19.75 24.25
C TYR C 213 8.00 18.46 23.55
N LYS C 214 6.79 18.45 23.00
CA LYS C 214 6.28 17.28 22.28
C LYS C 214 6.90 17.17 20.89
N THR C 215 8.12 16.66 20.86
CA THR C 215 8.91 16.57 19.65
C THR C 215 8.45 15.41 18.78
N GLU C 216 8.65 15.54 17.48
CA GLU C 216 8.26 14.51 16.53
C GLU C 216 9.37 14.26 15.53
N PHE C 217 9.63 12.99 15.26
CA PHE C 217 10.68 12.55 14.35
C PHE C 217 10.01 11.79 13.22
N LYS C 218 10.35 12.15 11.99
CA LYS C 218 9.72 11.60 10.79
C LYS C 218 10.81 11.11 9.86
N PHE C 219 11.10 9.80 9.91
CA PHE C 219 12.27 9.22 9.26
C PHE C 219 11.93 8.77 7.85
N GLY C 220 11.53 9.73 7.00
CA GLY C 220 11.03 9.41 5.66
C GLY C 220 9.61 8.88 5.64
N SER C 221 8.84 9.22 6.66
CA SER C 221 7.43 8.85 6.74
C SER C 221 6.53 9.79 5.91
N GLU C 222 7.03 10.98 5.57
CA GLU C 222 6.30 11.94 4.69
C GLU C 222 6.81 11.92 3.25
N SER C 223 8.09 11.66 3.06
CA SER C 223 8.74 11.64 1.75
C SER C 223 10.01 10.81 1.78
N ASN C 224 10.34 10.19 0.65
CA ASN C 224 11.66 9.57 0.47
C ASN C 224 12.81 10.59 0.33
N ASP C 225 12.50 11.87 0.13
CA ASP C 225 13.53 12.87 -0.17
C ASP C 225 14.10 13.55 1.07
N TYR C 226 13.35 13.53 2.18
CA TYR C 226 13.81 14.18 3.40
C TYR C 226 13.30 13.49 4.64
N TYR C 227 14.02 13.71 5.73
CA TYR C 227 13.53 13.36 7.07
C TYR C 227 13.55 14.60 7.91
N SER C 228 12.86 14.55 9.04
CA SER C 228 12.73 15.73 9.87
C SER C 228 12.60 15.44 11.35
N PHE C 229 12.95 16.45 12.13
CA PHE C 229 12.58 16.50 13.53
C PHE C 229 12.11 17.90 13.90
N GLU C 230 11.17 17.96 14.84
CA GLU C 230 10.41 19.19 15.09
C GLU C 230 9.89 19.26 16.52
N ALA C 231 9.57 20.48 16.94
CA ALA C 231 8.91 20.74 18.23
C ALA C 231 7.85 21.83 18.04
N PRO C 232 6.80 21.84 18.91
CA PRO C 232 5.74 22.84 18.79
C PRO C 232 6.13 24.19 19.42
N ALA C 233 7.23 24.21 20.18
CA ALA C 233 7.74 25.40 20.86
C ALA C 233 9.17 25.15 21.32
N GLY C 234 9.75 26.14 21.99
CA GLY C 234 11.11 26.08 22.49
C GLY C 234 12.11 26.31 21.38
N GLN C 235 13.34 25.84 21.60
CA GLN C 235 14.47 26.21 20.77
C GLN C 235 15.01 25.03 19.97
N MET C 236 15.43 25.31 18.74
CA MET C 236 15.96 24.29 17.85
C MET C 236 17.44 24.13 18.17
N VAL C 237 17.70 23.35 19.22
CA VAL C 237 19.04 23.04 19.67
C VAL C 237 19.23 21.54 19.52
N TYR C 238 20.25 21.14 18.77
CA TYR C 238 20.56 19.73 18.60
C TYR C 238 22.06 19.48 18.48
N TYR C 239 22.47 18.29 18.90
CA TYR C 239 23.86 17.89 18.81
C TYR C 239 24.08 16.82 17.73
N PHE C 240 24.95 17.14 16.77
CA PHE C 240 25.44 16.20 15.77
C PHE C 240 26.67 15.51 16.38
N MET C 241 26.64 14.17 16.42
CA MET C 241 27.68 13.37 17.07
C MET C 241 28.20 12.34 16.06
N PHE C 242 29.34 12.64 15.47
CA PHE C 242 29.98 11.74 14.51
C PHE C 242 30.56 10.53 15.24
N GLY C 243 30.58 9.42 14.54
CA GLY C 243 31.42 8.31 14.95
C GLY C 243 31.85 7.50 13.75
N ASN C 244 32.97 6.79 13.88
CA ASN C 244 33.37 5.81 12.87
C ASN C 244 32.56 4.54 13.01
N ASP C 245 31.90 4.38 14.15
CA ASP C 245 30.93 3.30 14.35
C ASP C 245 29.94 3.74 15.43
N TYR C 246 28.98 2.89 15.78
CA TYR C 246 27.95 3.27 16.78
C TYR C 246 28.52 3.41 18.20
N LYS C 247 29.56 2.64 18.51
CA LYS C 247 30.23 2.74 19.81
C LYS C 247 30.77 4.14 20.03
N GLU C 248 31.42 4.71 19.02
CA GLU C 248 31.95 6.06 19.13
C GLU C 248 30.86 7.12 19.31
N ILE C 249 29.75 6.93 18.63
CA ILE C 249 28.62 7.83 18.77
C ILE C 249 28.13 7.82 20.22
N ILE C 250 27.90 6.62 20.75
CA ILE C 250 27.40 6.44 22.14
C ILE C 250 28.40 7.01 23.16
N GLN C 251 29.70 6.83 22.91
CA GLN C 251 30.74 7.43 23.79
C GLN C 251 30.61 8.97 23.81
N ASN C 252 30.35 9.55 22.63
CA ASN C 252 30.14 11.00 22.52
C ASN C 252 28.88 11.42 23.27
N TYR C 253 27.82 10.64 23.12
CA TYR C 253 26.56 10.92 23.79
C TYR C 253 26.67 10.92 25.32
N ILE C 254 27.40 9.94 25.89
CA ILE C 254 27.60 9.94 27.35
C ILE C 254 28.61 11.01 27.83
N ALA C 255 29.49 11.49 26.95
CA ALA C 255 30.31 12.64 27.29
C ALA C 255 29.41 13.88 27.50
N LEU C 256 28.37 14.02 26.67
CA LEU C 256 27.40 15.11 26.79
C LEU C 256 26.42 14.91 27.96
N THR C 257 25.85 13.71 28.07
CA THR C 257 24.73 13.46 29.00
C THR C 257 25.03 12.62 30.24
N GLY C 258 26.26 12.16 30.39
CA GLY C 258 26.71 11.51 31.63
C GLY C 258 26.86 10.00 31.53
N LYS C 259 27.78 9.48 32.34
CA LYS C 259 27.99 8.04 32.42
C LYS C 259 26.83 7.37 33.18
N PRO C 260 26.41 6.18 32.74
CA PRO C 260 25.44 5.42 33.55
C PRO C 260 25.97 5.05 34.95
N ILE C 261 25.18 5.27 35.98
CA ILE C 261 25.50 4.72 37.30
C ILE C 261 25.24 3.23 37.26
N MET C 262 26.05 2.48 38.01
CA MET C 262 25.92 1.03 38.11
C MET C 262 24.99 0.70 39.27
N PRO C 263 24.17 -0.36 39.11
CA PRO C 263 23.39 -0.77 40.27
C PRO C 263 24.26 -1.43 41.33
N PRO C 264 23.72 -1.62 42.53
CA PRO C 264 24.36 -2.59 43.42
C PRO C 264 24.47 -3.95 42.72
N LYS C 265 25.53 -4.70 43.02
CA LYS C 265 25.82 -5.93 42.29
C LYS C 265 24.69 -6.96 42.30
N TRP C 266 24.02 -7.05 43.44
CA TRP C 266 22.88 -7.96 43.61
C TRP C 266 21.65 -7.67 42.73
N ALA C 267 21.57 -6.49 42.11
CA ALA C 267 20.51 -6.18 41.15
C ALA C 267 20.58 -7.03 39.89
N LEU C 268 21.73 -7.67 39.62
CA LEU C 268 21.88 -8.54 38.45
C LEU C 268 21.40 -9.98 38.69
N GLY C 269 20.86 -10.24 39.88
CA GLY C 269 20.16 -11.51 40.11
C GLY C 269 18.74 -11.49 39.57
N PHE C 270 17.87 -12.30 40.16
CA PHE C 270 16.49 -12.36 39.75
C PHE C 270 15.64 -11.57 40.76
N SER C 271 14.59 -10.92 40.26
CA SER C 271 13.69 -10.10 41.05
C SER C 271 12.23 -10.56 40.89
N GLN C 272 11.47 -10.42 41.98
CA GLN C 272 10.06 -10.83 41.98
C GLN C 272 9.18 -9.75 42.54
N CYS C 273 8.04 -9.58 41.87
CA CYS C 273 7.04 -8.61 42.26
C CYS C 273 5.64 -9.14 41.98
N ARG C 274 4.66 -8.41 42.46
CA ARG C 274 3.27 -8.55 42.06
C ARG C 274 2.53 -7.30 42.47
N GLY C 275 1.43 -7.01 41.79
CA GLY C 275 0.54 -5.90 42.18
C GLY C 275 0.17 -5.86 43.66
N ASP C 276 -0.05 -7.03 44.24
CA ASP C 276 -0.47 -7.13 45.63
C ASP C 276 0.67 -7.42 46.59
N TYR C 277 1.92 -7.25 46.17
CA TYR C 277 3.09 -7.43 47.06
C TYR C 277 3.17 -6.21 47.97
N THR C 278 2.34 -6.23 49.01
CA THR C 278 2.12 -5.06 49.88
C THR C 278 1.95 -5.49 51.35
N ARG C 279 2.43 -6.68 51.70
CA ARG C 279 2.22 -7.25 53.03
C ARG C 279 3.41 -8.01 53.55
N GLU C 280 3.60 -7.96 54.87
CA GLU C 280 4.65 -8.73 55.53
C GLU C 280 4.45 -10.22 55.42
N ASP C 281 3.24 -10.70 55.70
CA ASP C 281 2.99 -12.13 55.70
C ASP C 281 3.32 -12.72 54.34
N GLN C 282 2.84 -12.07 53.28
CA GLN C 282 3.09 -12.51 51.91
C GLN C 282 4.60 -12.47 51.57
N ALA C 283 5.31 -11.43 52.02
CA ALA C 283 6.76 -11.31 51.78
C ALA C 283 7.51 -12.47 52.42
N ARG C 284 7.14 -12.78 53.66
CA ARG C 284 7.76 -13.90 54.38
C ARG C 284 7.46 -15.22 53.70
N GLU C 285 6.21 -15.41 53.24
CA GLU C 285 5.82 -16.66 52.55
C GLU C 285 6.64 -16.85 51.28
N ILE C 286 6.67 -15.80 50.45
CA ILE C 286 7.34 -15.83 49.16
C ILE C 286 8.86 -16.05 49.32
N ALA C 287 9.49 -15.32 50.22
CA ALA C 287 10.94 -15.48 50.49
C ALA C 287 11.27 -16.93 50.82
N ALA C 288 10.51 -17.53 51.74
CA ALA C 288 10.72 -18.92 52.14
C ALA C 288 10.58 -19.88 50.98
N GLU C 289 9.56 -19.66 50.14
CA GLU C 289 9.29 -20.55 49.00
C GLU C 289 10.42 -20.58 47.99
N PHE C 290 10.95 -19.40 47.63
CA PHE C 290 12.10 -19.33 46.72
C PHE C 290 13.23 -20.19 47.26
N ARG C 291 13.56 -20.00 48.52
CA ARG C 291 14.70 -20.70 49.11
C ARG C 291 14.47 -22.22 49.25
N LYS C 292 13.24 -22.61 49.59
CA LYS C 292 12.87 -24.03 49.69
C LYS C 292 12.95 -24.73 48.34
N ARG C 293 12.49 -24.04 47.30
CA ARG C 293 12.53 -24.57 45.95
C ARG C 293 13.88 -24.38 45.22
N LYS C 294 14.87 -23.79 45.89
CA LYS C 294 16.19 -23.53 45.29
C LYS C 294 16.07 -22.83 43.92
N ILE C 295 15.25 -21.78 43.89
CA ILE C 295 15.12 -20.94 42.71
C ILE C 295 15.80 -19.63 43.11
N PRO C 296 16.96 -19.33 42.50
CA PRO C 296 17.67 -18.13 42.97
C PRO C 296 16.86 -16.86 42.81
N CYS C 297 17.05 -15.95 43.75
CA CYS C 297 16.30 -14.69 43.79
C CYS C 297 16.96 -13.75 44.76
N ASP C 298 17.20 -12.51 44.31
CA ASP C 298 17.79 -11.47 45.14
C ASP C 298 16.86 -10.43 45.66
N ILE C 299 15.86 -10.02 44.88
CA ILE C 299 15.05 -8.88 45.24
C ILE C 299 13.58 -9.26 45.33
N ILE C 300 12.97 -8.84 46.44
CA ILE C 300 11.52 -8.86 46.61
CA ILE C 300 11.53 -8.86 46.60
C ILE C 300 11.06 -7.40 46.59
N TYR C 301 10.29 -7.06 45.57
CA TYR C 301 9.71 -5.75 45.44
C TYR C 301 8.46 -5.64 46.28
N GLN C 302 8.09 -4.42 46.63
CA GLN C 302 6.78 -4.10 47.19
C GLN C 302 6.14 -3.04 46.32
N ASP C 303 4.88 -3.28 45.95
CA ASP C 303 4.12 -2.35 45.11
C ASP C 303 3.47 -1.26 45.96
N ILE C 304 2.76 -0.35 45.31
CA ILE C 304 2.35 0.94 45.92
C ILE C 304 1.40 0.85 47.14
N GLY C 305 0.67 -0.26 47.29
CA GLY C 305 -0.12 -0.49 48.49
C GLY C 305 0.67 -0.65 49.79
N TRP C 306 2.01 -0.77 49.71
CA TRP C 306 2.86 -0.87 50.91
C TRP C 306 2.74 0.34 51.83
N THR C 307 2.51 1.52 51.25
CA THR C 307 2.50 2.77 51.99
C THR C 307 1.09 3.11 52.48
N GLU C 308 1.02 3.69 53.67
CA GLU C 308 -0.26 4.04 54.30
C GLU C 308 -1.13 4.91 53.40
N GLY C 309 -0.51 5.93 52.80
CA GLY C 309 -1.14 6.72 51.77
C GLY C 309 -0.10 7.28 50.81
N LEU C 310 -0.59 7.77 49.66
CA LEU C 310 0.23 8.47 48.69
C LEU C 310 0.53 9.85 49.28
N GLN C 311 1.78 10.21 49.55
CA GLN C 311 2.97 9.35 49.45
C GLN C 311 3.78 9.62 50.69
N ASP C 312 3.33 9.02 51.80
CA ASP C 312 3.91 9.30 53.13
C ASP C 312 5.06 8.38 53.54
N PHE C 313 5.29 7.31 52.77
CA PHE C 313 6.33 6.33 53.04
C PHE C 313 6.25 5.70 54.44
N ASP C 314 5.04 5.60 55.00
CA ASP C 314 4.82 4.88 56.25
C ASP C 314 4.34 3.48 55.90
N TRP C 315 4.95 2.45 56.48
CA TRP C 315 4.47 1.07 56.28
C TRP C 315 2.98 0.99 56.66
N ARG C 316 2.14 0.54 55.74
CA ARG C 316 0.72 0.40 55.99
C ARG C 316 0.47 -0.48 57.25
N LYS C 317 -0.19 0.10 58.25
CA LYS C 317 -0.32 -0.49 59.59
C LYS C 317 -0.88 -1.91 59.60
N ASN C 318 -1.99 -2.11 58.91
CA ASN C 318 -2.62 -3.44 58.89
C ASN C 318 -1.81 -4.48 58.10
N ASN C 319 -0.96 -4.03 57.18
CA ASN C 319 -0.23 -4.92 56.29
C ASN C 319 1.13 -5.38 56.81
N TYR C 320 1.72 -4.64 57.77
CA TYR C 320 3.03 -4.97 58.31
C TYR C 320 3.02 -4.94 59.85
N ASN C 321 3.21 -6.11 60.48
CA ASN C 321 3.31 -6.21 61.96
C ASN C 321 4.65 -5.67 62.48
N ASN C 322 5.72 -6.08 61.81
CA ASN C 322 7.08 -5.85 62.28
C ASN C 322 7.95 -5.56 61.05
N PRO C 323 7.79 -4.36 60.46
CA PRO C 323 8.51 -4.07 59.18
C PRO C 323 10.05 -4.11 59.30
N LYS C 324 10.61 -3.60 60.40
CA LYS C 324 12.06 -3.74 60.65
C LYS C 324 12.50 -5.19 60.70
N GLY C 325 11.76 -6.01 61.45
CA GLY C 325 12.03 -7.43 61.52
C GLY C 325 11.92 -8.17 60.20
N MET C 326 10.90 -7.83 59.42
CA MET C 326 10.70 -8.38 58.07
C MET C 326 11.92 -8.14 57.19
N VAL C 327 12.34 -6.89 57.12
CA VAL C 327 13.48 -6.50 56.29
C VAL C 327 14.73 -7.25 56.73
N LYS C 328 14.96 -7.32 58.04
CA LYS C 328 16.12 -8.03 58.58
C LYS C 328 16.05 -9.54 58.34
N ASP C 329 14.88 -10.15 58.58
CA ASP C 329 14.74 -11.59 58.33
C ASP C 329 14.92 -11.92 56.87
N LEU C 330 14.37 -11.09 55.98
CA LEU C 330 14.57 -11.27 54.54
C LEU C 330 16.05 -11.05 54.18
N SER C 331 16.67 -10.05 54.78
CA SER C 331 18.11 -9.80 54.58
C SER C 331 18.98 -10.98 55.03
N ASP C 332 18.62 -11.63 56.14
CA ASP C 332 19.35 -12.84 56.59
C ASP C 332 19.22 -14.02 55.61
N MET C 333 18.13 -14.04 54.84
CA MET C 333 17.92 -15.02 53.77
C MET C 333 18.47 -14.53 52.42
N GLY C 334 19.16 -13.40 52.39
CA GLY C 334 19.79 -12.89 51.18
C GLY C 334 18.91 -12.08 50.25
N PHE C 335 17.70 -11.72 50.70
CA PHE C 335 16.80 -10.85 49.94
C PHE C 335 16.99 -9.38 50.28
N LYS C 336 16.96 -8.56 49.23
CA LYS C 336 16.91 -7.10 49.35
C LYS C 336 15.51 -6.67 48.94
N MET C 337 15.00 -5.62 49.59
CA MET C 337 13.66 -5.10 49.32
C MET C 337 13.70 -3.72 48.64
N ILE C 338 12.88 -3.57 47.61
CA ILE C 338 12.73 -2.33 46.86
C ILE C 338 11.25 -1.95 46.89
N VAL C 339 10.94 -0.72 47.28
CA VAL C 339 9.55 -0.28 47.44
C VAL C 339 9.18 0.78 46.42
N SER C 340 7.89 0.84 46.11
CA SER C 340 7.37 1.80 45.15
C SER C 340 7.17 3.20 45.76
N GLN C 341 7.30 4.20 44.90
CA GLN C 341 6.76 5.52 45.22
C GLN C 341 6.07 6.09 43.98
N ASP C 342 4.98 6.81 44.22
CA ASP C 342 4.29 7.63 43.23
C ASP C 342 4.65 9.08 43.51
N PRO C 343 4.45 9.98 42.53
CA PRO C 343 4.85 11.39 42.68
C PRO C 343 3.72 12.35 43.11
N VAL C 344 2.67 11.78 43.73
CA VAL C 344 1.46 12.53 44.08
C VAL C 344 1.10 12.34 45.54
N ILE C 345 0.38 13.30 46.09
CA ILE C 345 -0.18 13.21 47.44
C ILE C 345 -1.69 13.19 47.32
N SER C 346 -2.34 12.12 47.76
CA SER C 346 -3.81 12.06 47.72
C SER C 346 -4.39 13.16 48.60
N GLN C 347 -5.40 13.84 48.09
CA GLN C 347 -6.15 14.84 48.86
C GLN C 347 -6.75 14.23 50.13
N ALA C 348 -7.15 12.96 50.03
CA ALA C 348 -7.67 12.20 51.17
C ALA C 348 -6.63 11.91 52.26
N ASN C 349 -5.33 11.95 51.91
CA ASN C 349 -4.20 11.94 52.87
C ASN C 349 -4.04 13.41 53.32
N GLN C 350 -4.98 13.85 54.14
CA GLN C 350 -5.14 15.27 54.46
C GLN C 350 -3.93 15.90 55.12
N GLN C 351 -3.30 15.19 56.05
CA GLN C 351 -2.12 15.71 56.77
C GLN C 351 -1.01 16.11 55.78
N GLN C 352 -0.66 15.20 54.87
CA GLN C 352 0.44 15.45 53.92
C GLN C 352 0.02 16.38 52.78
N TRP C 353 -1.22 16.29 52.32
CA TRP C 353 -1.68 17.18 51.25
C TRP C 353 -1.73 18.64 51.74
N LYS C 354 -2.28 18.84 52.92
CA LYS C 354 -2.30 20.18 53.52
C LYS C 354 -0.89 20.71 53.75
N GLU C 355 0.01 19.86 54.23
CA GLU C 355 1.42 20.24 54.40
C GLU C 355 2.03 20.70 53.07
N ALA C 356 1.87 19.88 52.03
CA ALA C 356 2.45 20.17 50.71
C ALA C 356 1.85 21.42 50.09
N ASP C 357 0.53 21.49 50.10
CA ASP C 357 -0.20 22.62 49.56
C ASP C 357 0.22 23.92 50.24
N ALA C 358 0.30 23.89 51.58
CA ALA C 358 0.63 25.08 52.36
C ALA C 358 2.09 25.53 52.14
N LEU C 359 3.00 24.59 51.94
CA LEU C 359 4.39 24.89 51.56
C LEU C 359 4.55 25.35 50.10
N GLY C 360 3.50 25.23 49.28
CA GLY C 360 3.54 25.59 47.87
C GLY C 360 4.31 24.54 47.07
N HIS C 361 4.30 23.31 47.57
CA HIS C 361 5.11 22.23 47.00
C HIS C 361 4.41 21.46 45.88
N LEU C 362 3.14 21.73 45.63
CA LEU C 362 2.39 21.09 44.57
C LEU C 362 2.41 21.91 43.29
N VAL C 363 2.37 21.23 42.15
CA VAL C 363 2.26 21.89 40.86
C VAL C 363 0.94 22.65 40.86
N LYS C 364 0.96 23.86 40.29
CA LYS C 364 -0.19 24.75 40.30
C LYS C 364 -1.04 24.61 39.05
N ASP C 365 -2.21 25.23 39.08
CA ASP C 365 -3.06 25.39 37.92
C ASP C 365 -2.98 26.86 37.54
N VAL C 366 -2.56 27.14 36.30
CA VAL C 366 -2.41 28.52 35.81
C VAL C 366 -3.72 29.31 35.83
N ARG C 367 -4.86 28.61 35.68
CA ARG C 367 -6.19 29.25 35.71
C ARG C 367 -6.61 29.77 37.08
N THR C 368 -6.08 29.17 38.15
CA THR C 368 -6.49 29.49 39.52
C THR C 368 -5.37 30.04 40.42
N GLY C 369 -4.10 29.78 40.09
CA GLY C 369 -2.99 30.07 41.01
C GLY C 369 -2.85 29.13 42.21
N LYS C 370 -3.71 28.11 42.28
CA LYS C 370 -3.74 27.16 43.40
C LYS C 370 -3.20 25.79 42.90
N SER C 371 -3.08 24.83 43.81
CA SER C 371 -2.60 23.49 43.46
C SER C 371 -3.50 22.81 42.43
N TYR C 372 -2.89 22.19 41.41
CA TYR C 372 -3.65 21.55 40.36
C TYR C 372 -4.38 20.33 40.91
N ASP C 373 -5.62 20.17 40.47
CA ASP C 373 -6.55 19.15 40.98
C ASP C 373 -6.51 17.94 40.02
N MET C 374 -5.75 16.92 40.40
CA MET C 374 -5.33 15.86 39.49
C MET C 374 -6.09 14.57 39.79
N PRO C 375 -6.81 14.02 38.79
CA PRO C 375 -7.37 12.69 38.98
C PRO C 375 -6.27 11.62 39.09
N TRP C 376 -6.56 10.53 39.78
CA TRP C 376 -5.61 9.45 39.97
C TRP C 376 -6.36 8.12 40.11
N PRO C 377 -5.77 7.00 39.64
CA PRO C 377 -6.53 5.74 39.66
C PRO C 377 -6.75 5.11 41.04
N TRP C 378 -5.95 5.48 42.04
CA TRP C 378 -6.18 5.03 43.43
C TRP C 378 -5.98 6.18 44.44
N GLY C 379 -6.79 6.15 45.50
CA GLY C 379 -6.70 7.15 46.57
C GLY C 379 -7.43 8.47 46.35
N GLY C 380 -8.17 8.60 45.23
CA GLY C 380 -8.92 9.81 44.90
C GLY C 380 -8.05 10.89 44.27
N ASN C 381 -8.64 12.07 44.04
CA ASN C 381 -7.88 13.19 43.42
C ASN C 381 -6.68 13.56 44.29
N CYS C 382 -5.63 14.07 43.64
CA CYS C 382 -4.34 14.28 44.28
C CYS C 382 -3.71 15.60 43.89
N GLY C 383 -2.68 15.97 44.65
CA GLY C 383 -1.74 17.00 44.26
C GLY C 383 -0.52 16.37 43.60
N VAL C 384 -0.03 16.99 42.54
CA VAL C 384 1.17 16.55 41.84
C VAL C 384 2.36 17.27 42.45
N VAL C 385 3.32 16.53 42.99
CA VAL C 385 4.46 17.14 43.71
C VAL C 385 5.41 17.80 42.71
N ASP C 386 5.77 19.05 42.99
CA ASP C 386 6.58 19.82 42.06
C ASP C 386 8.08 19.62 42.31
N PHE C 387 8.64 18.59 41.69
CA PHE C 387 10.06 18.30 41.85
C PHE C 387 10.98 19.27 41.11
N THR C 388 10.44 20.21 40.34
CA THR C 388 11.23 21.29 39.76
C THR C 388 11.44 22.44 40.74
N LYS C 389 10.68 22.47 41.84
CA LYS C 389 10.85 23.49 42.86
C LYS C 389 11.98 23.07 43.80
N PRO C 390 13.03 23.92 43.94
CA PRO C 390 14.18 23.51 44.76
C PRO C 390 13.86 22.99 46.16
N GLU C 391 13.00 23.69 46.90
CA GLU C 391 12.71 23.33 48.30
C GLU C 391 12.05 21.95 48.44
N VAL C 392 11.40 21.47 47.39
CA VAL C 392 10.76 20.16 47.42
C VAL C 392 11.78 19.02 47.63
N ALA C 393 13.03 19.18 47.15
CA ALA C 393 14.01 18.09 47.21
C ALA C 393 14.30 17.60 48.63
N ASP C 394 14.68 18.50 49.54
CA ASP C 394 14.97 18.08 50.92
C ASP C 394 13.69 17.57 51.62
N TRP C 395 12.56 18.19 51.30
CA TRP C 395 11.25 17.78 51.83
C TRP C 395 10.91 16.34 51.45
N TRP C 396 11.00 16.02 50.17
CA TRP C 396 10.79 14.65 49.70
C TRP C 396 11.84 13.69 50.23
N GLY C 397 13.10 14.11 50.26
CA GLY C 397 14.19 13.30 50.73
C GLY C 397 14.00 12.77 52.14
N SER C 398 13.46 13.61 53.01
CA SER C 398 13.18 13.21 54.38
C SER C 398 12.04 12.20 54.48
N TYR C 399 11.00 12.38 53.67
CA TYR C 399 9.90 11.41 53.59
C TYR C 399 10.36 10.04 53.08
N GLN C 400 11.08 10.00 51.97
CA GLN C 400 11.47 8.72 51.35
C GLN C 400 12.51 8.00 52.17
N GLN C 401 13.26 8.70 53.02
CA GLN C 401 14.28 8.06 53.83
C GLN C 401 13.69 7.06 54.84
N LYS C 402 12.41 7.19 55.19
CA LYS C 402 11.87 6.32 56.27
C LYS C 402 12.02 4.81 56.04
N PRO C 403 11.59 4.28 54.88
CA PRO C 403 11.81 2.85 54.64
C PRO C 403 13.27 2.48 54.52
N LEU C 404 14.09 3.42 54.03
CA LEU C 404 15.53 3.17 53.93
C LEU C 404 16.19 3.01 55.30
N ASN C 405 15.70 3.76 56.28
CA ASN C 405 16.15 3.61 57.67
C ASN C 405 15.81 2.25 58.27
N ASP C 406 14.82 1.55 57.71
CA ASP C 406 14.50 0.17 58.08
C ASP C 406 15.24 -0.93 57.29
N GLY C 407 16.12 -0.55 56.34
CA GLY C 407 16.94 -1.49 55.60
C GLY C 407 16.49 -1.75 54.16
N VAL C 408 15.43 -1.10 53.72
CA VAL C 408 15.02 -1.08 52.30
C VAL C 408 16.16 -0.46 51.48
N ARG C 409 16.41 -1.03 50.29
CA ARG C 409 17.59 -0.69 49.50
C ARG C 409 17.37 0.25 48.31
N GLY C 410 16.14 0.67 48.07
CA GLY C 410 15.86 1.54 46.96
C GLY C 410 14.42 1.54 46.55
N PHE C 411 14.19 2.07 45.35
CA PHE C 411 12.86 2.41 44.93
C PHE C 411 12.60 1.99 43.51
N TRP C 412 11.31 1.80 43.22
CA TRP C 412 10.82 1.98 41.86
C TRP C 412 9.86 3.15 41.81
N THR C 413 10.19 4.08 40.92
CA THR C 413 9.50 5.35 40.77
C THR C 413 8.50 5.19 39.62
N ASP C 414 7.23 5.06 40.01
CA ASP C 414 6.17 4.70 39.09
C ASP C 414 5.29 5.90 38.80
N MET C 415 4.60 5.87 37.66
CA MET C 415 3.52 6.83 37.32
C MET C 415 4.01 8.26 37.09
N GLY C 416 5.29 8.41 36.71
CA GLY C 416 5.91 9.73 36.59
C GLY C 416 5.72 10.44 35.26
N GLU C 417 4.73 10.04 34.47
CA GLU C 417 4.61 10.60 33.13
C GLU C 417 4.17 12.08 33.07
N PRO C 418 3.39 12.62 34.01
CA PRO C 418 2.60 11.91 35.03
C PRO C 418 1.58 10.96 34.41
N ALA C 419 1.22 9.90 35.13
CA ALA C 419 0.18 9.00 34.67
C ALA C 419 -1.11 9.77 34.34
N TRP C 420 -1.97 9.15 33.53
CA TRP C 420 -3.28 9.70 33.22
C TRP C 420 -3.17 11.10 32.60
N SER C 421 -2.12 11.32 31.82
CA SER C 421 -1.83 12.61 31.21
C SER C 421 -1.34 12.46 29.78
N ASN C 422 -2.02 11.59 29.04
CA ASN C 422 -1.72 11.38 27.63
C ASN C 422 -2.08 12.64 26.83
N GLU C 423 -1.69 12.65 25.57
CA GLU C 423 -1.90 13.81 24.68
C GLU C 423 -3.31 14.37 24.71
N ASP C 424 -4.28 13.48 24.70
CA ASP C 424 -5.69 13.89 24.65
C ASP C 424 -6.22 14.47 25.96
N ALA C 425 -5.51 14.26 27.07
CA ALA C 425 -5.87 14.87 28.36
C ALA C 425 -5.38 16.33 28.43
N VAL C 426 -6.00 17.17 27.61
CA VAL C 426 -5.55 18.56 27.44
C VAL C 426 -5.66 19.42 28.68
N ASP C 427 -6.48 19.03 29.65
CA ASP C 427 -6.56 19.76 30.92
C ASP C 427 -5.21 19.89 31.64
N ARG C 428 -4.36 18.87 31.47
CA ARG C 428 -3.04 18.84 32.10
C ARG C 428 -2.14 19.98 31.62
N LEU C 429 -2.43 20.54 30.45
CA LEU C 429 -1.63 21.66 29.93
C LEU C 429 -1.75 22.92 30.78
N ASN C 430 -2.77 22.98 31.65
CA ASN C 430 -2.89 24.04 32.65
C ASN C 430 -1.95 23.94 33.83
N MET C 431 -1.22 22.83 33.97
CA MET C 431 -0.26 22.69 35.05
C MET C 431 0.90 23.67 34.86
N LYS C 432 1.20 24.40 35.92
CA LYS C 432 2.28 25.38 35.96
C LYS C 432 3.24 24.91 37.02
N HIS C 433 4.43 24.50 36.59
CA HIS C 433 5.48 24.01 37.46
C HIS C 433 6.43 25.17 37.72
N HIS C 434 7.27 25.03 38.73
CA HIS C 434 8.21 26.08 39.12
C HIS C 434 9.08 26.51 37.93
N LEU C 435 9.55 25.54 37.13
CA LEU C 435 10.42 25.83 36.00
C LEU C 435 9.71 26.02 34.66
N GLY C 436 8.39 25.84 34.63
CA GLY C 436 7.64 26.15 33.42
C GLY C 436 6.27 25.52 33.34
N MET C 437 5.60 25.77 32.21
CA MET C 437 4.29 25.20 31.90
C MET C 437 4.42 23.74 31.47
N HIS C 438 3.30 23.03 31.59
CA HIS C 438 3.30 21.57 31.38
C HIS C 438 3.74 21.17 29.98
N ASN C 439 3.39 21.96 28.98
CA ASN C 439 3.82 21.63 27.61
C ASN C 439 5.36 21.47 27.48
N GLU C 440 6.12 22.27 28.24
CA GLU C 440 7.60 22.15 28.34
C GLU C 440 8.06 21.10 29.34
N ILE C 441 7.40 21.05 30.49
CA ILE C 441 7.90 20.29 31.65
C ILE C 441 7.43 18.83 31.68
N HIS C 442 6.31 18.51 31.03
CA HIS C 442 5.74 17.15 31.04
C HIS C 442 6.80 16.05 30.82
N ASN C 443 7.60 16.19 29.76
CA ASN C 443 8.59 15.16 29.43
C ASN C 443 9.79 15.11 30.37
N VAL C 444 9.98 16.12 31.21
CA VAL C 444 11.00 16.06 32.26
C VAL C 444 10.40 16.06 33.68
N TYR C 445 9.09 15.80 33.77
CA TYR C 445 8.44 15.73 35.08
C TYR C 445 9.01 14.56 35.90
N GLY C 446 8.95 13.37 35.31
CA GLY C 446 9.51 12.16 35.91
C GLY C 446 11.02 12.22 36.02
N PHE C 447 11.69 12.78 35.02
CA PHE C 447 13.15 12.95 35.06
C PHE C 447 13.61 13.75 36.30
N THR C 448 12.98 14.89 36.54
CA THR C 448 13.36 15.77 37.66
C THR C 448 12.99 15.15 39.01
N TRP C 449 11.89 14.40 39.03
CA TRP C 449 11.56 13.60 40.20
C TRP C 449 12.65 12.57 40.51
N ASP C 450 13.03 11.81 39.49
CA ASP C 450 13.98 10.73 39.65
C ASP C 450 15.35 11.27 40.09
N LYS C 451 15.67 12.46 39.59
CA LYS C 451 16.88 13.16 39.96
C LYS C 451 16.86 13.53 41.44
N VAL C 452 15.75 14.11 41.90
CA VAL C 452 15.55 14.35 43.34
C VAL C 452 15.69 13.07 44.17
N VAL C 453 15.08 11.97 43.73
CA VAL C 453 15.10 10.72 44.49
C VAL C 453 16.54 10.25 44.71
N THR C 454 17.33 10.30 43.64
CA THR C 454 18.73 9.89 43.71
C THR C 454 19.62 10.86 44.48
N GLU C 455 19.50 12.15 44.21
CA GLU C 455 20.27 13.18 44.92
C GLU C 455 20.03 13.12 46.43
N GLN C 456 18.76 12.97 46.80
CA GLN C 456 18.39 12.85 48.21
C GLN C 456 18.86 11.56 48.84
N PHE C 457 18.76 10.45 48.09
CA PHE C 457 19.35 9.22 48.55
C PHE C 457 20.84 9.43 48.87
N TYR C 458 21.55 10.09 47.97
CA TYR C 458 22.98 10.32 48.16
C TYR C 458 23.27 11.11 49.44
N LYS C 459 22.49 12.17 49.64
CA LYS C 459 22.64 13.05 50.80
C LYS C 459 22.41 12.31 52.11
N HIS C 460 21.35 11.49 52.16
CA HIS C 460 20.99 10.73 53.37
C HIS C 460 21.72 9.39 53.57
N ASN C 461 22.41 8.87 52.56
CA ASN C 461 23.03 7.54 52.60
C ASN C 461 24.39 7.58 51.91
N PRO C 462 25.36 8.26 52.54
CA PRO C 462 26.62 8.58 51.84
C PRO C 462 27.39 7.39 51.30
N ASN C 463 27.91 7.54 50.10
CA ASN C 463 28.76 6.54 49.45
C ASN C 463 28.08 5.18 49.26
N LYS C 464 26.79 5.20 48.96
CA LYS C 464 26.07 3.99 48.60
C LYS C 464 25.43 4.19 47.22
N ARG C 465 25.49 3.15 46.42
CA ARG C 465 24.79 3.14 45.14
C ARG C 465 23.31 3.05 45.41
N ILE C 466 22.54 3.89 44.74
CA ILE C 466 21.07 3.74 44.75
C ILE C 466 20.65 2.56 43.89
N PHE C 467 19.52 1.93 44.27
CA PHE C 467 18.72 1.19 43.30
C PHE C 467 17.46 2.03 43.04
N GLN C 468 17.32 2.52 41.82
CA GLN C 468 16.10 3.17 41.37
C GLN C 468 15.78 2.62 39.99
N MET C 469 14.56 2.13 39.81
CA MET C 469 14.07 1.67 38.51
C MET C 469 12.79 2.44 38.21
N THR C 470 12.74 3.08 37.04
CA THR C 470 11.70 4.07 36.72
C THR C 470 10.87 3.73 35.50
N ARG C 471 9.66 4.29 35.47
CA ARG C 471 8.77 4.16 34.32
C ARG C 471 8.90 5.32 33.36
N ALA C 472 8.80 6.54 33.89
CA ALA C 472 8.82 7.77 33.10
C ALA C 472 10.19 8.44 33.20
N ALA C 473 10.71 8.89 32.07
CA ALA C 473 12.01 9.56 32.06
C ALA C 473 12.24 10.39 30.81
N TYR C 474 13.38 11.07 30.81
CA TYR C 474 13.89 11.84 29.68
C TYR C 474 15.37 11.52 29.49
N ALA C 475 15.93 11.88 28.33
CA ALA C 475 17.38 11.77 28.08
C ALA C 475 18.24 12.26 29.24
N GLY C 476 19.28 11.49 29.56
CA GLY C 476 20.12 11.78 30.72
C GLY C 476 19.78 10.98 31.94
N LEU C 477 18.66 10.26 31.91
CA LEU C 477 18.22 9.44 33.04
C LEU C 477 19.28 8.50 33.61
N GLN C 478 20.21 8.04 32.77
CA GLN C 478 21.24 7.09 33.18
C GLN C 478 22.07 7.58 34.36
N ARG C 479 22.14 8.89 34.59
CA ARG C 479 22.81 9.46 35.75
C ARG C 479 22.13 9.13 37.07
N TYR C 480 20.82 8.83 37.04
CA TYR C 480 20.04 8.72 38.27
C TYR C 480 19.22 7.44 38.45
N THR C 481 18.96 6.71 37.37
CA THR C 481 17.94 5.66 37.44
C THR C 481 18.09 4.65 36.32
N PHE C 482 17.58 3.45 36.62
CA PHE C 482 17.44 2.35 35.71
C PHE C 482 15.99 2.42 35.20
N GLY C 483 15.60 1.48 34.34
CA GLY C 483 14.25 1.52 33.77
C GLY C 483 13.59 0.18 33.57
N TRP C 484 12.26 0.16 33.63
CA TRP C 484 11.47 -0.95 33.12
C TRP C 484 10.38 -0.43 32.18
N SER C 485 9.94 -1.31 31.28
CA SER C 485 9.06 -0.93 30.16
C SER C 485 7.56 -0.87 30.48
N GLY C 486 7.20 -0.80 31.75
CA GLY C 486 5.82 -0.51 32.14
C GLY C 486 4.86 -1.66 31.90
N ASP C 487 3.61 -1.31 31.59
CA ASP C 487 2.49 -2.25 31.62
C ASP C 487 2.30 -2.94 30.27
N SER C 488 3.14 -3.93 30.03
CA SER C 488 3.13 -4.70 28.77
C SER C 488 2.20 -5.89 28.87
N GLY C 489 1.97 -6.54 27.73
CA GLY C 489 1.16 -7.76 27.70
C GLY C 489 -0.28 -7.47 27.32
N ASN C 490 -1.04 -8.55 27.18
CA ASN C 490 -2.42 -8.45 26.67
C ASN C 490 -3.43 -8.51 27.80
N GLY C 491 -4.20 -7.42 27.95
CA GLY C 491 -5.19 -7.32 29.01
C GLY C 491 -6.48 -8.09 28.74
N SER C 492 -6.84 -8.27 27.48
CA SER C 492 -8.10 -8.96 27.12
C SER C 492 -7.98 -10.47 27.28
N ASN C 493 -6.81 -11.02 26.96
CA ASN C 493 -6.54 -12.42 27.16
C ASN C 493 -5.03 -12.57 27.31
N VAL C 494 -4.58 -12.86 28.52
CA VAL C 494 -3.14 -13.00 28.80
C VAL C 494 -2.44 -13.93 27.83
N LEU C 495 -3.15 -14.99 27.42
CA LEU C 495 -2.59 -16.01 26.53
C LEU C 495 -2.27 -15.51 25.12
N ASP C 496 -2.83 -14.36 24.73
CA ASP C 496 -2.61 -13.74 23.43
C ASP C 496 -1.44 -12.75 23.40
N GLY C 497 -0.56 -12.80 24.40
CA GLY C 497 0.52 -11.83 24.52
C GLY C 497 1.80 -12.11 23.77
N TRP C 498 1.85 -13.16 22.94
CA TRP C 498 3.08 -13.58 22.28
C TRP C 498 3.79 -12.48 21.50
N LYS C 499 3.07 -11.81 20.61
CA LYS C 499 3.68 -10.78 19.78
C LYS C 499 4.11 -9.56 20.59
N GLN C 500 3.32 -9.23 21.59
CA GLN C 500 3.71 -8.18 22.55
C GLN C 500 4.98 -8.54 23.33
N MET C 501 5.07 -9.77 23.82
CA MET C 501 6.31 -10.27 24.45
C MET C 501 7.46 -10.13 23.47
N ALA C 502 7.27 -10.64 22.25
CA ALA C 502 8.31 -10.60 21.24
C ALA C 502 8.83 -9.19 21.00
N ASN C 503 7.94 -8.19 21.02
CA ASN C 503 8.37 -6.82 20.76
C ASN C 503 9.19 -6.23 21.90
N GLN C 504 9.15 -6.84 23.09
CA GLN C 504 10.01 -6.41 24.18
C GLN C 504 11.50 -6.55 23.87
N ILE C 505 11.86 -7.42 22.91
CA ILE C 505 13.25 -7.49 22.49
C ILE C 505 13.72 -6.15 21.88
N PRO C 506 13.12 -5.69 20.76
CA PRO C 506 13.59 -4.39 20.24
C PRO C 506 13.29 -3.22 21.18
N VAL C 507 12.26 -3.31 22.02
CA VAL C 507 12.03 -2.27 23.03
C VAL C 507 13.24 -2.15 23.97
N GLY C 508 13.67 -3.27 24.52
CA GLY C 508 14.83 -3.31 25.41
C GLY C 508 16.15 -2.92 24.75
N LEU C 509 16.35 -3.38 23.51
CA LEU C 509 17.54 -3.00 22.74
C LEU C 509 17.56 -1.52 22.42
N SER C 510 16.42 -0.97 22.06
CA SER C 510 16.31 0.46 21.82
C SER C 510 16.51 1.25 23.11
N ALA C 511 15.89 0.78 24.19
CA ALA C 511 16.13 1.40 25.50
C ALA C 511 17.63 1.42 25.81
N GLY C 512 18.33 0.31 25.54
CA GLY C 512 19.78 0.23 25.70
C GLY C 512 20.53 1.27 24.88
N MET C 513 20.13 1.43 23.61
CA MET C 513 20.74 2.46 22.74
C MET C 513 20.42 3.89 23.16
N GLY C 514 19.37 4.05 23.99
CA GLY C 514 19.04 5.33 24.62
C GLY C 514 19.53 5.50 26.04
N LEU C 515 20.52 4.70 26.42
CA LEU C 515 21.21 4.79 27.71
C LEU C 515 20.32 4.38 28.88
N ILE C 516 19.63 3.27 28.66
CA ILE C 516 19.04 2.46 29.73
C ILE C 516 19.73 1.09 29.70
N PRO C 517 21.01 1.03 30.13
CA PRO C 517 21.70 -0.27 30.13
C PRO C 517 21.14 -1.24 31.18
N PHE C 518 20.63 -0.70 32.28
CA PHE C 518 20.05 -1.50 33.34
C PHE C 518 18.54 -1.42 33.16
N TRP C 519 18.04 -2.44 32.45
CA TRP C 519 16.67 -2.48 31.96
C TRP C 519 16.06 -3.84 32.23
N THR C 520 14.72 -3.86 32.30
CA THR C 520 13.97 -5.08 32.25
C THR C 520 12.55 -4.81 31.79
N CYS C 521 11.81 -5.88 31.56
CA CYS C 521 10.38 -5.81 31.33
C CYS C 521 9.69 -6.64 32.39
N ASP C 522 8.39 -6.51 32.48
CA ASP C 522 7.60 -7.39 33.32
C ASP C 522 7.58 -8.79 32.71
N ILE C 523 8.29 -9.71 33.34
CA ILE C 523 8.29 -11.11 32.92
C ILE C 523 6.89 -11.67 33.26
N SER C 524 6.24 -12.22 32.23
CA SER C 524 4.81 -12.60 32.16
C SER C 524 3.93 -11.47 31.65
N GLY C 525 4.51 -10.29 31.42
CA GLY C 525 3.73 -9.11 31.14
C GLY C 525 3.05 -8.59 32.39
N TYR C 526 2.58 -7.36 32.35
CA TYR C 526 1.78 -6.81 33.42
C TYR C 526 0.33 -7.25 33.30
N CYS C 527 -0.21 -7.16 32.08
CA CYS C 527 -1.65 -7.32 31.86
C CYS C 527 -2.14 -8.76 31.70
N GLY C 528 -3.43 -8.94 31.95
CA GLY C 528 -4.14 -10.17 31.65
C GLY C 528 -4.30 -11.06 32.87
N ASP C 529 -5.55 -11.33 33.24
CA ASP C 529 -5.81 -12.27 34.33
C ASP C 529 -5.35 -13.66 33.94
N ILE C 530 -4.70 -14.35 34.87
CA ILE C 530 -4.22 -15.71 34.63
C ILE C 530 -5.27 -16.64 35.21
N LYS C 531 -6.21 -17.04 34.36
CA LYS C 531 -7.31 -17.92 34.74
C LYS C 531 -6.99 -19.40 34.55
N ASP C 532 -5.93 -19.69 33.81
CA ASP C 532 -5.52 -21.06 33.52
C ASP C 532 -3.99 -21.12 33.50
N TYR C 533 -3.42 -21.55 34.62
CA TYR C 533 -1.95 -21.63 34.79
C TYR C 533 -1.29 -22.64 33.84
N ASP C 534 -1.94 -23.78 33.62
CA ASP C 534 -1.43 -24.76 32.63
C ASP C 534 -1.29 -24.15 31.24
N ALA C 535 -2.34 -23.48 30.77
CA ALA C 535 -2.37 -22.80 29.48
C ALA C 535 -1.29 -21.70 29.34
N MET C 536 -1.03 -21.00 30.43
CA MET C 536 -0.07 -19.88 30.46
C MET C 536 1.38 -20.33 30.59
N ALA C 537 1.61 -21.59 30.96
CA ALA C 537 2.95 -22.09 31.25
C ALA C 537 3.95 -21.83 30.12
N GLU C 538 3.59 -22.17 28.88
CA GLU C 538 4.49 -21.99 27.75
C GLU C 538 4.94 -20.52 27.61
N LEU C 539 3.97 -19.63 27.54
CA LEU C 539 4.25 -18.20 27.39
C LEU C 539 5.10 -17.66 28.55
N TYR C 540 4.79 -18.10 29.77
CA TYR C 540 5.60 -17.72 30.94
C TYR C 540 7.06 -18.15 30.80
N VAL C 541 7.25 -19.41 30.47
CA VAL C 541 8.59 -19.97 30.30
C VAL C 541 9.38 -19.18 29.25
N ARG C 542 8.78 -18.94 28.08
CA ARG C 542 9.47 -18.20 27.04
C ARG C 542 9.76 -16.76 27.48
N TRP C 543 8.81 -16.15 28.18
CA TRP C 543 8.99 -14.77 28.69
C TRP C 543 10.16 -14.70 29.68
N LEU C 544 10.26 -15.72 30.52
CA LEU C 544 11.34 -15.80 31.51
C LEU C 544 12.67 -16.13 30.87
N GLN C 545 12.67 -17.02 29.87
CA GLN C 545 13.90 -17.33 29.14
C GLN C 545 14.51 -16.09 28.46
N PHE C 546 13.66 -15.25 27.88
CA PHE C 546 14.10 -13.94 27.41
C PHE C 546 14.50 -13.04 28.58
N GLY C 547 13.64 -13.01 29.59
CA GLY C 547 13.75 -12.08 30.69
C GLY C 547 15.00 -12.23 31.53
N VAL C 548 15.50 -13.46 31.66
CA VAL C 548 16.76 -13.69 32.42
C VAL C 548 18.01 -13.11 31.73
N PHE C 549 17.91 -12.76 30.45
CA PHE C 549 18.97 -12.02 29.75
C PHE C 549 18.74 -10.51 29.70
N THR C 550 17.82 -10.02 30.51
CA THR C 550 17.70 -8.60 30.79
C THR C 550 18.43 -8.37 32.12
N PRO C 551 19.19 -7.26 32.23
CA PRO C 551 19.97 -7.04 33.46
C PRO C 551 19.18 -7.04 34.77
N LEU C 552 17.98 -6.47 34.77
CA LEU C 552 17.16 -6.33 35.99
C LEU C 552 15.97 -7.28 36.06
N SER C 553 16.06 -8.40 35.33
CA SER C 553 15.06 -9.47 35.30
CA SER C 553 15.08 -9.51 35.33
C SER C 553 14.07 -9.47 36.48
N ARG C 554 12.85 -9.05 36.19
CA ARG C 554 11.80 -9.00 37.21
C ARG C 554 10.50 -9.57 36.67
N ALA C 555 10.02 -10.64 37.32
CA ALA C 555 8.66 -11.11 37.15
C ALA C 555 7.71 -10.25 37.97
N HIS C 556 6.59 -9.90 37.34
CA HIS C 556 5.56 -9.04 37.89
C HIS C 556 4.26 -9.28 37.12
N HIS C 557 3.13 -8.94 37.74
CA HIS C 557 1.84 -9.00 37.06
C HIS C 557 0.80 -8.17 37.83
N GLU C 558 -0.28 -7.79 37.16
CA GLU C 558 -1.33 -7.00 37.80
C GLU C 558 -1.97 -7.74 38.97
N GLY C 559 -2.29 -6.97 40.02
CA GLY C 559 -3.16 -7.43 41.11
C GLY C 559 -2.70 -8.69 41.80
N GLY C 560 -3.62 -9.66 41.93
CA GLY C 560 -3.36 -10.93 42.57
C GLY C 560 -2.94 -12.08 41.66
N ASN C 561 -2.53 -11.75 40.44
CA ASN C 561 -2.07 -12.74 39.46
C ASN C 561 -0.66 -13.19 39.78
N ALA C 562 -0.56 -14.20 40.63
CA ALA C 562 0.74 -14.74 41.05
C ALA C 562 1.54 -15.25 39.86
N VAL C 563 2.78 -14.78 39.73
CA VAL C 563 3.66 -15.22 38.63
C VAL C 563 5.07 -15.62 39.09
N GLU C 564 5.16 -16.22 40.28
CA GLU C 564 6.43 -16.78 40.72
C GLU C 564 6.75 -17.99 39.85
N PRO C 565 8.05 -18.36 39.73
CA PRO C 565 8.41 -19.38 38.74
C PRO C 565 7.95 -20.82 39.01
N TRP C 566 7.32 -21.07 40.15
CA TRP C 566 6.75 -22.41 40.48
C TRP C 566 5.24 -22.50 40.27
N LYS C 567 4.60 -21.42 39.80
CA LYS C 567 3.13 -21.39 39.72
C LYS C 567 2.54 -22.07 38.49
N PHE C 568 3.39 -22.55 37.58
CA PHE C 568 2.97 -23.00 36.26
C PHE C 568 3.23 -24.50 36.05
N GLY C 569 3.46 -25.20 37.16
CA GLY C 569 3.72 -26.63 37.16
C GLY C 569 5.19 -26.96 37.22
N THR C 570 5.46 -28.23 37.51
CA THR C 570 6.81 -28.72 37.74
C THR C 570 7.73 -28.58 36.52
N GLU C 571 7.21 -28.87 35.33
CA GLU C 571 8.04 -28.78 34.12
C GLU C 571 8.54 -27.34 33.96
N ALA C 572 7.61 -26.39 34.02
CA ALA C 572 7.95 -24.97 33.87
C ALA C 572 8.86 -24.47 35.00
N GLU C 573 8.65 -25.03 36.20
CA GLU C 573 9.49 -24.68 37.34
C GLU C 573 10.94 -25.12 37.14
N ASN C 574 11.13 -26.36 36.67
CA ASN C 574 12.48 -26.87 36.44
C ASN C 574 13.21 -26.09 35.34
N ILE C 575 12.47 -25.76 34.27
CA ILE C 575 13.02 -24.97 33.18
C ILE C 575 13.38 -23.58 33.68
N SER C 576 12.47 -22.98 34.45
CA SER C 576 12.68 -21.62 34.97
C SER C 576 13.85 -21.54 35.94
N ARG C 577 14.02 -22.58 36.78
CA ARG C 577 15.18 -22.64 37.66
C ARG C 577 16.47 -22.64 36.86
N LYS C 578 16.53 -23.46 35.79
CA LYS C 578 17.73 -23.53 34.94
C LYS C 578 18.02 -22.20 34.25
N SER C 579 16.97 -21.55 33.75
CA SER C 579 17.09 -20.23 33.13
C SER C 579 17.73 -19.23 34.11
N ILE C 580 17.18 -19.18 35.32
CA ILE C 580 17.67 -18.27 36.35
C ILE C 580 19.11 -18.67 36.78
N GLU C 581 19.35 -19.97 36.99
CA GLU C 581 20.69 -20.44 37.34
C GLU C 581 21.75 -20.04 36.31
N LEU C 582 21.40 -20.05 35.04
CA LEU C 582 22.31 -19.63 33.97
C LEU C 582 22.71 -18.17 34.15
N LYS C 583 21.73 -17.31 34.44
CA LYS C 583 22.04 -15.89 34.69
C LYS C 583 22.98 -15.70 35.86
N TYR C 584 22.74 -16.44 36.95
CA TYR C 584 23.58 -16.36 38.15
C TYR C 584 24.99 -16.88 37.88
N LYS C 585 25.11 -17.98 37.15
CA LYS C 585 26.43 -18.47 36.74
C LYS C 585 27.19 -17.41 35.93
N LEU C 586 26.49 -16.68 35.08
CA LEU C 586 27.09 -15.62 34.29
C LEU C 586 27.35 -14.29 35.02
N PHE C 587 27.07 -14.21 36.31
CA PHE C 587 27.22 -12.96 37.04
C PHE C 587 28.56 -12.24 36.79
N PRO C 588 29.71 -12.93 36.93
CA PRO C 588 30.96 -12.20 36.72
C PRO C 588 31.13 -11.63 35.29
N TYR C 589 30.61 -12.34 34.30
CA TYR C 589 30.54 -11.88 32.92
C TYR C 589 29.60 -10.67 32.78
N LEU C 590 28.40 -10.80 33.30
CA LEU C 590 27.41 -9.71 33.22
C LEU C 590 27.85 -8.47 33.95
N TYR C 591 28.44 -8.65 35.14
CA TYR C 591 28.90 -7.55 35.95
C TYR C 591 30.06 -6.81 35.28
N THR C 592 30.92 -7.54 34.57
CA THR C 592 31.98 -6.90 33.79
C THR C 592 31.36 -5.97 32.73
N TYR C 593 30.33 -6.45 32.06
CA TYR C 593 29.59 -5.60 31.11
C TYR C 593 28.76 -4.48 31.73
N ALA C 594 28.31 -4.66 32.98
CA ALA C 594 27.72 -3.55 33.74
C ALA C 594 28.73 -2.41 33.91
N ARG C 595 29.98 -2.75 34.23
CA ARG C 595 31.04 -1.72 34.28
C ARG C 595 31.32 -1.11 32.91
N GLU C 596 31.34 -1.92 31.87
CA GLU C 596 31.52 -1.39 30.53
C GLU C 596 30.42 -0.37 30.17
N ALA C 597 29.19 -0.60 30.61
CA ALA C 597 28.13 0.39 30.39
C ALA C 597 28.45 1.74 31.04
N HIS C 598 28.98 1.70 32.26
CA HIS C 598 29.41 2.90 32.95
C HIS C 598 30.53 3.62 32.17
N ASP C 599 31.50 2.87 31.65
CA ASP C 599 32.69 3.50 31.02
C ASP C 599 32.45 3.98 29.61
N THR C 600 31.65 3.23 28.85
CA THR C 600 31.44 3.45 27.40
C THR C 600 30.03 3.85 27.00
N GLY C 601 29.05 3.63 27.87
CA GLY C 601 27.65 3.81 27.54
C GLY C 601 26.96 2.63 26.85
N LEU C 602 27.72 1.60 26.49
CA LEU C 602 27.16 0.50 25.71
C LEU C 602 26.26 -0.33 26.61
N PRO C 603 25.05 -0.65 26.12
CA PRO C 603 24.17 -1.49 26.93
C PRO C 603 24.67 -2.93 27.02
N ILE C 604 24.19 -3.65 28.02
CA ILE C 604 24.52 -5.06 28.18
C ILE C 604 23.83 -5.84 27.05
N MET C 605 22.54 -5.54 26.86
CA MET C 605 21.77 -6.06 25.75
C MET C 605 22.06 -5.25 24.50
N ARG C 606 22.74 -5.88 23.55
CA ARG C 606 23.24 -5.19 22.36
C ARG C 606 22.59 -5.68 21.09
N ALA C 607 21.88 -4.79 20.42
CA ALA C 607 21.50 -5.06 19.03
C ALA C 607 22.76 -5.43 18.25
N LEU C 608 22.67 -6.45 17.39
CA LEU C 608 23.87 -6.90 16.67
C LEU C 608 24.57 -5.78 15.88
N LEU C 609 23.79 -4.85 15.36
CA LEU C 609 24.34 -3.69 14.64
C LEU C 609 25.40 -2.91 15.42
N LEU C 610 25.30 -2.89 16.75
CA LEU C 610 26.31 -2.23 17.58
C LEU C 610 27.68 -2.85 17.47
N GLU C 611 27.73 -4.17 17.28
CA GLU C 611 28.98 -4.92 17.19
C GLU C 611 29.39 -5.28 15.77
N TYR C 612 28.39 -5.34 14.88
CA TYR C 612 28.60 -5.67 13.45
C TYR C 612 28.00 -4.59 12.54
N PRO C 613 28.51 -3.34 12.65
CA PRO C 613 27.90 -2.22 11.90
C PRO C 613 28.03 -2.34 10.37
N ASN C 614 29.02 -3.10 9.91
CA ASN C 614 29.21 -3.36 8.47
C ASN C 614 28.19 -4.32 7.85
N ASP C 615 27.42 -5.03 8.69
CA ASP C 615 26.50 -6.08 8.24
C ASP C 615 25.06 -5.57 8.27
N LYS C 616 24.54 -5.21 7.09
CA LYS C 616 23.21 -4.61 6.97
C LYS C 616 22.07 -5.56 7.35
N GLU C 617 22.35 -6.86 7.31
CA GLU C 617 21.38 -7.84 7.78
C GLU C 617 20.99 -7.59 9.24
N THR C 618 21.92 -7.08 10.05
CA THR C 618 21.66 -6.85 11.48
C THR C 618 20.58 -5.79 11.70
N PHE C 619 20.35 -4.92 10.71
CA PHE C 619 19.31 -3.89 10.87
C PHE C 619 17.89 -4.50 11.00
N LYS C 620 17.71 -5.72 10.50
CA LYS C 620 16.42 -6.41 10.48
C LYS C 620 16.13 -7.25 11.71
N LEU C 621 17.12 -7.43 12.58
CA LEU C 621 17.06 -8.48 13.60
C LEU C 621 16.36 -8.04 14.87
N ASN C 622 15.08 -8.39 14.96
CA ASN C 622 14.26 -8.09 16.13
C ASN C 622 14.04 -9.31 17.06
N GLY C 623 14.56 -10.48 16.68
CA GLY C 623 14.34 -11.72 17.44
C GLY C 623 15.54 -12.25 18.18
N GLN C 624 16.62 -11.47 18.24
CA GLN C 624 17.87 -11.90 18.86
C GLN C 624 18.74 -10.72 19.25
N PHE C 625 19.76 -10.97 20.08
CA PHE C 625 20.63 -9.91 20.53
C PHE C 625 21.91 -10.49 21.12
N LEU C 626 22.91 -9.63 21.27
CA LEU C 626 24.10 -10.01 22.00
C LEU C 626 23.95 -9.61 23.47
N VAL C 627 24.59 -10.38 24.34
CA VAL C 627 24.71 -10.03 25.76
C VAL C 627 26.21 -9.88 25.94
N GLY C 628 26.67 -8.64 26.11
CA GLY C 628 28.08 -8.29 25.88
C GLY C 628 28.46 -8.59 24.44
N LYS C 629 29.73 -8.94 24.20
CA LYS C 629 30.20 -9.27 22.84
C LYS C 629 30.24 -10.77 22.58
N GLU C 630 30.41 -11.56 23.63
CA GLU C 630 30.75 -12.98 23.49
C GLU C 630 29.55 -13.91 23.26
N LEU C 631 28.36 -13.49 23.73
CA LEU C 631 27.17 -14.33 23.71
C LEU C 631 26.08 -13.74 22.82
N LEU C 632 25.54 -14.59 21.97
CA LEU C 632 24.42 -14.28 21.10
C LEU C 632 23.21 -15.05 21.63
N VAL C 633 22.16 -14.34 21.99
CA VAL C 633 20.95 -14.93 22.57
C VAL C 633 19.82 -14.77 21.57
N ALA C 634 19.16 -15.88 21.24
CA ALA C 634 18.05 -15.88 20.29
C ALA C 634 16.83 -16.58 20.90
N PRO C 635 16.10 -15.89 21.80
CA PRO C 635 14.98 -16.51 22.52
C PRO C 635 13.80 -16.86 21.61
N VAL C 636 13.16 -17.99 21.90
CA VAL C 636 11.95 -18.37 21.16
C VAL C 636 10.81 -17.50 21.66
N VAL C 637 10.18 -16.77 20.74
CA VAL C 637 9.10 -15.85 21.08
C VAL C 637 7.86 -16.06 20.21
N GLU C 638 7.75 -17.26 19.63
CA GLU C 638 6.59 -17.65 18.81
C GLU C 638 5.90 -18.81 19.51
N GLN C 639 4.57 -18.76 19.54
CA GLN C 639 3.77 -19.77 20.23
C GLN C 639 3.87 -21.13 19.54
N GLY C 640 4.11 -22.17 20.33
CA GLY C 640 4.25 -23.54 19.79
C GLY C 640 5.55 -23.89 19.08
N ALA C 641 6.43 -22.90 18.88
CA ALA C 641 7.67 -23.11 18.19
C ALA C 641 8.60 -24.02 18.99
N VAL C 642 9.17 -24.99 18.31
CA VAL C 642 10.20 -25.85 18.89
C VAL C 642 11.51 -25.73 18.08
N THR C 643 11.61 -24.68 17.27
CA THR C 643 12.82 -24.32 16.54
C THR C 643 13.01 -22.80 16.56
N LYS C 644 14.21 -22.37 16.20
CA LYS C 644 14.52 -20.94 16.11
C LYS C 644 15.44 -20.67 14.94
N ASP C 645 15.06 -19.66 14.14
CA ASP C 645 15.89 -19.13 13.08
C ASP C 645 16.80 -18.06 13.68
N VAL C 646 18.10 -18.22 13.47
CA VAL C 646 19.13 -17.39 14.06
C VAL C 646 20.05 -16.91 12.96
N TYR C 647 20.34 -15.61 12.96
CA TYR C 647 21.37 -15.06 12.09
C TYR C 647 22.69 -15.01 12.83
N LEU C 648 23.70 -15.67 12.29
CA LEU C 648 25.05 -15.59 12.85
C LEU C 648 25.84 -14.57 12.05
N PRO C 649 26.38 -13.53 12.72
CA PRO C 649 27.26 -12.57 12.04
C PRO C 649 28.68 -13.13 11.87
N GLU C 650 29.63 -12.28 11.48
CA GLU C 650 31.04 -12.68 11.29
C GLU C 650 31.57 -13.50 12.45
N GLY C 651 32.38 -14.50 12.11
CA GLY C 651 33.09 -15.33 13.07
C GLY C 651 32.58 -16.75 12.99
N GLU C 652 32.99 -17.58 13.93
CA GLU C 652 32.40 -18.89 14.11
C GLU C 652 31.66 -18.89 15.45
N TRP C 653 30.58 -19.67 15.52
CA TRP C 653 29.67 -19.62 16.65
C TRP C 653 29.41 -21.03 17.17
N ILE C 654 29.59 -21.19 18.48
CA ILE C 654 29.50 -22.48 19.15
C ILE C 654 28.23 -22.47 20.02
N ASP C 655 27.43 -23.54 19.94
CA ASP C 655 26.25 -23.71 20.81
C ASP C 655 26.68 -23.71 22.27
N PHE C 656 26.25 -22.68 23.02
CA PHE C 656 26.66 -22.53 24.42
C PHE C 656 26.02 -23.55 25.37
N ASN C 657 24.96 -24.23 24.93
CA ASN C 657 24.29 -25.24 25.76
C ASN C 657 25.04 -26.59 25.78
N ASN C 658 25.67 -26.97 24.65
CA ASN C 658 26.49 -28.21 24.62
C ASN C 658 28.02 -28.00 24.43
N CYS C 659 28.39 -26.94 23.68
CA CYS C 659 29.79 -26.56 23.36
C CYS C 659 30.52 -27.41 22.32
N LYS C 660 29.80 -28.36 21.71
CA LYS C 660 30.38 -29.22 20.68
C LYS C 660 29.98 -28.77 19.27
N THR C 661 28.73 -28.30 19.10
CA THR C 661 28.23 -27.90 17.79
C THR C 661 28.74 -26.51 17.41
N LYS C 662 29.42 -26.45 16.26
CA LYS C 662 30.03 -25.22 15.76
C LYS C 662 29.37 -24.84 14.43
N TYR C 663 29.24 -23.53 14.20
CA TYR C 663 28.66 -23.01 12.98
C TYR C 663 29.55 -21.92 12.41
N LYS C 664 29.57 -21.84 11.08
CA LYS C 664 30.24 -20.75 10.37
C LYS C 664 29.35 -19.51 10.42
N GLY C 665 29.96 -18.34 10.40
CA GLY C 665 29.22 -17.07 10.45
C GLY C 665 28.68 -16.58 9.14
N GLU C 666 28.00 -15.43 9.23
CA GLU C 666 27.35 -14.76 8.11
C GLU C 666 26.37 -15.66 7.37
N GLN C 667 25.45 -16.22 8.14
CA GLN C 667 24.39 -17.06 7.61
C GLN C 667 23.21 -17.19 8.56
N TRP C 668 22.05 -17.46 7.97
CA TRP C 668 20.88 -17.85 8.73
C TRP C 668 20.92 -19.35 8.97
N ILE C 669 20.70 -19.76 10.21
CA ILE C 669 20.52 -21.18 10.55
C ILE C 669 19.18 -21.38 11.22
N THR C 670 18.74 -22.64 11.29
CA THR C 670 17.59 -23.03 12.09
C THR C 670 18.06 -24.06 13.08
N VAL C 671 17.79 -23.83 14.38
CA VAL C 671 18.20 -24.76 15.44
C VAL C 671 17.00 -25.32 16.19
N ASP C 672 17.18 -26.49 16.79
CA ASP C 672 16.16 -27.08 17.65
C ASP C 672 16.11 -26.25 18.93
N ALA C 673 14.89 -25.93 19.36
CA ALA C 673 14.67 -25.07 20.50
C ALA C 673 13.35 -25.44 21.17
N PRO C 674 13.28 -26.63 21.82
CA PRO C 674 12.07 -27.00 22.53
C PRO C 674 11.86 -26.15 23.77
N LEU C 675 10.76 -26.37 24.48
CA LEU C 675 10.41 -25.50 25.60
C LEU C 675 11.50 -25.37 26.66
N ASN C 676 12.30 -26.42 26.86
CA ASN C 676 13.39 -26.40 27.85
C ASN C 676 14.69 -25.72 27.39
N THR C 677 14.69 -25.09 26.21
CA THR C 677 15.93 -24.62 25.58
C THR C 677 15.86 -23.12 25.26
N ILE C 678 16.93 -22.40 25.59
CA ILE C 678 17.16 -21.04 25.09
C ILE C 678 18.34 -21.14 24.14
N PRO C 679 18.15 -20.79 22.85
CA PRO C 679 19.31 -20.80 21.97
C PRO C 679 20.29 -19.70 22.36
N VAL C 680 21.48 -20.12 22.78
CA VAL C 680 22.57 -19.21 23.13
C VAL C 680 23.82 -19.72 22.43
N PHE C 681 24.61 -18.81 21.90
CA PHE C 681 25.80 -19.13 21.14
C PHE C 681 26.97 -18.34 21.70
N VAL C 682 28.15 -18.95 21.73
CA VAL C 682 29.34 -18.24 22.17
C VAL C 682 30.26 -18.06 20.96
N LYS C 683 30.86 -16.88 20.84
CA LYS C 683 31.69 -16.62 19.68
C LYS C 683 33.02 -17.38 19.84
N LYS C 684 33.50 -18.01 18.77
CA LYS C 684 34.83 -18.62 18.81
C LYS C 684 35.87 -17.54 19.12
N GLY C 685 36.71 -17.83 20.12
CA GLY C 685 37.66 -16.86 20.67
C GLY C 685 37.29 -16.37 22.07
N SER C 686 36.04 -16.56 22.48
CA SER C 686 35.53 -15.99 23.73
C SER C 686 36.14 -16.60 24.97
N ILE C 687 36.25 -15.78 26.01
CA ILE C 687 36.61 -16.22 27.35
C ILE C 687 35.51 -15.74 28.27
N ILE C 688 34.82 -16.67 28.92
CA ILE C 688 33.62 -16.38 29.72
C ILE C 688 33.86 -16.68 31.20
N PRO C 689 33.93 -15.66 32.06
CA PRO C 689 34.00 -15.93 33.48
C PRO C 689 32.65 -16.40 34.03
N GLN C 690 32.67 -17.43 34.87
CA GLN C 690 31.46 -17.89 35.56
C GLN C 690 31.70 -18.15 37.05
N MET C 691 30.63 -18.08 37.83
CA MET C 691 30.64 -18.44 39.24
C MET C 691 29.74 -19.65 39.46
N PRO C 692 29.87 -20.31 40.61
CA PRO C 692 28.95 -21.41 40.91
C PRO C 692 27.53 -20.91 41.13
N VAL C 693 26.55 -21.80 40.98
CA VAL C 693 25.17 -21.46 41.28
C VAL C 693 25.10 -21.06 42.75
N MET C 694 24.42 -19.96 43.01
CA MET C 694 24.10 -19.51 44.35
C MET C 694 22.66 -19.09 44.35
N GLN C 695 22.06 -19.02 45.54
CA GLN C 695 20.64 -18.59 45.68
C GLN C 695 20.47 -17.08 45.68
N TYR C 696 21.56 -16.36 45.94
CA TYR C 696 21.58 -14.92 45.80
C TYR C 696 23.02 -14.48 45.59
N ILE C 697 23.20 -13.26 45.12
CA ILE C 697 24.55 -12.74 44.84
C ILE C 697 25.27 -12.59 46.18
N ASP C 698 26.51 -13.10 46.24
CA ASP C 698 27.27 -13.14 47.49
C ASP C 698 26.73 -14.10 48.57
N GLU C 699 25.95 -15.11 48.20
CA GLU C 699 25.62 -16.18 49.17
C GLU C 699 26.94 -16.81 49.68
N LYS C 700 27.84 -17.10 48.76
CA LYS C 700 29.25 -17.36 49.10
C LYS C 700 30.01 -16.08 48.78
N LYS C 701 30.65 -15.48 49.79
CA LYS C 701 31.48 -14.27 49.59
C LYS C 701 32.73 -14.51 48.74
N VAL C 702 33.23 -15.74 48.78
CA VAL C 702 34.42 -16.14 48.06
C VAL C 702 34.06 -17.40 47.29
N TYR C 703 34.41 -17.44 46.01
CA TYR C 703 34.14 -18.59 45.17
C TYR C 703 35.23 -18.78 44.15
N PRO C 704 35.45 -20.03 43.72
CA PRO C 704 36.33 -20.25 42.59
C PRO C 704 35.72 -19.64 41.34
N VAL C 705 36.55 -19.04 40.50
CA VAL C 705 36.09 -18.46 39.24
C VAL C 705 36.57 -19.35 38.12
N THR C 706 35.62 -19.80 37.30
CA THR C 706 35.96 -20.59 36.13
C THR C 706 35.97 -19.67 34.92
N PHE C 707 36.86 -19.96 33.98
CA PHE C 707 36.94 -19.24 32.73
C PHE C 707 36.79 -20.23 31.59
N ASP C 708 35.66 -20.20 30.90
CA ASP C 708 35.44 -21.07 29.75
C ASP C 708 36.04 -20.42 28.53
N ILE C 709 36.96 -21.13 27.89
CA ILE C 709 37.80 -20.57 26.84
C ILE C 709 37.57 -21.38 25.58
N PHE C 710 37.26 -20.67 24.50
CA PHE C 710 36.99 -21.25 23.20
C PHE C 710 38.02 -20.66 22.27
N PRO C 711 39.18 -21.35 22.10
CA PRO C 711 40.31 -20.74 21.40
C PRO C 711 39.94 -20.23 20.02
N GLY C 712 40.43 -19.04 19.70
CA GLY C 712 40.12 -18.38 18.43
C GLY C 712 40.98 -18.90 17.29
N ASN C 713 40.88 -18.24 16.14
CA ASN C 713 41.66 -18.60 14.96
C ASN C 713 43.15 -18.38 15.18
N LEU C 714 43.95 -19.16 14.46
CA LEU C 714 45.40 -19.22 14.62
C LEU C 714 46.06 -17.83 14.55
N ASN C 715 46.96 -17.57 15.50
CA ASN C 715 47.71 -16.30 15.60
C ASN C 715 46.84 -15.05 15.69
N LYS C 716 45.65 -15.19 16.29
CA LYS C 716 44.77 -14.07 16.60
C LYS C 716 44.54 -14.14 18.11
N GLU C 717 44.98 -13.10 18.81
CA GLU C 717 44.86 -13.03 20.26
C GLU C 717 43.44 -12.57 20.65
N THR C 718 42.83 -13.25 21.61
CA THR C 718 41.54 -12.83 22.18
C THR C 718 41.68 -12.69 23.68
N SER C 719 40.76 -11.97 24.30
CA SER C 719 40.87 -11.72 25.73
C SER C 719 39.54 -11.42 26.40
N PHE C 720 39.56 -11.51 27.72
CA PHE C 720 38.49 -11.01 28.57
C PHE C 720 39.11 -10.37 29.79
N THR C 721 38.66 -9.16 30.11
CA THR C 721 39.13 -8.45 31.29
C THR C 721 38.06 -8.50 32.40
N PHE C 722 38.30 -9.37 33.36
CA PHE C 722 37.42 -9.67 34.47
C PHE C 722 37.47 -8.53 35.48
N TYR C 723 36.37 -7.78 35.59
CA TYR C 723 36.26 -6.61 36.47
C TYR C 723 35.62 -6.98 37.80
N GLU C 724 36.19 -6.48 38.90
CA GLU C 724 35.64 -6.64 40.24
C GLU C 724 35.74 -5.34 41.04
N ASP C 725 34.75 -5.14 41.89
CA ASP C 725 34.73 -4.02 42.82
C ASP C 725 33.86 -4.40 44.01
N ASP C 726 33.61 -3.46 44.93
CA ASP C 726 32.91 -3.81 46.17
C ASP C 726 31.40 -4.03 45.96
N GLY C 727 30.88 -3.64 44.78
CA GLY C 727 29.48 -3.91 44.44
C GLY C 727 28.41 -3.09 45.15
N GLU C 728 28.78 -2.23 46.09
CA GLU C 728 27.82 -1.54 46.97
C GLU C 728 28.00 -0.01 47.07
N SER C 729 29.25 0.47 47.06
CA SER C 729 29.55 1.86 47.32
C SER C 729 29.76 2.58 46.00
N ARG C 730 29.97 3.89 46.10
CA ARG C 730 30.26 4.73 44.93
C ARG C 730 31.74 4.84 44.59
N ASP C 731 32.59 4.06 45.27
CA ASP C 731 34.03 4.07 44.98
C ASP C 731 34.34 3.79 43.51
N TYR C 732 33.52 2.97 42.84
CA TYR C 732 33.73 2.66 41.43
C TYR C 732 33.70 3.91 40.53
N GLU C 733 32.97 4.95 40.94
CA GLU C 733 32.87 6.20 40.20
C GLU C 733 34.20 6.97 40.22
N ARG C 734 35.04 6.71 41.22
CA ARG C 734 36.43 7.18 41.29
C ARG C 734 37.43 6.11 40.85
N ASP C 735 36.99 5.12 40.07
CA ASP C 735 37.88 4.07 39.53
C ASP C 735 38.63 3.27 40.59
N VAL C 736 37.91 2.94 41.66
CA VAL C 736 38.38 2.02 42.68
C VAL C 736 37.81 0.64 42.36
N PHE C 737 38.67 -0.25 41.92
CA PHE C 737 38.30 -1.57 41.42
C PHE C 737 39.57 -2.43 41.26
N CYS C 738 39.40 -3.67 40.80
CA CYS C 738 40.50 -4.40 40.20
C CYS C 738 40.05 -5.08 38.93
N LYS C 739 41.04 -5.41 38.09
CA LYS C 739 40.84 -6.12 36.84
C LYS C 739 41.87 -7.21 36.68
N THR C 740 41.44 -8.34 36.12
CA THR C 740 42.31 -9.46 35.79
C THR C 740 42.05 -9.84 34.34
N LYS C 741 43.03 -9.59 33.48
CA LYS C 741 42.89 -9.86 32.05
C LYS C 741 43.33 -11.28 31.73
N ILE C 742 42.45 -12.03 31.07
CA ILE C 742 42.77 -13.39 30.59
C ILE C 742 42.93 -13.31 29.09
N THR C 743 44.05 -13.81 28.59
CA THR C 743 44.35 -13.77 27.17
C THR C 743 44.47 -15.20 26.64
N SER C 744 44.02 -15.40 25.39
CA SER C 744 44.17 -16.68 24.69
C SER C 744 44.73 -16.44 23.28
N LYS C 745 45.64 -17.31 22.86
CA LYS C 745 46.29 -17.20 21.55
C LYS C 745 46.68 -18.61 21.12
N ALA C 746 46.10 -19.07 20.00
CA ALA C 746 46.34 -20.42 19.48
C ALA C 746 47.36 -20.38 18.34
N SER C 747 48.23 -21.38 18.29
CA SER C 747 49.39 -21.43 17.36
C SER C 747 49.51 -22.82 16.71
N ASN C 748 50.68 -23.13 16.14
CA ASN C 748 50.97 -24.47 15.61
C ASN C 748 50.92 -25.53 16.71
N GLU C 749 49.77 -26.21 16.80
CA GLU C 749 49.47 -27.18 17.86
C GLU C 749 49.92 -26.73 19.27
N GLU C 750 49.59 -25.47 19.59
CA GLU C 750 49.93 -24.86 20.87
C GLU C 750 48.91 -23.77 21.24
N ILE C 751 48.43 -23.78 22.47
CA ILE C 751 47.50 -22.76 22.99
C ILE C 751 48.14 -22.08 24.20
N LYS C 752 48.33 -20.76 24.10
CA LYS C 752 48.90 -19.96 25.18
C LYS C 752 47.76 -19.20 25.89
N ILE C 753 47.53 -19.52 27.17
CA ILE C 753 46.58 -18.81 28.02
C ILE C 753 47.35 -18.05 29.09
N THR C 754 47.13 -16.74 29.16
CA THR C 754 47.84 -15.87 30.08
C THR C 754 46.85 -15.31 31.09
N VAL C 755 47.11 -15.57 32.37
CA VAL C 755 46.41 -14.89 33.46
C VAL C 755 47.25 -13.66 33.79
N GLY C 756 46.80 -12.51 33.31
CA GLY C 756 47.51 -11.24 33.51
C GLY C 756 47.69 -10.88 34.97
N GLU C 757 48.75 -10.13 35.26
CA GLU C 757 48.96 -9.60 36.61
C GLU C 757 47.76 -8.76 37.02
N ARG C 758 47.30 -8.94 38.26
CA ARG C 758 46.12 -8.20 38.74
C ARG C 758 46.39 -6.71 38.81
N GLU C 759 45.50 -5.96 38.16
CA GLU C 759 45.52 -4.52 38.17
C GLU C 759 44.81 -4.06 39.43
N TYR C 760 45.59 -3.56 40.40
CA TYR C 760 45.07 -3.09 41.70
C TYR C 760 44.85 -1.58 41.68
N LYS C 761 43.58 -1.16 41.75
CA LYS C 761 43.23 0.26 41.84
C LYS C 761 42.42 0.54 43.11
N GLY C 762 42.87 -0.02 44.23
CA GLY C 762 42.30 0.31 45.55
C GLY C 762 41.22 -0.66 46.05
N TYR C 763 41.05 -1.78 45.35
CA TYR C 763 40.12 -2.83 45.74
C TYR C 763 40.84 -4.18 45.64
N SER C 764 40.82 -4.94 46.72
CA SER C 764 41.35 -6.30 46.75
C SER C 764 40.14 -7.23 46.62
N PRO C 765 40.20 -8.19 45.67
CA PRO C 765 39.05 -9.04 45.41
C PRO C 765 38.90 -10.11 46.47
N ALA C 766 37.77 -10.80 46.40
CA ALA C 766 37.47 -11.92 47.29
C ALA C 766 38.58 -12.94 47.16
N GLY C 767 39.06 -13.42 48.31
CA GLY C 767 40.08 -14.44 48.33
C GLY C 767 40.32 -14.98 49.73
N PRO C 768 41.17 -16.00 49.86
CA PRO C 768 41.85 -16.65 48.77
C PRO C 768 40.89 -17.52 47.94
N ARG C 769 41.20 -17.65 46.66
CA ARG C 769 40.43 -18.49 45.75
C ARG C 769 41.31 -19.07 44.66
N ASN C 770 40.76 -20.06 43.99
CA ASN C 770 41.34 -20.65 42.81
C ASN C 770 40.61 -20.20 41.56
N PHE C 771 41.36 -20.14 40.46
CA PHE C 771 40.79 -20.06 39.12
C PHE C 771 40.85 -21.45 38.52
N ILE C 772 39.88 -21.75 37.64
CA ILE C 772 39.96 -22.92 36.78
C ILE C 772 39.80 -22.43 35.35
N LEU C 773 40.85 -22.61 34.56
CA LEU C 773 40.79 -22.32 33.13
C LEU C 773 40.23 -23.55 32.47
N LYS C 774 39.14 -23.40 31.74
CA LYS C 774 38.46 -24.51 31.08
C LYS C 774 38.54 -24.29 29.59
N ILE C 775 39.56 -24.88 28.97
CA ILE C 775 39.82 -24.72 27.55
C ILE C 775 39.06 -25.79 26.79
N HIS C 776 38.24 -25.36 25.82
CA HIS C 776 37.46 -26.28 25.02
C HIS C 776 38.30 -26.71 23.83
N ALA C 777 38.41 -28.02 23.66
CA ALA C 777 39.33 -28.62 22.69
C ALA C 777 38.88 -30.03 22.40
N SER C 778 39.10 -30.49 21.17
CA SER C 778 38.62 -31.82 20.75
C SER C 778 39.46 -32.95 21.37
N ASN C 779 40.78 -32.83 21.31
CA ASN C 779 41.70 -33.86 21.78
C ASN C 779 42.43 -33.47 23.04
N LYS C 780 42.57 -34.43 23.96
CA LYS C 780 43.42 -34.28 25.14
C LYS C 780 44.82 -33.88 24.70
N PRO C 781 45.41 -32.85 25.34
CA PRO C 781 46.73 -32.40 24.94
C PRO C 781 47.86 -33.34 25.39
N LYS C 782 49.04 -33.15 24.80
CA LYS C 782 50.25 -33.90 25.16
C LYS C 782 50.67 -33.51 26.58
N ASP C 783 50.87 -32.22 26.80
CA ASP C 783 51.26 -31.66 28.10
C ASP C 783 50.72 -30.24 28.27
N VAL C 784 50.65 -29.79 29.51
CA VAL C 784 50.35 -28.39 29.86
C VAL C 784 51.45 -27.88 30.79
N PHE C 785 51.99 -26.70 30.46
CA PHE C 785 53.06 -26.06 31.23
C PHE C 785 52.55 -24.79 31.90
N ALA C 786 53.04 -24.52 33.10
CA ALA C 786 52.82 -23.25 33.80
C ALA C 786 54.17 -22.55 33.89
N GLY C 787 54.34 -21.48 33.11
CA GLY C 787 55.63 -20.83 32.96
C GLY C 787 56.60 -21.76 32.25
N GLY C 788 57.67 -22.13 32.95
CA GLY C 788 58.63 -23.12 32.47
C GLY C 788 58.26 -24.54 32.84
N GLU C 789 57.70 -24.73 34.04
CA GLU C 789 57.47 -26.06 34.61
C GLU C 789 56.28 -26.80 34.00
N LYS C 790 56.48 -28.10 33.74
CA LYS C 790 55.42 -28.99 33.29
C LYS C 790 54.47 -29.26 34.45
N LEU C 791 53.18 -29.29 34.16
CA LEU C 791 52.16 -29.51 35.19
C LEU C 791 51.74 -30.97 35.29
N LYS C 792 51.30 -31.34 36.49
CA LYS C 792 50.90 -32.70 36.81
C LYS C 792 49.51 -32.94 36.23
N ASN C 793 49.38 -33.94 35.34
CA ASN C 793 48.07 -34.35 34.85
C ASN C 793 47.40 -35.18 35.93
N VAL C 794 46.12 -34.90 36.20
CA VAL C 794 45.37 -35.60 37.26
C VAL C 794 43.92 -35.89 36.86
N LYS C 795 43.25 -36.71 37.67
CA LYS C 795 41.83 -37.03 37.46
C LYS C 795 40.97 -35.81 37.79
N PRO C 796 39.81 -35.64 37.09
CA PRO C 796 38.86 -34.57 37.40
C PRO C 796 38.51 -34.41 38.88
N HIS C 797 38.33 -35.53 39.58
CA HIS C 797 38.01 -35.52 41.02
C HIS C 797 39.13 -34.90 41.86
N VAL C 798 40.38 -35.16 41.49
CA VAL C 798 41.54 -34.61 42.20
C VAL C 798 41.67 -33.09 41.99
N LEU C 799 41.42 -32.64 40.75
CA LEU C 799 41.42 -31.21 40.45
C LEU C 799 40.33 -30.46 41.22
N GLU C 800 39.17 -31.08 41.38
CA GLU C 800 38.02 -30.49 42.08
C GLU C 800 38.11 -30.58 43.61
N LYS C 801 39.00 -31.41 44.13
CA LYS C 801 39.07 -31.65 45.59
C LYS C 801 39.70 -30.46 46.31
N ASN C 802 39.06 -30.05 47.40
CA ASN C 802 39.46 -28.87 48.16
C ASN C 802 39.66 -27.64 47.24
N ILE C 803 38.73 -27.45 46.29
CA ILE C 803 38.78 -26.28 45.38
C ILE C 803 38.57 -24.95 46.14
N GLU C 804 37.90 -25.01 47.30
CA GLU C 804 37.67 -23.84 48.15
C GLU C 804 38.43 -23.88 49.48
N ALA C 805 39.48 -24.71 49.56
CA ALA C 805 40.23 -24.90 50.82
C ALA C 805 41.75 -24.93 50.66
N ASP C 806 42.24 -25.56 49.59
CA ASP C 806 43.67 -25.58 49.27
C ASP C 806 43.93 -24.63 48.11
N PHE C 807 44.88 -23.72 48.31
CA PHE C 807 45.25 -22.70 47.33
C PHE C 807 46.73 -22.81 46.94
N THR C 808 47.26 -24.03 47.00
CA THR C 808 48.65 -24.33 46.62
C THR C 808 48.80 -25.16 45.33
N LYS C 809 47.72 -25.80 44.88
CA LYS C 809 47.81 -26.79 43.79
C LYS C 809 47.68 -26.15 42.40
N ILE C 810 48.62 -26.49 41.53
CA ILE C 810 48.55 -26.15 40.12
C ILE C 810 48.61 -27.47 39.36
N ASN C 811 47.49 -27.85 38.73
CA ASN C 811 47.39 -29.11 37.98
C ASN C 811 46.38 -28.98 36.84
N TRP C 812 46.26 -30.01 36.01
CA TRP C 812 45.29 -30.00 34.93
C TRP C 812 44.63 -31.36 34.73
N SER C 813 43.36 -31.34 34.32
CA SER C 813 42.59 -32.58 34.05
C SER C 813 41.93 -32.53 32.68
N TRP C 814 41.43 -33.68 32.24
CA TRP C 814 40.76 -33.83 30.95
C TRP C 814 39.39 -34.44 31.16
N ASN C 815 38.40 -33.89 30.47
CA ASN C 815 37.06 -34.44 30.42
C ASN C 815 36.77 -34.76 28.97
N GLU C 816 36.67 -36.06 28.67
CA GLU C 816 36.45 -36.55 27.31
C GLU C 816 35.02 -36.28 26.84
N ALA C 817 34.04 -36.51 27.71
CA ALA C 817 32.63 -36.25 27.39
C ALA C 817 32.39 -34.78 27.05
N GLU C 818 32.84 -33.89 27.92
CA GLU C 818 32.69 -32.45 27.73
C GLU C 818 33.69 -31.82 26.76
N ASN C 819 34.79 -32.52 26.46
CA ASN C 819 35.87 -32.01 25.59
C ASN C 819 36.50 -30.73 26.18
N VAL C 820 36.88 -30.81 27.45
CA VAL C 820 37.40 -29.67 28.21
C VAL C 820 38.71 -30.02 28.93
N ILE C 821 39.72 -29.19 28.69
CA ILE C 821 40.93 -29.17 29.50
C ILE C 821 40.70 -28.21 30.66
N SER C 822 40.71 -28.72 31.89
CA SER C 822 40.61 -27.88 33.09
C SER C 822 42.00 -27.66 33.64
N VAL C 823 42.34 -26.42 33.98
CA VAL C 823 43.63 -26.08 34.58
C VAL C 823 43.37 -25.29 35.85
N ARG C 824 43.65 -25.92 36.99
CA ARG C 824 43.54 -25.27 38.30
C ARG C 824 44.79 -24.43 38.57
N ILE C 825 44.58 -23.17 38.96
CA ILE C 825 45.68 -22.27 39.34
C ILE C 825 45.17 -21.29 40.42
N PRO C 826 45.93 -21.14 41.52
CA PRO C 826 45.51 -20.17 42.53
C PRO C 826 45.52 -18.75 41.99
N ASP C 827 44.57 -17.95 42.44
CA ASP C 827 44.48 -16.55 42.07
C ASP C 827 45.45 -15.76 42.96
N SER C 828 46.72 -15.80 42.57
CA SER C 828 47.79 -15.14 43.31
C SER C 828 47.83 -13.63 43.07
N GLY C 829 47.31 -13.19 41.93
CA GLY C 829 47.49 -11.82 41.45
C GLY C 829 48.71 -11.63 40.57
N LYS C 830 49.51 -12.68 40.36
CA LYS C 830 50.72 -12.60 39.54
C LYS C 830 50.46 -13.05 38.12
N ASN C 831 51.27 -12.54 37.21
CA ASN C 831 51.23 -12.97 35.83
C ASN C 831 51.53 -14.47 35.74
N ALA C 832 50.77 -15.19 34.91
CA ALA C 832 51.01 -16.62 34.69
C ALA C 832 50.71 -16.99 33.24
N VAL C 833 51.67 -17.68 32.59
CA VAL C 833 51.52 -18.09 31.20
C VAL C 833 51.35 -19.60 31.17
N ILE C 834 50.14 -20.04 30.79
CA ILE C 834 49.82 -21.45 30.66
C ILE C 834 49.95 -21.84 29.20
N THR C 835 50.81 -22.82 28.91
CA THR C 835 51.01 -23.30 27.54
C THR C 835 50.50 -24.72 27.44
N ILE C 836 49.62 -24.97 26.47
CA ILE C 836 49.00 -26.27 26.25
C ILE C 836 49.58 -26.82 24.93
N LYS C 837 50.24 -27.97 25.01
CA LYS C 837 50.84 -28.62 23.83
C LYS C 837 49.83 -29.61 23.22
N ASN C 838 49.28 -29.27 22.06
CA ASN C 838 48.23 -30.07 21.43
C ASN C 838 48.80 -31.33 20.80
N GLU D 27 9.23 -1.66 -27.68
CA GLU D 27 10.63 -1.84 -28.19
C GLU D 27 10.67 -2.42 -29.61
N GLN D 28 11.68 -1.99 -30.37
CA GLN D 28 11.83 -2.27 -31.79
C GLN D 28 13.01 -3.25 -32.01
N TYR D 29 12.78 -4.30 -32.81
CA TYR D 29 13.81 -5.26 -33.22
C TYR D 29 14.11 -5.07 -34.71
N LEU D 30 15.21 -5.66 -35.17
CA LEU D 30 15.57 -5.54 -36.59
C LEU D 30 14.53 -6.18 -37.51
N GLY D 31 14.07 -7.36 -37.14
CA GLY D 31 13.09 -8.08 -37.95
C GLY D 31 13.71 -8.64 -39.23
N ASN D 32 12.90 -8.83 -40.25
CA ASN D 32 13.36 -9.52 -41.44
C ASN D 32 14.29 -8.66 -42.26
N CYS D 33 15.39 -9.27 -42.71
CA CYS D 33 16.33 -8.64 -43.60
C CYS D 33 15.90 -8.87 -45.03
N THR D 34 15.70 -7.78 -45.77
CA THR D 34 15.20 -7.82 -47.15
C THR D 34 16.29 -7.66 -48.20
N ALA D 35 17.44 -7.10 -47.83
CA ALA D 35 18.51 -6.83 -48.79
C ALA D 35 19.84 -6.57 -48.12
N TYR D 36 20.90 -6.60 -48.91
CA TYR D 36 22.24 -6.22 -48.46
C TYR D 36 22.95 -5.41 -49.52
N SER D 37 23.95 -4.66 -49.07
CA SER D 37 24.80 -3.85 -49.93
C SER D 37 26.23 -3.97 -49.44
N VAL D 38 27.18 -4.15 -50.35
CA VAL D 38 28.60 -4.22 -50.04
C VAL D 38 29.29 -2.96 -50.55
N LYS D 39 30.16 -2.39 -49.72
CA LYS D 39 31.01 -1.27 -50.12
C LYS D 39 32.37 -1.49 -49.46
N GLY D 40 33.32 -1.99 -50.24
CA GLY D 40 34.64 -2.38 -49.73
C GLY D 40 34.47 -3.43 -48.64
N ASN D 41 35.07 -3.18 -47.48
CA ASN D 41 35.04 -4.14 -46.37
C ASN D 41 33.79 -4.04 -45.49
N LYS D 42 32.77 -3.28 -45.91
CA LYS D 42 31.53 -3.11 -45.17
C LYS D 42 30.38 -3.78 -45.91
N VAL D 43 29.49 -4.41 -45.15
CA VAL D 43 28.20 -4.91 -45.66
C VAL D 43 27.09 -4.37 -44.79
N VAL D 44 26.05 -3.83 -45.43
CA VAL D 44 24.92 -3.29 -44.71
C VAL D 44 23.69 -4.13 -45.05
N PHE D 45 23.04 -4.64 -44.01
CA PHE D 45 21.82 -5.43 -44.11
C PHE D 45 20.66 -4.55 -43.77
N SER D 46 19.70 -4.45 -44.71
CA SER D 46 18.49 -3.66 -44.50
C SER D 46 17.41 -4.52 -43.89
N CYS D 47 16.88 -4.09 -42.74
CA CYS D 47 15.87 -4.85 -42.00
C CYS D 47 14.53 -4.07 -41.93
N ALA D 48 13.75 -4.24 -40.87
CA ALA D 48 12.39 -3.69 -40.79
C ALA D 48 12.40 -2.19 -40.48
N ASN D 49 11.47 -1.46 -41.10
CA ASN D 49 11.16 -0.05 -40.74
C ASN D 49 12.41 0.82 -40.66
N ASN D 50 13.12 0.90 -41.79
CA ASN D 50 14.36 1.68 -41.96
C ASN D 50 15.61 1.23 -41.16
N SER D 51 15.46 0.23 -40.28
CA SER D 51 16.60 -0.24 -39.47
C SER D 51 17.61 -0.97 -40.34
N LYS D 52 18.88 -0.83 -39.99
CA LYS D 52 19.96 -1.49 -40.70
C LYS D 52 21.02 -1.94 -39.73
N ILE D 53 21.87 -2.85 -40.18
CA ILE D 53 23.01 -3.29 -39.39
C ILE D 53 24.17 -3.50 -40.32
N MET D 54 25.33 -2.93 -39.97
CA MET D 54 26.55 -3.03 -40.73
C MET D 54 27.52 -4.01 -40.06
N LEU D 55 28.14 -4.87 -40.86
CA LEU D 55 29.30 -5.64 -40.48
C LEU D 55 30.48 -5.13 -41.31
N GLN D 56 31.60 -4.89 -40.64
CA GLN D 56 32.81 -4.40 -41.28
C GLN D 56 33.99 -5.26 -40.89
N LEU D 57 34.62 -5.91 -41.88
CA LEU D 57 35.78 -6.72 -41.65
C LEU D 57 37.04 -5.89 -41.54
N CYS D 58 37.42 -5.58 -40.31
CA CYS D 58 38.68 -4.89 -40.04
C CYS D 58 39.87 -5.81 -40.33
N SER D 59 39.69 -7.09 -40.01
CA SER D 59 40.57 -8.16 -40.42
C SER D 59 39.71 -9.42 -40.48
N GLY D 60 40.34 -10.57 -40.77
CA GLY D 60 39.66 -11.87 -40.66
C GLY D 60 39.22 -12.23 -39.24
N GLU D 61 39.80 -11.57 -38.24
CA GLU D 61 39.50 -11.82 -36.83
C GLU D 61 38.67 -10.74 -36.13
N VAL D 62 38.63 -9.53 -36.67
CA VAL D 62 37.99 -8.40 -36.00
C VAL D 62 36.89 -7.85 -36.88
N VAL D 63 35.67 -7.89 -36.33
CA VAL D 63 34.46 -7.43 -37.02
C VAL D 63 33.85 -6.26 -36.24
N LYS D 64 33.72 -5.11 -36.90
CA LYS D 64 32.99 -3.96 -36.35
C LYS D 64 31.52 -4.14 -36.71
N ILE D 65 30.67 -4.12 -35.70
CA ILE D 65 29.23 -4.26 -35.86
C ILE D 65 28.56 -2.97 -35.39
N TRP D 66 27.68 -2.46 -36.24
CA TRP D 66 26.95 -1.23 -35.98
C TRP D 66 25.49 -1.47 -36.32
N ALA D 67 24.66 -1.61 -35.30
CA ALA D 67 23.22 -1.79 -35.44
C ALA D 67 22.55 -0.42 -35.31
N SER D 68 21.67 -0.09 -36.27
CA SER D 68 21.04 1.23 -36.34
C SER D 68 19.50 1.16 -36.44
N ALA D 69 18.81 1.77 -35.48
CA ALA D 69 17.34 1.76 -35.45
C ALA D 69 16.72 2.53 -36.62
N ASP D 70 17.43 3.53 -37.12
CA ASP D 70 16.90 4.41 -38.16
C ASP D 70 17.64 4.31 -39.50
N GLY D 71 18.69 3.49 -39.56
CA GLY D 71 19.45 3.29 -40.79
C GLY D 71 20.47 4.34 -41.11
N ASN D 72 20.59 5.36 -40.25
CA ASN D 72 21.62 6.36 -40.34
C ASN D 72 22.77 5.83 -39.49
N PHE D 73 23.96 5.86 -40.06
CA PHE D 73 25.16 5.46 -39.38
C PHE D 73 25.94 6.73 -39.06
N VAL D 74 25.37 7.52 -38.16
CA VAL D 74 26.02 8.74 -37.64
C VAL D 74 26.07 8.72 -36.11
N ARG D 75 27.17 9.26 -35.59
CA ARG D 75 27.36 9.40 -34.16
C ARG D 75 27.83 10.82 -33.87
N ASN D 76 27.46 11.32 -32.69
CA ASN D 76 27.80 12.67 -32.29
C ASN D 76 29.32 12.88 -32.25
N ASN D 77 30.06 11.91 -31.72
CA ASN D 77 31.51 11.93 -31.70
C ASN D 77 32.04 10.63 -32.27
N GLU D 78 33.06 10.72 -33.11
CA GLU D 78 33.81 9.54 -33.53
C GLU D 78 34.46 8.94 -32.28
N SER D 79 34.88 7.69 -32.38
CA SER D 79 35.44 7.01 -31.21
C SER D 79 36.62 7.75 -30.62
N PHE D 80 36.57 7.91 -29.29
CA PHE D 80 37.72 8.37 -28.50
C PHE D 80 38.79 7.28 -28.28
N ALA D 81 38.38 6.01 -28.38
CA ALA D 81 39.26 4.86 -28.06
C ALA D 81 39.96 4.25 -29.28
N VAL D 82 39.20 4.11 -30.36
CA VAL D 82 39.71 3.45 -31.57
C VAL D 82 40.59 4.42 -32.36
N ILE D 83 41.83 4.02 -32.59
CA ILE D 83 42.78 4.78 -33.42
C ILE D 83 43.07 4.15 -34.78
N GLU D 84 42.57 2.93 -35.02
CA GLU D 84 42.83 2.25 -36.29
C GLU D 84 41.78 1.18 -36.52
N GLU D 85 41.06 1.27 -37.64
CA GLU D 85 40.08 0.26 -38.03
C GLU D 85 40.62 -0.67 -39.12
N ASP D 86 41.71 -0.30 -39.78
CA ASP D 86 42.31 -1.16 -40.81
C ASP D 86 43.30 -2.12 -40.14
N LEU D 87 42.82 -3.32 -39.83
CA LEU D 87 43.66 -4.37 -39.23
C LEU D 87 44.11 -5.40 -40.29
N GLY D 88 44.12 -4.98 -41.56
CA GLY D 88 44.76 -5.77 -42.63
C GLY D 88 43.83 -6.52 -43.57
N TRP D 89 42.51 -6.37 -43.43
CA TRP D 89 41.60 -7.03 -44.38
C TRP D 89 41.89 -6.52 -45.79
N LYS D 90 41.96 -7.43 -46.75
CA LYS D 90 42.22 -7.09 -48.14
C LYS D 90 41.00 -7.37 -49.01
N GLY D 91 40.63 -6.39 -49.83
CA GLY D 91 39.54 -6.55 -50.80
C GLY D 91 38.16 -6.26 -50.24
N ASN D 92 37.14 -6.65 -50.97
CA ASN D 92 35.76 -6.45 -50.51
C ASN D 92 35.36 -7.60 -49.59
N VAL D 93 34.31 -7.38 -48.82
CA VAL D 93 33.62 -8.49 -48.17
C VAL D 93 32.87 -9.23 -49.25
N THR D 94 32.97 -10.56 -49.23
CA THR D 94 32.22 -11.42 -50.12
C THR D 94 31.06 -11.98 -49.32
N VAL D 95 29.84 -11.71 -49.79
CA VAL D 95 28.61 -12.23 -49.18
C VAL D 95 28.06 -13.29 -50.13
N LYS D 96 27.84 -14.50 -49.62
CA LYS D 96 27.21 -15.56 -50.37
C LYS D 96 25.75 -15.58 -49.92
N GLU D 97 24.83 -15.34 -50.85
CA GLU D 97 23.40 -15.43 -50.53
C GLU D 97 22.90 -16.86 -50.75
N GLU D 98 22.20 -17.36 -49.74
CA GLU D 98 21.51 -18.64 -49.77
C GLU D 98 20.01 -18.34 -49.64
N PRO D 99 19.16 -19.37 -49.75
CA PRO D 99 17.72 -19.10 -49.68
C PRO D 99 17.22 -18.46 -48.38
N SER D 100 17.74 -18.90 -47.24
CA SER D 100 17.29 -18.37 -45.94
C SER D 100 18.38 -17.68 -45.12
N THR D 101 19.60 -17.58 -45.68
CA THR D 101 20.75 -17.02 -44.95
C THR D 101 21.67 -16.28 -45.90
N TYR D 102 22.53 -15.45 -45.31
CA TYR D 102 23.74 -15.00 -45.98
C TYR D 102 24.92 -15.61 -45.24
N GLU D 103 26.02 -15.80 -45.96
CA GLU D 103 27.27 -16.34 -45.40
C GLU D 103 28.42 -15.41 -45.74
N ILE D 104 29.29 -15.18 -44.75
CA ILE D 104 30.55 -14.47 -44.95
C ILE D 104 31.65 -15.31 -44.30
N PHE D 105 32.73 -15.59 -45.01
CA PHE D 105 33.84 -16.36 -44.46
C PHE D 105 35.14 -15.56 -44.42
N THR D 106 35.89 -15.77 -43.35
CA THR D 106 37.27 -15.35 -43.26
C THR D 106 38.10 -16.58 -42.93
N GLU D 107 39.42 -16.39 -42.90
CA GLU D 107 40.35 -17.45 -42.55
C GLU D 107 40.01 -18.10 -41.18
N GLN D 108 39.53 -17.29 -40.23
CA GLN D 108 39.21 -17.78 -38.88
C GLN D 108 37.73 -17.86 -38.50
N LEU D 109 36.85 -17.21 -39.26
CA LEU D 109 35.45 -17.11 -38.89
C LEU D 109 34.52 -17.61 -39.97
N ARG D 110 33.36 -18.12 -39.56
CA ARG D 110 32.27 -18.45 -40.47
C ARG D 110 31.06 -17.73 -39.94
N ILE D 111 30.58 -16.75 -40.71
CA ILE D 111 29.47 -15.90 -40.28
C ILE D 111 28.21 -16.33 -41.01
N ARG D 112 27.19 -16.68 -40.23
CA ARG D 112 25.89 -17.05 -40.75
C ARG D 112 24.92 -15.95 -40.33
N VAL D 113 24.26 -15.33 -41.31
CA VAL D 113 23.24 -14.33 -41.05
C VAL D 113 21.88 -14.91 -41.44
N ASN D 114 21.02 -15.13 -40.45
CA ASN D 114 19.63 -15.53 -40.73
C ASN D 114 18.88 -14.35 -41.36
N LYS D 115 18.05 -14.63 -42.38
CA LYS D 115 17.27 -13.59 -43.06
C LYS D 115 16.04 -13.18 -42.28
N ALA D 116 15.23 -14.17 -41.90
CA ALA D 116 13.89 -13.93 -41.38
C ALA D 116 13.68 -14.65 -40.05
N PRO D 117 13.83 -13.98 -38.89
CA PRO D 117 14.28 -12.59 -38.73
C PRO D 117 15.80 -12.48 -38.73
N PHE D 118 16.32 -11.26 -38.82
CA PHE D 118 17.76 -11.06 -38.80
C PHE D 118 18.35 -11.66 -37.52
N GLN D 119 19.38 -12.50 -37.69
CA GLN D 119 20.21 -13.04 -36.61
C GLN D 119 21.64 -13.16 -37.07
N LEU D 120 22.56 -12.55 -36.34
CA LEU D 120 24.00 -12.68 -36.57
C LEU D 120 24.53 -13.85 -35.77
N GLN D 121 25.19 -14.79 -36.44
CA GLN D 121 25.82 -15.94 -35.77
CA GLN D 121 25.84 -15.92 -35.76
C GLN D 121 27.26 -16.04 -36.26
N ILE D 122 28.22 -16.05 -35.33
CA ILE D 122 29.62 -16.19 -35.70
C ILE D 122 30.14 -17.52 -35.15
N PHE D 123 30.68 -18.34 -36.06
CA PHE D 123 31.28 -19.63 -35.75
C PHE D 123 32.79 -19.58 -36.00
N ASP D 124 33.51 -20.49 -35.37
CA ASP D 124 34.91 -20.72 -35.74
C ASP D 124 34.97 -21.63 -36.98
N LYS D 125 36.18 -21.91 -37.45
CA LYS D 125 36.35 -22.72 -38.67
C LYS D 125 36.01 -24.21 -38.49
N TYR D 126 35.79 -24.63 -37.25
CA TYR D 126 35.34 -26.00 -36.95
C TYR D 126 33.84 -26.06 -36.81
N GLN D 127 33.16 -24.96 -37.16
CA GLN D 127 31.70 -24.86 -37.13
C GLN D 127 31.11 -24.97 -35.72
N LYS D 128 31.87 -24.51 -34.72
CA LYS D 128 31.34 -24.34 -33.36
C LYS D 128 30.88 -22.90 -33.22
N LEU D 129 29.72 -22.73 -32.59
CA LEU D 129 29.09 -21.42 -32.44
C LEU D 129 29.77 -20.62 -31.31
N LEU D 130 30.34 -19.46 -31.65
CA LEU D 130 31.05 -18.62 -30.68
C LEU D 130 30.15 -17.57 -30.07
N PHE D 131 29.30 -16.98 -30.91
CA PHE D 131 28.65 -15.70 -30.61
C PHE D 131 27.38 -15.57 -31.41
N SER D 132 26.23 -15.51 -30.75
CA SER D 132 24.95 -15.58 -31.45
C SER D 132 23.91 -14.63 -30.87
N ASP D 133 23.20 -13.91 -31.76
CA ASP D 133 22.01 -13.14 -31.36
C ASP D 133 20.98 -14.04 -30.67
N TYR D 134 20.38 -13.52 -29.61
CA TYR D 134 19.31 -14.21 -28.89
C TYR D 134 17.97 -14.01 -29.60
N ALA D 135 17.44 -15.09 -30.16
CA ALA D 135 16.12 -15.08 -30.81
C ALA D 135 16.05 -13.96 -31.86
N GLU D 136 15.00 -13.16 -31.86
CA GLU D 136 14.87 -12.04 -32.80
C GLU D 136 15.35 -10.74 -32.16
N LYS D 137 15.86 -10.81 -30.93
CA LYS D 137 16.17 -9.64 -30.11
C LYS D 137 17.68 -9.34 -30.06
N GLY D 138 18.41 -9.67 -31.12
CA GLY D 138 19.84 -9.38 -31.18
C GLY D 138 20.15 -7.90 -30.99
N PHE D 139 19.35 -7.05 -31.63
CA PHE D 139 19.37 -5.61 -31.40
C PHE D 139 17.98 -5.11 -30.99
N VAL D 140 17.93 -4.34 -29.90
CA VAL D 140 16.69 -3.77 -29.40
C VAL D 140 16.87 -2.26 -29.23
N ASN D 141 15.97 -1.49 -29.85
CA ASN D 141 15.91 -0.05 -29.62
C ASN D 141 14.60 0.26 -28.91
N ASP D 142 14.65 1.10 -27.88
CA ASP D 142 13.46 1.53 -27.16
C ASP D 142 13.60 3.01 -26.86
N ASN D 143 13.17 3.83 -27.81
CA ASN D 143 13.18 5.29 -27.66
C ASN D 143 14.60 5.83 -27.39
N GLY D 144 15.59 5.27 -28.08
CA GLY D 144 16.99 5.66 -27.92
C GLY D 144 17.83 4.76 -27.03
N LYS D 145 17.19 4.03 -26.12
CA LYS D 145 17.88 3.03 -25.31
C LYS D 145 18.22 1.88 -26.25
N ILE D 146 19.47 1.44 -26.24
CA ILE D 146 19.96 0.45 -27.20
C ILE D 146 20.51 -0.74 -26.44
N ARG D 147 20.18 -1.94 -26.90
CA ARG D 147 20.60 -3.13 -26.19
C ARG D 147 20.87 -4.25 -27.20
N THR D 148 21.90 -5.03 -26.90
CA THR D 148 22.26 -6.21 -27.66
C THR D 148 22.09 -7.41 -26.76
N ASN D 149 21.44 -8.47 -27.26
CA ASN D 149 21.18 -9.69 -26.50
C ASN D 149 21.81 -10.85 -27.24
N LYS D 150 22.61 -11.63 -26.53
CA LYS D 150 23.33 -12.74 -27.12
C LYS D 150 23.00 -14.01 -26.35
N VAL D 151 23.00 -15.12 -27.07
CA VAL D 151 22.79 -16.43 -26.45
C VAL D 151 23.90 -16.66 -25.42
N LEU D 152 23.51 -17.13 -24.24
CA LEU D 152 24.42 -17.48 -23.16
C LEU D 152 24.39 -18.99 -22.94
N ARG D 153 25.58 -19.61 -22.97
CA ARG D 153 25.75 -21.06 -22.79
C ARG D 153 26.21 -21.31 -21.34
N ASN D 154 25.86 -22.48 -20.80
CA ASN D 154 26.10 -22.77 -19.37
C ASN D 154 27.54 -22.72 -18.93
N ASP D 155 28.45 -23.02 -19.85
CA ASP D 155 29.89 -23.04 -19.55
C ASP D 155 30.61 -21.75 -19.96
N GLU D 156 29.87 -20.71 -20.38
CA GLU D 156 30.52 -19.47 -20.84
C GLU D 156 30.85 -18.56 -19.67
N GLN D 157 32.13 -18.25 -19.51
CA GLN D 157 32.60 -17.35 -18.45
C GLN D 157 33.08 -16.05 -19.08
N PHE D 158 33.20 -15.00 -18.26
CA PHE D 158 33.56 -13.66 -18.74
C PHE D 158 34.60 -13.01 -17.82
N PHE D 159 35.54 -12.28 -18.43
CA PHE D 159 36.58 -11.55 -17.70
C PHE D 159 36.68 -10.13 -18.24
N GLY D 160 37.17 -9.21 -17.39
CA GLY D 160 37.52 -7.87 -17.83
C GLY D 160 36.55 -6.78 -17.39
N LEU D 161 36.21 -5.88 -18.32
CA LEU D 161 35.54 -4.60 -18.02
C LEU D 161 36.41 -3.67 -17.18
N GLY D 162 37.73 -3.86 -17.27
CA GLY D 162 38.68 -2.94 -16.66
C GLY D 162 38.80 -2.98 -15.16
N GLU D 163 38.96 -1.81 -14.56
CA GLU D 163 39.28 -1.71 -13.15
C GLU D 163 37.99 -1.77 -12.34
N LYS D 164 37.60 -2.99 -12.00
CA LYS D 164 36.36 -3.26 -11.30
C LYS D 164 36.59 -4.32 -10.24
N SER D 165 35.74 -4.25 -9.21
CA SER D 165 35.82 -5.04 -8.00
C SER D 165 35.14 -6.42 -8.18
N GLY D 166 35.18 -7.21 -7.11
CA GLY D 166 34.63 -8.56 -7.07
C GLY D 166 35.56 -9.60 -7.61
N ASN D 167 35.01 -10.79 -7.86
CA ASN D 167 35.81 -11.89 -8.42
C ASN D 167 36.15 -11.62 -9.88
N LEU D 168 37.32 -12.14 -10.30
CA LEU D 168 37.76 -12.07 -11.70
C LEU D 168 36.71 -12.47 -12.70
N ASN D 169 36.03 -13.58 -12.43
CA ASN D 169 35.02 -14.10 -13.33
C ASN D 169 33.75 -13.27 -13.15
N ARG D 170 33.34 -12.59 -14.23
CA ARG D 170 32.17 -11.73 -14.22
C ARG D 170 30.85 -12.47 -14.46
N ARG D 171 30.90 -13.77 -14.77
CA ARG D 171 29.69 -14.55 -15.05
C ARG D 171 28.73 -14.49 -13.86
N GLY D 172 27.46 -14.20 -14.17
CA GLY D 172 26.39 -14.14 -13.18
C GLY D 172 26.15 -12.75 -12.59
N SER D 173 26.98 -11.77 -12.94
CA SER D 173 26.89 -10.43 -12.35
C SER D 173 26.63 -9.35 -13.40
N ALA D 174 26.21 -8.20 -12.92
CA ALA D 174 26.01 -7.03 -13.78
C ALA D 174 26.94 -5.89 -13.37
N TYR D 175 27.37 -5.13 -14.37
CA TYR D 175 28.32 -4.03 -14.17
C TYR D 175 27.90 -2.83 -14.99
N LYS D 176 28.31 -1.66 -14.52
CA LYS D 176 27.91 -0.38 -15.10
C LYS D 176 29.12 0.51 -15.31
N MET D 177 29.08 1.31 -16.37
CA MET D 177 30.12 2.29 -16.67
C MET D 177 29.64 3.70 -16.38
N TRP D 178 30.03 4.20 -15.22
CA TRP D 178 29.84 5.58 -14.83
C TRP D 178 30.94 5.93 -13.86
N ASN D 179 31.93 6.67 -14.36
CA ASN D 179 33.14 6.95 -13.56
C ASN D 179 32.69 7.60 -12.27
N SER D 180 32.98 6.91 -11.18
CA SER D 180 32.45 7.23 -9.88
C SER D 180 33.55 7.43 -8.86
N ASP D 181 33.21 8.17 -7.82
CA ASP D 181 34.10 8.56 -6.76
C ASP D 181 33.45 7.99 -5.51
N GLN D 182 33.87 6.79 -5.15
CA GLN D 182 33.34 6.04 -4.01
C GLN D 182 34.49 5.71 -3.05
N PRO D 183 34.85 6.66 -2.15
CA PRO D 183 35.97 6.41 -1.25
C PRO D 183 35.76 5.22 -0.32
N CYS D 184 36.86 4.53 -0.01
CA CYS D 184 36.87 3.39 0.91
C CYS D 184 35.93 2.29 0.42
N TYR D 185 36.01 2.03 -0.88
CA TYR D 185 35.06 1.17 -1.54
C TYR D 185 35.16 -0.29 -1.13
N GLY D 186 34.00 -0.94 -1.11
CA GLY D 186 33.88 -2.34 -0.73
C GLY D 186 34.37 -3.32 -1.76
N VAL D 187 34.35 -4.60 -1.38
CA VAL D 187 34.82 -5.69 -2.21
C VAL D 187 33.99 -5.93 -3.46
N ASN D 188 32.75 -5.46 -3.50
CA ASN D 188 31.88 -5.59 -4.67
C ASN D 188 31.37 -4.28 -5.25
N GLU D 189 31.90 -3.15 -4.78
CA GLU D 189 31.41 -1.84 -5.19
C GLU D 189 31.58 -1.62 -6.70
N ASP D 190 30.49 -1.19 -7.35
CA ASP D 190 30.50 -0.89 -8.78
C ASP D 190 29.39 0.12 -9.03
N PRO D 191 29.61 1.14 -9.85
CA PRO D 191 30.84 1.40 -10.62
C PRO D 191 31.97 2.04 -9.82
N LEU D 192 33.20 1.93 -10.33
CA LEU D 192 34.33 2.61 -9.74
C LEU D 192 34.81 3.72 -10.69
N TYR D 193 36.10 4.02 -10.67
CA TYR D 193 36.64 5.24 -11.24
C TYR D 193 36.81 5.23 -12.75
N LYS D 194 37.07 4.04 -13.32
CA LYS D 194 37.41 3.89 -14.74
C LYS D 194 36.38 3.06 -15.51
N SER D 195 36.17 3.40 -16.77
CA SER D 195 35.17 2.74 -17.60
C SER D 195 35.84 2.23 -18.89
N ILE D 196 36.17 0.94 -18.90
CA ILE D 196 36.85 0.33 -20.02
C ILE D 196 35.95 -0.83 -20.50
N PRO D 197 35.04 -0.55 -21.47
CA PRO D 197 34.03 -1.55 -21.87
C PRO D 197 34.56 -2.59 -22.86
N PHE D 198 35.58 -3.32 -22.39
CA PHE D 198 36.23 -4.40 -23.11
C PHE D 198 36.17 -5.62 -22.20
N PHE D 199 35.46 -6.66 -22.65
CA PHE D 199 35.40 -7.93 -21.93
C PHE D 199 35.81 -9.08 -22.84
N MET D 200 36.19 -10.19 -22.21
CA MET D 200 36.53 -11.42 -22.94
C MET D 200 35.67 -12.56 -22.43
N SER D 201 35.25 -13.40 -23.36
CA SER D 201 34.48 -14.61 -23.07
C SER D 201 35.40 -15.83 -23.10
N SER D 202 35.06 -16.85 -22.31
CA SER D 202 35.81 -18.13 -22.37
C SER D 202 35.55 -18.94 -23.65
N TYR D 203 34.62 -18.48 -24.49
CA TYR D 203 34.53 -18.93 -25.88
C TYR D 203 35.59 -18.30 -26.80
N ARG D 204 36.47 -17.50 -26.21
CA ARG D 204 37.67 -16.95 -26.85
C ARG D 204 37.31 -15.94 -27.94
N TYR D 205 36.50 -14.97 -27.52
CA TYR D 205 36.33 -13.74 -28.27
C TYR D 205 36.27 -12.59 -27.27
N GLY D 206 36.66 -11.41 -27.73
CA GLY D 206 36.48 -10.20 -26.96
C GLY D 206 35.41 -9.33 -27.57
N ILE D 207 34.84 -8.47 -26.74
CA ILE D 207 33.89 -7.46 -27.19
C ILE D 207 34.37 -6.13 -26.64
N PHE D 208 34.48 -5.15 -27.53
CA PHE D 208 34.69 -3.77 -27.12
C PHE D 208 33.45 -2.99 -27.54
N PHE D 209 32.71 -2.48 -26.56
CA PHE D 209 31.49 -1.73 -26.80
C PHE D 209 31.88 -0.24 -26.86
N ASP D 210 31.88 0.28 -28.08
CA ASP D 210 32.50 1.58 -28.44
C ASP D 210 31.45 2.68 -28.20
N ASN D 211 31.01 2.81 -26.95
CA ASN D 211 29.93 3.73 -26.54
C ASN D 211 30.34 4.29 -25.19
N THR D 212 30.21 5.62 -25.03
CA THR D 212 30.74 6.31 -23.87
C THR D 212 29.69 6.69 -22.84
N TYR D 213 28.43 6.37 -23.11
CA TYR D 213 27.32 6.63 -22.20
C TYR D 213 27.37 5.67 -21.00
N LYS D 214 26.33 5.71 -20.15
CA LYS D 214 26.25 4.83 -18.98
C LYS D 214 25.88 3.40 -19.40
N THR D 215 26.88 2.69 -19.92
CA THR D 215 26.66 1.34 -20.46
C THR D 215 26.48 0.31 -19.32
N GLU D 216 25.72 -0.74 -19.58
CA GLU D 216 25.54 -1.79 -18.58
C GLU D 216 25.73 -3.14 -19.24
N PHE D 217 26.37 -4.04 -18.50
CA PHE D 217 26.74 -5.35 -19.00
C PHE D 217 26.13 -6.35 -18.03
N LYS D 218 25.39 -7.32 -18.53
CA LYS D 218 24.64 -8.24 -17.67
C LYS D 218 24.98 -9.65 -18.12
N PHE D 219 25.88 -10.32 -17.39
CA PHE D 219 26.49 -11.56 -17.86
C PHE D 219 25.69 -12.74 -17.31
N GLY D 220 24.45 -12.87 -17.75
CA GLY D 220 23.55 -13.88 -17.19
C GLY D 220 23.00 -13.52 -15.82
N SER D 221 23.01 -12.23 -15.48
CA SER D 221 22.43 -11.78 -14.23
C SER D 221 20.90 -11.73 -14.28
N GLU D 222 20.33 -11.65 -15.48
CA GLU D 222 18.87 -11.62 -15.68
C GLU D 222 18.30 -12.99 -16.01
N SER D 223 19.04 -13.77 -16.78
CA SER D 223 18.61 -15.09 -17.22
C SER D 223 19.83 -15.94 -17.54
N ASN D 224 19.66 -17.26 -17.45
CA ASN D 224 20.67 -18.20 -17.95
C ASN D 224 20.68 -18.29 -19.46
N ASP D 225 19.65 -17.78 -20.15
CA ASP D 225 19.48 -17.96 -21.60
C ASP D 225 20.16 -16.91 -22.47
N TYR D 226 20.46 -15.76 -21.89
CA TYR D 226 21.10 -14.68 -22.65
C TYR D 226 21.94 -13.80 -21.73
N TYR D 227 22.88 -13.10 -22.36
CA TYR D 227 23.56 -11.99 -21.73
C TYR D 227 23.39 -10.79 -22.63
N SER D 228 23.65 -9.62 -22.07
CA SER D 228 23.42 -8.38 -22.78
C SER D 228 24.43 -7.27 -22.46
N PHE D 229 24.54 -6.33 -23.40
CA PHE D 229 25.14 -5.04 -23.12
C PHE D 229 24.28 -3.95 -23.76
N GLU D 230 24.19 -2.81 -23.08
CA GLU D 230 23.22 -1.77 -23.42
C GLU D 230 23.72 -0.39 -23.06
N ALA D 231 23.07 0.61 -23.64
CA ALA D 231 23.34 2.01 -23.33
C ALA D 231 22.03 2.79 -23.37
N PRO D 232 21.97 3.90 -22.62
CA PRO D 232 20.73 4.69 -22.58
C PRO D 232 20.55 5.60 -23.79
N ALA D 233 21.60 5.75 -24.59
CA ALA D 233 21.62 6.67 -25.71
C ALA D 233 22.84 6.36 -26.57
N GLY D 234 23.00 7.08 -27.68
CA GLY D 234 24.15 6.89 -28.57
C GLY D 234 23.94 5.70 -29.49
N GLN D 235 25.05 5.20 -30.04
CA GLN D 235 25.01 4.22 -31.13
C GLN D 235 25.49 2.84 -30.67
N MET D 236 24.82 1.81 -31.19
CA MET D 236 25.19 0.43 -30.88
C MET D 236 26.33 0.02 -31.80
N VAL D 237 27.54 0.40 -31.40
CA VAL D 237 28.76 0.09 -32.14
C VAL D 237 29.64 -0.77 -31.25
N TYR D 238 29.96 -1.97 -31.70
CA TYR D 238 30.88 -2.82 -30.94
C TYR D 238 31.77 -3.61 -31.85
N TYR D 239 32.90 -4.02 -31.28
CA TYR D 239 33.89 -4.80 -32.01
C TYR D 239 33.96 -6.21 -31.45
N PHE D 240 33.76 -7.19 -32.34
CA PHE D 240 33.94 -8.59 -32.04
C PHE D 240 35.38 -8.93 -32.42
N MET D 241 36.13 -9.45 -31.44
CA MET D 241 37.54 -9.71 -31.60
C MET D 241 37.81 -11.18 -31.31
N PHE D 242 37.98 -11.95 -32.38
CA PHE D 242 38.32 -13.38 -32.26
C PHE D 242 39.75 -13.55 -31.79
N GLY D 243 39.99 -14.60 -31.02
CA GLY D 243 41.33 -15.12 -30.80
C GLY D 243 41.25 -16.61 -30.60
N ASN D 244 42.35 -17.30 -30.85
CA ASN D 244 42.49 -18.71 -30.46
C ASN D 244 42.91 -18.84 -28.99
N ASP D 245 43.26 -17.70 -28.38
CA ASP D 245 43.49 -17.60 -26.96
C ASP D 245 43.29 -16.15 -26.53
N TYR D 246 43.46 -15.86 -25.25
CA TYR D 246 43.27 -14.50 -24.73
C TYR D 246 44.36 -13.52 -25.20
N LYS D 247 45.57 -14.03 -25.39
CA LYS D 247 46.67 -13.20 -25.91
C LYS D 247 46.32 -12.61 -27.28
N GLU D 248 45.78 -13.44 -28.16
CA GLU D 248 45.39 -12.97 -29.50
C GLU D 248 44.26 -11.92 -29.46
N ILE D 249 43.32 -12.10 -28.54
CA ILE D 249 42.23 -11.14 -28.37
C ILE D 249 42.80 -9.79 -27.95
N ILE D 250 43.72 -9.83 -26.98
CA ILE D 250 44.37 -8.61 -26.48
C ILE D 250 45.24 -7.95 -27.55
N GLN D 251 45.95 -8.75 -28.35
CA GLN D 251 46.72 -8.19 -29.47
C GLN D 251 45.76 -7.47 -30.46
N ASN D 252 44.59 -8.05 -30.71
CA ASN D 252 43.59 -7.40 -31.57
C ASN D 252 43.08 -6.10 -30.93
N TYR D 253 42.84 -6.13 -29.62
CA TYR D 253 42.34 -4.96 -28.91
C TYR D 253 43.32 -3.79 -29.02
N ILE D 254 44.62 -4.05 -28.87
CA ILE D 254 45.60 -2.95 -29.02
C ILE D 254 45.87 -2.52 -30.45
N ALA D 255 45.60 -3.40 -31.42
CA ALA D 255 45.58 -2.98 -32.82
C ALA D 255 44.53 -1.86 -33.01
N LEU D 256 43.38 -2.02 -32.36
CA LEU D 256 42.30 -1.08 -32.44
C LEU D 256 42.55 0.18 -31.62
N THR D 257 43.03 0.01 -30.39
CA THR D 257 43.02 1.10 -29.40
C THR D 257 44.40 1.62 -28.98
N GLY D 258 45.47 1.08 -29.55
CA GLY D 258 46.82 1.55 -29.37
C GLY D 258 47.69 0.75 -28.44
N LYS D 259 48.99 0.74 -28.74
CA LYS D 259 49.99 0.13 -27.89
C LYS D 259 50.16 0.92 -26.59
N PRO D 260 50.32 0.22 -25.47
CA PRO D 260 50.64 0.97 -24.22
C PRO D 260 51.97 1.68 -24.27
N ILE D 261 51.99 2.96 -23.90
CA ILE D 261 53.27 3.64 -23.68
C ILE D 261 53.97 3.04 -22.45
N MET D 262 55.29 3.01 -22.48
CA MET D 262 56.09 2.53 -21.37
C MET D 262 56.40 3.71 -20.46
N PRO D 263 56.47 3.46 -19.15
CA PRO D 263 56.96 4.54 -18.29
C PRO D 263 58.44 4.74 -18.46
N PRO D 264 58.97 5.84 -17.93
CA PRO D 264 60.41 5.89 -17.70
C PRO D 264 60.84 4.73 -16.81
N LYS D 265 62.05 4.21 -17.05
CA LYS D 265 62.49 2.98 -16.37
C LYS D 265 62.43 3.02 -14.83
N TRP D 266 62.80 4.15 -14.28
CA TRP D 266 62.76 4.41 -12.83
C TRP D 266 61.35 4.34 -12.18
N ALA D 267 60.29 4.38 -12.99
CA ALA D 267 58.93 4.12 -12.46
C ALA D 267 58.72 2.71 -11.90
N LEU D 268 59.55 1.74 -12.31
CA LEU D 268 59.44 0.36 -11.81
C LEU D 268 60.13 0.13 -10.46
N GLY D 269 60.65 1.20 -9.86
CA GLY D 269 61.11 1.15 -8.47
C GLY D 269 59.97 1.27 -7.48
N PHE D 270 60.29 1.77 -6.30
CA PHE D 270 59.31 1.99 -5.23
C PHE D 270 59.01 3.48 -5.16
N SER D 271 57.74 3.80 -4.88
CA SER D 271 57.23 5.15 -4.83
C SER D 271 56.54 5.40 -3.48
N GLN D 272 56.62 6.65 -3.01
CA GLN D 272 56.07 7.02 -1.72
C GLN D 272 55.27 8.31 -1.81
N CYS D 273 54.13 8.31 -1.12
CA CYS D 273 53.23 9.43 -1.08
C CYS D 273 52.55 9.51 0.29
N ARG D 274 51.84 10.61 0.48
CA ARG D 274 50.93 10.78 1.61
C ARG D 274 49.98 11.94 1.27
N GLY D 275 48.81 11.96 1.88
CA GLY D 275 47.89 13.07 1.68
C GLY D 275 48.49 14.44 1.94
N ASP D 276 49.39 14.52 2.93
CA ASP D 276 50.03 15.78 3.28
C ASP D 276 51.44 15.98 2.72
N TYR D 277 51.85 15.19 1.71
CA TYR D 277 53.15 15.38 1.03
C TYR D 277 53.02 16.61 0.16
N THR D 278 53.17 17.77 0.80
CA THR D 278 52.88 19.06 0.19
C THR D 278 53.88 20.16 0.66
N ARG D 279 55.04 19.77 1.18
CA ARG D 279 56.01 20.68 1.79
C ARG D 279 57.45 20.35 1.45
N GLU D 280 58.25 21.40 1.28
CA GLU D 280 59.66 21.26 0.99
C GLU D 280 60.44 20.57 2.09
N ASP D 281 60.27 21.02 3.33
CA ASP D 281 61.01 20.43 4.45
C ASP D 281 60.73 18.93 4.58
N GLN D 282 59.47 18.57 4.41
CA GLN D 282 59.04 17.18 4.53
C GLN D 282 59.61 16.32 3.39
N ALA D 283 59.61 16.83 2.16
CA ALA D 283 60.18 16.12 1.02
C ALA D 283 61.67 15.85 1.22
N ARG D 284 62.40 16.84 1.70
CA ARG D 284 63.84 16.68 2.01
C ARG D 284 64.09 15.65 3.09
N GLU D 285 63.25 15.66 4.13
CA GLU D 285 63.41 14.77 5.27
C GLU D 285 63.10 13.33 4.91
N ILE D 286 62.01 13.13 4.17
CA ILE D 286 61.64 11.81 3.68
C ILE D 286 62.70 11.23 2.75
N ALA D 287 63.16 12.04 1.80
CA ALA D 287 64.25 11.65 0.90
C ALA D 287 65.46 11.19 1.70
N ALA D 288 65.87 11.99 2.69
CA ALA D 288 67.03 11.63 3.52
C ALA D 288 66.81 10.36 4.32
N GLU D 289 65.58 10.16 4.83
CA GLU D 289 65.29 8.96 5.64
C GLU D 289 65.36 7.64 4.84
N PHE D 290 64.82 7.64 3.62
CA PHE D 290 64.89 6.45 2.77
C PHE D 290 66.35 6.03 2.54
N ARG D 291 67.19 6.99 2.16
CA ARG D 291 68.61 6.71 1.87
C ARG D 291 69.38 6.26 3.11
N LYS D 292 69.12 6.90 4.24
CA LYS D 292 69.79 6.53 5.51
C LYS D 292 69.43 5.12 5.94
N ARG D 293 68.16 4.76 5.80
CA ARG D 293 67.72 3.43 6.21
C ARG D 293 67.92 2.36 5.12
N LYS D 294 68.52 2.75 3.99
CA LYS D 294 68.78 1.86 2.86
C LYS D 294 67.52 1.10 2.44
N ILE D 295 66.44 1.86 2.28
CA ILE D 295 65.17 1.36 1.77
C ILE D 295 65.07 1.93 0.34
N PRO D 296 65.23 1.09 -0.70
CA PRO D 296 65.24 1.66 -2.05
C PRO D 296 63.95 2.42 -2.38
N CYS D 297 64.08 3.52 -3.13
CA CYS D 297 62.93 4.37 -3.46
C CYS D 297 63.33 5.30 -4.57
N ASP D 298 62.52 5.34 -5.62
CA ASP D 298 62.76 6.20 -6.77
C ASP D 298 61.92 7.46 -6.82
N ILE D 299 60.66 7.37 -6.38
CA ILE D 299 59.71 8.49 -6.58
C ILE D 299 59.15 8.98 -5.25
N ILE D 300 59.21 10.30 -5.07
CA ILE D 300 58.46 11.00 -4.05
C ILE D 300 57.37 11.80 -4.75
N TYR D 301 56.12 11.47 -4.45
CA TYR D 301 54.97 12.17 -4.96
C TYR D 301 54.72 13.40 -4.09
N GLN D 302 54.02 14.37 -4.66
CA GLN D 302 53.41 15.47 -3.91
C GLN D 302 51.91 15.51 -4.24
N ASP D 303 51.11 15.61 -3.18
CA ASP D 303 49.66 15.64 -3.30
C ASP D 303 49.18 17.08 -3.56
N ILE D 304 47.87 17.23 -3.70
CA ILE D 304 47.28 18.39 -4.33
C ILE D 304 47.47 19.69 -3.56
N GLY D 305 47.74 19.61 -2.25
CA GLY D 305 48.11 20.79 -1.48
C GLY D 305 49.40 21.47 -1.92
N TRP D 306 50.17 20.83 -2.81
CA TRP D 306 51.41 21.44 -3.31
C TRP D 306 51.17 22.76 -4.07
N THR D 307 50.05 22.85 -4.77
CA THR D 307 49.75 23.97 -5.64
C THR D 307 49.06 25.10 -4.87
N GLU D 308 49.40 26.34 -5.21
CA GLU D 308 48.89 27.51 -4.50
C GLU D 308 47.36 27.55 -4.53
N GLY D 309 46.80 27.25 -5.71
CA GLY D 309 45.37 27.12 -5.88
C GLY D 309 45.08 26.12 -6.98
N LEU D 310 43.86 25.58 -6.98
CA LEU D 310 43.41 24.77 -8.10
C LEU D 310 43.16 25.73 -9.26
N GLN D 311 43.86 25.60 -10.39
CA GLN D 311 44.95 24.64 -10.65
C GLN D 311 46.02 25.42 -11.38
N ASP D 312 46.74 26.22 -10.61
CA ASP D 312 47.67 27.19 -11.20
C ASP D 312 49.07 26.66 -11.37
N PHE D 313 49.35 25.50 -10.76
CA PHE D 313 50.67 24.85 -10.81
C PHE D 313 51.80 25.75 -10.29
N ASP D 314 51.50 26.62 -9.33
CA ASP D 314 52.50 27.40 -8.61
C ASP D 314 52.75 26.74 -7.27
N TRP D 315 54.02 26.58 -6.93
CA TRP D 315 54.39 25.95 -5.67
C TRP D 315 53.88 26.84 -4.54
N ARG D 316 53.05 26.27 -3.67
CA ARG D 316 52.40 27.02 -2.58
C ARG D 316 53.46 27.73 -1.71
N LYS D 317 53.41 29.08 -1.66
CA LYS D 317 54.46 29.88 -1.01
C LYS D 317 54.71 29.50 0.45
N ASN D 318 53.63 29.23 1.18
CA ASN D 318 53.72 28.80 2.58
C ASN D 318 54.47 27.49 2.79
N ASN D 319 54.49 26.66 1.74
CA ASN D 319 54.95 25.28 1.82
C ASN D 319 56.28 24.98 1.16
N TYR D 320 56.72 25.84 0.23
CA TYR D 320 58.00 25.68 -0.47
C TYR D 320 58.72 27.02 -0.53
N ASN D 321 59.97 27.01 -0.08
CA ASN D 321 60.86 28.17 -0.14
C ASN D 321 61.69 28.23 -1.43
N ASN D 322 62.33 27.11 -1.77
CA ASN D 322 63.21 26.99 -2.93
C ASN D 322 62.86 25.72 -3.72
N PRO D 323 61.71 25.74 -4.43
CA PRO D 323 61.27 24.52 -5.14
C PRO D 323 62.26 23.98 -6.16
N LYS D 324 62.91 24.86 -6.94
CA LYS D 324 63.97 24.40 -7.86
C LYS D 324 65.09 23.68 -7.14
N GLY D 325 65.55 24.26 -6.03
CA GLY D 325 66.60 23.66 -5.21
C GLY D 325 66.22 22.33 -4.62
N MET D 326 64.98 22.23 -4.13
CA MET D 326 64.44 20.99 -3.57
C MET D 326 64.47 19.87 -4.62
N VAL D 327 63.95 20.17 -5.81
CA VAL D 327 63.86 19.16 -6.87
C VAL D 327 65.26 18.70 -7.29
N LYS D 328 66.17 19.66 -7.44
CA LYS D 328 67.56 19.35 -7.79
C LYS D 328 68.25 18.50 -6.74
N ASP D 329 68.13 18.90 -5.47
CA ASP D 329 68.71 18.13 -4.36
C ASP D 329 68.18 16.72 -4.30
N LEU D 330 66.86 16.57 -4.50
CA LEU D 330 66.25 15.24 -4.50
C LEU D 330 66.76 14.43 -5.71
N SER D 331 66.86 15.09 -6.87
CA SER D 331 67.38 14.44 -8.08
C SER D 331 68.85 13.97 -7.90
N ASP D 332 69.67 14.77 -7.22
CA ASP D 332 71.06 14.36 -6.93
C ASP D 332 71.11 13.14 -5.99
N MET D 333 70.07 12.96 -5.18
CA MET D 333 69.91 11.77 -4.34
C MET D 333 69.14 10.63 -5.02
N GLY D 334 68.86 10.77 -6.32
CA GLY D 334 68.24 9.69 -7.10
C GLY D 334 66.71 9.67 -7.07
N PHE D 335 66.09 10.71 -6.49
CA PHE D 335 64.61 10.79 -6.43
C PHE D 335 64.05 11.63 -7.57
N LYS D 336 62.96 11.13 -8.15
CA LYS D 336 62.18 11.84 -9.12
C LYS D 336 60.90 12.30 -8.43
N MET D 337 60.41 13.50 -8.76
CA MET D 337 59.16 13.99 -8.16
C MET D 337 58.00 14.02 -9.15
N ILE D 338 56.82 13.60 -8.66
CA ILE D 338 55.58 13.56 -9.43
C ILE D 338 54.51 14.32 -8.64
N VAL D 339 53.86 15.29 -9.29
CA VAL D 339 52.95 16.19 -8.59
C VAL D 339 51.54 15.97 -9.09
N SER D 340 50.60 16.16 -8.19
CA SER D 340 49.18 16.05 -8.51
C SER D 340 48.65 17.21 -9.33
N GLN D 341 47.63 16.92 -10.13
CA GLN D 341 46.78 17.98 -10.66
C GLN D 341 45.32 17.54 -10.63
N ASP D 342 44.44 18.49 -10.33
CA ASP D 342 42.99 18.37 -10.48
C ASP D 342 42.53 19.07 -11.77
N PRO D 343 41.34 18.74 -12.27
CA PRO D 343 40.87 19.26 -13.58
C PRO D 343 39.98 20.50 -13.44
N VAL D 344 40.05 21.18 -12.29
CA VAL D 344 39.13 22.28 -11.99
C VAL D 344 39.90 23.53 -11.57
N ILE D 345 39.22 24.67 -11.67
CA ILE D 345 39.77 25.96 -11.22
C ILE D 345 38.85 26.48 -10.14
N SER D 346 39.38 26.66 -8.93
CA SER D 346 38.56 27.20 -7.84
C SER D 346 38.12 28.62 -8.19
N GLN D 347 36.85 28.92 -7.97
CA GLN D 347 36.35 30.30 -8.10
C GLN D 347 37.12 31.27 -7.20
N ALA D 348 37.54 30.81 -6.03
CA ALA D 348 38.38 31.58 -5.12
C ALA D 348 39.75 31.93 -5.68
N ASN D 349 40.26 31.12 -6.63
CA ASN D 349 41.46 31.42 -7.38
C ASN D 349 41.01 32.35 -8.51
N GLN D 350 40.80 33.62 -8.14
CA GLN D 350 40.05 34.55 -8.98
C GLN D 350 40.72 34.85 -10.31
N GLN D 351 42.06 34.98 -10.32
CA GLN D 351 42.77 35.34 -11.55
C GLN D 351 42.61 34.25 -12.60
N GLN D 352 42.82 33.01 -12.19
CA GLN D 352 42.76 31.91 -13.15
C GLN D 352 41.31 31.57 -13.51
N TRP D 353 40.38 31.62 -12.56
CA TRP D 353 38.98 31.34 -12.88
C TRP D 353 38.45 32.36 -13.89
N LYS D 354 38.66 33.66 -13.61
CA LYS D 354 38.21 34.71 -14.53
C LYS D 354 38.79 34.55 -15.94
N GLU D 355 40.07 34.21 -16.01
CA GLU D 355 40.74 33.94 -17.29
C GLU D 355 40.10 32.77 -18.03
N ALA D 356 39.98 31.63 -17.36
CA ALA D 356 39.35 30.45 -17.98
C ALA D 356 37.92 30.75 -18.43
N ASP D 357 37.16 31.41 -17.57
CA ASP D 357 35.77 31.74 -17.87
C ASP D 357 35.66 32.68 -19.08
N ALA D 358 36.50 33.71 -19.11
CA ALA D 358 36.52 34.72 -20.20
C ALA D 358 36.87 34.10 -21.54
N LEU D 359 37.79 33.14 -21.52
CA LEU D 359 38.20 32.41 -22.73
C LEU D 359 37.21 31.34 -23.19
N GLY D 360 36.18 31.05 -22.40
CA GLY D 360 35.20 30.03 -22.75
C GLY D 360 35.77 28.64 -22.53
N HIS D 361 36.73 28.53 -21.61
CA HIS D 361 37.46 27.28 -21.38
C HIS D 361 36.82 26.36 -20.33
N LEU D 362 35.77 26.83 -19.65
CA LEU D 362 35.07 26.00 -18.66
C LEU D 362 33.84 25.33 -19.22
N VAL D 363 33.55 24.13 -18.70
CA VAL D 363 32.33 23.43 -19.04
C VAL D 363 31.11 24.26 -18.65
N LYS D 364 30.13 24.33 -19.55
CA LYS D 364 28.95 25.19 -19.38
C LYS D 364 27.79 24.46 -18.72
N ASP D 365 26.82 25.25 -18.25
CA ASP D 365 25.56 24.72 -17.75
C ASP D 365 24.54 24.99 -18.83
N VAL D 366 23.90 23.94 -19.33
CA VAL D 366 22.92 24.06 -20.42
C VAL D 366 21.72 24.95 -20.05
N ARG D 367 21.45 25.07 -18.75
CA ARG D 367 20.34 25.90 -18.27
C ARG D 367 20.61 27.41 -18.37
N THR D 368 21.89 27.80 -18.31
CA THR D 368 22.29 29.22 -18.29
C THR D 368 23.13 29.71 -19.45
N GLY D 369 23.76 28.79 -20.18
CA GLY D 369 24.80 29.15 -21.14
C GLY D 369 26.11 29.65 -20.53
N LYS D 370 26.22 29.64 -19.20
CA LYS D 370 27.38 30.15 -18.49
C LYS D 370 28.15 28.98 -17.89
N SER D 371 29.31 29.28 -17.32
CA SER D 371 30.16 28.25 -16.73
C SER D 371 29.42 27.50 -15.61
N TYR D 372 29.45 26.18 -15.68
CA TYR D 372 28.80 25.33 -14.68
C TYR D 372 29.43 25.56 -13.29
N ASP D 373 28.55 25.69 -12.29
CA ASP D 373 28.93 26.01 -10.92
C ASP D 373 29.08 24.70 -10.13
N MET D 374 30.32 24.24 -10.02
CA MET D 374 30.61 22.88 -9.54
C MET D 374 31.10 22.92 -8.10
N PRO D 375 30.41 22.20 -7.18
CA PRO D 375 31.02 22.06 -5.84
C PRO D 375 32.30 21.21 -5.88
N TRP D 376 33.18 21.38 -4.90
CA TRP D 376 34.44 20.64 -4.83
C TRP D 376 34.82 20.45 -3.36
N PRO D 377 35.47 19.33 -3.02
CA PRO D 377 35.83 19.12 -1.59
C PRO D 377 36.88 20.09 -0.96
N TRP D 378 37.78 20.67 -1.76
CA TRP D 378 38.69 21.72 -1.26
C TRP D 378 38.71 22.93 -2.19
N GLY D 379 38.88 24.12 -1.60
CA GLY D 379 39.03 25.35 -2.35
C GLY D 379 37.75 26.09 -2.72
N GLY D 380 36.58 25.55 -2.35
CA GLY D 380 35.25 26.10 -2.72
C GLY D 380 34.71 25.63 -4.08
N ASN D 381 33.61 26.24 -4.51
CA ASN D 381 33.03 25.93 -5.82
C ASN D 381 34.02 26.30 -6.92
N CYS D 382 33.94 25.54 -8.02
CA CYS D 382 34.95 25.57 -9.05
C CYS D 382 34.34 25.60 -10.44
N GLY D 383 35.18 25.91 -11.42
CA GLY D 383 34.89 25.68 -12.83
C GLY D 383 35.54 24.38 -13.26
N VAL D 384 34.81 23.58 -14.01
CA VAL D 384 35.33 22.33 -14.59
C VAL D 384 35.97 22.68 -15.92
N VAL D 385 37.26 22.43 -16.06
CA VAL D 385 37.98 22.77 -17.28
C VAL D 385 37.51 21.85 -18.43
N ASP D 386 37.19 22.45 -19.57
CA ASP D 386 36.67 21.68 -20.70
C ASP D 386 37.78 21.16 -21.62
N PHE D 387 38.31 19.99 -21.28
CA PHE D 387 39.39 19.40 -22.06
C PHE D 387 38.90 18.80 -23.39
N THR D 388 37.58 18.80 -23.64
CA THR D 388 37.07 18.49 -24.99
C THR D 388 37.17 19.69 -25.95
N LYS D 389 37.37 20.90 -25.43
CA LYS D 389 37.54 22.08 -26.29
C LYS D 389 38.99 22.12 -26.77
N PRO D 390 39.23 22.08 -28.10
CA PRO D 390 40.62 22.02 -28.61
C PRO D 390 41.60 23.07 -28.06
N GLU D 391 41.15 24.31 -27.91
CA GLU D 391 42.04 25.41 -27.51
C GLU D 391 42.48 25.35 -26.05
N VAL D 392 41.73 24.60 -25.23
CA VAL D 392 42.09 24.36 -23.84
C VAL D 392 43.43 23.64 -23.71
N ALA D 393 43.75 22.76 -24.67
CA ALA D 393 44.97 21.96 -24.58
C ALA D 393 46.23 22.82 -24.44
N ASP D 394 46.42 23.79 -25.33
CA ASP D 394 47.63 24.62 -25.27
C ASP D 394 47.64 25.53 -24.04
N TRP D 395 46.47 26.02 -23.65
CA TRP D 395 46.31 26.81 -22.42
C TRP D 395 46.74 26.00 -21.18
N TRP D 396 46.21 24.80 -21.05
CA TRP D 396 46.59 23.91 -19.94
C TRP D 396 48.07 23.55 -19.97
N GLY D 397 48.58 23.26 -21.16
CA GLY D 397 49.99 22.93 -21.31
C GLY D 397 50.95 23.95 -20.73
N SER D 398 50.63 25.23 -20.92
CA SER D 398 51.47 26.32 -20.45
C SER D 398 51.46 26.39 -18.93
N TYR D 399 50.29 26.17 -18.32
CA TYR D 399 50.20 26.08 -16.86
C TYR D 399 50.93 24.88 -16.28
N GLN D 400 50.67 23.67 -16.81
CA GLN D 400 51.28 22.46 -16.23
C GLN D 400 52.79 22.37 -16.46
N GLN D 401 53.32 23.07 -17.46
CA GLN D 401 54.76 23.04 -17.72
C GLN D 401 55.61 23.65 -16.59
N LYS D 402 55.02 24.55 -15.81
CA LYS D 402 55.77 25.25 -14.75
C LYS D 402 56.58 24.32 -13.80
N PRO D 403 55.93 23.33 -13.15
CA PRO D 403 56.70 22.40 -12.30
C PRO D 403 57.69 21.56 -13.10
N LEU D 404 57.36 21.24 -14.33
CA LEU D 404 58.26 20.47 -15.19
C LEU D 404 59.55 21.24 -15.52
N ASN D 405 59.43 22.54 -15.70
CA ASN D 405 60.60 23.43 -15.89
C ASN D 405 61.51 23.46 -14.67
N ASP D 406 60.95 23.19 -13.48
CA ASP D 406 61.73 23.01 -12.26
C ASP D 406 62.32 21.63 -12.05
N GLY D 407 62.02 20.69 -12.96
CA GLY D 407 62.59 19.35 -12.92
C GLY D 407 61.65 18.25 -12.42
N VAL D 408 60.39 18.59 -12.15
CA VAL D 408 59.37 17.56 -11.86
C VAL D 408 59.25 16.70 -13.11
N ARG D 409 59.01 15.41 -12.92
CA ARG D 409 59.05 14.43 -14.03
C ARG D 409 57.70 13.97 -14.56
N GLY D 410 56.62 14.40 -13.93
CA GLY D 410 55.30 14.06 -14.39
C GLY D 410 54.22 14.26 -13.34
N PHE D 411 53.07 13.64 -13.57
CA PHE D 411 51.86 13.97 -12.82
C PHE D 411 51.08 12.75 -12.38
N TRP D 412 50.28 12.97 -11.34
CA TRP D 412 49.10 12.12 -11.13
C TRP D 412 47.86 12.96 -11.29
N THR D 413 47.02 12.52 -12.23
CA THR D 413 45.79 13.20 -12.61
C THR D 413 44.63 12.63 -11.79
N ASP D 414 44.22 13.43 -10.79
CA ASP D 414 43.27 12.98 -9.80
C ASP D 414 41.92 13.63 -10.02
N MET D 415 40.87 12.96 -9.55
CA MET D 415 39.51 13.55 -9.46
C MET D 415 38.82 13.79 -10.79
N GLY D 416 39.22 13.04 -11.81
CA GLY D 416 38.75 13.28 -13.18
C GLY D 416 37.48 12.55 -13.57
N GLU D 417 36.67 12.13 -12.59
CA GLU D 417 35.48 11.34 -12.90
C GLU D 417 34.38 12.11 -13.64
N PRO D 418 34.19 13.43 -13.45
CA PRO D 418 34.77 14.26 -12.38
C PRO D 418 34.33 13.78 -11.02
N ALA D 419 35.14 14.07 -10.01
CA ALA D 419 34.80 13.73 -8.63
C ALA D 419 33.47 14.35 -8.26
N TRP D 420 32.82 13.78 -7.24
CA TRP D 420 31.56 14.30 -6.72
C TRP D 420 30.48 14.37 -7.81
N SER D 421 30.50 13.40 -8.72
CA SER D 421 29.56 13.36 -9.84
C SER D 421 29.05 11.91 -10.07
N ASN D 422 28.68 11.25 -8.97
CA ASN D 422 28.16 9.89 -9.06
C ASN D 422 26.78 9.93 -9.71
N GLU D 423 26.23 8.75 -10.03
CA GLU D 423 24.93 8.63 -10.70
C GLU D 423 23.86 9.47 -10.06
N ASP D 424 23.84 9.49 -8.73
CA ASP D 424 22.78 10.18 -7.99
C ASP D 424 22.91 11.70 -8.00
N ALA D 425 24.05 12.24 -8.41
CA ALA D 425 24.25 13.71 -8.53
C ALA D 425 23.76 14.15 -9.90
N VAL D 426 22.43 14.11 -10.07
CA VAL D 426 21.78 14.32 -11.36
C VAL D 426 21.96 15.75 -11.88
N ASP D 427 22.25 16.72 -11.01
CA ASP D 427 22.54 18.09 -11.45
C ASP D 427 23.68 18.16 -12.48
N ARG D 428 24.67 17.27 -12.35
CA ARG D 428 25.81 17.23 -13.28
C ARG D 428 25.40 16.97 -14.72
N LEU D 429 24.22 16.39 -14.93
CA LEU D 429 23.76 16.09 -16.30
C LEU D 429 23.49 17.37 -17.10
N ASN D 430 23.37 18.49 -16.40
CA ASN D 430 23.27 19.81 -17.04
C ASN D 430 24.59 20.33 -17.64
N MET D 431 25.72 19.68 -17.35
CA MET D 431 27.00 20.08 -17.94
C MET D 431 27.00 19.88 -19.44
N LYS D 432 27.36 20.93 -20.14
CA LYS D 432 27.45 20.95 -21.58
C LYS D 432 28.90 21.23 -21.92
N HIS D 433 29.56 20.21 -22.49
CA HIS D 433 30.96 20.28 -22.89
C HIS D 433 30.99 20.61 -24.37
N HIS D 434 32.15 21.05 -24.86
CA HIS D 434 32.33 21.40 -26.27
C HIS D 434 31.88 20.27 -27.19
N LEU D 435 32.25 19.04 -26.85
CA LEU D 435 31.89 17.87 -27.65
C LEU D 435 30.58 17.18 -27.30
N GLY D 436 29.89 17.59 -26.24
CA GLY D 436 28.59 16.99 -25.94
C GLY D 436 28.09 17.20 -24.53
N MET D 437 26.91 16.65 -24.26
CA MET D 437 26.31 16.75 -22.95
C MET D 437 26.96 15.78 -21.99
N HIS D 438 26.79 16.03 -20.70
CA HIS D 438 27.48 15.23 -19.67
C HIS D 438 27.16 13.73 -19.75
N ASN D 439 25.91 13.39 -20.09
CA ASN D 439 25.54 11.97 -20.18
C ASN D 439 26.41 11.20 -21.16
N GLU D 440 26.82 11.86 -22.25
CA GLU D 440 27.79 11.31 -23.22
C GLU D 440 29.26 11.45 -22.79
N ILE D 441 29.62 12.59 -22.22
CA ILE D 441 31.01 12.98 -22.03
C ILE D 441 31.58 12.59 -20.68
N HIS D 442 30.74 12.37 -19.67
CA HIS D 442 31.21 12.04 -18.32
C HIS D 442 32.30 10.95 -18.36
N ASN D 443 32.02 9.83 -19.04
CA ASN D 443 32.96 8.72 -19.05
C ASN D 443 34.25 8.96 -19.83
N VAL D 444 34.31 10.02 -20.63
CA VAL D 444 35.54 10.43 -21.31
C VAL D 444 36.05 11.78 -20.86
N TYR D 445 35.50 12.29 -19.75
CA TYR D 445 35.94 13.59 -19.21
C TYR D 445 37.41 13.49 -18.79
N GLY D 446 37.69 12.52 -17.91
CA GLY D 446 39.05 12.27 -17.46
C GLY D 446 39.97 11.78 -18.57
N PHE D 447 39.44 10.97 -19.47
CA PHE D 447 40.19 10.48 -20.63
C PHE D 447 40.73 11.64 -21.48
N THR D 448 39.85 12.56 -21.85
CA THR D 448 40.24 13.70 -22.70
C THR D 448 41.17 14.65 -21.96
N TRP D 449 40.96 14.83 -20.66
CA TRP D 449 41.93 15.51 -19.82
C TRP D 449 43.31 14.85 -19.87
N ASP D 450 43.36 13.54 -19.65
CA ASP D 450 44.63 12.83 -19.58
C ASP D 450 45.37 12.87 -20.91
N LYS D 451 44.59 12.84 -22.00
CA LYS D 451 45.14 12.97 -23.36
CA LYS D 451 45.13 12.97 -23.36
C LYS D 451 45.78 14.34 -23.55
N VAL D 452 45.09 15.39 -23.12
CA VAL D 452 45.68 16.75 -23.15
C VAL D 452 46.98 16.81 -22.34
N VAL D 453 46.97 16.26 -21.14
CA VAL D 453 48.16 16.28 -20.28
C VAL D 453 49.38 15.66 -21.00
N THR D 454 49.21 14.48 -21.58
CA THR D 454 50.28 13.83 -22.27
C THR D 454 50.69 14.54 -23.57
N GLU D 455 49.71 14.96 -24.36
CA GLU D 455 49.99 15.69 -25.62
C GLU D 455 50.81 16.94 -25.36
N GLN D 456 50.44 17.66 -24.30
CA GLN D 456 51.14 18.89 -23.96
C GLN D 456 52.52 18.62 -23.39
N PHE D 457 52.63 17.56 -22.60
CA PHE D 457 53.94 17.13 -22.15
C PHE D 457 54.84 16.88 -23.35
N TYR D 458 54.33 16.15 -24.34
CA TYR D 458 55.10 15.89 -25.57
C TYR D 458 55.51 17.19 -26.31
N LYS D 459 54.56 18.10 -26.45
CA LYS D 459 54.80 19.39 -27.14
C LYS D 459 55.92 20.18 -26.47
N HIS D 460 55.83 20.29 -25.14
CA HIS D 460 56.77 21.07 -24.35
C HIS D 460 58.07 20.35 -23.96
N ASN D 461 58.11 19.01 -24.06
CA ASN D 461 59.27 18.22 -23.59
C ASN D 461 59.59 17.11 -24.60
N PRO D 462 60.14 17.47 -25.77
CA PRO D 462 60.16 16.54 -26.91
C PRO D 462 61.02 15.30 -26.71
N ASN D 463 60.55 14.16 -27.23
CA ASN D 463 61.24 12.86 -27.14
C ASN D 463 61.54 12.39 -25.70
N LYS D 464 60.60 12.65 -24.80
CA LYS D 464 60.67 12.20 -23.42
C LYS D 464 59.40 11.43 -23.08
N ARG D 465 59.57 10.31 -22.38
CA ARG D 465 58.44 9.55 -21.88
C ARG D 465 57.77 10.34 -20.78
N ILE D 466 56.45 10.45 -20.83
CA ILE D 466 55.71 10.99 -19.70
C ILE D 466 55.60 9.97 -18.59
N PHE D 467 55.57 10.47 -17.35
CA PHE D 467 54.97 9.75 -16.26
C PHE D 467 53.63 10.41 -15.98
N GLN D 468 52.54 9.69 -16.24
CA GLN D 468 51.22 10.09 -15.80
C GLN D 468 50.55 8.88 -15.19
N MET D 469 49.96 9.04 -14.02
CA MET D 469 49.18 7.98 -13.38
C MET D 469 47.83 8.59 -13.00
N THR D 470 46.74 7.94 -13.43
CA THR D 470 45.42 8.53 -13.35
C THR D 470 44.41 7.73 -12.54
N ARG D 471 43.39 8.43 -12.10
CA ARG D 471 42.29 7.86 -11.37
C ARG D 471 41.11 7.56 -12.29
N ALA D 472 40.66 8.55 -13.05
CA ALA D 472 39.52 8.38 -13.94
C ALA D 472 40.00 8.18 -15.36
N ALA D 473 39.33 7.29 -16.10
CA ALA D 473 39.71 7.01 -17.48
C ALA D 473 38.63 6.29 -18.27
N TYR D 474 38.89 6.12 -19.56
CA TYR D 474 38.10 5.34 -20.48
C TYR D 474 39.02 4.42 -21.28
N ALA D 475 38.45 3.40 -21.95
CA ALA D 475 39.18 2.59 -22.92
C ALA D 475 40.08 3.41 -23.84
N GLY D 476 41.29 2.91 -24.11
CA GLY D 476 42.29 3.63 -24.91
C GLY D 476 43.27 4.41 -24.07
N LEU D 477 43.04 4.45 -22.75
CA LEU D 477 43.91 5.22 -21.85
C LEU D 477 45.38 4.86 -21.94
N GLN D 478 45.69 3.63 -22.35
CA GLN D 478 47.07 3.14 -22.40
C GLN D 478 48.00 3.96 -23.28
N ARG D 479 47.44 4.74 -24.20
CA ARG D 479 48.20 5.62 -25.08
C ARG D 479 48.75 6.84 -24.35
N TYR D 480 48.11 7.22 -23.25
CA TYR D 480 48.42 8.46 -22.53
C TYR D 480 48.84 8.34 -21.07
N THR D 481 48.48 7.24 -20.41
CA THR D 481 48.55 7.23 -18.96
C THR D 481 48.50 5.83 -18.35
N PHE D 482 49.05 5.78 -17.14
CA PHE D 482 49.05 4.62 -16.27
C PHE D 482 47.91 4.84 -15.27
N GLY D 483 47.74 3.92 -14.34
CA GLY D 483 46.60 3.98 -13.44
C GLY D 483 46.88 3.52 -12.05
N TRP D 484 46.14 4.09 -11.08
CA TRP D 484 46.02 3.49 -9.75
C TRP D 484 44.54 3.40 -9.36
N SER D 485 44.24 2.50 -8.43
CA SER D 485 42.85 2.14 -8.10
C SER D 485 42.16 3.04 -7.05
N GLY D 486 42.66 4.26 -6.89
CA GLY D 486 41.96 5.26 -6.07
C GLY D 486 41.92 4.95 -4.57
N ASP D 487 40.84 5.38 -3.91
CA ASP D 487 40.79 5.42 -2.45
C ASP D 487 40.26 4.10 -1.88
N SER D 488 41.16 3.12 -1.81
CA SER D 488 40.83 1.80 -1.25
C SER D 488 41.03 1.74 0.26
N GLY D 489 40.55 0.65 0.87
CA GLY D 489 40.75 0.42 2.30
C GLY D 489 39.54 0.79 3.14
N ASN D 490 39.64 0.52 4.44
CA ASN D 490 38.51 0.70 5.33
C ASN D 490 38.62 2.02 6.08
N GLY D 491 37.65 2.91 5.86
CA GLY D 491 37.67 4.24 6.50
C GLY D 491 37.20 4.28 7.94
N SER D 492 36.35 3.33 8.32
CA SER D 492 35.86 3.26 9.71
C SER D 492 36.87 2.64 10.67
N ASN D 493 37.66 1.67 10.18
CA ASN D 493 38.69 1.05 10.97
C ASN D 493 39.74 0.49 10.03
N VAL D 494 40.88 1.16 9.95
CA VAL D 494 41.95 0.77 9.04
C VAL D 494 42.36 -0.70 9.18
N LEU D 495 42.29 -1.20 10.41
CA LEU D 495 42.66 -2.58 10.73
C LEU D 495 41.74 -3.64 10.13
N ASP D 496 40.52 -3.23 9.76
CA ASP D 496 39.48 -4.09 9.16
CA ASP D 496 39.55 -4.17 9.18
C ASP D 496 39.61 -4.16 7.65
N GLY D 497 40.76 -3.78 7.10
CA GLY D 497 40.91 -3.68 5.65
C GLY D 497 41.33 -4.93 4.91
N TRP D 498 41.46 -6.06 5.59
CA TRP D 498 41.99 -7.29 4.98
C TRP D 498 41.30 -7.72 3.66
N LYS D 499 39.98 -7.85 3.68
CA LYS D 499 39.25 -8.30 2.48
C LYS D 499 39.36 -7.27 1.34
N GLN D 500 39.33 -5.99 1.70
CA GLN D 500 39.50 -4.92 0.71
C GLN D 500 40.89 -4.94 0.08
N MET D 501 41.94 -5.16 0.88
CA MET D 501 43.29 -5.35 0.35
C MET D 501 43.31 -6.55 -0.58
N ALA D 502 42.74 -7.66 -0.14
CA ALA D 502 42.72 -8.89 -0.95
C ALA D 502 42.07 -8.67 -2.31
N ASN D 503 41.01 -7.87 -2.36
CA ASN D 503 40.31 -7.65 -3.61
C ASN D 503 41.10 -6.80 -4.62
N GLN D 504 42.13 -6.11 -4.14
CA GLN D 504 43.03 -5.38 -5.03
C GLN D 504 43.78 -6.33 -5.99
N ILE D 505 43.91 -7.62 -5.65
CA ILE D 505 44.47 -8.58 -6.59
C ILE D 505 43.61 -8.67 -7.89
N PRO D 506 42.33 -9.10 -7.80
CA PRO D 506 41.58 -9.15 -9.06
C PRO D 506 41.28 -7.78 -9.67
N VAL D 507 41.18 -6.73 -8.85
CA VAL D 507 41.06 -5.38 -9.39
C VAL D 507 42.27 -5.05 -10.30
N GLY D 508 43.47 -5.31 -9.82
CA GLY D 508 44.69 -5.07 -10.59
C GLY D 508 44.85 -5.97 -11.81
N LEU D 509 44.49 -7.24 -11.66
CA LEU D 509 44.50 -8.17 -12.79
C LEU D 509 43.50 -7.79 -13.85
N SER D 510 42.31 -7.37 -13.43
CA SER D 510 41.28 -6.90 -14.35
C SER D 510 41.68 -5.59 -15.03
N ALA D 511 42.24 -4.66 -14.27
CA ALA D 511 42.83 -3.44 -14.83
C ALA D 511 43.85 -3.80 -15.92
N GLY D 512 44.71 -4.78 -15.66
CA GLY D 512 45.68 -5.24 -16.65
C GLY D 512 45.05 -5.77 -17.93
N MET D 513 43.99 -6.58 -17.78
CA MET D 513 43.25 -7.10 -18.94
C MET D 513 42.49 -6.00 -19.70
N GLY D 514 42.27 -4.85 -19.05
CA GLY D 514 41.68 -3.67 -19.69
C GLY D 514 42.72 -2.64 -20.14
N LEU D 515 43.97 -3.06 -20.23
CA LEU D 515 45.07 -2.27 -20.80
C LEU D 515 45.52 -1.15 -19.88
N ILE D 516 45.61 -1.51 -18.59
CA ILE D 516 46.39 -0.75 -17.60
C ILE D 516 47.54 -1.65 -17.16
N PRO D 517 48.52 -1.86 -18.04
CA PRO D 517 49.65 -2.68 -17.61
C PRO D 517 50.51 -2.04 -16.53
N PHE D 518 50.56 -0.71 -16.48
CA PHE D 518 51.31 0.02 -15.48
C PHE D 518 50.34 0.55 -14.46
N TRP D 519 50.24 -0.21 -13.37
CA TRP D 519 49.17 -0.12 -12.41
C TRP D 519 49.74 -0.24 -11.01
N THR D 520 49.08 0.38 -10.05
CA THR D 520 49.32 0.09 -8.64
C THR D 520 48.06 0.38 -7.84
N CYS D 521 48.11 0.03 -6.56
CA CYS D 521 47.09 0.44 -5.58
C CYS D 521 47.79 1.22 -4.49
N ASP D 522 47.03 1.88 -3.63
CA ASP D 522 47.61 2.52 -2.46
C ASP D 522 48.05 1.44 -1.48
N ILE D 523 49.36 1.23 -1.34
CA ILE D 523 49.89 0.30 -0.37
C ILE D 523 49.61 0.90 1.02
N SER D 524 48.97 0.08 1.87
CA SER D 524 48.32 0.42 3.13
C SER D 524 46.85 0.85 2.98
N GLY D 525 46.38 0.96 1.74
CA GLY D 525 45.14 1.60 1.40
C GLY D 525 45.17 3.11 1.56
N TYR D 526 44.18 3.80 1.00
CA TYR D 526 44.01 5.21 1.27
C TYR D 526 43.37 5.46 2.63
N CYS D 527 42.33 4.69 2.94
CA CYS D 527 41.40 5.02 4.02
C CYS D 527 41.82 4.49 5.39
N GLY D 528 41.37 5.22 6.42
CA GLY D 528 41.39 4.76 7.81
C GLY D 528 42.53 5.35 8.60
N ASP D 529 42.23 6.04 9.69
CA ASP D 529 43.27 6.62 10.52
C ASP D 529 44.06 5.51 11.21
N ILE D 530 45.38 5.62 11.16
CA ILE D 530 46.29 4.67 11.80
C ILE D 530 46.54 5.16 13.24
N LYS D 531 45.69 4.68 14.14
CA LYS D 531 45.74 5.05 15.55
C LYS D 531 46.69 4.18 16.35
N ASP D 532 47.14 3.08 15.75
CA ASP D 532 47.97 2.09 16.44
C ASP D 532 48.88 1.39 15.41
N TYR D 533 50.10 1.87 15.31
CA TYR D 533 51.05 1.39 14.30
C TYR D 533 51.48 -0.05 14.53
N ASP D 534 51.57 -0.48 15.80
CA ASP D 534 51.88 -1.89 16.10
C ASP D 534 50.80 -2.81 15.58
N ALA D 535 49.54 -2.44 15.80
CA ALA D 535 48.41 -3.23 15.37
C ALA D 535 48.28 -3.26 13.82
N MET D 536 48.71 -2.18 13.16
CA MET D 536 48.61 -2.06 11.70
C MET D 536 49.78 -2.77 11.00
N ALA D 537 50.85 -3.11 11.73
CA ALA D 537 52.08 -3.57 11.12
C ALA D 537 51.87 -4.78 10.20
N GLU D 538 51.10 -5.77 10.67
CA GLU D 538 50.89 -6.99 9.87
C GLU D 538 50.21 -6.69 8.52
N LEU D 539 49.10 -5.96 8.57
CA LEU D 539 48.35 -5.58 7.37
C LEU D 539 49.22 -4.76 6.42
N TYR D 540 49.98 -3.81 6.96
CA TYR D 540 50.92 -3.01 6.14
C TYR D 540 51.92 -3.91 5.42
N VAL D 541 52.53 -4.83 6.17
CA VAL D 541 53.55 -5.69 5.58
C VAL D 541 52.98 -6.55 4.44
N ARG D 542 51.82 -7.16 4.65
CA ARG D 542 51.18 -7.96 3.61
C ARG D 542 50.74 -7.10 2.42
N TRP D 543 50.27 -5.89 2.69
CA TRP D 543 49.89 -4.98 1.62
C TRP D 543 51.08 -4.61 0.75
N LEU D 544 52.22 -4.39 1.39
CA LEU D 544 53.44 -4.02 0.69
C LEU D 544 54.01 -5.24 -0.06
N GLN D 545 53.90 -6.43 0.53
CA GLN D 545 54.35 -7.68 -0.11
C GLN D 545 53.64 -7.94 -1.42
N PHE D 546 52.33 -7.75 -1.42
CA PHE D 546 51.55 -7.68 -2.67
C PHE D 546 51.98 -6.50 -3.54
N GLY D 547 52.03 -5.31 -2.94
CA GLY D 547 52.30 -4.08 -3.65
C GLY D 547 53.58 -3.97 -4.45
N VAL D 548 54.65 -4.62 -3.96
CA VAL D 548 55.92 -4.61 -4.66
C VAL D 548 55.88 -5.43 -5.94
N PHE D 549 54.84 -6.26 -6.12
CA PHE D 549 54.64 -6.95 -7.39
C PHE D 549 53.62 -6.26 -8.31
N THR D 550 53.26 -5.01 -8.00
CA THR D 550 52.54 -4.13 -8.90
C THR D 550 53.60 -3.24 -9.57
N PRO D 551 53.42 -2.92 -10.87
CA PRO D 551 54.50 -2.21 -11.56
C PRO D 551 54.84 -0.85 -10.96
N LEU D 552 53.82 -0.12 -10.52
CA LEU D 552 54.03 1.24 -10.01
C LEU D 552 53.93 1.36 -8.48
N SER D 553 54.25 0.25 -7.78
CA SER D 553 54.24 0.15 -6.32
CA SER D 553 54.25 0.16 -6.31
C SER D 553 54.35 1.50 -5.60
N ARG D 554 53.23 1.96 -5.04
CA ARG D 554 53.19 3.22 -4.31
C ARG D 554 52.49 3.06 -2.97
N ALA D 555 53.22 3.38 -1.91
CA ALA D 555 52.62 3.55 -0.59
C ALA D 555 52.06 4.96 -0.47
N HIS D 556 50.83 5.04 0.07
CA HIS D 556 50.08 6.28 0.20
C HIS D 556 49.01 6.08 1.30
N HIS D 557 48.55 7.19 1.90
CA HIS D 557 47.45 7.14 2.85
C HIS D 557 46.86 8.55 3.01
N GLU D 558 45.62 8.62 3.45
CA GLU D 558 44.95 9.88 3.66
C GLU D 558 45.70 10.76 4.65
N GLY D 559 45.67 12.07 4.39
CA GLY D 559 46.09 13.08 5.35
C GLY D 559 47.49 12.92 5.90
N GLY D 560 47.60 12.98 7.22
CA GLY D 560 48.85 12.84 7.92
C GLY D 560 49.18 11.46 8.44
N ASN D 561 48.46 10.45 7.95
CA ASN D 561 48.72 9.07 8.30
C ASN D 561 49.97 8.57 7.56
N ALA D 562 51.11 8.74 8.22
CA ALA D 562 52.41 8.35 7.68
C ALA D 562 52.49 6.83 7.44
N VAL D 563 52.92 6.43 6.25
CA VAL D 563 52.96 5.00 5.89
C VAL D 563 54.25 4.66 5.12
N GLU D 564 55.34 5.33 5.47
CA GLU D 564 56.67 4.94 4.98
C GLU D 564 57.05 3.61 5.63
N PRO D 565 57.92 2.81 4.97
CA PRO D 565 58.08 1.41 5.41
C PRO D 565 58.79 1.21 6.75
N TRP D 566 59.28 2.29 7.36
CA TRP D 566 59.90 2.26 8.71
C TRP D 566 58.96 2.67 9.85
N LYS D 567 57.70 3.02 9.54
CA LYS D 567 56.77 3.50 10.55
C LYS D 567 56.10 2.43 11.44
N PHE D 568 56.32 1.15 11.13
CA PHE D 568 55.62 0.05 11.78
C PHE D 568 56.53 -0.83 12.62
N GLY D 569 57.72 -0.32 12.95
CA GLY D 569 58.67 -1.04 13.79
C GLY D 569 59.73 -1.75 12.97
N THR D 570 60.77 -2.19 13.69
CA THR D 570 61.97 -2.72 13.07
C THR D 570 61.71 -4.00 12.27
N GLU D 571 60.89 -4.91 12.78
CA GLU D 571 60.59 -6.16 12.10
C GLU D 571 59.93 -5.88 10.75
N ALA D 572 58.87 -5.06 10.78
CA ALA D 572 58.17 -4.67 9.55
C ALA D 572 59.09 -3.91 8.57
N GLU D 573 59.99 -3.10 9.11
CA GLU D 573 60.95 -2.35 8.28
C GLU D 573 61.89 -3.31 7.54
N ASN D 574 62.45 -4.27 8.27
CA ASN D 574 63.37 -5.24 7.68
C ASN D 574 62.68 -6.12 6.63
N ILE D 575 61.45 -6.58 6.92
CA ILE D 575 60.66 -7.33 5.94
C ILE D 575 60.34 -6.46 4.71
N SER D 576 59.99 -5.19 4.95
CA SER D 576 59.60 -4.29 3.85
C SER D 576 60.81 -3.94 2.98
N ARG D 577 61.98 -3.77 3.60
CA ARG D 577 63.19 -3.53 2.85
C ARG D 577 63.47 -4.70 1.91
N LYS D 578 63.32 -5.92 2.42
CA LYS D 578 63.57 -7.13 1.60
C LYS D 578 62.58 -7.24 0.44
N SER D 579 61.30 -6.95 0.70
CA SER D 579 60.27 -6.96 -0.35
C SER D 579 60.61 -5.98 -1.46
N ILE D 580 60.97 -4.76 -1.08
CA ILE D 580 61.38 -3.73 -2.02
C ILE D 580 62.67 -4.14 -2.75
N GLU D 581 63.67 -4.63 -2.02
CA GLU D 581 64.91 -5.08 -2.66
C GLU D 581 64.66 -6.16 -3.72
N LEU D 582 63.71 -7.06 -3.46
CA LEU D 582 63.38 -8.13 -4.42
C LEU D 582 62.89 -7.52 -5.73
N LYS D 583 62.02 -6.50 -5.63
CA LYS D 583 61.50 -5.85 -6.84
C LYS D 583 62.63 -5.19 -7.63
N TYR D 584 63.57 -4.56 -6.91
CA TYR D 584 64.70 -3.89 -7.56
C TYR D 584 65.62 -4.91 -8.24
N LYS D 585 65.89 -6.02 -7.56
CA LYS D 585 66.70 -7.09 -8.15
C LYS D 585 66.09 -7.61 -9.44
N LEU D 586 64.76 -7.72 -9.44
CA LEU D 586 63.99 -8.15 -10.62
C LEU D 586 63.82 -7.11 -11.72
N PHE D 587 64.35 -5.89 -11.56
CA PHE D 587 64.16 -4.84 -12.56
C PHE D 587 64.36 -5.27 -14.03
N PRO D 588 65.50 -5.93 -14.35
CA PRO D 588 65.71 -6.34 -15.75
C PRO D 588 64.63 -7.30 -16.30
N TYR D 589 64.10 -8.15 -15.42
CA TYR D 589 63.01 -9.06 -15.73
C TYR D 589 61.70 -8.26 -15.93
N LEU D 590 61.39 -7.39 -14.97
CA LEU D 590 60.15 -6.61 -15.03
C LEU D 590 60.14 -5.65 -16.21
N TYR D 591 61.29 -5.03 -16.49
CA TYR D 591 61.39 -4.08 -17.58
C TYR D 591 61.23 -4.76 -18.93
N THR D 592 61.72 -6.00 -19.05
CA THR D 592 61.46 -6.80 -20.25
C THR D 592 59.95 -6.98 -20.45
N TYR D 593 59.22 -7.24 -19.36
CA TYR D 593 57.77 -7.41 -19.44
C TYR D 593 57.04 -6.09 -19.64
N ALA D 594 57.62 -4.99 -19.17
CA ALA D 594 57.13 -3.65 -19.54
C ALA D 594 57.13 -3.46 -21.05
N ARG D 595 58.22 -3.84 -21.71
CA ARG D 595 58.29 -3.78 -23.17
C ARG D 595 57.29 -4.73 -23.82
N GLU D 596 57.15 -5.94 -23.27
CA GLU D 596 56.17 -6.86 -23.82
C GLU D 596 54.75 -6.27 -23.76
N ALA D 597 54.45 -5.50 -22.70
CA ALA D 597 53.18 -4.82 -22.61
C ALA D 597 52.96 -3.86 -23.79
N HIS D 598 53.99 -3.09 -24.12
CA HIS D 598 53.97 -2.20 -25.29
C HIS D 598 53.70 -2.97 -26.58
N ASP D 599 54.39 -4.08 -26.76
CA ASP D 599 54.32 -4.85 -28.00
C ASP D 599 53.05 -5.71 -28.18
N THR D 600 52.55 -6.26 -27.08
CA THR D 600 51.47 -7.25 -27.14
C THR D 600 50.19 -6.85 -26.44
N GLY D 601 50.26 -5.82 -25.60
CA GLY D 601 49.16 -5.47 -24.72
C GLY D 601 49.04 -6.29 -23.44
N LEU D 602 49.84 -7.34 -23.28
CA LEU D 602 49.71 -8.15 -22.08
C LEU D 602 50.18 -7.39 -20.85
N PRO D 603 49.40 -7.43 -19.76
CA PRO D 603 49.88 -6.80 -18.55
C PRO D 603 51.06 -7.54 -17.93
N ILE D 604 51.79 -6.86 -17.06
CA ILE D 604 52.87 -7.47 -16.30
C ILE D 604 52.25 -8.45 -15.28
N MET D 605 51.24 -7.97 -14.54
CA MET D 605 50.46 -8.79 -13.63
C MET D 605 49.42 -9.55 -14.44
N ARG D 606 49.57 -10.87 -14.51
CA ARG D 606 48.74 -11.72 -15.38
C ARG D 606 47.90 -12.68 -14.58
N ALA D 607 46.59 -12.58 -14.74
CA ALA D 607 45.69 -13.66 -14.30
C ALA D 607 46.20 -14.94 -14.96
N LEU D 608 46.25 -16.02 -14.18
CA LEU D 608 46.76 -17.29 -14.72
C LEU D 608 46.00 -17.75 -15.97
N LEU D 609 44.72 -17.40 -16.08
CA LEU D 609 43.93 -17.73 -17.27
C LEU D 609 44.53 -17.23 -18.59
N LEU D 610 45.26 -16.12 -18.53
CA LEU D 610 45.93 -15.57 -19.71
C LEU D 610 47.02 -16.50 -20.24
N GLU D 611 47.71 -17.18 -19.34
CA GLU D 611 48.78 -18.11 -19.71
C GLU D 611 48.35 -19.57 -19.81
N TYR D 612 47.27 -19.93 -19.08
CA TYR D 612 46.76 -21.31 -19.01
C TYR D 612 45.25 -21.34 -19.33
N PRO D 613 44.86 -20.87 -20.54
CA PRO D 613 43.44 -20.79 -20.91
C PRO D 613 42.72 -22.14 -20.95
N ASN D 614 43.46 -23.25 -21.09
CA ASN D 614 42.83 -24.58 -21.09
C ASN D 614 42.46 -25.07 -19.69
N ASP D 615 42.98 -24.41 -18.65
CA ASP D 615 42.77 -24.82 -17.27
C ASP D 615 41.65 -23.99 -16.60
N LYS D 616 40.46 -24.58 -16.52
CA LYS D 616 39.27 -23.92 -15.93
C LYS D 616 39.44 -23.53 -14.46
N GLU D 617 40.32 -24.23 -13.74
CA GLU D 617 40.59 -23.86 -12.36
C GLU D 617 41.09 -22.40 -12.24
N THR D 618 41.80 -21.92 -13.26
CA THR D 618 42.37 -20.57 -13.22
C THR D 618 41.30 -19.47 -13.16
N PHE D 619 40.08 -19.78 -13.61
CA PHE D 619 39.00 -18.79 -13.60
C PHE D 619 38.62 -18.36 -12.19
N LYS D 620 38.88 -19.22 -11.20
CA LYS D 620 38.55 -19.01 -9.78
C LYS D 620 39.64 -18.28 -8.98
N LEU D 621 40.79 -18.02 -9.58
CA LEU D 621 41.98 -17.67 -8.82
C LEU D 621 42.09 -16.16 -8.61
N ASN D 622 41.61 -15.74 -7.44
CA ASN D 622 41.63 -14.32 -7.06
C ASN D 622 42.72 -13.98 -6.03
N GLY D 623 43.49 -14.97 -5.62
CA GLY D 623 44.50 -14.83 -4.55
C GLY D 623 45.92 -15.00 -5.04
N GLN D 624 46.13 -15.03 -6.34
CA GLN D 624 47.47 -15.22 -6.90
C GLN D 624 47.52 -14.78 -8.34
N PHE D 625 48.73 -14.61 -8.85
CA PHE D 625 48.90 -14.18 -10.23
C PHE D 625 50.31 -14.45 -10.71
N LEU D 626 50.47 -14.41 -12.04
CA LEU D 626 51.78 -14.43 -12.65
C LEU D 626 52.32 -13.02 -12.82
N VAL D 627 53.63 -12.90 -12.73
CA VAL D 627 54.35 -11.68 -13.05
C VAL D 627 55.23 -12.06 -14.20
N GLY D 628 54.89 -11.57 -15.39
CA GLY D 628 55.33 -12.17 -16.64
C GLY D 628 54.90 -13.63 -16.70
N LYS D 629 55.71 -14.47 -17.34
CA LYS D 629 55.39 -15.90 -17.47
C LYS D 629 56.10 -16.79 -16.47
N GLU D 630 57.28 -16.37 -16.01
CA GLU D 630 58.19 -17.26 -15.28
C GLU D 630 57.93 -17.30 -13.77
N LEU D 631 57.29 -16.26 -13.24
CA LEU D 631 57.08 -16.12 -11.79
C LEU D 631 55.60 -16.18 -11.42
N LEU D 632 55.28 -17.01 -10.43
CA LEU D 632 53.93 -17.09 -9.86
C LEU D 632 53.98 -16.52 -8.45
N VAL D 633 53.19 -15.49 -8.18
CA VAL D 633 53.17 -14.82 -6.89
C VAL D 633 51.83 -15.08 -6.21
N ALA D 634 51.87 -15.46 -4.94
CA ALA D 634 50.68 -15.85 -4.19
C ALA D 634 50.73 -15.14 -2.84
N PRO D 635 50.40 -13.84 -2.83
CA PRO D 635 50.54 -13.08 -1.59
C PRO D 635 49.58 -13.53 -0.48
N VAL D 636 50.05 -13.53 0.76
CA VAL D 636 49.17 -13.79 1.89
C VAL D 636 48.31 -12.55 2.10
N VAL D 637 46.99 -12.74 2.07
CA VAL D 637 46.02 -11.64 2.21
C VAL D 637 44.94 -11.95 3.27
N GLU D 638 45.30 -12.82 4.22
CA GLU D 638 44.43 -13.25 5.33
C GLU D 638 45.10 -12.91 6.65
N GLN D 639 44.38 -12.24 7.55
CA GLN D 639 44.92 -11.83 8.85
C GLN D 639 45.32 -13.05 9.69
N GLY D 640 46.53 -13.02 10.24
CA GLY D 640 47.03 -14.12 11.09
C GLY D 640 47.56 -15.34 10.35
N ALA D 641 47.39 -15.40 9.02
CA ALA D 641 47.80 -16.57 8.26
C ALA D 641 49.32 -16.65 8.19
N VAL D 642 49.83 -17.85 8.44
CA VAL D 642 51.25 -18.14 8.28
C VAL D 642 51.44 -19.27 7.25
N THR D 643 50.39 -19.52 6.47
CA THR D 643 50.43 -20.43 5.32
C THR D 643 49.65 -19.81 4.16
N LYS D 644 49.86 -20.32 2.96
CA LYS D 644 49.14 -19.89 1.76
C LYS D 644 48.79 -21.11 0.92
N ASP D 645 47.53 -21.22 0.51
CA ASP D 645 47.11 -22.21 -0.49
C ASP D 645 47.38 -21.64 -1.87
N VAL D 646 48.09 -22.42 -2.69
CA VAL D 646 48.55 -21.99 -4.01
C VAL D 646 48.13 -23.04 -5.04
N TYR D 647 47.56 -22.59 -6.14
CA TYR D 647 47.29 -23.46 -7.27
C TYR D 647 48.45 -23.37 -8.25
N LEU D 648 49.07 -24.50 -8.53
CA LEU D 648 50.13 -24.57 -9.51
C LEU D 648 49.54 -25.10 -10.82
N PRO D 649 49.69 -24.34 -11.91
CA PRO D 649 49.18 -24.80 -13.20
C PRO D 649 50.15 -25.81 -13.84
N GLU D 650 49.96 -26.09 -15.12
CA GLU D 650 50.85 -27.01 -15.86
C GLU D 650 52.32 -26.66 -15.66
N GLY D 651 53.13 -27.70 -15.51
CA GLY D 651 54.59 -27.56 -15.43
C GLY D 651 55.13 -28.02 -14.10
N GLU D 652 56.39 -27.73 -13.84
CA GLU D 652 56.97 -27.94 -12.52
C GLU D 652 57.38 -26.59 -11.99
N TRP D 653 57.27 -26.41 -10.68
CA TRP D 653 57.39 -25.11 -10.03
C TRP D 653 58.33 -25.20 -8.85
N ILE D 654 59.24 -24.23 -8.77
CA ILE D 654 60.32 -24.20 -7.80
C ILE D 654 60.08 -23.01 -6.86
N ASP D 655 60.28 -23.20 -5.56
CA ASP D 655 60.23 -22.09 -4.58
C ASP D 655 61.31 -21.08 -4.92
N PHE D 656 60.93 -19.87 -5.30
CA PHE D 656 61.89 -18.85 -5.75
C PHE D 656 62.67 -18.25 -4.58
N ASN D 657 62.15 -18.41 -3.36
CA ASN D 657 62.83 -17.89 -2.17
C ASN D 657 64.06 -18.75 -1.80
N ASN D 658 63.91 -20.07 -1.82
CA ASN D 658 65.03 -21.00 -1.53
C ASN D 658 65.67 -21.72 -2.74
N CYS D 659 64.91 -21.88 -3.82
CA CYS D 659 65.35 -22.51 -5.10
C CYS D 659 65.59 -24.03 -5.05
N LYS D 660 65.32 -24.67 -3.92
CA LYS D 660 65.55 -26.10 -3.76
C LYS D 660 64.26 -26.90 -3.87
N THR D 661 63.19 -26.45 -3.21
CA THR D 661 61.91 -27.16 -3.16
C THR D 661 61.18 -27.09 -4.50
N LYS D 662 60.78 -28.25 -5.03
CA LYS D 662 60.13 -28.36 -6.33
C LYS D 662 58.79 -29.09 -6.17
N TYR D 663 57.79 -28.65 -6.94
CA TYR D 663 56.44 -29.21 -6.90
C TYR D 663 55.99 -29.56 -8.31
N LYS D 664 55.19 -30.62 -8.44
CA LYS D 664 54.52 -30.93 -9.69
C LYS D 664 53.34 -29.95 -9.90
N GLY D 665 53.02 -29.72 -11.17
CA GLY D 665 51.94 -28.82 -11.56
C GLY D 665 50.56 -29.43 -11.50
N GLU D 666 49.58 -28.58 -11.76
CA GLU D 666 48.15 -28.94 -11.77
C GLU D 666 47.70 -29.55 -10.47
N GLN D 667 47.99 -28.83 -9.38
CA GLN D 667 47.53 -29.19 -8.06
C GLN D 667 47.50 -27.99 -7.15
N TRP D 668 46.66 -28.07 -6.13
CA TRP D 668 46.69 -27.16 -5.00
C TRP D 668 47.72 -27.67 -3.99
N ILE D 669 48.56 -26.77 -3.51
CA ILE D 669 49.48 -27.05 -2.40
C ILE D 669 49.23 -26.03 -1.30
N THR D 670 49.72 -26.34 -0.10
CA THR D 670 49.77 -25.39 1.01
C THR D 670 51.21 -25.23 1.40
N VAL D 671 51.71 -23.98 1.40
CA VAL D 671 53.09 -23.69 1.74
C VAL D 671 53.19 -22.83 2.99
N ASP D 672 54.34 -22.89 3.66
CA ASP D 672 54.61 -22.02 4.80
C ASP D 672 54.81 -20.61 4.28
N ALA D 673 54.23 -19.64 4.96
CA ALA D 673 54.26 -18.26 4.53
C ALA D 673 54.10 -17.38 5.77
N PRO D 674 55.13 -17.37 6.62
CA PRO D 674 55.08 -16.47 7.77
C PRO D 674 55.19 -15.01 7.33
N LEU D 675 55.06 -14.09 8.27
CA LEU D 675 55.00 -12.67 7.95
C LEU D 675 56.19 -12.17 7.09
N ASN D 676 57.39 -12.74 7.31
CA ASN D 676 58.57 -12.33 6.57
C ASN D 676 58.68 -12.93 5.15
N THR D 677 57.65 -13.64 4.70
CA THR D 677 57.69 -14.37 3.42
C THR D 677 56.56 -14.00 2.46
N ILE D 678 56.91 -13.86 1.18
CA ILE D 678 55.96 -13.81 0.08
C ILE D 678 56.11 -15.11 -0.70
N PRO D 679 55.05 -15.91 -0.83
CA PRO D 679 55.17 -17.07 -1.72
C PRO D 679 55.34 -16.66 -3.17
N VAL D 680 56.53 -16.97 -3.70
CA VAL D 680 56.88 -16.77 -5.10
C VAL D 680 57.43 -18.09 -5.63
N PHE D 681 57.01 -18.48 -6.83
CA PHE D 681 57.46 -19.71 -7.47
C PHE D 681 58.01 -19.37 -8.86
N VAL D 682 59.05 -20.09 -9.25
CA VAL D 682 59.62 -19.94 -10.59
C VAL D 682 59.33 -21.20 -11.38
N LYS D 683 58.92 -21.06 -12.63
CA LYS D 683 58.59 -22.25 -13.44
C LYS D 683 59.88 -22.94 -13.87
N LYS D 684 59.92 -24.27 -13.75
CA LYS D 684 61.05 -25.03 -14.27
C LYS D 684 61.20 -24.77 -15.77
N GLY D 685 62.42 -24.44 -16.20
CA GLY D 685 62.68 -23.97 -17.57
C GLY D 685 63.07 -22.51 -17.60
N SER D 686 62.74 -21.75 -16.55
CA SER D 686 62.89 -20.30 -16.58
C SER D 686 64.33 -19.80 -16.51
N ILE D 687 64.54 -18.64 -17.13
CA ILE D 687 65.79 -17.90 -17.04
C ILE D 687 65.37 -16.50 -16.61
N ILE D 688 65.87 -16.08 -15.44
CA ILE D 688 65.48 -14.81 -14.81
C ILE D 688 66.68 -13.85 -14.73
N PRO D 689 66.67 -12.75 -15.51
CA PRO D 689 67.70 -11.73 -15.36
C PRO D 689 67.48 -10.91 -14.08
N GLN D 690 68.56 -10.66 -13.33
CA GLN D 690 68.49 -9.80 -12.15
C GLN D 690 69.68 -8.87 -12.07
N MET D 691 69.50 -7.74 -11.38
CA MET D 691 70.56 -6.77 -11.14
C MET D 691 70.87 -6.71 -9.65
N PRO D 692 72.01 -6.12 -9.28
CA PRO D 692 72.29 -5.92 -7.85
C PRO D 692 71.29 -4.98 -7.19
N VAL D 693 71.16 -5.11 -5.87
CA VAL D 693 70.36 -4.17 -5.11
C VAL D 693 71.00 -2.78 -5.31
N MET D 694 70.15 -1.81 -5.62
CA MET D 694 70.52 -0.41 -5.64
C MET D 694 69.43 0.36 -4.91
N GLN D 695 69.76 1.57 -4.51
CA GLN D 695 68.79 2.43 -3.80
C GLN D 695 67.81 3.12 -4.74
N TYR D 696 68.19 3.26 -6.01
CA TYR D 696 67.28 3.72 -7.05
C TYR D 696 67.75 3.17 -8.38
N ILE D 697 66.85 3.21 -9.37
CA ILE D 697 67.12 2.68 -10.69
C ILE D 697 68.21 3.58 -11.31
N ASP D 698 69.26 2.94 -11.80
CA ASP D 698 70.47 3.63 -12.32
C ASP D 698 71.31 4.36 -11.28
N GLU D 699 71.22 3.99 -10.01
CA GLU D 699 72.25 4.40 -9.04
C GLU D 699 73.62 3.96 -9.57
N LYS D 700 73.70 2.73 -10.07
CA LYS D 700 74.84 2.31 -10.89
C LYS D 700 74.35 2.29 -12.33
N LYS D 701 74.93 3.13 -13.20
CA LYS D 701 74.54 3.18 -14.61
C LYS D 701 74.95 1.94 -15.41
N VAL D 702 76.02 1.28 -14.95
CA VAL D 702 76.49 0.01 -15.49
C VAL D 702 76.52 -0.98 -14.34
N TYR D 703 76.11 -2.22 -14.59
CA TYR D 703 76.15 -3.24 -13.55
C TYR D 703 76.19 -4.64 -14.14
N PRO D 704 76.73 -5.61 -13.39
CA PRO D 704 76.72 -7.00 -13.85
C PRO D 704 75.29 -7.55 -13.84
N VAL D 705 74.93 -8.30 -14.88
CA VAL D 705 73.60 -8.91 -14.95
C VAL D 705 73.74 -10.39 -14.66
N THR D 706 72.92 -10.88 -13.74
CA THR D 706 72.90 -12.27 -13.37
CA THR D 706 72.89 -12.29 -13.38
C THR D 706 71.69 -12.93 -14.05
N PHE D 707 71.85 -14.17 -14.52
CA PHE D 707 70.73 -14.94 -15.09
C PHE D 707 70.55 -16.23 -14.31
N ASP D 708 69.48 -16.28 -13.50
CA ASP D 708 69.18 -17.49 -12.75
C ASP D 708 68.45 -18.44 -13.67
N ILE D 709 69.07 -19.60 -13.92
CA ILE D 709 68.63 -20.55 -14.93
C ILE D 709 68.20 -21.82 -14.21
N PHE D 710 66.95 -22.22 -14.46
CA PHE D 710 66.36 -23.43 -13.90
C PHE D 710 66.11 -24.36 -15.07
N PRO D 711 67.08 -25.27 -15.36
CA PRO D 711 66.96 -26.07 -16.57
C PRO D 711 65.66 -26.86 -16.67
N GLY D 712 65.06 -26.86 -17.85
CA GLY D 712 63.84 -27.59 -18.14
C GLY D 712 64.12 -29.08 -18.29
N ASN D 713 63.09 -29.82 -18.69
CA ASN D 713 63.21 -31.27 -18.86
C ASN D 713 64.17 -31.62 -20.00
N LEU D 714 64.56 -32.89 -20.03
CA LEU D 714 65.46 -33.44 -21.04
C LEU D 714 65.08 -32.96 -22.43
N ASN D 715 66.04 -32.35 -23.14
CA ASN D 715 65.90 -31.88 -24.53
C ASN D 715 64.92 -30.72 -24.77
N LYS D 716 64.38 -30.11 -23.71
CA LYS D 716 63.41 -29.02 -23.86
C LYS D 716 64.19 -27.72 -23.85
N GLU D 717 64.11 -26.99 -24.96
CA GLU D 717 64.78 -25.71 -25.09
C GLU D 717 63.89 -24.59 -24.51
N THR D 718 64.47 -23.79 -23.61
CA THR D 718 63.79 -22.64 -23.04
C THR D 718 64.67 -21.42 -23.19
N SER D 719 64.07 -20.24 -23.06
CA SER D 719 64.81 -19.00 -23.26
C SER D 719 64.22 -17.81 -22.51
N PHE D 720 65.02 -16.75 -22.48
CA PHE D 720 64.54 -15.43 -22.09
C PHE D 720 65.28 -14.41 -22.92
N THR D 721 64.54 -13.46 -23.46
CA THR D 721 65.10 -12.38 -24.28
C THR D 721 65.14 -11.10 -23.45
N PHE D 722 66.34 -10.76 -23.01
CA PHE D 722 66.63 -9.60 -22.17
C PHE D 722 66.59 -8.31 -22.99
N TYR D 723 65.57 -7.50 -22.75
CA TYR D 723 65.36 -6.26 -23.48
C TYR D 723 66.01 -5.06 -22.77
N GLU D 724 66.71 -4.21 -23.52
CA GLU D 724 67.21 -2.96 -22.96
C GLU D 724 66.97 -1.79 -23.92
N ASP D 725 66.79 -0.61 -23.36
CA ASP D 725 66.74 0.61 -24.13
C ASP D 725 67.20 1.78 -23.25
N ASP D 726 67.09 3.02 -23.73
CA ASP D 726 67.62 4.14 -22.94
C ASP D 726 66.75 4.49 -21.73
N GLY D 727 65.52 3.94 -21.65
CA GLY D 727 64.68 4.09 -20.47
C GLY D 727 64.00 5.42 -20.25
N GLU D 728 64.27 6.41 -21.10
CA GLU D 728 63.83 7.81 -20.90
C GLU D 728 63.15 8.45 -22.11
N SER D 729 63.66 8.15 -23.31
CA SER D 729 63.18 8.77 -24.53
C SER D 729 62.06 7.97 -25.14
N ARG D 730 61.45 8.53 -26.18
CA ARG D 730 60.42 7.85 -26.95
C ARG D 730 61.01 7.00 -28.08
N ASP D 731 62.33 6.85 -28.14
CA ASP D 731 62.96 6.05 -29.20
C ASP D 731 62.45 4.60 -29.26
N TYR D 732 62.14 4.02 -28.09
CA TYR D 732 61.57 2.66 -28.04
C TYR D 732 60.31 2.51 -28.92
N GLU D 733 59.54 3.59 -29.08
CA GLU D 733 58.34 3.57 -29.91
C GLU D 733 58.65 3.35 -31.38
N ARG D 734 59.84 3.76 -31.79
CA ARG D 734 60.39 3.51 -33.13
C ARG D 734 61.31 2.28 -33.17
N ASP D 735 61.19 1.41 -32.15
CA ASP D 735 61.94 0.17 -32.04
C ASP D 735 63.46 0.35 -32.05
N VAL D 736 63.89 1.34 -31.28
CA VAL D 736 65.30 1.55 -30.96
C VAL D 736 65.57 0.95 -29.59
N PHE D 737 66.30 -0.15 -29.58
CA PHE D 737 66.57 -0.94 -28.38
C PHE D 737 67.68 -1.94 -28.68
N CYS D 738 68.08 -2.74 -27.69
CA CYS D 738 68.80 -3.99 -27.95
C CYS D 738 68.18 -5.15 -27.16
N LYS D 739 68.44 -6.37 -27.64
CA LYS D 739 67.96 -7.60 -27.02
C LYS D 739 69.08 -8.63 -26.98
N THR D 740 69.15 -9.37 -25.90
CA THR D 740 70.10 -10.45 -25.71
C THR D 740 69.31 -11.70 -25.32
N LYS D 741 69.24 -12.70 -26.21
CA LYS D 741 68.53 -13.93 -25.93
C LYS D 741 69.43 -14.94 -25.24
N ILE D 742 69.03 -15.41 -24.06
CA ILE D 742 69.73 -16.47 -23.34
C ILE D 742 68.91 -17.74 -23.52
N THR D 743 69.54 -18.82 -23.95
CA THR D 743 68.86 -20.09 -24.19
C THR D 743 69.45 -21.19 -23.31
N SER D 744 68.59 -22.11 -22.85
CA SER D 744 68.97 -23.26 -22.03
C SER D 744 68.38 -24.54 -22.62
N LYS D 745 69.20 -25.59 -22.73
CA LYS D 745 68.74 -26.90 -23.21
C LYS D 745 69.57 -27.99 -22.51
N ALA D 746 68.90 -28.83 -21.72
CA ALA D 746 69.55 -29.92 -21.00
C ALA D 746 69.50 -31.20 -21.85
N SER D 747 70.64 -31.90 -21.93
CA SER D 747 70.74 -33.27 -22.44
C SER D 747 71.00 -34.20 -21.25
N ASN D 748 71.20 -35.49 -21.52
CA ASN D 748 71.69 -36.43 -20.51
C ASN D 748 73.07 -35.99 -20.04
N GLU D 749 73.18 -35.73 -18.74
CA GLU D 749 74.41 -35.20 -18.09
C GLU D 749 75.17 -34.12 -18.89
N GLU D 750 74.41 -33.18 -19.47
CA GLU D 750 74.99 -32.01 -20.16
C GLU D 750 73.96 -30.87 -20.24
N ILE D 751 74.38 -29.64 -19.94
CA ILE D 751 73.52 -28.45 -20.02
C ILE D 751 74.17 -27.46 -20.98
N LYS D 752 73.45 -27.07 -22.04
CA LYS D 752 73.95 -26.10 -23.01
C LYS D 752 73.27 -24.73 -22.81
N ILE D 753 74.03 -23.75 -22.32
CA ILE D 753 73.54 -22.38 -22.17
C ILE D 753 74.13 -21.48 -23.25
N THR D 754 73.27 -20.89 -24.08
CA THR D 754 73.72 -20.02 -25.16
C THR D 754 73.43 -18.57 -24.80
N VAL D 755 74.48 -17.76 -24.76
CA VAL D 755 74.34 -16.31 -24.74
C VAL D 755 74.30 -15.88 -26.20
N GLY D 756 73.10 -15.56 -26.69
CA GLY D 756 72.92 -15.19 -28.07
C GLY D 756 73.63 -13.90 -28.44
N GLU D 757 74.07 -13.79 -29.70
CA GLU D 757 74.59 -12.53 -30.22
C GLU D 757 73.60 -11.40 -29.99
N ARG D 758 74.10 -10.26 -29.53
CA ARG D 758 73.22 -9.14 -29.19
C ARG D 758 72.53 -8.63 -30.45
N GLU D 759 71.20 -8.57 -30.38
CA GLU D 759 70.40 -7.92 -31.40
C GLU D 759 70.49 -6.40 -31.17
N TYR D 760 71.25 -5.73 -32.04
CA TYR D 760 71.42 -4.29 -32.00
C TYR D 760 70.40 -3.64 -32.91
N LYS D 761 69.52 -2.81 -32.32
CA LYS D 761 68.56 -2.02 -33.10
C LYS D 761 68.65 -0.54 -32.74
N GLY D 762 69.89 -0.01 -32.79
CA GLY D 762 70.14 1.42 -32.60
C GLY D 762 70.43 1.87 -31.17
N TYR D 763 70.55 0.92 -30.24
CA TYR D 763 70.86 1.23 -28.85
C TYR D 763 71.90 0.24 -28.36
N SER D 764 72.96 0.73 -27.73
CA SER D 764 73.98 -0.12 -27.15
C SER D 764 73.81 -0.07 -25.65
N PRO D 765 73.90 -1.22 -24.99
CA PRO D 765 73.66 -1.22 -23.56
C PRO D 765 74.79 -0.58 -22.79
N ALA D 766 74.55 -0.41 -21.50
CA ALA D 766 75.58 0.05 -20.59
C ALA D 766 76.68 -1.00 -20.57
N GLY D 767 77.92 -0.54 -20.65
CA GLY D 767 79.07 -1.42 -20.56
C GLY D 767 80.33 -0.60 -20.33
N PRO D 768 81.48 -1.25 -20.14
CA PRO D 768 81.59 -2.71 -20.12
C PRO D 768 81.00 -3.35 -18.86
N ARG D 769 80.52 -4.57 -18.99
CA ARG D 769 80.02 -5.34 -17.84
C ARG D 769 80.22 -6.82 -18.04
N ASN D 770 80.10 -7.57 -16.95
CA ASN D 770 80.08 -9.03 -16.98
C ASN D 770 78.66 -9.58 -16.79
N PHE D 771 78.40 -10.71 -17.43
CA PHE D 771 77.24 -11.54 -17.11
C PHE D 771 77.68 -12.63 -16.16
N ILE D 772 76.77 -13.05 -15.27
CA ILE D 772 76.97 -14.24 -14.45
C ILE D 772 75.79 -15.18 -14.72
N LEU D 773 76.08 -16.32 -15.33
CA LEU D 773 75.07 -17.36 -15.54
C LEU D 773 75.02 -18.19 -14.27
N LYS D 774 73.83 -18.33 -13.67
CA LYS D 774 73.66 -19.10 -12.44
C LYS D 774 72.75 -20.28 -12.73
N ILE D 775 73.37 -21.45 -12.93
CA ILE D 775 72.64 -22.66 -13.29
C ILE D 775 72.37 -23.44 -12.02
N HIS D 776 71.09 -23.59 -11.70
CA HIS D 776 70.64 -24.36 -10.55
C HIS D 776 70.67 -25.84 -10.90
N ALA D 777 71.51 -26.58 -10.18
CA ALA D 777 71.70 -28.02 -10.41
C ALA D 777 72.02 -28.67 -9.08
N SER D 778 71.64 -29.93 -8.93
CA SER D 778 71.86 -30.66 -7.67
C SER D 778 73.33 -31.07 -7.43
N ASN D 779 74.09 -31.29 -8.50
CA ASN D 779 75.48 -31.77 -8.41
C ASN D 779 76.48 -30.85 -9.07
N LYS D 780 77.69 -30.76 -8.49
CA LYS D 780 78.81 -30.08 -9.11
C LYS D 780 79.14 -30.76 -10.45
N PRO D 781 79.27 -29.98 -11.52
CA PRO D 781 79.62 -30.57 -12.81
C PRO D 781 81.09 -30.94 -12.86
N LYS D 782 81.44 -31.82 -13.79
CA LYS D 782 82.82 -32.30 -13.94
C LYS D 782 83.67 -31.20 -14.58
N ASP D 783 83.17 -30.61 -15.67
CA ASP D 783 83.79 -29.47 -16.35
C ASP D 783 82.76 -28.50 -16.92
N VAL D 784 83.22 -27.28 -17.23
CA VAL D 784 82.45 -26.30 -17.99
C VAL D 784 83.30 -25.76 -19.14
N PHE D 785 82.72 -25.71 -20.33
CA PHE D 785 83.39 -25.24 -21.55
C PHE D 785 82.71 -23.99 -22.09
N ALA D 786 83.50 -23.11 -22.71
CA ALA D 786 83.00 -21.95 -23.43
C ALA D 786 83.53 -22.07 -24.86
N GLY D 787 82.62 -22.29 -25.81
CA GLY D 787 83.01 -22.69 -27.16
C GLY D 787 83.78 -24.01 -27.08
N GLY D 788 85.01 -23.99 -27.61
CA GLY D 788 85.92 -25.14 -27.52
C GLY D 788 86.71 -25.24 -26.22
N GLU D 789 87.09 -24.10 -25.64
CA GLU D 789 87.99 -24.07 -24.47
C GLU D 789 87.33 -24.56 -23.18
N LYS D 790 88.07 -25.35 -22.41
CA LYS D 790 87.71 -25.71 -21.04
C LYS D 790 87.93 -24.51 -20.14
N LEU D 791 86.93 -24.17 -19.32
CA LEU D 791 87.05 -23.05 -18.38
C LEU D 791 87.69 -23.51 -17.10
N LYS D 792 88.39 -22.59 -16.46
CA LYS D 792 89.00 -22.85 -15.18
C LYS D 792 87.94 -22.75 -14.08
N ASN D 793 87.85 -23.79 -13.26
CA ASN D 793 87.06 -23.75 -12.04
C ASN D 793 87.80 -22.89 -11.02
N VAL D 794 87.06 -22.04 -10.30
CA VAL D 794 87.63 -21.20 -9.27
C VAL D 794 86.74 -21.17 -8.04
N LYS D 795 87.27 -20.65 -6.95
CA LYS D 795 86.50 -20.42 -5.73
C LYS D 795 85.44 -19.32 -5.98
N PRO D 796 84.26 -19.41 -5.34
CA PRO D 796 83.21 -18.38 -5.45
C PRO D 796 83.72 -16.94 -5.29
N HIS D 797 84.59 -16.74 -4.29
CA HIS D 797 85.23 -15.44 -4.03
C HIS D 797 86.05 -14.90 -5.22
N VAL D 798 86.76 -15.78 -5.93
CA VAL D 798 87.58 -15.36 -7.09
C VAL D 798 86.69 -14.94 -8.29
N LEU D 799 85.61 -15.67 -8.52
CA LEU D 799 84.63 -15.35 -9.57
C LEU D 799 83.98 -13.98 -9.35
N GLU D 800 83.66 -13.67 -8.10
CA GLU D 800 83.07 -12.38 -7.71
C GLU D 800 84.06 -11.21 -7.64
N LYS D 801 85.37 -11.50 -7.61
CA LYS D 801 86.41 -10.47 -7.46
C LYS D 801 86.52 -9.58 -8.70
N ASN D 802 86.44 -8.26 -8.49
CA ASN D 802 86.47 -7.27 -9.57
C ASN D 802 85.42 -7.50 -10.65
N ILE D 803 84.20 -7.83 -10.21
CA ILE D 803 83.09 -8.10 -11.12
C ILE D 803 82.68 -6.88 -11.95
N GLU D 804 82.91 -5.68 -11.39
CA GLU D 804 82.62 -4.41 -12.06
C GLU D 804 83.85 -3.68 -12.62
N ALA D 805 85.03 -4.31 -12.59
CA ALA D 805 86.29 -3.70 -13.04
C ALA D 805 87.04 -4.51 -14.11
N ASP D 806 87.10 -5.83 -13.96
CA ASP D 806 87.82 -6.71 -14.89
C ASP D 806 86.82 -7.41 -15.81
N PHE D 807 86.96 -7.17 -17.12
CA PHE D 807 86.10 -7.78 -18.15
C PHE D 807 86.88 -8.70 -19.10
N THR D 808 87.88 -9.38 -18.54
CA THR D 808 88.74 -10.32 -19.28
C THR D 808 88.68 -11.76 -18.75
N LYS D 809 87.92 -12.00 -17.69
CA LYS D 809 87.90 -13.29 -17.00
C LYS D 809 86.70 -14.08 -17.49
N ILE D 810 86.93 -15.34 -17.85
CA ILE D 810 85.86 -16.29 -18.14
C ILE D 810 86.16 -17.53 -17.29
N ASN D 811 85.40 -17.70 -16.21
CA ASN D 811 85.61 -18.83 -15.30
C ASN D 811 84.29 -19.30 -14.70
N TRP D 812 84.34 -20.31 -13.83
CA TRP D 812 83.15 -20.80 -13.16
C TRP D 812 83.42 -21.27 -11.73
N SER D 813 82.38 -21.24 -10.90
CA SER D 813 82.45 -21.73 -9.52
C SER D 813 81.22 -22.56 -9.16
N TRP D 814 81.33 -23.28 -8.06
CA TRP D 814 80.26 -24.11 -7.52
C TRP D 814 79.93 -23.66 -6.10
N ASN D 815 78.65 -23.67 -5.77
CA ASN D 815 78.16 -23.37 -4.42
C ASN D 815 77.26 -24.54 -4.00
N GLU D 816 77.74 -25.31 -3.01
CA GLU D 816 77.07 -26.55 -2.58
C GLU D 816 75.79 -26.27 -1.78
N ALA D 817 75.79 -25.22 -0.97
CA ALA D 817 74.63 -24.89 -0.14
C ALA D 817 73.45 -24.44 -1.01
N GLU D 818 73.70 -23.50 -1.92
CA GLU D 818 72.69 -22.99 -2.85
C GLU D 818 72.40 -23.90 -4.06
N ASN D 819 73.28 -24.86 -4.33
CA ASN D 819 73.16 -25.77 -5.48
C ASN D 819 73.18 -24.99 -6.80
N VAL D 820 74.16 -24.10 -6.95
CA VAL D 820 74.28 -23.23 -8.14
C VAL D 820 75.69 -23.29 -8.76
N ILE D 821 75.72 -23.45 -10.08
CA ILE D 821 76.92 -23.30 -10.88
C ILE D 821 76.93 -21.87 -11.39
N SER D 822 77.91 -21.07 -10.99
CA SER D 822 78.09 -19.71 -11.53
C SER D 822 79.11 -19.72 -12.65
N VAL D 823 78.78 -19.08 -13.77
CA VAL D 823 79.70 -18.92 -14.91
C VAL D 823 79.82 -17.44 -15.25
N ARG D 824 81.01 -16.89 -15.00
CA ARG D 824 81.33 -15.49 -15.32
C ARG D 824 81.80 -15.40 -16.75
N ILE D 825 81.20 -14.47 -17.51
CA ILE D 825 81.53 -14.22 -18.90
C ILE D 825 81.32 -12.73 -19.22
N PRO D 826 82.30 -12.08 -19.87
CA PRO D 826 82.08 -10.70 -20.28
C PRO D 826 80.94 -10.58 -21.28
N ASP D 827 80.19 -9.50 -21.17
CA ASP D 827 79.11 -9.20 -22.09
C ASP D 827 79.74 -8.56 -23.31
N SER D 828 80.23 -9.42 -24.20
CA SER D 828 80.90 -9.00 -25.44
C SER D 828 79.94 -8.62 -26.55
N GLY D 829 78.68 -9.07 -26.45
CA GLY D 829 77.71 -8.91 -27.52
C GLY D 829 77.77 -10.00 -28.58
N LYS D 830 78.68 -10.96 -28.40
CA LYS D 830 78.89 -12.06 -29.34
C LYS D 830 78.18 -13.30 -28.85
N ASN D 831 77.82 -14.17 -29.78
CA ASN D 831 77.35 -15.52 -29.47
C ASN D 831 78.40 -16.28 -28.66
N ALA D 832 77.96 -16.96 -27.60
CA ALA D 832 78.82 -17.87 -26.83
C ALA D 832 77.98 -19.06 -26.38
N VAL D 833 78.51 -20.27 -26.59
CA VAL D 833 77.86 -21.52 -26.16
C VAL D 833 78.63 -22.07 -24.96
N ILE D 834 77.94 -22.18 -23.82
CA ILE D 834 78.52 -22.69 -22.60
C ILE D 834 77.99 -24.10 -22.40
N THR D 835 78.90 -25.07 -22.28
CA THR D 835 78.50 -26.46 -22.08
C THR D 835 78.96 -26.94 -20.71
N ILE D 836 78.00 -27.39 -19.90
CA ILE D 836 78.24 -27.90 -18.57
C ILE D 836 78.20 -29.42 -18.68
N LYS D 837 79.32 -30.09 -18.38
CA LYS D 837 79.41 -31.56 -18.40
C LYS D 837 79.27 -32.05 -16.97
N ASN D 838 78.39 -33.01 -16.74
CA ASN D 838 78.39 -33.75 -15.47
C ASN D 838 79.26 -35.01 -15.61
#